data_8UAR
#
_entry.id   8UAR
#
_cell.length_a   78.295
_cell.length_b   158.177
_cell.length_c   272.938
_cell.angle_alpha   90.00
_cell.angle_beta   91.05
_cell.angle_gamma   90.00
#
_symmetry.space_group_name_H-M   'P 1 21 1'
#
loop_
_entity.id
_entity.type
_entity.pdbx_description
1 polymer 'Rhodococcus ruber ADH'
2 non-polymer 'ZINC ION'
3 non-polymer 1-{[4-(hydroxymethyl)phenyl]methyl}-1,4-dihydropyridine-3-carboxamide
4 non-polymer 'CITRIC ACID'
5 non-polymer 'ISOPROPYL ALCOHOL'
6 water water
#
_entity_poly.entity_id   1
_entity_poly.type   'polypeptide(L)'
_entity_poly.pdbx_seq_one_letter_code
;MGSSHHHHHHSSGLVPRGSHMKAVQYTEIGSEPVVVDIPTPTPGPGEILLKVTAAGLCHSDIFVMDMPAAQYAYGLPLTL
GHEGVGTVAELGEGVTGFGVGDAVAVYGPWGCGACHACARGRENYCTRAADLGITPPGLGSPGSMAEYMIVDSARHLVPI
GDLDPVAAAPLTDAGLTPYHAISRVLPLLGPGSTAVVIGVGGLGHVGIQILRAVSAARVIAVDLDDDRLALAREVGADAA
VKSGAGAADAIRELTGGQGATAVFDFVGAQSTIDTAQQVVAVDGHISVVGIHAGAHAKVGFFMIPFGASVVTPYWGTRSE
LMEVVALARAGRLDIHTETFTLDEGPAAYRRLREGSIRGRGVVVP
;
_entity_poly.pdbx_strand_id   A,B,C,D,E,F,G,H,I,J,K,L
#
loop_
_chem_comp.id
_chem_comp.type
_chem_comp.name
_chem_comp.formula
CIT non-polymer 'CITRIC ACID' 'C6 H8 O7'
IPA non-polymer 'ISOPROPYL ALCOHOL' 'C3 H8 O'
W46 non-polymer 1-{[4-(hydroxymethyl)phenyl]methyl}-1,4-dihydropyridine-3-carboxamide 'C14 H16 N2 O2'
ZN non-polymer 'ZINC ION' 'Zn 2'
#
# COMPACT_ATOMS: atom_id res chain seq x y z
N LEU A 14 7.49 -68.77 5.58
CA LEU A 14 6.05 -68.41 5.49
C LEU A 14 5.91 -66.94 5.09
N VAL A 15 4.94 -66.65 4.22
CA VAL A 15 4.75 -65.35 3.60
C VAL A 15 3.63 -64.61 4.35
N PRO A 16 3.74 -63.27 4.60
CA PRO A 16 2.61 -62.50 5.14
C PRO A 16 1.42 -62.44 4.18
N ARG A 17 0.21 -62.76 4.67
CA ARG A 17 -0.96 -62.93 3.79
C ARG A 17 -2.24 -62.24 4.25
N GLY A 18 -2.22 -61.35 5.27
CA GLY A 18 -3.34 -60.43 5.41
C GLY A 18 -3.66 -60.04 6.85
N SER A 19 -4.86 -60.43 7.31
CA SER A 19 -5.52 -59.95 8.50
C SER A 19 -5.53 -60.99 9.62
N HIS A 20 -5.13 -62.23 9.30
CA HIS A 20 -4.92 -63.28 10.31
C HIS A 20 -3.48 -63.78 10.24
N MET A 21 -3.08 -64.58 11.24
CA MET A 21 -1.72 -65.09 11.35
C MET A 21 -1.72 -66.50 11.94
N LYS A 22 -0.69 -67.29 11.62
CA LYS A 22 -0.57 -68.58 12.27
C LYS A 22 -0.04 -68.38 13.67
N ALA A 23 -0.63 -69.08 14.66
CA ALA A 23 -0.09 -69.04 16.00
C ALA A 23 -0.11 -70.44 16.59
N VAL A 24 0.78 -70.71 17.55
CA VAL A 24 0.77 -72.01 18.22
C VAL A 24 0.13 -71.85 19.60
N GLN A 25 -1.12 -72.28 19.75
CA GLN A 25 -1.87 -71.98 20.96
C GLN A 25 -2.01 -73.20 21.86
N TYR A 26 -1.86 -72.98 23.17
CA TYR A 26 -2.38 -73.93 24.15
C TYR A 26 -3.85 -73.58 24.30
N THR A 27 -4.74 -74.54 23.96
CA THR A 27 -6.19 -74.33 23.88
C THR A 27 -6.95 -75.01 25.01
N GLU A 28 -6.58 -76.25 25.37
CA GLU A 28 -7.26 -77.00 26.43
C GLU A 28 -6.26 -77.65 27.36
N ILE A 29 -6.59 -77.65 28.67
CA ILE A 29 -5.71 -78.17 29.71
C ILE A 29 -5.51 -79.67 29.53
N GLY A 30 -4.25 -80.12 29.54
CA GLY A 30 -3.95 -81.52 29.30
C GLY A 30 -3.86 -81.88 27.82
N SER A 31 -4.37 -81.01 26.92
CA SER A 31 -4.25 -81.18 25.46
C SER A 31 -2.87 -80.79 24.96
N GLU A 32 -2.53 -81.19 23.73
CA GLU A 32 -1.32 -80.68 23.11
C GLU A 32 -1.62 -79.32 22.46
N PRO A 33 -0.60 -78.47 22.23
CA PRO A 33 -0.84 -77.18 21.58
C PRO A 33 -1.19 -77.42 20.11
N VAL A 34 -1.81 -76.43 19.47
CA VAL A 34 -2.25 -76.60 18.10
C VAL A 34 -2.01 -75.32 17.29
N VAL A 35 -1.86 -75.47 15.97
CA VAL A 35 -1.72 -74.35 15.06
C VAL A 35 -3.08 -73.84 14.61
N VAL A 36 -3.28 -72.52 14.67
CA VAL A 36 -4.58 -71.89 14.47
C VAL A 36 -4.36 -70.60 13.69
N ASP A 37 -5.38 -70.12 12.94
CA ASP A 37 -5.22 -68.87 12.20
C ASP A 37 -5.99 -67.79 12.93
N ILE A 38 -5.36 -67.12 13.91
CA ILE A 38 -6.03 -66.12 14.73
C ILE A 38 -5.86 -64.74 14.09
N PRO A 39 -6.64 -63.71 14.49
CA PRO A 39 -6.52 -62.41 13.84
C PRO A 39 -5.16 -61.79 14.18
N THR A 40 -4.55 -61.06 13.24
CA THR A 40 -3.34 -60.31 13.56
C THR A 40 -3.69 -59.12 14.45
N PRO A 41 -3.06 -58.97 15.64
CA PRO A 41 -3.27 -57.80 16.49
C PRO A 41 -2.81 -56.47 15.92
N THR A 42 -3.30 -55.34 16.50
CA THR A 42 -2.89 -53.99 16.15
C THR A 42 -2.41 -53.28 17.41
N PRO A 43 -1.27 -52.56 17.35
CA PRO A 43 -0.71 -51.94 18.54
C PRO A 43 -1.62 -50.77 18.90
N GLY A 44 -2.03 -50.71 20.17
CA GLY A 44 -2.65 -49.54 20.76
C GLY A 44 -1.71 -48.34 20.78
N PRO A 45 -1.89 -47.40 21.72
CA PRO A 45 -0.89 -46.36 21.91
C PRO A 45 0.17 -46.85 22.91
N GLY A 46 1.45 -46.59 22.59
CA GLY A 46 2.60 -47.03 23.37
C GLY A 46 3.08 -48.46 23.07
N GLU A 47 2.27 -49.26 22.37
CA GLU A 47 2.54 -50.67 22.07
C GLU A 47 3.31 -50.80 20.75
N ILE A 48 3.97 -51.94 20.53
CA ILE A 48 4.70 -52.13 19.28
C ILE A 48 4.27 -53.46 18.68
N LEU A 49 4.09 -53.49 17.36
CA LEU A 49 3.82 -54.75 16.67
C LEU A 49 5.11 -55.27 16.04
N LEU A 50 5.43 -56.54 16.32
CA LEU A 50 6.64 -57.17 15.79
C LEU A 50 6.25 -58.21 14.74
N LYS A 51 7.06 -58.29 13.67
CA LYS A 51 7.05 -59.45 12.80
C LYS A 51 8.06 -60.41 13.38
N VAL A 52 7.54 -61.52 13.94
CA VAL A 52 8.38 -62.48 14.63
C VAL A 52 9.31 -63.15 13.63
N THR A 53 10.60 -63.19 13.98
CA THR A 53 11.60 -63.75 13.10
C THR A 53 12.15 -65.04 13.71
N ALA A 54 11.96 -65.22 15.04
CA ALA A 54 12.35 -66.45 15.69
C ALA A 54 11.69 -66.55 17.07
N ALA A 55 11.15 -67.74 17.39
CA ALA A 55 10.52 -67.96 18.67
C ALA A 55 11.06 -69.24 19.29
N GLY A 56 11.62 -69.12 20.50
CA GLY A 56 12.27 -70.23 21.17
C GLY A 56 11.24 -71.10 21.89
N LEU A 57 11.42 -72.43 21.77
CA LEU A 57 10.85 -73.46 22.62
C LEU A 57 11.70 -73.60 23.88
N CYS A 58 11.05 -74.03 24.97
CA CYS A 58 11.71 -74.13 26.26
C CYS A 58 10.99 -75.15 27.13
N HIS A 59 11.76 -75.89 27.96
CA HIS A 59 11.21 -76.85 28.90
C HIS A 59 10.14 -76.21 29.80
N SER A 60 10.31 -74.92 30.14
CA SER A 60 9.33 -74.19 30.94
C SER A 60 7.93 -74.31 30.33
N ASP A 61 7.88 -74.25 28.99
CA ASP A 61 6.65 -74.30 28.23
C ASP A 61 5.91 -75.58 28.62
N ILE A 62 6.68 -76.63 28.84
CA ILE A 62 6.13 -77.93 29.20
C ILE A 62 5.50 -77.88 30.59
N PHE A 63 6.31 -77.52 31.58
CA PHE A 63 5.81 -77.32 32.93
C PHE A 63 4.43 -76.64 32.94
N VAL A 64 4.31 -75.46 32.32
CA VAL A 64 3.05 -74.74 32.30
C VAL A 64 1.95 -75.63 31.72
N MET A 65 2.30 -76.40 30.69
CA MET A 65 1.27 -77.17 30.01
C MET A 65 0.95 -78.45 30.77
N ASP A 66 1.70 -78.73 31.84
CA ASP A 66 1.44 -79.90 32.67
C ASP A 66 0.75 -79.54 33.98
N MET A 67 0.37 -78.27 34.19
CA MET A 67 -0.33 -77.93 35.41
C MET A 67 -1.77 -78.46 35.29
N PRO A 68 -2.36 -79.04 36.36
CA PRO A 68 -3.78 -79.43 36.39
C PRO A 68 -4.76 -78.26 36.34
N ALA A 69 -6.04 -78.56 36.08
CA ALA A 69 -7.08 -77.55 35.94
C ALA A 69 -7.01 -76.50 37.06
N ALA A 70 -6.69 -76.98 38.29
CA ALA A 70 -6.55 -76.17 39.50
C ALA A 70 -5.35 -75.21 39.40
N GLN A 71 -4.13 -75.78 39.38
CA GLN A 71 -2.84 -75.09 39.39
C GLN A 71 -2.79 -73.96 38.34
N TYR A 72 -2.83 -74.33 37.03
CA TYR A 72 -2.76 -73.39 35.91
C TYR A 72 -3.67 -72.16 36.09
N ALA A 73 -3.06 -70.96 36.08
CA ALA A 73 -3.73 -69.67 36.18
C ALA A 73 -3.16 -68.70 35.14
N TYR A 74 -3.09 -69.16 33.87
CA TYR A 74 -2.54 -68.38 32.76
C TYR A 74 -3.58 -68.08 31.68
N GLY A 75 -4.85 -68.57 31.84
CA GLY A 75 -6.00 -68.34 30.96
C GLY A 75 -5.84 -68.97 29.56
N LEU A 76 -6.94 -69.43 28.95
CA LEU A 76 -6.88 -70.16 27.67
C LEU A 76 -7.68 -69.38 26.62
N PRO A 77 -7.30 -69.31 25.30
CA PRO A 77 -6.10 -69.98 24.76
C PRO A 77 -4.83 -69.15 24.98
N LEU A 78 -3.66 -69.76 24.83
CA LEU A 78 -2.45 -68.99 25.04
C LEU A 78 -1.50 -69.22 23.88
N THR A 79 -1.18 -68.17 23.12
CA THR A 79 -0.10 -68.24 22.17
C THR A 79 1.18 -68.47 22.96
N LEU A 80 1.86 -69.58 22.71
CA LEU A 80 3.05 -69.90 23.47
C LEU A 80 4.26 -69.09 22.96
N GLY A 81 5.32 -69.11 23.77
CA GLY A 81 6.60 -68.64 23.29
C GLY A 81 7.05 -67.40 24.05
N HIS A 82 7.96 -67.64 25.01
CA HIS A 82 8.41 -66.56 25.87
C HIS A 82 9.83 -66.12 25.51
N GLU A 83 10.44 -66.77 24.51
CA GLU A 83 11.73 -66.36 23.97
C GLU A 83 11.49 -65.93 22.54
N GLY A 84 11.55 -64.62 22.29
CA GLY A 84 11.12 -64.09 21.01
C GLY A 84 11.95 -62.91 20.53
N VAL A 85 12.27 -62.93 19.24
CA VAL A 85 12.95 -61.81 18.61
C VAL A 85 12.19 -61.53 17.32
N GLY A 86 12.30 -60.30 16.81
CA GLY A 86 11.58 -59.97 15.59
C GLY A 86 12.01 -58.62 15.05
N THR A 87 11.26 -58.14 14.05
CA THR A 87 11.52 -56.80 13.51
C THR A 87 10.29 -55.92 13.77
N VAL A 88 10.50 -54.60 13.90
CA VAL A 88 9.40 -53.70 14.21
C VAL A 88 8.52 -53.60 12.97
N ALA A 89 7.23 -53.90 13.13
CA ALA A 89 6.23 -53.93 12.06
C ALA A 89 5.38 -52.65 12.02
N GLU A 90 4.70 -52.32 13.11
CA GLU A 90 3.99 -51.05 13.20
C GLU A 90 4.22 -50.46 14.60
N LEU A 91 4.48 -49.14 14.66
CA LEU A 91 4.61 -48.49 15.95
C LEU A 91 3.24 -47.97 16.37
N GLY A 92 2.82 -48.26 17.60
CA GLY A 92 1.59 -47.66 18.09
C GLY A 92 1.74 -46.14 18.29
N GLU A 93 0.67 -45.49 18.76
CA GLU A 93 0.68 -44.05 18.85
C GLU A 93 1.82 -43.61 19.78
N GLY A 94 2.60 -42.65 19.29
CA GLY A 94 3.52 -41.89 20.13
C GLY A 94 4.81 -42.63 20.46
N VAL A 95 4.95 -43.86 19.96
CA VAL A 95 6.15 -44.63 20.23
C VAL A 95 7.26 -44.15 19.31
N THR A 96 8.22 -43.42 19.88
CA THR A 96 9.41 -43.06 19.13
C THR A 96 10.58 -43.83 19.74
N GLY A 97 11.71 -43.80 19.04
CA GLY A 97 12.86 -44.46 19.62
C GLY A 97 12.99 -45.91 19.17
N PHE A 98 12.13 -46.31 18.23
CA PHE A 98 12.39 -47.42 17.32
C PHE A 98 11.76 -47.08 15.97
N GLY A 99 12.38 -47.59 14.89
CA GLY A 99 11.91 -47.44 13.52
C GLY A 99 11.51 -48.78 12.91
N VAL A 100 10.46 -48.78 12.06
CA VAL A 100 10.02 -49.96 11.33
C VAL A 100 11.22 -50.65 10.67
N GLY A 101 11.33 -51.96 10.86
CA GLY A 101 12.41 -52.75 10.26
C GLY A 101 13.48 -53.12 11.30
N ASP A 102 13.60 -52.33 12.38
CA ASP A 102 14.50 -52.56 13.50
C ASP A 102 14.39 -53.98 14.09
N ALA A 103 15.54 -54.68 14.20
CA ALA A 103 15.56 -55.99 14.83
C ALA A 103 15.70 -55.83 16.33
N VAL A 104 14.79 -56.50 17.06
CA VAL A 104 14.73 -56.36 18.51
C VAL A 104 14.52 -57.74 19.11
N ALA A 105 15.03 -57.93 20.35
CA ALA A 105 14.66 -59.07 21.19
C ALA A 105 13.66 -58.61 22.25
N VAL A 106 12.80 -59.54 22.66
CA VAL A 106 11.69 -59.19 23.53
C VAL A 106 12.15 -59.49 24.95
N TYR A 107 12.14 -58.45 25.80
CA TYR A 107 12.40 -58.64 27.21
C TYR A 107 11.19 -59.30 27.83
N GLY A 108 11.44 -60.42 28.54
CA GLY A 108 10.39 -61.34 28.93
C GLY A 108 9.58 -60.88 30.13
N PRO A 109 10.16 -60.80 31.36
CA PRO A 109 9.38 -60.60 32.58
C PRO A 109 8.98 -59.13 32.76
N TRP A 110 7.93 -58.72 32.03
CA TRP A 110 7.30 -57.41 32.15
C TRP A 110 6.96 -57.04 33.60
N GLY A 111 7.05 -55.73 33.88
CA GLY A 111 6.81 -55.19 35.20
C GLY A 111 6.08 -53.85 35.10
N CYS A 112 5.69 -53.33 36.26
CA CYS A 112 4.88 -52.12 36.30
C CYS A 112 5.71 -50.91 35.84
N GLY A 113 7.04 -51.04 35.83
CA GLY A 113 7.91 -49.97 35.38
C GLY A 113 8.03 -48.82 36.38
N ALA A 114 7.44 -48.95 37.59
CA ALA A 114 7.30 -47.78 38.46
C ALA A 114 7.59 -48.01 39.95
N CYS A 115 7.58 -49.27 40.43
CA CYS A 115 7.95 -49.58 41.80
C CYS A 115 9.46 -49.48 42.02
N HIS A 116 9.88 -49.55 43.29
CA HIS A 116 11.31 -49.46 43.60
C HIS A 116 12.15 -50.41 42.75
N ALA A 117 11.74 -51.67 42.61
CA ALA A 117 12.49 -52.68 41.88
C ALA A 117 12.60 -52.30 40.41
N CYS A 118 11.48 -51.89 39.77
CA CYS A 118 11.51 -51.58 38.35
C CYS A 118 12.44 -50.39 38.14
N ALA A 119 12.48 -49.47 39.11
CA ALA A 119 13.18 -48.21 38.97
C ALA A 119 14.70 -48.44 38.94
N ARG A 120 15.12 -49.60 39.45
CA ARG A 120 16.52 -49.97 39.49
C ARG A 120 16.88 -50.94 38.36
N GLY A 121 16.00 -51.18 37.39
CA GLY A 121 16.37 -52.08 36.31
C GLY A 121 15.74 -53.46 36.48
N ARG A 122 15.52 -53.84 37.75
CA ARG A 122 15.12 -55.20 38.13
C ARG A 122 13.63 -55.48 37.99
N GLU A 123 13.13 -55.53 36.73
CA GLU A 123 11.71 -55.73 36.49
C GLU A 123 11.32 -57.16 36.81
N ASN A 124 12.28 -58.07 36.68
CA ASN A 124 11.99 -59.47 36.93
C ASN A 124 11.53 -59.60 38.36
N TYR A 125 11.80 -58.59 39.18
CA TYR A 125 11.43 -58.71 40.58
C TYR A 125 10.47 -57.58 40.95
N CYS A 126 9.64 -57.17 39.98
CA CYS A 126 8.58 -56.21 40.18
C CYS A 126 7.66 -56.65 41.32
N THR A 127 7.42 -55.73 42.28
CA THR A 127 6.66 -56.03 43.50
C THR A 127 5.17 -55.83 43.24
N ARG A 128 4.81 -55.49 42.00
CA ARG A 128 3.45 -55.07 41.71
C ARG A 128 2.82 -55.92 40.60
N ALA A 129 3.64 -56.61 39.80
CA ALA A 129 3.14 -57.15 38.56
C ALA A 129 2.12 -58.28 38.78
N ALA A 130 2.18 -58.93 39.95
CA ALA A 130 1.17 -59.91 40.33
C ALA A 130 -0.19 -59.22 40.50
N ASP A 131 -0.29 -58.30 41.48
CA ASP A 131 -1.46 -57.46 41.71
C ASP A 131 -2.05 -56.90 40.41
N LEU A 132 -1.28 -56.08 39.66
CA LEU A 132 -1.72 -55.45 38.42
C LEU A 132 -2.00 -56.44 37.28
N GLY A 133 -1.70 -57.75 37.44
CA GLY A 133 -1.91 -58.75 36.40
C GLY A 133 -1.08 -58.57 35.11
N ILE A 134 0.13 -58.04 35.24
CA ILE A 134 1.11 -57.96 34.17
C ILE A 134 1.82 -59.31 34.06
N THR A 135 1.58 -60.05 32.97
CA THR A 135 2.23 -61.32 32.77
C THR A 135 3.15 -61.26 31.55
N PRO A 136 4.14 -62.17 31.43
CA PRO A 136 5.04 -62.16 30.27
C PRO A 136 4.41 -62.72 28.99
N PRO A 137 4.87 -62.32 27.79
CA PRO A 137 4.39 -62.94 26.54
C PRO A 137 4.67 -64.43 26.53
N GLY A 138 3.62 -65.23 26.36
CA GLY A 138 3.74 -66.68 26.23
C GLY A 138 3.60 -67.38 27.58
N LEU A 139 3.34 -66.57 28.62
CA LEU A 139 3.17 -67.04 29.98
C LEU A 139 2.11 -66.17 30.65
N GLY A 140 0.98 -65.98 29.94
CA GLY A 140 -0.12 -65.16 30.42
C GLY A 140 -0.54 -64.07 29.44
N SER A 141 0.38 -63.56 28.63
CA SER A 141 0.06 -62.66 27.53
C SER A 141 0.41 -63.34 26.22
N PRO A 142 -0.13 -62.89 25.07
CA PRO A 142 0.21 -63.50 23.77
C PRO A 142 1.72 -63.64 23.61
N GLY A 143 2.18 -64.86 23.30
CA GLY A 143 3.60 -65.11 23.17
C GLY A 143 4.15 -64.81 21.77
N SER A 144 5.27 -65.43 21.44
CA SER A 144 6.02 -64.97 20.28
C SER A 144 5.91 -66.00 19.17
N MET A 145 5.31 -67.16 19.46
CA MET A 145 5.24 -68.23 18.49
C MET A 145 4.02 -68.01 17.60
N ALA A 146 4.13 -66.96 16.78
CA ALA A 146 3.15 -66.56 15.77
C ALA A 146 3.90 -65.67 14.81
N GLU A 147 3.24 -65.21 13.73
CA GLU A 147 3.93 -64.47 12.69
C GLU A 147 4.20 -63.05 13.18
N TYR A 148 3.42 -62.65 14.20
CA TYR A 148 3.37 -61.31 14.79
C TYR A 148 3.08 -61.43 16.29
N MET A 149 3.57 -60.43 17.05
CA MET A 149 3.16 -60.31 18.44
C MET A 149 3.11 -58.84 18.83
N ILE A 150 2.48 -58.60 19.99
CA ILE A 150 2.42 -57.25 20.55
C ILE A 150 3.43 -57.18 21.69
N VAL A 151 4.12 -56.05 21.79
CA VAL A 151 4.88 -55.77 23.00
C VAL A 151 4.32 -54.49 23.58
N ASP A 152 4.07 -54.52 24.89
CA ASP A 152 3.34 -53.49 25.63
C ASP A 152 4.03 -52.12 25.56
N SER A 153 5.38 -52.10 25.54
CA SER A 153 6.10 -50.85 25.77
C SER A 153 7.50 -50.95 25.14
N ALA A 154 8.00 -49.84 24.58
CA ALA A 154 9.35 -49.74 24.04
C ALA A 154 10.39 -50.29 25.03
N ARG A 155 10.12 -50.06 26.30
CA ARG A 155 11.00 -50.43 27.40
C ARG A 155 11.33 -51.91 27.32
N HIS A 156 10.57 -52.68 26.55
CA HIS A 156 10.70 -54.13 26.60
C HIS A 156 11.28 -54.61 25.27
N LEU A 157 11.88 -53.67 24.53
CA LEU A 157 12.56 -54.02 23.31
C LEU A 157 14.04 -53.70 23.47
N VAL A 158 14.89 -54.69 23.17
CA VAL A 158 16.33 -54.48 23.14
C VAL A 158 16.86 -54.75 21.73
N PRO A 159 17.55 -53.76 21.11
CA PRO A 159 18.14 -53.93 19.76
C PRO A 159 19.15 -55.07 19.72
N ILE A 160 19.26 -55.71 18.55
CA ILE A 160 20.16 -56.85 18.34
C ILE A 160 20.92 -56.69 17.03
N GLY A 161 20.62 -55.62 16.27
CA GLY A 161 21.38 -55.30 15.06
C GLY A 161 21.28 -56.42 14.04
N ASP A 162 22.42 -56.84 13.49
CA ASP A 162 22.36 -57.82 12.44
C ASP A 162 22.61 -59.22 13.01
N LEU A 163 22.31 -59.44 14.30
CA LEU A 163 22.40 -60.79 14.86
C LEU A 163 21.45 -61.70 14.11
N ASP A 164 21.83 -62.98 13.97
CA ASP A 164 20.92 -63.97 13.38
C ASP A 164 19.78 -64.25 14.36
N PRO A 165 18.52 -64.06 13.92
CA PRO A 165 17.36 -64.28 14.80
C PRO A 165 17.32 -65.65 15.47
N VAL A 166 17.70 -66.69 14.71
CA VAL A 166 17.65 -68.06 15.20
C VAL A 166 18.54 -68.16 16.44
N ALA A 167 19.71 -67.48 16.39
CA ALA A 167 20.67 -67.59 17.48
C ALA A 167 20.37 -66.54 18.55
N ALA A 168 19.70 -65.44 18.13
CA ALA A 168 19.29 -64.41 19.07
C ALA A 168 18.16 -64.87 19.98
N ALA A 169 17.14 -65.56 19.44
CA ALA A 169 15.95 -65.89 20.20
C ALA A 169 16.25 -66.51 21.56
N PRO A 170 17.08 -67.58 21.65
CA PRO A 170 17.32 -68.19 22.96
C PRO A 170 18.04 -67.28 23.97
N LEU A 171 18.51 -66.12 23.50
CA LEU A 171 19.21 -65.19 24.38
C LEU A 171 18.24 -64.65 25.41
N THR A 172 16.95 -64.58 25.06
CA THR A 172 15.95 -63.87 25.84
C THR A 172 15.60 -64.64 27.12
N ASP A 173 16.05 -65.90 27.19
CA ASP A 173 15.79 -66.78 28.32
C ASP A 173 16.93 -67.77 28.55
N ALA A 174 17.35 -68.53 27.53
CA ALA A 174 18.48 -69.42 27.73
C ALA A 174 19.77 -68.63 27.96
N GLY A 175 19.82 -67.37 27.51
CA GLY A 175 20.95 -66.52 27.84
C GLY A 175 20.71 -65.74 29.13
N LEU A 176 19.59 -65.04 29.18
CA LEU A 176 19.30 -64.09 30.24
C LEU A 176 19.22 -64.76 31.62
N THR A 177 18.47 -65.87 31.71
CA THR A 177 18.25 -66.54 32.98
C THR A 177 19.57 -66.95 33.63
N PRO A 178 20.51 -67.68 32.94
CA PRO A 178 21.77 -68.13 33.55
C PRO A 178 22.64 -66.91 33.80
N TYR A 179 22.61 -65.96 32.87
CA TYR A 179 23.40 -64.76 33.11
C TYR A 179 23.02 -64.11 34.43
N HIS A 180 21.71 -64.03 34.71
CA HIS A 180 21.29 -63.34 35.90
C HIS A 180 21.82 -64.09 37.11
N ALA A 181 21.61 -65.41 37.13
CA ALA A 181 21.96 -66.23 38.27
C ALA A 181 23.42 -66.04 38.61
N ILE A 182 24.25 -66.14 37.56
CA ILE A 182 25.68 -65.96 37.64
C ILE A 182 25.91 -64.57 38.19
N SER A 183 25.25 -63.59 37.57
CA SER A 183 25.53 -62.20 37.90
C SER A 183 25.33 -61.91 39.37
N ARG A 184 24.32 -62.57 39.95
CA ARG A 184 23.98 -62.36 41.35
C ARG A 184 25.20 -62.52 42.27
N VAL A 185 26.18 -63.33 41.88
CA VAL A 185 27.31 -63.63 42.76
C VAL A 185 28.67 -63.43 42.04
N LEU A 186 28.71 -62.63 40.96
CA LEU A 186 29.88 -62.55 40.11
C LEU A 186 31.13 -62.08 40.87
N PRO A 187 31.03 -61.08 41.77
CA PRO A 187 32.16 -60.73 42.63
C PRO A 187 32.88 -61.90 43.30
N LEU A 188 32.16 -62.99 43.62
CA LEU A 188 32.71 -64.16 44.29
C LEU A 188 33.57 -65.01 43.35
N LEU A 189 33.39 -64.83 42.03
CA LEU A 189 33.95 -65.74 41.03
C LEU A 189 35.27 -65.20 40.47
N GLY A 190 36.20 -64.91 41.39
CA GLY A 190 37.52 -64.39 41.05
C GLY A 190 38.44 -65.51 40.54
N PRO A 191 39.69 -65.20 40.12
CA PRO A 191 40.62 -66.26 39.71
C PRO A 191 40.91 -67.02 40.99
N GLY A 192 40.81 -68.35 40.94
CA GLY A 192 40.97 -69.17 42.13
C GLY A 192 39.66 -69.86 42.49
N SER A 193 38.52 -69.21 42.18
CA SER A 193 37.19 -69.72 42.46
C SER A 193 36.81 -70.88 41.53
N THR A 194 35.86 -71.71 41.99
CA THR A 194 35.34 -72.79 41.18
C THR A 194 33.82 -72.66 41.05
N ALA A 195 33.31 -72.69 39.81
CA ALA A 195 31.88 -72.71 39.58
C ALA A 195 31.47 -74.08 39.07
N VAL A 196 30.48 -74.71 39.72
CA VAL A 196 29.92 -75.99 39.29
C VAL A 196 28.59 -75.76 38.54
N VAL A 197 28.49 -76.24 37.31
CA VAL A 197 27.26 -76.10 36.52
C VAL A 197 26.58 -77.47 36.46
N ILE A 198 25.47 -77.66 37.17
CA ILE A 198 24.81 -78.95 37.09
C ILE A 198 23.78 -78.93 35.98
N GLY A 199 23.83 -79.90 35.05
CA GLY A 199 22.99 -79.91 33.85
C GLY A 199 23.56 -79.06 32.70
N VAL A 200 23.70 -79.67 31.52
CA VAL A 200 24.28 -79.01 30.34
C VAL A 200 23.22 -78.92 29.24
N GLY A 201 21.95 -78.77 29.65
CA GLY A 201 20.83 -78.65 28.73
C GLY A 201 20.78 -77.29 28.04
N GLY A 202 19.57 -76.84 27.74
CA GLY A 202 19.42 -75.57 27.05
C GLY A 202 20.08 -74.45 27.84
N LEU A 203 19.99 -74.53 29.16
CA LEU A 203 20.50 -73.45 29.98
C LEU A 203 21.97 -73.71 30.33
N GLY A 204 22.27 -74.91 30.82
CA GLY A 204 23.62 -75.26 31.28
C GLY A 204 24.70 -74.91 30.27
N HIS A 205 24.48 -75.30 29.00
CA HIS A 205 25.49 -75.12 27.97
C HIS A 205 25.74 -73.63 27.68
N VAL A 206 24.80 -72.76 28.03
CA VAL A 206 25.00 -71.34 27.81
C VAL A 206 25.67 -70.74 29.06
N GLY A 207 25.25 -71.22 30.24
CA GLY A 207 25.82 -70.78 31.51
C GLY A 207 27.35 -70.92 31.52
N ILE A 208 27.82 -72.06 30.98
CA ILE A 208 29.23 -72.37 30.95
C ILE A 208 29.94 -71.27 30.19
N GLN A 209 29.39 -70.89 29.04
CA GLN A 209 30.05 -69.92 28.18
C GLN A 209 30.09 -68.55 28.86
N ILE A 210 28.98 -68.22 29.54
CA ILE A 210 28.88 -66.96 30.25
C ILE A 210 29.92 -66.90 31.36
N LEU A 211 30.05 -68.01 32.11
CA LEU A 211 31.06 -68.10 33.17
C LEU A 211 32.45 -67.77 32.63
N ARG A 212 32.76 -68.23 31.41
CA ARG A 212 34.07 -68.07 30.82
C ARG A 212 34.26 -66.62 30.40
N ALA A 213 33.19 -66.01 29.92
CA ALA A 213 33.35 -64.72 29.26
C ALA A 213 33.43 -63.58 30.29
N VAL A 214 32.81 -63.80 31.47
CA VAL A 214 32.60 -62.68 32.38
C VAL A 214 33.33 -62.95 33.69
N SER A 215 33.94 -64.14 33.80
CA SER A 215 34.70 -64.46 35.01
C SER A 215 35.95 -65.29 34.69
N ALA A 216 36.74 -65.51 35.74
CA ALA A 216 37.90 -66.35 35.59
C ALA A 216 37.78 -67.57 36.48
N ALA A 217 36.53 -67.91 36.83
CA ALA A 217 36.33 -69.08 37.66
C ALA A 217 36.68 -70.35 36.88
N ARG A 218 36.99 -71.42 37.61
CA ARG A 218 37.19 -72.70 36.97
C ARG A 218 35.81 -73.35 36.91
N VAL A 219 35.43 -73.87 35.75
CA VAL A 219 34.08 -74.38 35.55
C VAL A 219 34.10 -75.91 35.48
N ILE A 220 33.25 -76.54 36.29
CA ILE A 220 33.08 -77.99 36.36
C ILE A 220 31.61 -78.26 36.05
N ALA A 221 31.40 -78.99 34.93
CA ALA A 221 30.10 -79.36 34.39
C ALA A 221 29.68 -80.73 34.92
N VAL A 222 28.38 -80.91 35.20
CA VAL A 222 27.85 -82.18 35.68
C VAL A 222 26.62 -82.55 34.86
N ASP A 223 26.66 -83.70 34.14
CA ASP A 223 25.50 -84.15 33.38
C ASP A 223 25.49 -85.68 33.33
N LEU A 224 24.45 -86.29 32.74
CA LEU A 224 24.33 -87.75 32.70
C LEU A 224 25.01 -88.37 31.46
N ASP A 225 24.68 -87.90 30.25
CA ASP A 225 25.12 -88.54 29.01
C ASP A 225 26.58 -88.23 28.73
N ASP A 226 27.25 -89.14 28.04
CA ASP A 226 28.62 -88.86 27.64
C ASP A 226 28.66 -87.64 26.73
N ASP A 227 27.71 -87.53 25.79
CA ASP A 227 27.84 -86.55 24.73
C ASP A 227 27.59 -85.15 25.29
N ARG A 228 26.85 -85.09 26.41
CA ARG A 228 26.62 -83.87 27.17
C ARG A 228 27.94 -83.37 27.76
N LEU A 229 28.67 -84.26 28.45
CA LEU A 229 29.97 -83.95 29.02
C LEU A 229 30.93 -83.42 27.96
N ALA A 230 30.89 -84.00 26.76
CA ALA A 230 31.78 -83.54 25.70
C ALA A 230 31.31 -82.17 25.20
N LEU A 231 29.99 -81.99 25.08
CA LEU A 231 29.40 -80.69 24.78
C LEU A 231 29.92 -79.64 25.78
N ALA A 232 29.86 -79.96 27.08
CA ALA A 232 30.37 -79.12 28.14
C ALA A 232 31.81 -78.70 27.87
N ARG A 233 32.64 -79.69 27.52
CA ARG A 233 34.05 -79.44 27.19
C ARG A 233 34.16 -78.54 25.96
N GLU A 234 33.30 -78.79 24.97
CA GLU A 234 33.32 -78.07 23.70
C GLU A 234 33.10 -76.58 23.93
N VAL A 235 32.34 -76.21 24.96
CA VAL A 235 31.96 -74.81 25.12
C VAL A 235 32.81 -74.11 26.18
N GLY A 236 33.64 -74.85 26.92
CA GLY A 236 34.67 -74.19 27.71
C GLY A 236 34.77 -74.73 29.13
N ALA A 237 33.91 -75.69 29.48
CA ALA A 237 34.03 -76.35 30.78
C ALA A 237 35.47 -76.83 30.99
N ASP A 238 36.07 -76.42 32.10
CA ASP A 238 37.41 -76.87 32.45
C ASP A 238 37.45 -78.38 32.72
N ALA A 239 36.34 -78.95 33.21
CA ALA A 239 36.24 -80.35 33.60
C ALA A 239 34.77 -80.78 33.54
N ALA A 240 34.55 -82.09 33.43
CA ALA A 240 33.20 -82.62 33.30
C ALA A 240 33.10 -83.92 34.08
N VAL A 241 32.03 -84.09 34.87
CA VAL A 241 31.89 -85.27 35.71
C VAL A 241 30.46 -85.80 35.57
N LYS A 242 30.29 -87.09 35.85
CA LYS A 242 29.00 -87.73 35.61
C LYS A 242 28.08 -87.40 36.78
N SER A 243 26.86 -86.97 36.49
CA SER A 243 25.92 -86.65 37.55
C SER A 243 25.50 -87.96 38.20
N GLY A 244 24.96 -87.89 39.43
CA GLY A 244 24.60 -89.08 40.16
C GLY A 244 25.23 -89.14 41.55
N ALA A 245 25.06 -90.29 42.21
CA ALA A 245 25.34 -90.40 43.63
C ALA A 245 26.84 -90.23 43.87
N GLY A 246 27.63 -90.35 42.80
CA GLY A 246 29.07 -90.20 42.91
C GLY A 246 29.59 -88.81 42.52
N ALA A 247 28.67 -87.92 42.12
CA ALA A 247 29.05 -86.64 41.53
C ALA A 247 29.72 -85.76 42.57
N ALA A 248 29.24 -85.78 43.82
CA ALA A 248 29.81 -84.93 44.85
C ALA A 248 31.29 -85.21 45.04
N ASP A 249 31.65 -86.50 45.16
CA ASP A 249 33.03 -86.91 45.46
C ASP A 249 33.93 -86.56 44.30
N ALA A 250 33.43 -86.82 43.07
CA ALA A 250 34.12 -86.48 41.84
C ALA A 250 34.52 -85.00 41.85
N ILE A 251 33.62 -84.12 42.32
CA ILE A 251 33.82 -82.68 42.30
C ILE A 251 34.85 -82.32 43.38
N ARG A 252 34.66 -82.89 44.58
CA ARG A 252 35.60 -82.68 45.68
C ARG A 252 36.99 -83.14 45.24
N GLU A 253 37.03 -84.18 44.40
CA GLU A 253 38.27 -84.70 43.84
C GLU A 253 38.95 -83.59 43.04
N LEU A 254 38.22 -83.00 42.10
CA LEU A 254 38.79 -81.98 41.22
C LEU A 254 39.10 -80.71 42.00
N THR A 255 38.36 -80.43 43.09
CA THR A 255 38.56 -79.19 43.83
C THR A 255 39.61 -79.34 44.92
N GLY A 256 40.21 -80.54 45.04
CA GLY A 256 41.12 -80.90 46.11
C GLY A 256 40.44 -80.88 47.48
N GLY A 257 39.12 -81.07 47.49
CA GLY A 257 38.32 -81.15 48.70
C GLY A 257 38.00 -79.78 49.26
N GLN A 258 38.14 -78.73 48.43
CA GLN A 258 38.05 -77.38 48.96
C GLN A 258 36.60 -76.87 48.84
N GLY A 259 35.82 -77.57 48.01
CA GLY A 259 34.43 -77.19 47.83
C GLY A 259 34.28 -76.00 46.89
N ALA A 260 33.16 -75.92 46.16
CA ALA A 260 33.06 -74.95 45.10
C ALA A 260 32.40 -73.66 45.59
N THR A 261 32.92 -72.52 45.10
CA THR A 261 32.42 -71.18 45.37
C THR A 261 30.93 -71.09 45.02
N ALA A 262 30.56 -71.49 43.81
CA ALA A 262 29.17 -71.37 43.44
C ALA A 262 28.71 -72.64 42.73
N VAL A 263 27.47 -73.03 42.98
CA VAL A 263 26.88 -74.15 42.26
C VAL A 263 25.62 -73.63 41.56
N PHE A 264 25.63 -73.71 40.23
CA PHE A 264 24.47 -73.35 39.45
C PHE A 264 23.76 -74.61 38.97
N ASP A 265 22.63 -74.92 39.61
CA ASP A 265 21.90 -76.13 39.30
C ASP A 265 20.84 -75.81 38.26
N PHE A 266 21.13 -76.18 37.00
CA PHE A 266 20.20 -75.91 35.90
C PHE A 266 19.15 -77.01 35.82
N VAL A 267 19.38 -78.10 36.54
CA VAL A 267 18.50 -79.24 36.45
C VAL A 267 17.35 -79.06 37.44
N GLY A 268 17.72 -78.86 38.73
CA GLY A 268 16.83 -78.41 39.79
C GLY A 268 16.07 -79.57 40.42
N ALA A 269 16.47 -80.81 40.15
CA ALA A 269 15.96 -81.98 40.84
C ALA A 269 16.48 -82.02 42.28
N GLN A 270 15.80 -82.77 43.14
CA GLN A 270 16.24 -82.92 44.52
C GLN A 270 17.60 -83.65 44.58
N SER A 271 17.84 -84.58 43.66
CA SER A 271 19.13 -85.22 43.45
C SER A 271 20.23 -84.16 43.40
N THR A 272 20.09 -83.23 42.43
CA THR A 272 21.10 -82.26 42.07
C THR A 272 21.26 -81.22 43.18
N ILE A 273 20.12 -80.77 43.74
CA ILE A 273 20.18 -79.80 44.82
C ILE A 273 20.98 -80.42 45.99
N ASP A 274 20.80 -81.72 46.21
CA ASP A 274 21.49 -82.41 47.29
C ASP A 274 23.01 -82.35 47.02
N THR A 275 23.44 -82.80 45.81
CA THR A 275 24.82 -82.69 45.36
C THR A 275 25.34 -81.29 45.65
N ALA A 276 24.62 -80.28 45.14
CA ALA A 276 25.06 -78.90 45.28
C ALA A 276 25.37 -78.60 46.75
N GLN A 277 24.59 -79.18 47.67
CA GLN A 277 24.77 -78.84 49.07
C GLN A 277 26.01 -79.52 49.64
N GLN A 278 26.44 -80.61 48.99
CA GLN A 278 27.56 -81.35 49.54
C GLN A 278 28.87 -80.90 48.93
N VAL A 279 28.82 -80.14 47.83
CA VAL A 279 30.04 -79.63 47.23
C VAL A 279 30.23 -78.14 47.52
N VAL A 280 29.20 -77.43 48.01
CA VAL A 280 29.29 -75.97 48.02
C VAL A 280 30.30 -75.54 49.08
N ALA A 281 31.04 -74.46 48.78
CA ALA A 281 32.09 -73.95 49.66
C ALA A 281 31.46 -73.23 50.83
N VAL A 282 32.21 -73.11 51.93
CA VAL A 282 31.80 -72.24 53.01
C VAL A 282 31.77 -70.83 52.45
N ASP A 283 30.70 -70.09 52.77
CA ASP A 283 30.52 -68.73 52.31
C ASP A 283 30.41 -68.72 50.78
N GLY A 284 29.91 -69.82 50.21
CA GLY A 284 29.66 -69.91 48.77
C GLY A 284 28.19 -69.62 48.42
N HIS A 285 27.71 -70.23 47.34
CA HIS A 285 26.39 -69.92 46.85
C HIS A 285 25.86 -71.10 46.06
N ILE A 286 24.56 -71.38 46.22
CA ILE A 286 23.84 -72.33 45.38
C ILE A 286 22.68 -71.59 44.72
N SER A 287 22.54 -71.73 43.41
CA SER A 287 21.52 -71.05 42.66
C SER A 287 20.71 -72.16 42.01
N VAL A 288 19.46 -72.36 42.45
CA VAL A 288 18.61 -73.44 41.97
C VAL A 288 17.81 -72.91 40.81
N VAL A 289 18.24 -73.23 39.58
CA VAL A 289 17.68 -72.56 38.42
C VAL A 289 16.59 -73.41 37.77
N GLY A 290 16.65 -74.73 37.92
CA GLY A 290 15.68 -75.59 37.26
C GLY A 290 14.49 -75.94 38.16
N ILE A 291 13.31 -76.06 37.52
CA ILE A 291 12.05 -76.37 38.19
C ILE A 291 11.85 -77.87 38.18
N HIS A 292 11.81 -78.46 39.38
CA HIS A 292 11.16 -79.73 39.60
C HIS A 292 10.22 -79.54 40.78
N ALA A 293 8.91 -79.65 40.56
CA ALA A 293 7.96 -79.30 41.60
C ALA A 293 8.28 -80.06 42.89
N GLY A 294 8.41 -79.33 44.00
CA GLY A 294 8.61 -79.97 45.28
C GLY A 294 10.06 -79.89 45.77
N ALA A 295 11.02 -80.02 44.82
CA ALA A 295 12.46 -80.00 45.04
C ALA A 295 12.90 -78.71 45.73
N HIS A 296 13.78 -78.83 46.75
CA HIS A 296 14.15 -77.64 47.51
C HIS A 296 15.45 -77.89 48.26
N ALA A 297 16.28 -76.86 48.37
CA ALA A 297 17.40 -76.93 49.27
C ALA A 297 16.92 -76.88 50.71
N LYS A 298 17.73 -77.41 51.62
CA LYS A 298 17.43 -77.33 53.03
C LYS A 298 18.53 -76.50 53.67
N VAL A 299 18.21 -75.24 54.01
CA VAL A 299 19.21 -74.36 54.57
C VAL A 299 18.99 -74.26 56.08
N GLY A 300 19.84 -74.96 56.84
CA GLY A 300 19.86 -74.93 58.29
C GLY A 300 21.25 -75.29 58.81
N PHE A 301 21.53 -74.95 60.08
CA PHE A 301 22.84 -75.19 60.65
C PHE A 301 23.15 -76.68 60.52
N PHE A 302 24.34 -76.99 59.96
CA PHE A 302 24.88 -78.34 59.87
C PHE A 302 24.19 -79.12 58.76
N MET A 303 23.43 -78.43 57.91
CA MET A 303 22.78 -79.08 56.79
C MET A 303 23.27 -78.43 55.52
N ILE A 304 24.07 -77.37 55.71
CA ILE A 304 24.71 -76.63 54.64
C ILE A 304 25.84 -75.82 55.28
N PRO A 305 26.98 -75.63 54.59
CA PRO A 305 28.09 -74.85 55.14
C PRO A 305 27.71 -73.45 55.61
N PHE A 306 28.33 -72.99 56.70
CA PHE A 306 28.08 -71.62 57.16
C PHE A 306 28.33 -70.64 56.02
N GLY A 307 27.46 -69.64 55.88
CA GLY A 307 27.68 -68.57 54.92
C GLY A 307 27.30 -68.94 53.49
N ALA A 308 26.95 -70.21 53.25
CA ALA A 308 26.53 -70.64 51.92
C ALA A 308 25.08 -70.22 51.76
N SER A 309 24.85 -69.34 50.78
CA SER A 309 23.55 -68.76 50.52
C SER A 309 22.87 -69.51 49.38
N VAL A 310 21.58 -69.82 49.54
CA VAL A 310 20.81 -70.43 48.44
C VAL A 310 19.73 -69.44 47.97
N VAL A 311 19.36 -69.52 46.68
CA VAL A 311 18.34 -68.64 46.14
C VAL A 311 17.70 -69.37 44.96
N THR A 312 16.43 -69.09 44.70
CA THR A 312 15.90 -69.48 43.39
C THR A 312 15.69 -68.19 42.59
N PRO A 313 16.60 -67.84 41.64
CA PRO A 313 16.46 -66.59 40.88
C PRO A 313 15.38 -66.72 39.81
N TYR A 314 14.86 -65.57 39.35
CA TYR A 314 13.85 -65.55 38.30
C TYR A 314 14.32 -64.72 37.12
N TRP A 315 14.47 -65.37 35.95
CA TRP A 315 14.80 -64.73 34.69
C TRP A 315 16.00 -63.79 34.88
N GLY A 316 15.88 -62.52 34.42
CA GLY A 316 16.91 -61.49 34.48
C GLY A 316 16.41 -60.06 34.27
N THR A 317 17.33 -59.09 34.22
CA THR A 317 17.01 -57.66 34.18
C THR A 317 17.19 -57.15 32.75
N ARG A 318 16.78 -55.91 32.44
CA ARG A 318 16.91 -55.44 31.05
C ARG A 318 18.40 -55.21 30.76
N SER A 319 19.12 -54.67 31.74
CA SER A 319 20.52 -54.35 31.52
C SER A 319 21.28 -55.66 31.31
N GLU A 320 20.86 -56.71 32.01
CA GLU A 320 21.37 -58.04 31.77
C GLU A 320 21.12 -58.44 30.32
N LEU A 321 19.87 -58.30 29.85
CA LEU A 321 19.53 -58.78 28.53
C LEU A 321 20.38 -58.06 27.48
N MET A 322 20.63 -56.77 27.70
CA MET A 322 21.49 -56.00 26.83
C MET A 322 22.91 -56.57 26.85
N GLU A 323 23.38 -56.92 28.07
CA GLU A 323 24.72 -57.41 28.31
C GLU A 323 24.86 -58.74 27.60
N VAL A 324 23.79 -59.54 27.61
CA VAL A 324 23.82 -60.85 26.95
C VAL A 324 23.91 -60.67 25.43
N VAL A 325 23.11 -59.74 24.90
CA VAL A 325 23.18 -59.47 23.49
C VAL A 325 24.60 -59.03 23.14
N ALA A 326 25.22 -58.24 24.03
CA ALA A 326 26.55 -57.74 23.71
C ALA A 326 27.54 -58.90 23.64
N LEU A 327 27.40 -59.89 24.53
CA LEU A 327 28.23 -61.06 24.50
C LEU A 327 28.09 -61.74 23.14
N ALA A 328 26.85 -62.07 22.75
CA ALA A 328 26.57 -62.75 21.48
C ALA A 328 27.12 -61.95 20.29
N ARG A 329 26.91 -60.64 20.27
CA ARG A 329 27.38 -59.83 19.15
C ARG A 329 28.90 -59.73 19.11
N ALA A 330 29.57 -60.21 20.15
CA ALA A 330 31.02 -60.21 20.15
C ALA A 330 31.53 -61.63 19.89
N GLY A 331 30.61 -62.54 19.56
CA GLY A 331 30.91 -63.92 19.26
C GLY A 331 31.37 -64.69 20.49
N ARG A 332 30.83 -64.38 21.67
CA ARG A 332 31.29 -65.05 22.89
C ARG A 332 30.29 -66.13 23.29
N LEU A 333 29.14 -66.16 22.60
CA LEU A 333 28.08 -67.11 22.92
C LEU A 333 27.74 -67.85 21.64
N ASP A 334 27.76 -69.18 21.71
CA ASP A 334 27.39 -70.02 20.58
C ASP A 334 26.30 -70.93 21.07
N ILE A 335 25.04 -70.47 20.94
CA ILE A 335 23.87 -71.26 21.29
C ILE A 335 23.65 -72.35 20.25
N HIS A 336 23.32 -73.56 20.71
CA HIS A 336 23.08 -74.67 19.81
C HIS A 336 21.59 -74.69 19.50
N THR A 337 21.24 -74.68 18.20
CA THR A 337 19.85 -74.53 17.76
C THR A 337 19.45 -75.66 16.81
N GLU A 338 18.13 -75.87 16.69
CA GLU A 338 17.53 -76.70 15.67
C GLU A 338 16.28 -75.95 15.24
N THR A 339 16.18 -75.62 13.94
CA THR A 339 15.12 -74.74 13.45
C THR A 339 13.83 -75.52 13.17
N PHE A 340 12.67 -74.98 13.56
CA PHE A 340 11.39 -75.57 13.18
C PHE A 340 10.51 -74.55 12.46
N THR A 341 9.43 -75.03 11.82
CA THR A 341 8.43 -74.16 11.23
C THR A 341 7.27 -73.98 12.22
N LEU A 342 6.45 -72.97 11.94
CA LEU A 342 5.27 -72.77 12.75
C LEU A 342 4.49 -74.06 12.77
N ASP A 343 4.22 -74.61 11.58
CA ASP A 343 3.41 -75.82 11.51
C ASP A 343 4.06 -76.91 12.35
N GLU A 344 5.38 -76.99 12.31
CA GLU A 344 6.07 -78.04 13.04
C GLU A 344 6.02 -77.78 14.56
N GLY A 345 5.37 -76.67 14.93
CA GLY A 345 5.35 -76.18 16.30
C GLY A 345 5.01 -77.30 17.27
N PRO A 346 3.78 -77.90 17.20
CA PRO A 346 3.39 -78.95 18.13
C PRO A 346 4.33 -80.15 18.10
N ALA A 347 4.82 -80.49 16.90
CA ALA A 347 5.75 -81.61 16.77
C ALA A 347 7.03 -81.33 17.54
N ALA A 348 7.50 -80.08 17.49
CA ALA A 348 8.67 -79.67 18.25
C ALA A 348 8.49 -79.87 19.75
N TYR A 349 7.27 -79.64 20.28
CA TYR A 349 6.99 -79.82 21.70
C TYR A 349 7.16 -81.29 22.10
N ARG A 350 6.55 -82.19 21.30
CA ARG A 350 6.69 -83.62 21.45
C ARG A 350 8.18 -83.97 21.48
N ARG A 351 8.97 -83.34 20.61
CA ARG A 351 10.40 -83.57 20.58
C ARG A 351 11.03 -83.16 21.92
N LEU A 352 10.49 -82.10 22.53
CA LEU A 352 11.11 -81.54 23.72
C LEU A 352 10.84 -82.43 24.92
N ARG A 353 9.58 -82.89 25.05
CA ARG A 353 9.16 -83.74 26.16
C ARG A 353 10.10 -84.94 26.24
N GLU A 354 10.37 -85.56 25.08
CA GLU A 354 11.22 -86.73 25.02
C GLU A 354 12.70 -86.35 25.19
N GLY A 355 13.02 -85.06 25.23
CA GLY A 355 14.38 -84.59 25.50
C GLY A 355 15.38 -85.03 24.42
N SER A 356 14.91 -85.06 23.16
CA SER A 356 15.75 -85.42 22.03
C SER A 356 16.28 -84.19 21.30
N ILE A 357 15.60 -83.03 21.39
CA ILE A 357 16.16 -81.78 20.92
C ILE A 357 17.50 -81.53 21.60
N ARG A 358 18.57 -81.45 20.80
CA ARG A 358 19.86 -81.07 21.34
C ARG A 358 19.97 -79.54 21.33
N GLY A 359 20.43 -78.97 22.46
CA GLY A 359 20.54 -77.53 22.61
C GLY A 359 19.16 -76.90 22.83
N ARG A 360 18.75 -76.05 21.88
CA ARG A 360 17.52 -75.31 22.02
C ARG A 360 16.79 -75.33 20.68
N GLY A 361 15.48 -75.58 20.72
CA GLY A 361 14.66 -75.54 19.52
C GLY A 361 14.10 -74.14 19.27
N VAL A 362 13.97 -73.78 17.99
CA VAL A 362 13.56 -72.43 17.66
C VAL A 362 12.61 -72.51 16.48
N VAL A 363 11.46 -71.82 16.59
CA VAL A 363 10.49 -71.79 15.51
C VAL A 363 10.72 -70.54 14.67
N VAL A 364 10.67 -70.69 13.34
CA VAL A 364 10.95 -69.56 12.47
C VAL A 364 9.82 -69.42 11.45
N PRO A 365 8.89 -68.45 11.68
CA PRO A 365 7.85 -68.13 10.70
C PRO A 365 8.45 -67.82 9.35
N ARG B 17 -9.86 -25.77 32.87
CA ARG B 17 -8.54 -25.15 32.50
C ARG B 17 -8.73 -23.82 31.76
N GLY B 18 -7.85 -23.53 30.80
CA GLY B 18 -7.89 -22.29 30.04
C GLY B 18 -6.94 -22.34 28.85
N SER B 19 -7.10 -21.39 27.92
CA SER B 19 -6.38 -21.34 26.66
C SER B 19 -4.89 -21.03 26.90
N HIS B 20 -4.62 -20.21 27.92
CA HIS B 20 -3.27 -19.84 28.26
C HIS B 20 -3.12 -19.97 29.76
N MET B 21 -1.89 -19.73 30.22
CA MET B 21 -1.51 -19.88 31.61
C MET B 21 -0.28 -19.01 31.90
N LYS B 22 -0.07 -18.71 33.16
CA LYS B 22 1.08 -17.91 33.54
C LYS B 22 2.29 -18.82 33.64
N ALA B 23 3.48 -18.24 33.43
CA ALA B 23 4.72 -18.97 33.53
C ALA B 23 5.87 -18.00 33.80
N VAL B 24 6.78 -18.41 34.69
CA VAL B 24 7.98 -17.62 34.96
C VAL B 24 9.05 -18.04 33.95
N GLN B 25 9.34 -17.15 33.00
CA GLN B 25 10.21 -17.49 31.89
C GLN B 25 11.44 -16.59 31.89
N TYR B 26 12.55 -17.16 31.43
CA TYR B 26 13.75 -16.42 31.06
C TYR B 26 13.69 -16.20 29.56
N THR B 27 13.67 -14.91 29.14
CA THR B 27 13.25 -14.56 27.80
C THR B 27 14.42 -14.04 26.98
N GLU B 28 15.30 -13.23 27.58
CA GLU B 28 16.48 -12.80 26.84
C GLU B 28 17.70 -12.89 27.75
N ILE B 29 18.89 -13.16 27.16
CA ILE B 29 20.11 -13.33 27.94
C ILE B 29 20.40 -12.09 28.78
N GLY B 30 20.68 -12.31 30.07
CA GLY B 30 21.08 -11.30 31.05
C GLY B 30 19.94 -10.45 31.61
N SER B 31 18.66 -10.81 31.32
CA SER B 31 17.48 -10.16 31.88
C SER B 31 16.94 -10.96 33.07
N GLU B 32 16.03 -10.35 33.84
CA GLU B 32 15.38 -11.01 34.96
C GLU B 32 14.26 -11.89 34.44
N PRO B 33 13.90 -12.95 35.19
CA PRO B 33 12.77 -13.79 34.78
C PRO B 33 11.51 -12.92 34.93
N VAL B 34 10.56 -13.12 34.01
CA VAL B 34 9.32 -12.36 34.00
C VAL B 34 8.16 -13.34 33.94
N VAL B 35 7.04 -13.01 34.62
CA VAL B 35 5.83 -13.83 34.52
C VAL B 35 5.04 -13.44 33.26
N VAL B 36 4.98 -14.36 32.30
CA VAL B 36 4.30 -14.11 31.04
C VAL B 36 3.22 -15.16 30.82
N ASP B 37 2.36 -14.93 29.82
CA ASP B 37 1.22 -15.79 29.53
C ASP B 37 1.52 -16.56 28.26
N ILE B 38 1.33 -17.87 28.33
CA ILE B 38 1.70 -18.71 27.21
C ILE B 38 0.63 -19.78 27.11
N PRO B 39 0.48 -20.46 25.95
CA PRO B 39 -0.52 -21.52 25.80
C PRO B 39 -0.42 -22.56 26.92
N THR B 40 -1.57 -22.98 27.45
CA THR B 40 -1.60 -24.12 28.35
C THR B 40 -1.33 -25.37 27.50
N PRO B 41 -0.29 -26.17 27.77
CA PRO B 41 -0.01 -27.35 26.95
C PRO B 41 -1.05 -28.45 27.07
N THR B 42 -1.06 -29.33 26.07
CA THR B 42 -1.93 -30.49 26.09
C THR B 42 -1.08 -31.76 25.92
N PRO B 43 -1.31 -32.83 26.74
CA PRO B 43 -0.43 -33.99 26.73
C PRO B 43 -0.66 -34.85 25.51
N GLY B 44 0.40 -35.12 24.75
CA GLY B 44 0.30 -36.04 23.63
C GLY B 44 0.38 -37.48 24.13
N PRO B 45 0.48 -38.47 23.24
CA PRO B 45 0.59 -39.87 23.66
C PRO B 45 1.87 -40.01 24.49
N GLY B 46 1.73 -40.64 25.66
CA GLY B 46 2.88 -40.94 26.51
C GLY B 46 3.11 -39.89 27.57
N GLU B 47 2.49 -38.70 27.42
CA GLU B 47 2.76 -37.56 28.26
C GLU B 47 1.78 -37.48 29.42
N ILE B 48 2.13 -36.70 30.46
CA ILE B 48 1.18 -36.39 31.51
C ILE B 48 1.17 -34.87 31.67
N LEU B 49 -0.02 -34.30 31.91
CA LEU B 49 -0.14 -32.91 32.25
C LEU B 49 -0.47 -32.77 33.73
N LEU B 50 0.40 -32.04 34.45
CA LEU B 50 0.26 -31.83 35.87
C LEU B 50 -0.26 -30.42 36.17
N LYS B 51 -1.14 -30.29 37.17
CA LYS B 51 -1.40 -29.00 37.80
C LYS B 51 -0.28 -28.80 38.81
N VAL B 52 0.65 -27.88 38.55
CA VAL B 52 1.74 -27.71 39.48
C VAL B 52 1.26 -27.27 40.87
N THR B 53 1.82 -27.90 41.93
CA THR B 53 1.53 -27.56 43.32
C THR B 53 2.71 -26.89 44.03
N ALA B 54 3.94 -27.14 43.58
CA ALA B 54 5.11 -26.50 44.16
C ALA B 54 6.21 -26.45 43.10
N ALA B 55 6.91 -25.31 43.00
CA ALA B 55 8.09 -25.20 42.15
C ALA B 55 9.22 -24.57 42.96
N GLY B 56 10.37 -25.26 43.02
CA GLY B 56 11.47 -24.77 43.82
C GLY B 56 12.43 -23.89 43.02
N LEU B 57 13.12 -22.98 43.72
CA LEU B 57 14.20 -22.15 43.20
C LEU B 57 15.49 -22.62 43.84
N CYS B 58 16.63 -22.53 43.11
CA CYS B 58 17.94 -22.63 43.73
C CYS B 58 18.96 -21.85 42.93
N HIS B 59 20.22 -21.80 43.45
CA HIS B 59 21.29 -20.99 42.87
CA HIS B 59 21.28 -20.98 42.87
C HIS B 59 21.62 -21.51 41.47
N SER B 60 21.19 -22.75 41.19
CA SER B 60 21.44 -23.31 39.87
C SER B 60 20.73 -22.49 38.80
N ASP B 61 19.48 -22.11 39.12
CA ASP B 61 18.69 -21.27 38.25
C ASP B 61 19.48 -19.98 38.00
N ILE B 62 20.10 -19.44 39.06
CA ILE B 62 20.88 -18.21 38.97
C ILE B 62 22.11 -18.44 38.11
N PHE B 63 22.78 -19.56 38.33
CA PHE B 63 23.92 -19.92 37.52
C PHE B 63 23.56 -19.88 36.03
N VAL B 64 22.54 -20.65 35.61
CA VAL B 64 22.22 -20.72 34.18
C VAL B 64 21.94 -19.31 33.66
N MET B 65 21.28 -18.49 34.49
CA MET B 65 20.84 -17.18 34.01
C MET B 65 21.99 -16.18 33.94
N ASP B 66 23.18 -16.59 34.39
CA ASP B 66 24.34 -15.72 34.35
C ASP B 66 25.29 -16.11 33.23
N MET B 67 24.96 -17.17 32.49
CA MET B 67 25.73 -17.49 31.30
C MET B 67 25.69 -16.30 30.35
N PRO B 68 26.86 -15.75 29.87
CA PRO B 68 26.85 -14.62 28.94
C PRO B 68 26.27 -14.89 27.54
N ALA B 69 25.91 -13.81 26.83
CA ALA B 69 25.32 -13.92 25.50
C ALA B 69 26.22 -14.74 24.57
N ALA B 70 27.52 -14.38 24.55
CA ALA B 70 28.61 -15.04 23.84
C ALA B 70 28.45 -16.57 23.85
N GLN B 71 28.40 -17.18 25.05
CA GLN B 71 28.03 -18.57 25.24
C GLN B 71 26.52 -18.64 25.15
N TYR B 72 25.97 -18.86 23.96
CA TYR B 72 24.52 -18.97 23.79
C TYR B 72 24.22 -19.52 22.40
N ALA B 73 23.40 -20.56 22.32
CA ALA B 73 22.95 -21.03 21.01
C ALA B 73 21.43 -20.96 20.93
N TYR B 74 20.74 -21.75 21.76
CA TYR B 74 19.29 -21.91 21.75
C TYR B 74 18.81 -22.20 23.18
N GLY B 75 17.50 -22.10 23.41
CA GLY B 75 16.99 -22.37 24.73
C GLY B 75 15.79 -21.48 25.02
N LEU B 76 15.87 -20.22 24.54
CA LEU B 76 14.94 -19.15 24.91
C LEU B 76 13.68 -19.20 24.04
N PRO B 77 12.47 -18.93 24.59
CA PRO B 77 12.29 -18.63 26.02
C PRO B 77 12.22 -19.92 26.83
N LEU B 78 12.56 -19.85 28.12
CA LEU B 78 12.55 -21.02 28.97
C LEU B 78 11.63 -20.82 30.19
N THR B 79 10.69 -21.75 30.43
CA THR B 79 9.98 -21.79 31.70
C THR B 79 10.88 -22.40 32.77
N LEU B 80 11.12 -21.65 33.84
CA LEU B 80 12.06 -22.10 34.85
C LEU B 80 11.45 -23.18 35.75
N GLY B 81 12.32 -23.81 36.57
CA GLY B 81 11.95 -24.59 37.74
C GLY B 81 12.23 -26.06 37.49
N HIS B 82 13.29 -26.58 38.09
CA HIS B 82 13.62 -27.99 37.87
C HIS B 82 13.29 -28.81 39.11
N GLU B 83 12.72 -28.13 40.12
CA GLU B 83 12.31 -28.73 41.37
C GLU B 83 10.78 -28.72 41.44
N GLY B 84 10.14 -29.67 40.75
CA GLY B 84 8.70 -29.60 40.49
C GLY B 84 7.85 -30.66 41.20
N VAL B 85 6.70 -30.22 41.72
CA VAL B 85 5.70 -31.08 42.32
C VAL B 85 4.33 -30.62 41.81
N GLY B 86 3.43 -31.59 41.60
CA GLY B 86 2.09 -31.25 41.15
C GLY B 86 1.12 -32.42 41.35
N THR B 87 -0.06 -32.31 40.74
CA THR B 87 -1.01 -33.41 40.72
C THR B 87 -1.33 -33.68 39.24
N VAL B 88 -1.60 -34.95 38.91
CA VAL B 88 -1.98 -35.34 37.57
C VAL B 88 -3.24 -34.54 37.20
N ALA B 89 -3.23 -33.94 36.00
CA ALA B 89 -4.37 -33.16 35.58
C ALA B 89 -5.05 -33.82 34.39
N GLU B 90 -4.27 -34.40 33.47
CA GLU B 90 -4.81 -35.16 32.35
C GLU B 90 -3.74 -36.15 31.88
N LEU B 91 -4.16 -37.36 31.48
CA LEU B 91 -3.26 -38.41 31.03
C LEU B 91 -3.23 -38.41 29.50
N GLY B 92 -2.04 -38.37 28.90
CA GLY B 92 -1.90 -38.53 27.47
C GLY B 92 -2.40 -39.90 27.03
N GLU B 93 -2.64 -40.05 25.73
CA GLU B 93 -3.09 -41.31 25.17
C GLU B 93 -2.14 -42.40 25.64
N GLY B 94 -2.69 -43.45 26.24
CA GLY B 94 -1.95 -44.68 26.47
C GLY B 94 -1.41 -44.77 27.89
N VAL B 95 -1.25 -43.62 28.54
CA VAL B 95 -0.58 -43.49 29.83
C VAL B 95 -1.43 -44.16 30.89
N THR B 96 -0.80 -45.14 31.54
CA THR B 96 -1.43 -45.86 32.62
C THR B 96 -0.50 -45.82 33.83
N GLY B 97 -1.07 -46.14 35.00
CA GLY B 97 -0.29 -46.31 36.21
C GLY B 97 -0.41 -45.08 37.09
N PHE B 98 -1.11 -44.06 36.59
CA PHE B 98 -1.45 -42.93 37.41
C PHE B 98 -2.91 -42.56 37.17
N GLY B 99 -3.55 -42.01 38.19
CA GLY B 99 -4.90 -41.49 38.07
C GLY B 99 -4.94 -39.99 38.36
N VAL B 100 -5.82 -39.29 37.64
CA VAL B 100 -6.04 -37.86 37.86
C VAL B 100 -6.17 -37.62 39.36
N GLY B 101 -5.46 -36.62 39.87
CA GLY B 101 -5.49 -36.28 41.28
C GLY B 101 -4.24 -36.73 42.02
N ASP B 102 -3.51 -37.72 41.49
CA ASP B 102 -2.27 -38.26 42.05
C ASP B 102 -1.22 -37.18 42.33
N ALA B 103 -0.67 -37.15 43.56
CA ALA B 103 0.39 -36.24 43.96
C ALA B 103 1.73 -36.82 43.50
N VAL B 104 2.46 -36.07 42.69
CA VAL B 104 3.67 -36.61 42.11
C VAL B 104 4.78 -35.56 42.13
N ALA B 105 6.03 -36.04 42.33
CA ALA B 105 7.24 -35.24 42.23
C ALA B 105 7.87 -35.49 40.86
N VAL B 106 8.36 -34.43 40.22
CA VAL B 106 8.95 -34.57 38.90
C VAL B 106 10.44 -34.94 39.04
N TYR B 107 10.81 -36.10 38.47
CA TYR B 107 12.21 -36.49 38.38
C TYR B 107 12.92 -35.54 37.41
N GLY B 108 14.00 -34.93 37.89
CA GLY B 108 14.69 -33.89 37.12
C GLY B 108 15.43 -34.40 35.89
N PRO B 109 16.52 -35.20 36.05
CA PRO B 109 17.43 -35.48 34.93
C PRO B 109 16.91 -36.51 33.96
N TRP B 110 16.18 -36.05 32.94
CA TRP B 110 15.56 -36.96 32.00
C TRP B 110 16.63 -37.66 31.14
N GLY B 111 16.32 -38.89 30.69
CA GLY B 111 17.22 -39.68 29.88
C GLY B 111 16.48 -40.35 28.72
N CYS B 112 17.20 -41.14 27.91
CA CYS B 112 16.66 -41.78 26.73
C CYS B 112 15.75 -42.97 27.07
N GLY B 113 15.92 -43.56 28.27
CA GLY B 113 15.13 -44.72 28.70
C GLY B 113 15.65 -46.08 28.22
N ALA B 114 16.59 -46.08 27.25
CA ALA B 114 16.90 -47.30 26.50
C ALA B 114 18.38 -47.67 26.50
N CYS B 115 19.28 -46.75 26.88
CA CYS B 115 20.70 -47.09 26.94
C CYS B 115 20.97 -47.92 28.20
N HIS B 116 22.22 -48.36 28.37
CA HIS B 116 22.59 -49.22 29.49
C HIS B 116 22.39 -48.50 30.82
N ALA B 117 22.78 -47.22 30.87
CA ALA B 117 22.65 -46.46 32.10
C ALA B 117 21.19 -46.34 32.51
N CYS B 118 20.33 -46.00 31.54
CA CYS B 118 18.92 -45.79 31.81
C CYS B 118 18.29 -47.10 32.23
N ALA B 119 18.72 -48.21 31.63
CA ALA B 119 18.13 -49.50 31.94
C ALA B 119 18.49 -49.93 33.36
N ARG B 120 19.55 -49.30 33.90
CA ARG B 120 20.05 -49.65 35.22
C ARG B 120 19.48 -48.70 36.26
N GLY B 121 18.74 -47.67 35.80
CA GLY B 121 18.04 -46.78 36.71
C GLY B 121 18.77 -45.45 36.88
N ARG B 122 19.95 -45.40 36.26
CA ARG B 122 20.87 -44.28 36.33
C ARG B 122 20.68 -43.29 35.17
N GLU B 123 19.48 -42.69 35.07
CA GLU B 123 19.15 -41.83 33.95
C GLU B 123 19.95 -40.53 34.02
N ASN B 124 20.39 -40.15 35.22
CA ASN B 124 21.26 -38.99 35.34
C ASN B 124 22.53 -39.21 34.50
N TYR B 125 22.86 -40.46 34.19
CA TYR B 125 24.09 -40.70 33.46
C TYR B 125 23.77 -41.34 32.11
N CYS B 126 22.57 -41.05 31.60
CA CYS B 126 22.19 -41.46 30.26
C CYS B 126 23.27 -41.01 29.28
N THR B 127 23.78 -41.97 28.50
CA THR B 127 24.83 -41.66 27.56
C THR B 127 24.25 -41.16 26.25
N ARG B 128 22.95 -41.29 26.02
CA ARG B 128 22.40 -40.85 24.74
C ARG B 128 21.72 -39.49 24.84
N ALA B 129 21.64 -38.92 26.04
CA ALA B 129 20.72 -37.82 26.30
C ALA B 129 21.22 -36.51 25.67
N ALA B 130 22.55 -36.35 25.62
CA ALA B 130 23.09 -35.21 24.90
C ALA B 130 22.62 -35.27 23.45
N ASP B 131 22.99 -36.35 22.77
CA ASP B 131 22.79 -36.46 21.33
C ASP B 131 21.32 -36.45 20.97
N LEU B 132 20.45 -36.77 21.91
CA LEU B 132 19.04 -36.84 21.55
C LEU B 132 18.34 -35.53 21.87
N GLY B 133 19.02 -34.62 22.60
CA GLY B 133 18.45 -33.34 22.97
C GLY B 133 17.47 -33.39 24.14
N ILE B 134 17.63 -34.37 25.04
CA ILE B 134 16.77 -34.52 26.20
C ILE B 134 17.34 -33.67 27.32
N THR B 135 16.68 -32.56 27.60
CA THR B 135 17.14 -31.67 28.65
C THR B 135 16.18 -31.75 29.84
N PRO B 136 16.63 -31.46 31.09
CA PRO B 136 15.74 -31.46 32.24
C PRO B 136 14.73 -30.31 32.19
N PRO B 137 13.52 -30.50 32.78
CA PRO B 137 12.55 -29.41 32.85
C PRO B 137 13.18 -28.27 33.64
N GLY B 138 13.09 -27.06 33.07
CA GLY B 138 13.53 -25.82 33.70
C GLY B 138 15.01 -25.56 33.43
N LEU B 139 15.62 -26.46 32.62
CA LEU B 139 17.03 -26.43 32.26
C LEU B 139 17.18 -26.86 30.80
N GLY B 140 16.21 -26.55 29.94
CA GLY B 140 16.27 -27.05 28.57
C GLY B 140 14.88 -27.42 28.05
N SER B 141 14.05 -28.03 28.91
CA SER B 141 12.65 -28.30 28.63
C SER B 141 11.77 -27.38 29.49
N PRO B 142 10.44 -27.27 29.27
CA PRO B 142 9.60 -26.44 30.12
C PRO B 142 9.59 -26.91 31.58
N GLY B 143 9.66 -25.95 32.50
CA GLY B 143 9.89 -26.24 33.91
C GLY B 143 8.57 -26.20 34.68
N SER B 144 8.66 -26.33 36.00
CA SER B 144 7.53 -26.51 36.89
C SER B 144 6.97 -25.18 37.38
N MET B 145 7.65 -24.06 37.07
CA MET B 145 7.21 -22.77 37.56
C MET B 145 6.21 -22.14 36.60
N ALA B 146 5.05 -22.80 36.51
CA ALA B 146 3.89 -22.34 35.74
C ALA B 146 2.63 -23.03 36.28
N GLU B 147 1.47 -22.63 35.77
CA GLU B 147 0.20 -23.16 36.27
C GLU B 147 0.14 -24.66 35.97
N TYR B 148 0.53 -25.06 34.76
CA TYR B 148 0.55 -26.47 34.42
C TYR B 148 1.91 -26.80 33.80
N MET B 149 2.12 -28.10 33.56
CA MET B 149 3.41 -28.61 33.16
C MET B 149 3.19 -29.93 32.46
N ILE B 150 4.05 -30.21 31.46
CA ILE B 150 4.07 -31.50 30.79
C ILE B 150 5.22 -32.32 31.35
N VAL B 151 4.96 -33.58 31.70
CA VAL B 151 6.04 -34.54 31.88
C VAL B 151 6.03 -35.50 30.69
N ASP B 152 7.21 -35.79 30.15
CA ASP B 152 7.38 -36.56 28.93
C ASP B 152 6.97 -38.01 29.13
N SER B 153 7.21 -38.58 30.32
CA SER B 153 6.98 -40.01 30.52
C SER B 153 6.49 -40.28 31.94
N ALA B 154 5.66 -41.32 32.12
CA ALA B 154 5.21 -41.69 33.46
C ALA B 154 6.40 -41.97 34.37
N ARG B 155 7.54 -42.39 33.77
CA ARG B 155 8.66 -42.91 34.53
C ARG B 155 9.43 -41.77 35.21
N HIS B 156 9.06 -40.52 34.90
CA HIS B 156 9.65 -39.34 35.53
C HIS B 156 8.75 -38.82 36.65
N LEU B 157 7.69 -39.54 36.98
CA LEU B 157 6.86 -39.12 38.09
C LEU B 157 7.07 -40.09 39.24
N VAL B 158 7.27 -39.55 40.45
CA VAL B 158 7.45 -40.33 41.66
C VAL B 158 6.33 -39.96 42.62
N PRO B 159 5.49 -40.93 43.06
CA PRO B 159 4.39 -40.62 43.99
C PRO B 159 4.89 -40.06 45.30
N ILE B 160 4.14 -39.12 45.89
CA ILE B 160 4.46 -38.55 47.19
C ILE B 160 3.29 -38.74 48.16
N GLY B 161 2.11 -39.03 47.62
CA GLY B 161 0.85 -39.09 48.36
C GLY B 161 0.67 -37.93 49.34
N ASP B 162 0.52 -38.34 50.59
CA ASP B 162 0.15 -37.49 51.71
C ASP B 162 1.08 -36.27 51.82
N LEU B 163 2.39 -36.42 51.60
CA LEU B 163 3.40 -35.38 51.81
C LEU B 163 2.99 -34.02 51.25
N ASP B 164 3.28 -32.95 52.02
CA ASP B 164 3.00 -31.56 51.63
C ASP B 164 3.84 -31.19 50.41
N PRO B 165 3.20 -30.81 49.28
CA PRO B 165 3.93 -30.29 48.12
C PRO B 165 5.11 -29.37 48.39
N VAL B 166 4.97 -28.46 49.35
CA VAL B 166 5.97 -27.42 49.45
C VAL B 166 7.26 -28.00 50.05
N ALA B 167 7.10 -29.04 50.88
CA ALA B 167 8.21 -29.74 51.49
C ALA B 167 8.92 -30.65 50.47
N ALA B 168 8.14 -31.22 49.52
CA ALA B 168 8.58 -32.14 48.51
C ALA B 168 9.48 -31.43 47.48
N ALA B 169 9.09 -30.21 47.09
CA ALA B 169 9.75 -29.52 46.01
C ALA B 169 11.27 -29.64 46.16
N PRO B 170 11.89 -29.09 47.23
CA PRO B 170 13.35 -29.03 47.31
C PRO B 170 13.99 -30.42 47.34
N LEU B 171 13.23 -31.42 47.78
CA LEU B 171 13.76 -32.78 47.82
C LEU B 171 14.21 -33.23 46.43
N THR B 172 13.55 -32.75 45.35
CA THR B 172 13.80 -33.24 44.00
C THR B 172 15.19 -32.85 43.51
N ASP B 173 15.83 -31.90 44.24
CA ASP B 173 17.17 -31.41 43.99
C ASP B 173 17.95 -31.35 45.30
N ALA B 174 17.60 -30.42 46.20
CA ALA B 174 18.33 -30.24 47.45
C ALA B 174 18.46 -31.54 48.23
N GLY B 175 17.51 -32.48 48.03
CA GLY B 175 17.50 -33.77 48.68
C GLY B 175 18.22 -34.82 47.82
N LEU B 176 17.82 -34.89 46.55
CA LEU B 176 18.24 -35.92 45.62
C LEU B 176 19.76 -35.87 45.42
N THR B 177 20.31 -34.65 45.32
CA THR B 177 21.67 -34.41 44.86
C THR B 177 22.67 -34.85 45.92
N PRO B 178 22.54 -34.40 47.19
CA PRO B 178 23.37 -34.93 48.28
C PRO B 178 23.14 -36.43 48.44
N TYR B 179 21.87 -36.85 48.36
CA TYR B 179 21.56 -38.25 48.55
C TYR B 179 22.43 -39.09 47.62
N HIS B 180 22.50 -38.70 46.34
CA HIS B 180 23.18 -39.49 45.34
C HIS B 180 24.68 -39.49 45.63
N ALA B 181 25.19 -38.35 46.08
CA ALA B 181 26.61 -38.18 46.33
C ALA B 181 27.09 -39.17 47.38
N ILE B 182 26.30 -39.28 48.47
CA ILE B 182 26.51 -40.10 49.64
C ILE B 182 26.29 -41.57 49.28
N SER B 183 25.31 -41.82 48.42
CA SER B 183 24.97 -43.16 47.96
C SER B 183 26.12 -43.82 47.20
N ARG B 184 26.90 -43.03 46.47
CA ARG B 184 27.97 -43.58 45.69
C ARG B 184 29.00 -44.29 46.59
N VAL B 185 29.09 -43.93 47.88
CA VAL B 185 30.20 -44.38 48.72
C VAL B 185 29.72 -44.85 50.09
N LEU B 186 28.41 -45.07 50.21
CA LEU B 186 27.81 -45.30 51.52
C LEU B 186 28.38 -46.56 52.15
N PRO B 187 28.75 -47.60 51.34
CA PRO B 187 29.44 -48.77 51.86
C PRO B 187 30.64 -48.41 52.75
N LEU B 188 31.26 -47.26 52.52
CA LEU B 188 32.48 -46.97 53.26
C LEU B 188 32.16 -46.38 54.62
N LEU B 189 30.91 -45.92 54.82
CA LEU B 189 30.57 -45.04 55.92
C LEU B 189 29.96 -45.81 57.08
N GLY B 190 30.62 -46.90 57.49
CA GLY B 190 30.11 -47.69 58.60
C GLY B 190 30.53 -47.11 59.94
N PRO B 191 30.27 -47.80 61.06
CA PRO B 191 30.58 -47.25 62.39
C PRO B 191 32.09 -47.00 62.49
N GLY B 192 32.49 -45.80 62.90
CA GLY B 192 33.91 -45.51 62.98
C GLY B 192 34.42 -44.68 61.79
N SER B 193 33.61 -44.52 60.74
CA SER B 193 34.02 -43.67 59.63
C SER B 193 33.74 -42.22 59.96
N THR B 194 34.33 -41.31 59.18
CA THR B 194 34.10 -39.89 59.37
C THR B 194 33.72 -39.27 58.03
N ALA B 195 32.58 -38.57 58.02
CA ALA B 195 32.13 -37.75 56.90
C ALA B 195 32.34 -36.28 57.21
N VAL B 196 32.93 -35.57 56.25
CA VAL B 196 33.09 -34.13 56.33
C VAL B 196 32.14 -33.49 55.32
N VAL B 197 31.32 -32.55 55.80
CA VAL B 197 30.42 -31.83 54.92
C VAL B 197 30.85 -30.37 54.89
N ILE B 198 31.30 -29.92 53.72
CA ILE B 198 31.73 -28.54 53.61
C ILE B 198 30.60 -27.72 52.98
N GLY B 199 30.16 -26.73 53.75
CA GLY B 199 29.02 -25.90 53.37
C GLY B 199 27.74 -26.55 53.89
N VAL B 200 27.09 -25.88 54.86
CA VAL B 200 25.92 -26.48 55.49
C VAL B 200 24.66 -25.65 55.20
N GLY B 201 24.62 -24.91 54.09
CA GLY B 201 23.41 -24.21 53.65
C GLY B 201 22.46 -25.19 52.98
N GLY B 202 22.09 -24.94 51.71
CA GLY B 202 21.13 -25.77 51.02
C GLY B 202 21.46 -27.26 51.16
N LEU B 203 22.29 -27.77 50.24
CA LEU B 203 22.40 -29.20 50.05
C LEU B 203 23.06 -29.89 51.24
N GLY B 204 23.97 -29.17 51.91
CA GLY B 204 24.75 -29.74 53.00
C GLY B 204 23.88 -29.99 54.22
N HIS B 205 22.92 -29.08 54.45
CA HIS B 205 22.03 -29.22 55.59
C HIS B 205 21.22 -30.52 55.44
N VAL B 206 20.67 -30.73 54.25
CA VAL B 206 19.98 -31.98 53.95
C VAL B 206 20.98 -33.11 54.04
N GLY B 207 22.21 -32.86 53.57
CA GLY B 207 23.29 -33.82 53.53
C GLY B 207 23.55 -34.45 54.90
N ILE B 208 23.56 -33.61 55.94
CA ILE B 208 23.83 -34.10 57.28
C ILE B 208 22.70 -35.01 57.75
N GLN B 209 21.47 -34.62 57.41
CA GLN B 209 20.33 -35.41 57.86
C GLN B 209 20.37 -36.77 57.18
N ILE B 210 20.73 -36.78 55.88
CA ILE B 210 20.83 -38.04 55.13
C ILE B 210 21.90 -38.91 55.77
N LEU B 211 23.07 -38.32 56.02
CA LEU B 211 24.15 -39.04 56.69
C LEU B 211 23.72 -39.62 58.03
N ARG B 212 22.90 -38.87 58.79
CA ARG B 212 22.46 -39.32 60.10
C ARG B 212 21.52 -40.52 59.93
N ALA B 213 20.77 -40.51 58.83
CA ALA B 213 19.68 -41.46 58.68
C ALA B 213 20.14 -42.79 58.08
N VAL B 214 21.07 -42.74 57.13
CA VAL B 214 21.45 -43.92 56.37
C VAL B 214 22.83 -44.45 56.78
N SER B 215 23.46 -43.86 57.79
CA SER B 215 24.82 -44.19 58.17
C SER B 215 25.06 -44.04 59.68
N ALA B 216 26.13 -44.68 60.15
CA ALA B 216 26.55 -44.47 61.53
C ALA B 216 27.83 -43.64 61.59
N ALA B 217 28.18 -42.96 60.50
CA ALA B 217 29.42 -42.21 60.39
C ALA B 217 29.40 -41.01 61.33
N ARG B 218 30.59 -40.56 61.76
CA ARG B 218 30.76 -39.34 62.52
C ARG B 218 30.68 -38.14 61.58
N VAL B 219 29.83 -37.15 61.87
CA VAL B 219 29.65 -36.08 60.90
C VAL B 219 30.32 -34.81 61.41
N ILE B 220 31.13 -34.19 60.54
CA ILE B 220 31.81 -32.94 60.87
C ILE B 220 31.37 -31.88 59.87
N ALA B 221 30.83 -30.77 60.39
CA ALA B 221 30.35 -29.70 59.53
C ALA B 221 31.43 -28.62 59.40
N VAL B 222 31.52 -28.03 58.21
CA VAL B 222 32.49 -26.98 57.94
C VAL B 222 31.78 -25.91 57.15
N ASP B 223 31.87 -24.67 57.65
CA ASP B 223 31.21 -23.54 57.02
C ASP B 223 31.91 -22.24 57.44
N LEU B 224 31.61 -21.18 56.70
CA LEU B 224 32.12 -19.84 56.97
C LEU B 224 31.29 -19.15 58.05
N ASP B 225 29.96 -19.17 57.87
CA ASP B 225 28.96 -18.58 58.77
C ASP B 225 28.88 -19.37 60.08
N ASP B 226 28.78 -18.62 61.19
CA ASP B 226 28.94 -19.16 62.54
C ASP B 226 27.65 -19.83 63.04
N ASP B 227 26.50 -19.23 62.72
CA ASP B 227 25.22 -19.74 63.17
C ASP B 227 24.78 -20.91 62.29
N ARG B 228 25.20 -20.91 61.02
CA ARG B 228 24.96 -22.04 60.14
C ARG B 228 25.54 -23.29 60.79
N LEU B 229 26.76 -23.13 61.35
CA LEU B 229 27.43 -24.20 62.07
C LEU B 229 26.58 -24.70 63.24
N ALA B 230 26.08 -23.78 64.08
CA ALA B 230 25.24 -24.17 65.20
C ALA B 230 24.01 -24.97 64.75
N LEU B 231 23.41 -24.58 63.62
CA LEU B 231 22.18 -25.23 63.18
C LEU B 231 22.52 -26.64 62.67
N ALA B 232 23.67 -26.73 61.99
CA ALA B 232 24.16 -28.00 61.47
C ALA B 232 24.33 -28.99 62.61
N ARG B 233 24.74 -28.46 63.79
CA ARG B 233 24.77 -29.23 65.03
C ARG B 233 23.41 -29.86 65.27
N GLU B 234 22.35 -29.04 65.16
CA GLU B 234 21.01 -29.43 65.56
C GLU B 234 20.49 -30.61 64.72
N VAL B 235 20.97 -30.73 63.47
CA VAL B 235 20.44 -31.77 62.59
C VAL B 235 21.34 -33.01 62.60
N GLY B 236 22.46 -32.95 63.33
CA GLY B 236 23.14 -34.15 63.78
C GLY B 236 24.65 -34.13 63.51
N ALA B 237 25.20 -32.97 63.14
CA ALA B 237 26.64 -32.86 62.98
C ALA B 237 27.35 -32.90 64.35
N ASP B 238 28.42 -33.69 64.43
CA ASP B 238 29.05 -34.07 65.69
C ASP B 238 30.10 -33.05 66.09
N ALA B 239 30.62 -32.30 65.10
CA ALA B 239 31.53 -31.20 65.39
C ALA B 239 31.42 -30.14 64.31
N ALA B 240 31.81 -28.91 64.69
CA ALA B 240 31.75 -27.76 63.80
C ALA B 240 33.16 -27.24 63.58
N VAL B 241 33.41 -26.68 62.39
CA VAL B 241 34.72 -26.18 61.99
C VAL B 241 34.48 -25.01 61.05
N LYS B 242 35.37 -24.01 61.12
CA LYS B 242 35.21 -22.77 60.37
C LYS B 242 36.05 -22.88 59.10
N SER B 243 35.44 -22.67 57.93
CA SER B 243 36.17 -22.78 56.67
C SER B 243 37.36 -21.82 56.70
N GLY B 244 38.43 -22.17 55.98
CA GLY B 244 39.62 -21.35 55.89
C GLY B 244 40.86 -22.21 56.03
N ALA B 245 42.03 -21.56 55.97
CA ALA B 245 43.29 -22.31 56.02
C ALA B 245 43.46 -23.08 57.34
N GLY B 246 42.72 -22.67 58.40
CA GLY B 246 42.71 -23.39 59.66
C GLY B 246 41.94 -24.72 59.59
N ALA B 247 41.01 -24.82 58.63
CA ALA B 247 40.00 -25.88 58.60
C ALA B 247 40.64 -27.26 58.51
N ALA B 248 41.60 -27.42 57.60
CA ALA B 248 42.27 -28.69 57.45
C ALA B 248 42.86 -29.17 58.78
N ASP B 249 43.59 -28.29 59.48
CA ASP B 249 44.30 -28.72 60.69
C ASP B 249 43.30 -29.01 61.80
N ALA B 250 42.23 -28.23 61.83
CA ALA B 250 41.20 -28.41 62.84
C ALA B 250 40.53 -29.77 62.63
N ILE B 251 40.23 -30.10 61.38
CA ILE B 251 39.52 -31.33 61.09
C ILE B 251 40.39 -32.51 61.52
N ARG B 252 41.67 -32.47 61.14
CA ARG B 252 42.63 -33.51 61.46
C ARG B 252 42.66 -33.75 62.97
N GLU B 253 42.62 -32.66 63.75
CA GLU B 253 42.64 -32.79 65.20
C GLU B 253 41.40 -33.58 65.65
N LEU B 254 40.24 -33.17 65.14
CA LEU B 254 38.98 -33.83 65.44
C LEU B 254 39.02 -35.31 65.07
N THR B 255 39.72 -35.70 63.99
CA THR B 255 39.75 -37.09 63.54
C THR B 255 40.97 -37.80 64.10
N GLY B 256 41.50 -37.26 65.22
CA GLY B 256 42.74 -37.71 65.85
C GLY B 256 43.89 -37.83 64.85
N GLY B 257 43.86 -37.03 63.79
CA GLY B 257 44.89 -36.98 62.77
C GLY B 257 44.90 -38.20 61.84
N GLN B 258 43.75 -38.87 61.68
CA GLN B 258 43.72 -40.08 60.86
C GLN B 258 43.06 -39.82 59.49
N GLY B 259 42.51 -38.62 59.29
CA GLY B 259 41.86 -38.26 58.05
C GLY B 259 40.40 -38.71 58.00
N ALA B 260 39.66 -38.17 57.02
CA ALA B 260 38.23 -38.40 56.90
C ALA B 260 37.95 -39.42 55.78
N THR B 261 37.01 -40.34 56.03
CA THR B 261 36.69 -41.38 55.06
C THR B 261 36.17 -40.75 53.78
N ALA B 262 35.37 -39.69 53.95
CA ALA B 262 34.64 -39.10 52.84
C ALA B 262 34.43 -37.63 53.12
N VAL B 263 34.62 -36.82 52.06
CA VAL B 263 34.44 -35.39 52.17
C VAL B 263 33.43 -34.98 51.10
N PHE B 264 32.27 -34.52 51.52
CA PHE B 264 31.33 -34.01 50.54
C PHE B 264 31.46 -32.49 50.53
N ASP B 265 32.00 -31.96 49.41
CA ASP B 265 32.15 -30.52 49.32
C ASP B 265 30.99 -29.90 48.58
N PHE B 266 30.16 -29.14 49.31
CA PHE B 266 28.93 -28.65 48.71
C PHE B 266 29.09 -27.21 48.26
N VAL B 267 30.28 -26.65 48.56
CA VAL B 267 30.63 -25.29 48.18
C VAL B 267 31.27 -25.34 46.80
N GLY B 268 32.37 -26.12 46.70
CA GLY B 268 32.98 -26.48 45.43
C GLY B 268 33.95 -25.43 44.89
N ALA B 269 34.41 -24.54 45.80
CA ALA B 269 35.46 -23.57 45.47
C ALA B 269 36.83 -24.23 45.60
N GLN B 270 37.83 -23.63 44.95
CA GLN B 270 39.20 -24.13 45.05
C GLN B 270 39.61 -24.29 46.51
N SER B 271 39.31 -23.31 47.37
CA SER B 271 39.70 -23.33 48.77
C SER B 271 39.30 -24.67 49.40
N THR B 272 38.00 -24.93 49.36
CA THR B 272 37.35 -26.09 49.96
C THR B 272 37.90 -27.38 49.35
N ILE B 273 37.94 -27.46 48.01
CA ILE B 273 38.54 -28.63 47.36
C ILE B 273 39.93 -28.88 47.93
N ASP B 274 40.75 -27.81 48.10
CA ASP B 274 42.10 -27.89 48.66
C ASP B 274 42.05 -28.43 50.09
N THR B 275 41.07 -27.95 50.89
CA THR B 275 40.85 -28.46 52.24
C THR B 275 40.57 -29.95 52.18
N ALA B 276 39.66 -30.32 51.25
CA ALA B 276 39.20 -31.69 51.07
C ALA B 276 40.40 -32.61 50.84
N GLN B 277 41.31 -32.18 49.97
CA GLN B 277 42.43 -33.04 49.62
C GLN B 277 43.36 -33.19 50.82
N GLN B 278 43.32 -32.22 51.75
CA GLN B 278 44.25 -32.20 52.86
C GLN B 278 43.71 -32.94 54.07
N VAL B 279 42.41 -33.31 54.05
CA VAL B 279 41.77 -34.01 55.16
C VAL B 279 41.36 -35.44 54.75
N VAL B 280 41.15 -35.68 53.46
CA VAL B 280 40.67 -36.98 53.02
C VAL B 280 41.66 -38.07 53.49
N ALA B 281 41.11 -39.23 53.85
CA ALA B 281 41.88 -40.37 54.32
C ALA B 281 42.37 -41.22 53.14
N VAL B 282 43.31 -42.12 53.42
CA VAL B 282 43.84 -43.02 52.40
C VAL B 282 42.71 -43.98 52.02
N ASP B 283 42.43 -44.09 50.72
CA ASP B 283 41.39 -44.98 50.25
C ASP B 283 40.03 -44.33 50.49
N GLY B 284 40.03 -43.00 50.69
CA GLY B 284 38.79 -42.31 50.95
C GLY B 284 38.12 -41.84 49.68
N HIS B 285 37.29 -40.79 49.81
CA HIS B 285 36.52 -40.28 48.69
C HIS B 285 36.24 -38.79 48.88
N ILE B 286 36.33 -38.03 47.79
CA ILE B 286 35.90 -36.63 47.78
C ILE B 286 34.83 -36.46 46.71
N SER B 287 33.69 -35.90 47.12
CA SER B 287 32.58 -35.57 46.24
C SER B 287 32.55 -34.06 46.08
N VAL B 288 32.84 -33.60 44.87
CA VAL B 288 32.75 -32.17 44.62
C VAL B 288 31.35 -31.92 44.07
N VAL B 289 30.49 -31.30 44.90
CA VAL B 289 29.07 -31.22 44.58
C VAL B 289 28.71 -29.81 44.14
N GLY B 290 29.25 -28.82 44.86
CA GLY B 290 29.01 -27.42 44.53
C GLY B 290 29.84 -27.00 43.32
N ILE B 291 29.25 -26.18 42.44
CA ILE B 291 29.98 -25.73 41.25
C ILE B 291 30.59 -24.34 41.46
N HIS B 292 31.91 -24.21 41.27
CA HIS B 292 32.54 -22.92 41.05
C HIS B 292 33.38 -23.01 39.80
N ALA B 293 32.94 -22.36 38.71
CA ALA B 293 33.56 -22.55 37.41
C ALA B 293 35.08 -22.51 37.56
N GLY B 294 35.75 -23.52 37.00
CA GLY B 294 37.21 -23.51 36.96
C GLY B 294 37.82 -24.40 38.03
N ALA B 295 37.27 -24.33 39.26
CA ALA B 295 37.79 -24.97 40.45
C ALA B 295 37.73 -26.49 40.28
N HIS B 296 38.75 -27.19 40.76
CA HIS B 296 38.86 -28.62 40.55
C HIS B 296 39.86 -29.24 41.50
N ALA B 297 39.71 -30.55 41.75
CA ALA B 297 40.70 -31.31 42.49
C ALA B 297 41.85 -31.63 41.53
N LYS B 298 43.04 -31.82 42.11
CA LYS B 298 44.24 -32.23 41.39
C LYS B 298 44.59 -33.66 41.80
N VAL B 299 44.21 -34.65 40.97
CA VAL B 299 44.35 -36.06 41.38
C VAL B 299 45.59 -36.64 40.70
N GLY B 300 46.60 -37.00 41.50
CA GLY B 300 47.88 -37.42 40.96
C GLY B 300 48.81 -37.77 42.12
N PHE B 301 49.89 -38.50 41.82
CA PHE B 301 50.72 -39.02 42.88
C PHE B 301 51.23 -37.91 43.78
N PHE B 302 51.13 -38.14 45.09
CA PHE B 302 51.65 -37.25 46.11
C PHE B 302 50.92 -35.91 46.11
N MET B 303 49.67 -35.90 45.63
CA MET B 303 48.88 -34.68 45.72
C MET B 303 47.52 -34.98 46.32
N ILE B 304 47.27 -36.26 46.61
CA ILE B 304 46.06 -36.74 47.24
C ILE B 304 46.40 -38.12 47.78
N PRO B 305 45.89 -38.56 48.94
CA PRO B 305 46.23 -39.90 49.42
C PRO B 305 46.07 -40.98 48.35
N PHE B 306 46.84 -42.05 48.47
CA PHE B 306 46.59 -43.21 47.63
C PHE B 306 45.16 -43.71 47.81
N GLY B 307 44.47 -43.94 46.70
CA GLY B 307 43.22 -44.70 46.75
C GLY B 307 42.00 -43.81 47.00
N ALA B 308 42.25 -42.55 47.38
CA ALA B 308 41.22 -41.53 47.55
C ALA B 308 40.67 -41.08 46.20
N SER B 309 39.43 -41.48 45.92
CA SER B 309 38.79 -41.21 44.64
C SER B 309 38.06 -39.88 44.70
N VAL B 310 37.99 -39.18 43.56
CA VAL B 310 37.30 -37.90 43.42
C VAL B 310 36.30 -38.01 42.26
N VAL B 311 35.12 -37.38 42.41
CA VAL B 311 34.06 -37.35 41.40
C VAL B 311 33.23 -36.06 41.53
N THR B 312 32.78 -35.55 40.38
CA THR B 312 31.72 -34.56 40.35
C THR B 312 30.41 -35.30 40.04
N PRO B 313 29.59 -35.61 41.06
CA PRO B 313 28.36 -36.37 40.84
C PRO B 313 27.31 -35.48 40.18
N TYR B 314 26.31 -36.11 39.55
CA TYR B 314 25.27 -35.39 38.84
C TYR B 314 23.89 -35.83 39.32
N TRP B 315 23.19 -34.89 39.97
CA TRP B 315 21.80 -35.04 40.39
C TRP B 315 21.63 -36.36 41.12
N GLY B 316 20.73 -37.24 40.66
CA GLY B 316 20.50 -38.52 41.31
C GLY B 316 19.67 -39.46 40.44
N THR B 317 19.32 -40.64 40.96
CA THR B 317 18.65 -41.69 40.21
C THR B 317 17.17 -41.73 40.57
N ARG B 318 16.35 -42.50 39.82
CA ARG B 318 14.95 -42.55 40.18
C ARG B 318 14.79 -43.26 41.53
N SER B 319 15.46 -44.42 41.69
CA SER B 319 15.51 -45.19 42.92
C SER B 319 15.78 -44.24 44.08
N GLU B 320 16.85 -43.46 43.94
CA GLU B 320 17.25 -42.49 44.93
C GLU B 320 16.13 -41.48 45.23
N LEU B 321 15.49 -40.98 44.18
CA LEU B 321 14.42 -40.00 44.42
C LEU B 321 13.31 -40.60 45.27
N MET B 322 12.88 -41.81 44.92
CA MET B 322 11.97 -42.60 45.74
C MET B 322 12.47 -42.70 47.18
N GLU B 323 13.75 -43.06 47.36
CA GLU B 323 14.27 -43.24 48.72
C GLU B 323 14.28 -41.91 49.45
N VAL B 324 14.50 -40.81 48.72
CA VAL B 324 14.44 -39.49 49.33
C VAL B 324 13.04 -39.23 49.91
N VAL B 325 12.00 -39.48 49.10
CA VAL B 325 10.64 -39.20 49.55
C VAL B 325 10.34 -40.07 50.77
N ALA B 326 10.77 -41.33 50.73
CA ALA B 326 10.57 -42.25 51.83
C ALA B 326 11.19 -41.71 53.10
N LEU B 327 12.39 -41.13 52.97
CA LEU B 327 13.03 -40.54 54.13
C LEU B 327 12.17 -39.41 54.64
N ALA B 328 11.73 -38.54 53.72
CA ALA B 328 10.92 -37.36 54.03
C ALA B 328 9.62 -37.80 54.70
N ARG B 329 8.97 -38.79 54.09
CA ARG B 329 7.68 -39.25 54.58
C ARG B 329 7.80 -39.77 56.01
N ALA B 330 8.95 -40.30 56.37
CA ALA B 330 9.13 -40.88 57.69
C ALA B 330 9.66 -39.83 58.66
N GLY B 331 9.76 -38.58 58.22
CA GLY B 331 10.15 -37.45 59.05
C GLY B 331 11.62 -37.44 59.42
N ARG B 332 12.49 -37.82 58.47
CA ARG B 332 13.93 -37.87 58.72
C ARG B 332 14.63 -36.71 57.99
N LEU B 333 13.97 -36.11 57.00
CA LEU B 333 14.50 -34.91 56.34
C LEU B 333 13.54 -33.78 56.66
N ASP B 334 14.11 -32.58 56.87
CA ASP B 334 13.34 -31.37 57.04
C ASP B 334 14.18 -30.19 56.56
N ILE B 335 13.78 -29.61 55.41
CA ILE B 335 14.32 -28.39 54.84
C ILE B 335 13.35 -27.24 55.15
N HIS B 336 13.86 -26.09 55.59
CA HIS B 336 13.00 -24.93 55.82
C HIS B 336 12.68 -24.25 54.51
N THR B 337 11.39 -24.01 54.25
CA THR B 337 10.90 -23.47 52.99
C THR B 337 10.27 -22.09 53.22
N GLU B 338 10.46 -21.21 52.23
CA GLU B 338 9.78 -19.94 52.19
C GLU B 338 8.91 -19.85 50.94
N THR B 339 7.64 -19.53 51.13
CA THR B 339 6.65 -19.71 50.09
C THR B 339 6.50 -18.39 49.34
N PHE B 340 6.50 -18.46 48.01
CA PHE B 340 6.16 -17.30 47.18
C PHE B 340 4.97 -17.69 46.31
N THR B 341 4.30 -16.69 45.70
CA THR B 341 3.25 -16.96 44.72
C THR B 341 3.88 -17.02 43.33
N LEU B 342 3.10 -17.49 42.34
CA LEU B 342 3.61 -17.60 40.98
C LEU B 342 3.93 -16.21 40.44
N ASP B 343 3.16 -15.21 40.84
CA ASP B 343 3.40 -13.84 40.39
C ASP B 343 4.71 -13.33 40.99
N GLU B 344 4.95 -13.74 42.26
CA GLU B 344 6.12 -13.36 43.01
C GLU B 344 7.35 -14.17 42.55
N GLY B 345 7.24 -14.90 41.43
CA GLY B 345 8.35 -15.66 40.90
C GLY B 345 9.60 -14.78 40.76
N PRO B 346 9.58 -13.78 39.85
CA PRO B 346 10.74 -12.90 39.67
C PRO B 346 11.22 -12.24 40.96
N ALA B 347 10.27 -11.89 41.85
CA ALA B 347 10.55 -11.27 43.13
C ALA B 347 11.32 -12.25 44.04
N ALA B 348 10.97 -13.54 43.96
CA ALA B 348 11.68 -14.61 44.65
C ALA B 348 13.11 -14.75 44.11
N TYR B 349 13.29 -14.75 42.78
CA TYR B 349 14.64 -14.86 42.25
C TYR B 349 15.52 -13.72 42.76
N ARG B 350 14.94 -12.51 42.84
CA ARG B 350 15.64 -11.32 43.32
C ARG B 350 16.16 -11.55 44.73
N ARG B 351 15.28 -12.08 45.60
CA ARG B 351 15.59 -12.36 46.98
C ARG B 351 16.71 -13.39 47.07
N LEU B 352 16.66 -14.40 46.19
CA LEU B 352 17.70 -15.41 46.19
C LEU B 352 19.05 -14.75 45.95
N ARG B 353 19.10 -13.83 44.98
CA ARG B 353 20.31 -13.10 44.60
C ARG B 353 20.95 -12.41 45.82
N GLU B 354 20.16 -11.61 46.55
CA GLU B 354 20.67 -10.86 47.68
C GLU B 354 20.80 -11.77 48.92
N GLY B 355 20.57 -13.08 48.74
CA GLY B 355 20.70 -14.06 49.81
C GLY B 355 19.86 -13.71 51.04
N SER B 356 18.66 -13.15 50.80
CA SER B 356 17.69 -12.90 51.85
C SER B 356 16.64 -14.01 51.93
N ILE B 357 16.92 -15.20 51.39
CA ILE B 357 16.02 -16.32 51.62
C ILE B 357 16.63 -17.22 52.69
N ARG B 358 15.91 -17.36 53.81
CA ARG B 358 16.27 -18.40 54.75
C ARG B 358 15.67 -19.71 54.23
N GLY B 359 16.51 -20.75 54.09
CA GLY B 359 16.06 -22.03 53.57
C GLY B 359 15.85 -21.93 52.06
N ARG B 360 14.95 -22.79 51.53
CA ARG B 360 14.72 -22.83 50.10
C ARG B 360 13.43 -22.06 49.80
N GLY B 361 13.42 -21.31 48.69
CA GLY B 361 12.19 -20.70 48.21
C GLY B 361 11.37 -21.69 47.37
N VAL B 362 10.05 -21.61 47.50
CA VAL B 362 9.14 -22.47 46.75
C VAL B 362 7.97 -21.62 46.27
N VAL B 363 7.73 -21.64 44.95
CA VAL B 363 6.59 -21.00 44.33
C VAL B 363 5.41 -21.97 44.40
N VAL B 364 4.25 -21.46 44.85
CA VAL B 364 2.99 -22.20 44.89
C VAL B 364 1.94 -21.55 43.96
N PRO B 365 1.75 -22.03 42.71
CA PRO B 365 0.62 -21.59 41.88
C PRO B 365 -0.67 -21.85 42.62
N ARG C 17 -27.77 -44.79 8.24
CA ARG C 17 -28.66 -43.81 8.93
C ARG C 17 -30.12 -44.12 8.60
N GLY C 18 -31.05 -43.81 9.54
CA GLY C 18 -32.48 -44.07 9.44
C GLY C 18 -33.08 -43.35 8.23
N SER C 19 -33.97 -44.02 7.49
CA SER C 19 -34.45 -43.49 6.22
C SER C 19 -35.54 -42.46 6.43
N HIS C 20 -35.95 -42.29 7.70
CA HIS C 20 -36.92 -41.28 8.10
C HIS C 20 -36.49 -40.65 9.43
N MET C 21 -37.05 -39.49 9.76
CA MET C 21 -36.80 -38.85 11.04
C MET C 21 -38.05 -38.07 11.46
N LYS C 22 -38.10 -37.73 12.77
CA LYS C 22 -39.12 -36.88 13.36
C LYS C 22 -38.88 -35.41 13.02
N ALA C 23 -39.97 -34.65 12.88
CA ALA C 23 -39.93 -33.25 12.48
C ALA C 23 -41.17 -32.54 13.00
N VAL C 24 -40.97 -31.38 13.65
CA VAL C 24 -42.07 -30.52 14.07
C VAL C 24 -42.49 -29.68 12.88
N GLN C 25 -43.73 -29.86 12.42
CA GLN C 25 -44.12 -29.26 11.16
C GLN C 25 -45.44 -28.49 11.27
N TYR C 26 -45.53 -27.42 10.48
CA TYR C 26 -46.78 -26.73 10.22
C TYR C 26 -47.34 -27.36 8.96
N THR C 27 -48.46 -28.08 9.14
CA THR C 27 -49.06 -29.00 8.17
C THR C 27 -50.18 -28.35 7.35
N GLU C 28 -51.00 -27.52 8.01
CA GLU C 28 -52.03 -26.75 7.32
C GLU C 28 -52.36 -25.51 8.13
N ILE C 29 -52.76 -24.45 7.42
CA ILE C 29 -53.05 -23.14 7.96
C ILE C 29 -54.04 -23.26 9.12
N GLY C 30 -53.67 -22.71 10.28
CA GLY C 30 -54.58 -22.53 11.39
C GLY C 30 -54.44 -23.64 12.44
N SER C 31 -53.72 -24.72 12.08
CA SER C 31 -53.50 -25.92 12.88
C SER C 31 -52.36 -25.70 13.86
N GLU C 32 -52.30 -26.54 14.90
CA GLU C 32 -51.11 -26.60 15.74
C GLU C 32 -50.00 -27.36 15.00
N PRO C 33 -48.72 -27.13 15.37
CA PRO C 33 -47.62 -27.96 14.89
C PRO C 33 -47.73 -29.37 15.46
N VAL C 34 -47.26 -30.35 14.66
CA VAL C 34 -47.37 -31.76 15.01
C VAL C 34 -46.04 -32.44 14.73
N VAL C 35 -45.64 -33.38 15.60
CA VAL C 35 -44.44 -34.16 15.38
C VAL C 35 -44.75 -35.32 14.43
N VAL C 36 -44.27 -35.20 13.18
CA VAL C 36 -44.61 -36.11 12.10
C VAL C 36 -43.33 -36.76 11.57
N ASP C 37 -43.48 -37.78 10.71
CA ASP C 37 -42.34 -38.55 10.19
C ASP C 37 -42.10 -38.21 8.72
N ILE C 38 -40.88 -37.73 8.45
CA ILE C 38 -40.54 -37.42 7.08
C ILE C 38 -39.27 -38.17 6.73
N PRO C 39 -38.96 -38.33 5.42
CA PRO C 39 -37.68 -38.88 4.99
C PRO C 39 -36.51 -38.12 5.62
N THR C 40 -35.47 -38.83 6.06
CA THR C 40 -34.20 -38.18 6.35
C THR C 40 -33.61 -37.68 5.04
N PRO C 41 -33.24 -36.39 4.93
CA PRO C 41 -32.70 -35.87 3.67
C PRO C 41 -31.26 -36.29 3.42
N THR C 42 -30.86 -36.20 2.16
CA THR C 42 -29.49 -36.53 1.81
C THR C 42 -28.87 -35.35 1.04
N PRO C 43 -27.67 -34.85 1.41
CA PRO C 43 -27.20 -33.57 0.88
C PRO C 43 -26.76 -33.73 -0.56
N GLY C 44 -27.31 -32.89 -1.44
CA GLY C 44 -26.89 -32.78 -2.83
C GLY C 44 -25.52 -32.10 -2.97
N PRO C 45 -25.02 -31.90 -4.20
CA PRO C 45 -23.70 -31.30 -4.37
C PRO C 45 -23.70 -29.86 -3.87
N GLY C 46 -22.90 -29.59 -2.83
CA GLY C 46 -22.83 -28.26 -2.29
C GLY C 46 -23.49 -28.17 -0.92
N GLU C 47 -24.38 -29.12 -0.60
CA GLU C 47 -25.14 -29.04 0.64
C GLU C 47 -24.39 -29.74 1.78
N ILE C 48 -24.82 -29.49 3.01
CA ILE C 48 -24.28 -30.15 4.19
C ILE C 48 -25.48 -30.72 4.94
N LEU C 49 -25.32 -31.91 5.53
CA LEU C 49 -26.38 -32.49 6.33
C LEU C 49 -25.95 -32.38 7.79
N LEU C 50 -26.76 -31.68 8.58
CA LEU C 50 -26.47 -31.46 9.99
C LEU C 50 -27.32 -32.40 10.82
N LYS C 51 -26.72 -32.90 11.90
CA LYS C 51 -27.52 -33.51 12.95
C LYS C 51 -27.80 -32.38 13.90
N VAL C 52 -29.07 -32.10 14.16
CA VAL C 52 -29.39 -30.91 14.92
C VAL C 52 -29.05 -31.19 16.37
N THR C 53 -28.34 -30.27 17.03
CA THR C 53 -28.05 -30.43 18.44
C THR C 53 -28.91 -29.47 19.25
N ALA C 54 -29.48 -28.45 18.60
CA ALA C 54 -30.38 -27.51 19.27
C ALA C 54 -31.20 -26.72 18.24
N ALA C 55 -32.52 -26.62 18.48
CA ALA C 55 -33.42 -25.80 17.68
C ALA C 55 -34.18 -24.85 18.59
N GLY C 56 -34.28 -23.59 18.18
CA GLY C 56 -34.81 -22.62 19.10
C GLY C 56 -36.20 -22.18 18.66
N LEU C 57 -37.08 -22.01 19.66
CA LEU C 57 -38.40 -21.42 19.48
C LEU C 57 -38.27 -19.93 19.70
N CYS C 58 -38.84 -19.14 18.79
CA CYS C 58 -39.04 -17.73 19.13
C CYS C 58 -40.41 -17.26 18.66
N HIS C 59 -40.78 -16.05 19.08
CA HIS C 59 -42.16 -15.60 18.89
C HIS C 59 -42.48 -15.49 17.40
N SER C 60 -41.46 -15.29 16.55
CA SER C 60 -41.67 -15.13 15.12
C SER C 60 -42.35 -16.36 14.52
N ASP C 61 -42.10 -17.52 15.16
CA ASP C 61 -42.72 -18.75 14.74
C ASP C 61 -44.25 -18.60 14.90
N ILE C 62 -44.68 -17.96 15.99
CA ILE C 62 -46.10 -17.73 16.24
C ILE C 62 -46.67 -16.76 15.21
N PHE C 63 -45.89 -15.77 14.82
CA PHE C 63 -46.38 -14.80 13.86
C PHE C 63 -46.70 -15.47 12.51
N VAL C 64 -45.84 -16.39 12.05
CA VAL C 64 -46.01 -16.96 10.72
C VAL C 64 -47.18 -17.93 10.78
N MET C 65 -47.29 -18.61 11.93
CA MET C 65 -48.33 -19.61 12.05
C MET C 65 -49.71 -18.95 12.10
N ASP C 66 -49.74 -17.69 12.56
CA ASP C 66 -50.98 -16.95 12.72
C ASP C 66 -51.43 -16.29 11.43
N MET C 67 -50.60 -16.25 10.39
CA MET C 67 -51.05 -15.66 9.15
C MET C 67 -52.25 -16.45 8.64
N PRO C 68 -53.29 -15.76 8.13
CA PRO C 68 -54.49 -16.42 7.60
C PRO C 68 -54.31 -16.91 6.16
N ALA C 69 -55.28 -17.71 5.66
CA ALA C 69 -55.21 -18.43 4.40
C ALA C 69 -54.44 -17.62 3.35
N ALA C 70 -54.97 -16.42 3.09
CA ALA C 70 -54.55 -15.52 2.03
C ALA C 70 -53.05 -15.16 2.13
N GLN C 71 -52.68 -14.43 3.21
CA GLN C 71 -51.36 -13.84 3.39
C GLN C 71 -50.25 -14.89 3.20
N TYR C 72 -50.27 -15.94 4.05
CA TYR C 72 -49.23 -16.97 4.12
C TYR C 72 -48.97 -17.60 2.74
N ALA C 73 -47.71 -17.45 2.29
CA ALA C 73 -47.22 -17.88 0.99
C ALA C 73 -45.79 -18.42 1.08
N TYR C 74 -45.64 -19.53 1.83
CA TYR C 74 -44.43 -20.32 1.97
C TYR C 74 -44.61 -21.73 1.38
N GLY C 75 -45.86 -22.22 1.28
CA GLY C 75 -46.13 -23.60 0.92
C GLY C 75 -45.97 -24.55 2.12
N LEU C 76 -47.01 -25.35 2.37
CA LEU C 76 -47.03 -26.38 3.41
C LEU C 76 -46.66 -27.71 2.77
N PRO C 77 -46.12 -28.71 3.49
CA PRO C 77 -45.82 -28.57 4.93
C PRO C 77 -44.48 -27.87 5.19
N LEU C 78 -44.31 -27.33 6.41
CA LEU C 78 -43.07 -26.65 6.73
C LEU C 78 -42.46 -27.22 8.00
N THR C 79 -41.17 -27.62 7.93
CA THR C 79 -40.40 -27.95 9.12
C THR C 79 -39.97 -26.65 9.82
N LEU C 80 -40.57 -26.37 10.99
CA LEU C 80 -40.27 -25.16 11.75
C LEU C 80 -38.83 -25.14 12.26
N GLY C 81 -38.38 -23.96 12.73
CA GLY C 81 -37.09 -23.82 13.39
C GLY C 81 -36.11 -22.99 12.59
N HIS C 82 -35.98 -21.72 12.97
CA HIS C 82 -35.08 -20.85 12.23
C HIS C 82 -33.82 -20.58 13.03
N GLU C 83 -33.71 -21.19 14.23
CA GLU C 83 -32.58 -21.02 15.12
C GLU C 83 -31.81 -22.32 15.26
N GLY C 84 -30.94 -22.62 14.30
CA GLY C 84 -30.43 -23.98 14.19
C GLY C 84 -28.97 -24.19 14.58
N VAL C 85 -28.74 -25.20 15.42
CA VAL C 85 -27.38 -25.60 15.75
C VAL C 85 -27.29 -27.13 15.59
N GLY C 86 -26.13 -27.59 15.09
CA GLY C 86 -25.87 -29.01 15.00
C GLY C 86 -24.39 -29.35 14.80
N THR C 87 -24.14 -30.62 14.45
CA THR C 87 -22.83 -31.11 14.07
C THR C 87 -22.92 -31.65 12.64
N VAL C 88 -21.83 -31.53 11.89
CA VAL C 88 -21.80 -32.01 10.51
C VAL C 88 -22.00 -33.52 10.55
N ALA C 89 -22.86 -34.00 9.66
CA ALA C 89 -23.18 -35.41 9.66
C ALA C 89 -22.74 -36.02 8.33
N GLU C 90 -22.93 -35.28 7.24
CA GLU C 90 -22.46 -35.78 5.96
C GLU C 90 -22.18 -34.59 5.07
N LEU C 91 -21.12 -34.70 4.26
CA LEU C 91 -20.76 -33.59 3.41
C LEU C 91 -21.29 -33.86 2.02
N GLY C 92 -22.06 -32.93 1.45
CA GLY C 92 -22.41 -33.00 0.04
C GLY C 92 -21.14 -32.99 -0.80
N GLU C 93 -21.25 -33.52 -2.01
CA GLU C 93 -20.09 -33.62 -2.88
C GLU C 93 -19.52 -32.22 -3.12
N GLY C 94 -18.20 -32.11 -3.10
CA GLY C 94 -17.58 -30.84 -3.44
C GLY C 94 -17.35 -29.97 -2.21
N VAL C 95 -18.15 -30.23 -1.18
CA VAL C 95 -18.10 -29.37 -0.02
C VAL C 95 -16.81 -29.66 0.72
N THR C 96 -15.95 -28.65 0.76
CA THR C 96 -14.83 -28.67 1.68
C THR C 96 -14.95 -27.43 2.56
N GLY C 97 -14.27 -27.46 3.71
CA GLY C 97 -14.27 -26.30 4.59
C GLY C 97 -14.78 -26.67 5.98
N PHE C 98 -15.30 -27.90 6.09
CA PHE C 98 -15.85 -28.40 7.33
C PHE C 98 -15.63 -29.91 7.36
N GLY C 99 -15.42 -30.44 8.55
CA GLY C 99 -15.27 -31.88 8.71
C GLY C 99 -16.48 -32.47 9.40
N VAL C 100 -16.69 -33.77 9.18
CA VAL C 100 -17.74 -34.47 9.88
C VAL C 100 -17.48 -34.30 11.37
N GLY C 101 -18.48 -33.77 12.08
CA GLY C 101 -18.49 -33.76 13.52
C GLY C 101 -18.39 -32.35 14.04
N ASP C 102 -18.05 -31.42 13.13
CA ASP C 102 -17.83 -30.02 13.45
C ASP C 102 -19.10 -29.36 14.03
N ALA C 103 -19.02 -28.75 15.23
CA ALA C 103 -20.15 -28.00 15.76
C ALA C 103 -20.28 -26.66 15.04
N VAL C 104 -21.43 -26.43 14.40
CA VAL C 104 -21.63 -25.25 13.59
C VAL C 104 -23.03 -24.67 13.84
N ALA C 105 -23.17 -23.34 13.69
CA ALA C 105 -24.46 -22.69 13.83
C ALA C 105 -24.93 -22.32 12.43
N VAL C 106 -26.24 -22.14 12.28
CA VAL C 106 -26.76 -21.92 10.95
C VAL C 106 -27.15 -20.44 10.79
N TYR C 107 -26.62 -19.85 9.71
CA TYR C 107 -26.91 -18.49 9.33
C TYR C 107 -28.29 -18.47 8.71
N GLY C 108 -29.19 -17.60 9.22
CA GLY C 108 -30.61 -17.68 8.90
C GLY C 108 -31.00 -17.19 7.50
N PRO C 109 -30.80 -15.89 7.21
CA PRO C 109 -31.34 -15.29 6.00
C PRO C 109 -30.47 -15.58 4.78
N TRP C 110 -30.64 -16.76 4.19
CA TRP C 110 -29.92 -17.10 2.98
C TRP C 110 -30.18 -16.07 1.89
N GLY C 111 -29.13 -15.80 1.08
CA GLY C 111 -29.18 -14.94 -0.09
C GLY C 111 -28.59 -15.62 -1.33
N CYS C 112 -28.67 -14.92 -2.47
CA CYS C 112 -28.22 -15.42 -3.76
C CYS C 112 -26.70 -15.60 -3.78
N GLY C 113 -25.98 -14.89 -2.90
CA GLY C 113 -24.54 -15.00 -2.79
C GLY C 113 -23.81 -14.16 -3.84
N ALA C 114 -24.53 -13.63 -4.85
CA ALA C 114 -23.90 -13.11 -6.06
C ALA C 114 -24.26 -11.64 -6.39
N CYS C 115 -25.27 -11.08 -5.71
CA CYS C 115 -25.60 -9.67 -5.90
C CYS C 115 -24.71 -8.83 -5.00
N HIS C 116 -24.82 -7.51 -5.15
CA HIS C 116 -23.87 -6.57 -4.56
C HIS C 116 -23.92 -6.70 -3.03
N ALA C 117 -25.14 -6.89 -2.51
CA ALA C 117 -25.35 -6.97 -1.06
C ALA C 117 -24.69 -8.23 -0.53
N CYS C 118 -24.84 -9.35 -1.24
CA CYS C 118 -24.20 -10.56 -0.76
C CYS C 118 -22.69 -10.38 -0.85
N ALA C 119 -22.21 -9.69 -1.90
CA ALA C 119 -20.78 -9.50 -2.13
C ALA C 119 -20.13 -8.67 -1.03
N ARG C 120 -20.95 -8.00 -0.21
CA ARG C 120 -20.41 -7.11 0.80
C ARG C 120 -20.60 -7.72 2.18
N GLY C 121 -21.26 -8.88 2.25
CA GLY C 121 -21.36 -9.47 3.57
C GLY C 121 -22.78 -9.39 4.10
N ARG C 122 -23.53 -8.44 3.52
CA ARG C 122 -24.89 -8.12 3.92
C ARG C 122 -25.91 -9.03 3.20
N GLU C 123 -25.91 -10.32 3.56
CA GLU C 123 -26.73 -11.28 2.85
C GLU C 123 -28.17 -11.02 3.21
N ASN C 124 -28.39 -10.61 4.46
CA ASN C 124 -29.74 -10.37 4.93
C ASN C 124 -30.43 -9.32 4.08
N TYR C 125 -29.67 -8.58 3.27
CA TYR C 125 -30.23 -7.50 2.47
C TYR C 125 -30.04 -7.77 0.98
N CYS C 126 -30.14 -9.05 0.63
CA CYS C 126 -29.92 -9.55 -0.71
C CYS C 126 -31.09 -9.15 -1.60
N THR C 127 -30.77 -8.51 -2.73
CA THR C 127 -31.78 -7.90 -3.58
C THR C 127 -32.30 -8.91 -4.61
N ARG C 128 -31.98 -10.22 -4.46
CA ARG C 128 -32.35 -11.22 -5.46
C ARG C 128 -33.01 -12.47 -4.84
N ALA C 129 -32.90 -12.62 -3.52
CA ALA C 129 -33.33 -13.83 -2.85
C ALA C 129 -34.81 -14.08 -3.08
N ALA C 130 -35.64 -13.00 -3.07
CA ALA C 130 -37.08 -13.21 -3.14
C ALA C 130 -37.49 -13.53 -4.57
N ASP C 131 -36.83 -12.91 -5.56
CA ASP C 131 -37.07 -13.26 -6.96
C ASP C 131 -36.69 -14.72 -7.19
N LEU C 132 -35.68 -15.23 -6.48
CA LEU C 132 -35.20 -16.58 -6.75
C LEU C 132 -35.74 -17.61 -5.74
N GLY C 133 -36.78 -17.24 -5.01
CA GLY C 133 -37.40 -18.14 -4.04
C GLY C 133 -36.44 -18.72 -2.99
N ILE C 134 -35.46 -17.92 -2.52
CA ILE C 134 -34.57 -18.36 -1.47
C ILE C 134 -35.15 -17.90 -0.13
N THR C 135 -35.64 -18.85 0.66
CA THR C 135 -36.21 -18.52 1.97
C THR C 135 -35.35 -19.12 3.07
N PRO C 136 -35.37 -18.56 4.29
CA PRO C 136 -34.60 -19.10 5.40
C PRO C 136 -35.06 -20.49 5.86
N PRO C 137 -34.22 -21.23 6.62
CA PRO C 137 -34.63 -22.48 7.23
C PRO C 137 -35.75 -22.13 8.22
N GLY C 138 -36.90 -22.79 8.06
CA GLY C 138 -37.95 -22.70 9.05
C GLY C 138 -38.88 -21.53 8.78
N LEU C 139 -38.70 -20.92 7.60
CA LEU C 139 -39.48 -19.78 7.14
C LEU C 139 -39.52 -19.90 5.63
N GLY C 140 -39.87 -21.10 5.16
CA GLY C 140 -39.99 -21.35 3.74
C GLY C 140 -39.11 -22.50 3.27
N SER C 141 -37.97 -22.71 3.94
CA SER C 141 -37.14 -23.87 3.68
C SER C 141 -37.19 -24.75 4.91
N PRO C 142 -36.83 -26.04 4.79
CA PRO C 142 -36.78 -26.93 5.96
C PRO C 142 -36.05 -26.35 7.16
N GLY C 143 -36.75 -26.29 8.30
CA GLY C 143 -36.24 -25.65 9.51
C GLY C 143 -35.30 -26.59 10.25
N SER C 144 -34.89 -26.18 11.44
CA SER C 144 -33.89 -26.91 12.22
C SER C 144 -34.58 -27.82 13.23
N MET C 145 -35.90 -27.72 13.39
CA MET C 145 -36.57 -28.46 14.43
C MET C 145 -36.90 -29.88 13.96
N ALA C 146 -35.84 -30.69 13.86
CA ALA C 146 -35.91 -32.07 13.38
C ALA C 146 -34.63 -32.80 13.82
N GLU C 147 -34.60 -34.11 13.59
CA GLU C 147 -33.42 -34.89 13.90
C GLU C 147 -32.24 -34.46 13.04
N TYR C 148 -32.52 -34.15 11.75
CA TYR C 148 -31.50 -33.73 10.80
C TYR C 148 -31.96 -32.54 9.95
N MET C 149 -30.98 -31.85 9.37
CA MET C 149 -31.23 -30.62 8.64
C MET C 149 -30.29 -30.55 7.43
N ILE C 150 -30.77 -29.90 6.37
CA ILE C 150 -29.92 -29.60 5.23
C ILE C 150 -29.63 -28.11 5.26
N VAL C 151 -28.37 -27.76 4.97
CA VAL C 151 -28.00 -26.38 4.75
C VAL C 151 -27.48 -26.29 3.33
N ASP C 152 -27.94 -25.27 2.61
CA ASP C 152 -27.75 -25.24 1.18
C ASP C 152 -26.27 -25.07 0.81
N SER C 153 -25.47 -24.47 1.70
CA SER C 153 -24.14 -24.02 1.33
C SER C 153 -23.27 -23.81 2.58
N ALA C 154 -21.97 -24.07 2.44
CA ALA C 154 -21.06 -23.92 3.56
C ALA C 154 -21.03 -22.48 4.03
N ARG C 155 -21.31 -21.58 3.10
CA ARG C 155 -21.42 -20.15 3.35
C ARG C 155 -22.33 -19.89 4.56
N HIS C 156 -23.21 -20.85 4.88
CA HIS C 156 -24.25 -20.58 5.86
C HIS C 156 -24.01 -21.33 7.16
N LEU C 157 -22.76 -21.73 7.40
CA LEU C 157 -22.42 -22.41 8.64
C LEU C 157 -21.40 -21.57 9.39
N VAL C 158 -21.59 -21.35 10.69
CA VAL C 158 -20.55 -20.69 11.45
C VAL C 158 -20.05 -21.66 12.51
N PRO C 159 -18.73 -21.97 12.57
CA PRO C 159 -18.17 -22.78 13.66
C PRO C 159 -18.64 -22.23 15.00
N ILE C 160 -18.84 -23.12 15.99
CA ILE C 160 -19.13 -22.65 17.34
C ILE C 160 -18.19 -23.31 18.34
N GLY C 161 -17.32 -24.19 17.82
CA GLY C 161 -16.34 -24.86 18.67
C GLY C 161 -17.04 -25.61 19.80
N ASP C 162 -16.52 -25.44 21.02
CA ASP C 162 -16.96 -26.20 22.18
C ASP C 162 -18.12 -25.52 22.88
N LEU C 163 -18.75 -24.52 22.24
CA LEU C 163 -19.89 -23.82 22.84
C LEU C 163 -21.05 -24.80 23.02
N ASP C 164 -21.81 -24.63 24.10
CA ASP C 164 -22.94 -25.49 24.35
C ASP C 164 -24.08 -25.17 23.38
N PRO C 165 -24.54 -26.15 22.56
CA PRO C 165 -25.47 -25.85 21.47
C PRO C 165 -26.74 -25.17 21.98
N VAL C 166 -27.11 -25.48 23.23
CA VAL C 166 -28.35 -24.93 23.75
C VAL C 166 -28.20 -23.42 23.92
N ALA C 167 -26.99 -23.00 24.34
CA ALA C 167 -26.68 -21.59 24.55
C ALA C 167 -26.50 -20.89 23.20
N ALA C 168 -26.01 -21.67 22.22
CA ALA C 168 -25.76 -21.22 20.87
C ALA C 168 -27.07 -20.87 20.15
N ALA C 169 -28.08 -21.74 20.21
CA ALA C 169 -29.21 -21.61 19.32
C ALA C 169 -29.83 -20.23 19.39
N PRO C 170 -30.20 -19.70 20.58
CA PRO C 170 -30.80 -18.36 20.63
C PRO C 170 -29.98 -17.29 19.92
N LEU C 171 -28.63 -17.40 19.99
CA LEU C 171 -27.67 -16.50 19.35
C LEU C 171 -27.97 -16.31 17.86
N THR C 172 -28.40 -17.38 17.19
CA THR C 172 -28.67 -17.35 15.76
C THR C 172 -29.76 -16.34 15.38
N ASP C 173 -30.59 -15.92 16.36
CA ASP C 173 -31.68 -14.97 16.14
C ASP C 173 -31.74 -13.94 17.27
N ALA C 174 -32.02 -14.38 18.50
CA ALA C 174 -32.06 -13.46 19.63
C ALA C 174 -30.72 -12.76 19.82
N GLY C 175 -29.62 -13.41 19.39
CA GLY C 175 -28.29 -12.79 19.44
C GLY C 175 -28.05 -11.89 18.23
N LEU C 176 -28.25 -12.46 17.03
CA LEU C 176 -27.85 -11.84 15.78
C LEU C 176 -28.67 -10.58 15.54
N THR C 177 -29.99 -10.67 15.77
CA THR C 177 -30.93 -9.61 15.37
C THR C 177 -30.65 -8.31 16.13
N PRO C 178 -30.57 -8.35 17.49
CA PRO C 178 -30.25 -7.15 18.25
C PRO C 178 -28.86 -6.64 17.86
N TYR C 179 -27.93 -7.60 17.61
CA TYR C 179 -26.56 -7.27 17.29
C TYR C 179 -26.52 -6.42 16.02
N HIS C 180 -27.34 -6.80 15.02
CA HIS C 180 -27.40 -6.06 13.77
C HIS C 180 -27.98 -4.68 14.02
N ALA C 181 -29.09 -4.60 14.74
CA ALA C 181 -29.75 -3.33 14.94
C ALA C 181 -28.78 -2.34 15.59
N ILE C 182 -27.97 -2.85 16.54
CA ILE C 182 -27.07 -2.03 17.33
C ILE C 182 -25.87 -1.64 16.46
N SER C 183 -25.39 -2.60 15.67
CA SER C 183 -24.22 -2.40 14.83
C SER C 183 -24.49 -1.30 13.79
N ARG C 184 -25.76 -1.15 13.38
CA ARG C 184 -26.08 -0.20 12.34
C ARG C 184 -25.73 1.22 12.78
N VAL C 185 -25.53 1.44 14.08
CA VAL C 185 -25.38 2.80 14.59
C VAL C 185 -24.35 2.81 15.71
N LEU C 186 -23.52 1.77 15.76
CA LEU C 186 -22.62 1.63 16.90
C LEU C 186 -21.75 2.87 17.04
N PRO C 187 -21.25 3.46 15.93
CA PRO C 187 -20.45 4.67 16.00
C PRO C 187 -21.08 5.81 16.81
N LEU C 188 -22.40 5.78 17.01
CA LEU C 188 -23.05 6.87 17.74
C LEU C 188 -23.09 6.60 19.23
N LEU C 189 -22.84 5.35 19.63
CA LEU C 189 -23.02 4.99 21.02
C LEU C 189 -21.71 5.07 21.78
N GLY C 190 -20.96 6.19 21.62
CA GLY C 190 -19.71 6.42 22.34
C GLY C 190 -19.94 6.87 23.79
N PRO C 191 -18.90 7.16 24.60
CA PRO C 191 -19.08 7.52 26.02
C PRO C 191 -19.94 8.78 26.17
N GLY C 192 -20.95 8.71 27.04
CA GLY C 192 -21.87 9.82 27.16
C GLY C 192 -23.15 9.62 26.35
N SER C 193 -23.24 8.54 25.57
CA SER C 193 -24.48 8.32 24.84
C SER C 193 -25.43 7.56 25.74
N THR C 194 -26.68 7.39 25.27
CA THR C 194 -27.71 6.67 25.99
C THR C 194 -28.48 5.84 24.97
N ALA C 195 -28.64 4.56 25.28
CA ALA C 195 -29.43 3.64 24.49
C ALA C 195 -30.65 3.29 25.32
N VAL C 196 -31.84 3.34 24.70
CA VAL C 196 -33.05 2.90 25.36
C VAL C 196 -33.48 1.58 24.75
N VAL C 197 -33.68 0.58 25.63
CA VAL C 197 -34.13 -0.73 25.19
C VAL C 197 -35.58 -0.94 25.59
N ILE C 198 -36.47 -0.99 24.60
CA ILE C 198 -37.86 -1.24 24.89
C ILE C 198 -38.14 -2.68 24.51
N GLY C 199 -38.59 -3.46 25.49
CA GLY C 199 -38.94 -4.85 25.24
C GLY C 199 -37.79 -5.73 25.70
N VAL C 200 -37.60 -5.74 27.01
CA VAL C 200 -36.44 -6.30 27.69
C VAL C 200 -36.58 -7.81 27.99
N GLY C 201 -37.44 -8.50 27.23
CA GLY C 201 -37.59 -9.94 27.34
C GLY C 201 -36.57 -10.63 26.43
N GLY C 202 -37.01 -11.64 25.68
CA GLY C 202 -36.14 -12.42 24.80
C GLY C 202 -35.02 -11.60 24.16
N LEU C 203 -35.37 -10.81 23.13
CA LEU C 203 -34.36 -10.15 22.31
C LEU C 203 -33.66 -9.04 23.09
N GLY C 204 -34.42 -8.19 23.77
CA GLY C 204 -33.86 -7.03 24.45
C GLY C 204 -32.90 -7.41 25.58
N HIS C 205 -33.10 -8.61 26.13
CA HIS C 205 -32.23 -9.07 27.22
C HIS C 205 -30.83 -9.30 26.66
N VAL C 206 -30.76 -9.75 25.40
CA VAL C 206 -29.48 -9.99 24.72
C VAL C 206 -28.89 -8.65 24.27
N GLY C 207 -29.76 -7.73 23.82
CA GLY C 207 -29.40 -6.40 23.41
C GLY C 207 -28.67 -5.63 24.51
N ILE C 208 -29.14 -5.76 25.75
CA ILE C 208 -28.55 -5.02 26.86
C ILE C 208 -27.13 -5.51 27.08
N GLN C 209 -26.94 -6.83 27.00
CA GLN C 209 -25.60 -7.40 27.16
C GLN C 209 -24.69 -6.92 26.03
N ILE C 210 -25.20 -6.84 24.79
CA ILE C 210 -24.41 -6.45 23.64
C ILE C 210 -23.86 -5.05 23.82
N LEU C 211 -24.77 -4.13 24.22
CA LEU C 211 -24.51 -2.71 24.40
C LEU C 211 -23.41 -2.47 25.43
N ARG C 212 -23.42 -3.24 26.52
CA ARG C 212 -22.37 -3.16 27.51
C ARG C 212 -21.03 -3.60 26.89
N ALA C 213 -21.08 -4.63 26.06
CA ALA C 213 -19.90 -5.33 25.59
C ALA C 213 -19.23 -4.62 24.42
N VAL C 214 -20.02 -3.98 23.55
CA VAL C 214 -19.46 -3.35 22.36
C VAL C 214 -19.44 -1.82 22.42
N SER C 215 -19.96 -1.22 23.53
CA SER C 215 -20.08 0.22 23.65
C SER C 215 -20.06 0.71 25.11
N ALA C 216 -19.97 2.05 25.25
CA ALA C 216 -19.84 2.67 26.54
C ALA C 216 -21.11 3.42 26.92
N ALA C 217 -22.21 3.14 26.21
CA ALA C 217 -23.50 3.79 26.39
C ALA C 217 -24.09 3.48 27.76
N ARG C 218 -24.88 4.43 28.25
CA ARG C 218 -25.75 4.17 29.37
C ARG C 218 -26.99 3.48 28.82
N VAL C 219 -27.47 2.42 29.48
CA VAL C 219 -28.56 1.64 28.93
C VAL C 219 -29.77 1.82 29.84
N ILE C 220 -30.84 2.37 29.28
CA ILE C 220 -32.09 2.46 30.02
C ILE C 220 -33.00 1.32 29.57
N ALA C 221 -33.57 0.60 30.54
CA ALA C 221 -34.44 -0.52 30.21
C ALA C 221 -35.89 -0.06 30.31
N VAL C 222 -36.72 -0.49 29.37
CA VAL C 222 -38.15 -0.21 29.42
C VAL C 222 -38.93 -1.50 29.21
N ASP C 223 -39.76 -1.87 30.20
CA ASP C 223 -40.68 -2.99 30.05
C ASP C 223 -41.97 -2.74 30.81
N LEU C 224 -42.88 -3.72 30.72
CA LEU C 224 -44.16 -3.71 31.42
C LEU C 224 -44.05 -4.48 32.74
N ASP C 225 -43.45 -5.67 32.72
CA ASP C 225 -43.31 -6.51 33.91
C ASP C 225 -42.21 -5.97 34.82
N ASP C 226 -42.51 -5.89 36.14
CA ASP C 226 -41.58 -5.35 37.14
C ASP C 226 -40.40 -6.31 37.32
N ASP C 227 -40.65 -7.62 37.24
CA ASP C 227 -39.62 -8.63 37.45
C ASP C 227 -38.58 -8.55 36.33
N ARG C 228 -39.06 -8.44 35.10
CA ARG C 228 -38.21 -8.22 33.94
C ARG C 228 -37.74 -6.77 33.88
N LEU C 229 -37.46 -6.18 35.05
CA LEU C 229 -36.94 -4.82 35.09
C LEU C 229 -35.70 -4.82 35.97
N ALA C 230 -35.74 -5.58 37.06
CA ALA C 230 -34.53 -5.81 37.85
C ALA C 230 -33.62 -6.85 37.17
N LEU C 231 -34.17 -7.65 36.24
CA LEU C 231 -33.38 -8.55 35.41
C LEU C 231 -32.20 -7.78 34.78
N ALA C 232 -32.51 -6.61 34.23
CA ALA C 232 -31.64 -5.92 33.31
C ALA C 232 -30.55 -5.21 34.10
N ARG C 233 -30.89 -4.78 35.32
CA ARG C 233 -29.89 -4.16 36.18
C ARG C 233 -28.80 -5.18 36.50
N GLU C 234 -29.20 -6.45 36.47
CA GLU C 234 -28.25 -7.54 36.67
C GLU C 234 -27.43 -7.76 35.41
N VAL C 235 -28.04 -7.54 34.24
CA VAL C 235 -27.34 -7.82 33.01
C VAL C 235 -26.79 -6.54 32.39
N GLY C 236 -26.96 -5.40 33.07
CA GLY C 236 -26.16 -4.23 32.74
C GLY C 236 -26.97 -2.96 32.43
N ALA C 237 -28.27 -2.97 32.69
CA ALA C 237 -29.06 -1.76 32.48
C ALA C 237 -28.90 -0.79 33.65
N ASP C 238 -28.56 0.46 33.36
CA ASP C 238 -28.27 1.45 34.39
C ASP C 238 -29.54 1.91 35.07
N ALA C 239 -30.66 1.90 34.34
CA ALA C 239 -31.95 2.36 34.84
C ALA C 239 -33.06 1.49 34.27
N ALA C 240 -34.19 1.47 34.97
CA ALA C 240 -35.39 0.79 34.50
C ALA C 240 -36.57 1.77 34.56
N VAL C 241 -37.54 1.54 33.68
CA VAL C 241 -38.70 2.40 33.51
C VAL C 241 -39.87 1.53 33.07
N LYS C 242 -41.08 1.87 33.55
CA LYS C 242 -42.24 1.06 33.24
C LYS C 242 -42.83 1.60 31.94
N SER C 243 -43.12 0.70 30.99
CA SER C 243 -43.65 1.19 29.72
C SER C 243 -45.12 1.53 29.90
N GLY C 244 -45.51 2.68 29.33
CA GLY C 244 -46.87 3.17 29.36
C GLY C 244 -46.83 4.67 29.11
N ALA C 245 -47.95 5.35 29.37
CA ALA C 245 -48.05 6.77 29.04
C ALA C 245 -47.03 7.61 29.82
N GLY C 246 -46.48 7.06 30.92
CA GLY C 246 -45.53 7.78 31.76
C GLY C 246 -44.08 7.41 31.46
N ALA C 247 -43.88 6.44 30.56
CA ALA C 247 -42.58 5.98 30.12
C ALA C 247 -41.74 7.12 29.54
N ALA C 248 -42.26 7.82 28.52
CA ALA C 248 -41.56 8.90 27.83
C ALA C 248 -41.01 9.95 28.79
N ASP C 249 -41.83 10.45 29.71
CA ASP C 249 -41.44 11.50 30.64
C ASP C 249 -40.36 11.01 31.61
N ALA C 250 -40.56 9.78 32.12
CA ALA C 250 -39.63 9.11 33.01
C ALA C 250 -38.22 9.11 32.42
N ILE C 251 -38.13 8.66 31.17
CA ILE C 251 -36.88 8.55 30.42
C ILE C 251 -36.18 9.91 30.36
N ARG C 252 -36.94 10.92 29.97
CA ARG C 252 -36.37 12.24 29.75
C ARG C 252 -35.83 12.80 31.06
N GLU C 253 -36.52 12.49 32.16
CA GLU C 253 -36.05 13.03 33.41
C GLU C 253 -34.74 12.36 33.80
N LEU C 254 -34.57 11.09 33.39
CA LEU C 254 -33.34 10.31 33.60
C LEU C 254 -32.17 10.89 32.82
N THR C 255 -32.45 11.55 31.69
CA THR C 255 -31.40 12.01 30.80
C THR C 255 -31.33 13.54 30.80
N GLY C 256 -31.85 14.15 31.87
CA GLY C 256 -31.88 15.60 32.02
C GLY C 256 -32.51 16.25 30.79
N GLY C 257 -33.59 15.63 30.30
CA GLY C 257 -34.36 16.01 29.11
C GLY C 257 -33.51 16.22 27.87
N GLN C 258 -32.41 15.46 27.72
CA GLN C 258 -31.48 15.69 26.61
C GLN C 258 -31.75 14.66 25.49
N GLY C 259 -32.60 13.67 25.79
CA GLY C 259 -33.01 12.67 24.80
C GLY C 259 -31.97 11.56 24.64
N ALA C 260 -32.41 10.46 24.03
CA ALA C 260 -31.63 9.24 23.89
C ALA C 260 -31.00 9.15 22.50
N THR C 261 -29.69 8.87 22.42
CA THR C 261 -29.00 8.70 21.15
C THR C 261 -29.73 7.71 20.26
N ALA C 262 -30.10 6.57 20.84
CA ALA C 262 -30.69 5.54 20.02
C ALA C 262 -31.75 4.81 20.83
N VAL C 263 -32.81 4.38 20.16
CA VAL C 263 -33.87 3.66 20.84
C VAL C 263 -34.10 2.38 20.05
N PHE C 264 -33.84 1.25 20.72
CA PHE C 264 -34.06 -0.05 20.12
C PHE C 264 -35.35 -0.61 20.72
N ASP C 265 -36.40 -0.58 19.90
CA ASP C 265 -37.74 -1.03 20.28
C ASP C 265 -37.92 -2.48 19.83
N PHE C 266 -37.83 -3.38 20.80
CA PHE C 266 -37.93 -4.81 20.52
C PHE C 266 -39.37 -5.26 20.63
N VAL C 267 -40.26 -4.35 21.08
CA VAL C 267 -41.67 -4.68 21.19
C VAL C 267 -42.30 -4.48 19.81
N GLY C 268 -42.28 -3.23 19.35
CA GLY C 268 -42.65 -2.89 18.00
C GLY C 268 -44.14 -2.63 17.87
N ALA C 269 -44.79 -2.39 19.02
CA ALA C 269 -46.18 -1.96 19.08
C ALA C 269 -46.27 -0.45 18.81
N GLN C 270 -47.43 -0.01 18.34
CA GLN C 270 -47.58 1.41 18.00
C GLN C 270 -47.24 2.29 19.20
N SER C 271 -47.63 1.87 20.41
CA SER C 271 -47.45 2.68 21.59
C SER C 271 -45.96 2.86 21.92
N THR C 272 -45.17 1.77 21.84
CA THR C 272 -43.75 1.76 22.14
C THR C 272 -42.99 2.65 21.14
N ILE C 273 -43.32 2.55 19.84
CA ILE C 273 -42.76 3.41 18.81
C ILE C 273 -43.02 4.87 19.17
N ASP C 274 -44.26 5.16 19.63
CA ASP C 274 -44.68 6.50 20.04
C ASP C 274 -43.79 7.02 21.18
N THR C 275 -43.49 6.16 22.16
CA THR C 275 -42.59 6.50 23.26
C THR C 275 -41.20 6.74 22.70
N ALA C 276 -40.82 5.91 21.71
CA ALA C 276 -39.50 6.00 21.10
C ALA C 276 -39.35 7.38 20.45
N GLN C 277 -40.37 7.78 19.68
CA GLN C 277 -40.35 9.06 18.97
C GLN C 277 -40.25 10.23 19.93
N GLN C 278 -40.81 10.08 21.14
CA GLN C 278 -40.83 11.18 22.08
C GLN C 278 -39.53 11.28 22.86
N VAL C 279 -38.66 10.26 22.77
CA VAL C 279 -37.46 10.26 23.60
C VAL C 279 -36.19 10.42 22.76
N VAL C 280 -36.26 10.23 21.44
CA VAL C 280 -35.05 10.13 20.63
C VAL C 280 -34.38 11.50 20.63
N ALA C 281 -33.04 11.50 20.61
CA ALA C 281 -32.23 12.72 20.54
C ALA C 281 -32.25 13.27 19.12
N VAL C 282 -31.91 14.55 18.99
CA VAL C 282 -31.74 15.14 17.68
C VAL C 282 -30.50 14.50 17.05
N ASP C 283 -30.66 13.98 15.83
CA ASP C 283 -29.62 13.27 15.11
C ASP C 283 -29.45 11.91 15.80
N GLY C 284 -30.53 11.41 16.35
CA GLY C 284 -30.51 10.10 16.99
C GLY C 284 -30.90 9.01 16.00
N HIS C 285 -31.41 7.90 16.56
CA HIS C 285 -31.81 6.76 15.75
C HIS C 285 -32.86 5.97 16.50
N ILE C 286 -33.84 5.43 15.74
CA ILE C 286 -34.83 4.48 16.24
C ILE C 286 -34.75 3.19 15.43
N SER C 287 -34.66 2.04 16.13
CA SER C 287 -34.60 0.75 15.47
C SER C 287 -35.84 -0.04 15.86
N VAL C 288 -36.73 -0.26 14.88
CA VAL C 288 -37.99 -0.94 15.13
C VAL C 288 -37.78 -2.43 14.89
N VAL C 289 -37.52 -3.16 15.98
CA VAL C 289 -37.01 -4.52 15.87
C VAL C 289 -38.16 -5.51 15.94
N GLY C 290 -39.05 -5.36 16.94
CA GLY C 290 -40.22 -6.23 17.06
C GLY C 290 -41.31 -5.88 16.05
N ILE C 291 -42.11 -6.88 15.66
CA ILE C 291 -43.17 -6.69 14.70
C ILE C 291 -44.54 -6.69 15.40
N HIS C 292 -45.34 -5.64 15.18
CA HIS C 292 -46.78 -5.71 15.39
C HIS C 292 -47.48 -5.18 14.15
N ALA C 293 -48.28 -6.06 13.51
CA ALA C 293 -48.81 -5.80 12.18
C ALA C 293 -49.43 -4.41 12.15
N GLY C 294 -48.96 -3.57 11.23
CA GLY C 294 -49.54 -2.26 11.03
C GLY C 294 -48.82 -1.15 11.78
N ALA C 295 -48.35 -1.41 13.00
CA ALA C 295 -47.67 -0.39 13.79
C ALA C 295 -46.47 0.15 13.00
N HIS C 296 -46.15 1.43 13.19
CA HIS C 296 -45.11 2.05 12.38
C HIS C 296 -44.68 3.39 12.95
N ALA C 297 -43.43 3.77 12.71
CA ALA C 297 -42.95 5.09 13.08
C ALA C 297 -43.42 6.10 12.05
N LYS C 298 -43.61 7.34 12.50
CA LYS C 298 -44.15 8.40 11.66
C LYS C 298 -43.06 9.45 11.50
N VAL C 299 -42.37 9.37 10.36
CA VAL C 299 -41.17 10.16 10.15
C VAL C 299 -41.54 11.37 9.28
N GLY C 300 -41.45 12.56 9.87
CA GLY C 300 -41.91 13.78 9.23
C GLY C 300 -41.73 15.00 10.14
N PHE C 301 -41.57 16.17 9.50
CA PHE C 301 -41.18 17.38 10.22
C PHE C 301 -42.11 17.62 11.40
N PHE C 302 -41.50 17.85 12.57
CA PHE C 302 -42.21 18.18 13.79
C PHE C 302 -42.97 16.97 14.33
N MET C 303 -42.76 15.78 13.75
CA MET C 303 -43.32 14.58 14.36
C MET C 303 -42.20 13.66 14.85
N ILE C 304 -40.95 14.02 14.53
CA ILE C 304 -39.77 13.33 15.03
C ILE C 304 -38.63 14.34 14.98
N PRO C 305 -37.69 14.33 15.96
CA PRO C 305 -36.57 15.25 15.93
C PRO C 305 -35.79 15.27 14.61
N PHE C 306 -35.14 16.39 14.31
CA PHE C 306 -34.36 16.52 13.10
C PHE C 306 -33.19 15.55 13.13
N GLY C 307 -32.99 14.82 12.04
CA GLY C 307 -31.79 13.99 11.94
C GLY C 307 -31.96 12.64 12.62
N ALA C 308 -33.08 12.45 13.34
CA ALA C 308 -33.38 11.15 13.92
C ALA C 308 -33.87 10.22 12.81
N SER C 309 -33.16 9.11 12.65
CA SER C 309 -33.41 8.17 11.56
C SER C 309 -34.13 6.93 12.09
N VAL C 310 -34.97 6.35 11.25
CA VAL C 310 -35.72 5.18 11.66
C VAL C 310 -35.52 4.08 10.64
N VAL C 311 -35.49 2.82 11.11
CA VAL C 311 -35.35 1.68 10.21
C VAL C 311 -35.96 0.44 10.86
N THR C 312 -36.46 -0.46 10.01
CA THR C 312 -36.76 -1.81 10.47
C THR C 312 -35.63 -2.73 10.01
N PRO C 313 -34.67 -3.10 10.89
CA PRO C 313 -33.54 -3.92 10.48
C PRO C 313 -34.01 -5.35 10.28
N TYR C 314 -33.32 -6.11 9.41
CA TYR C 314 -33.65 -7.52 9.20
C TYR C 314 -32.46 -8.38 9.60
N TRP C 315 -32.69 -9.18 10.66
CA TRP C 315 -31.77 -10.21 11.12
C TRP C 315 -30.36 -9.64 11.24
N GLY C 316 -29.37 -10.28 10.61
CA GLY C 316 -27.97 -9.86 10.74
C GLY C 316 -27.11 -10.40 9.60
N THR C 317 -25.86 -9.94 9.52
CA THR C 317 -24.94 -10.40 8.48
C THR C 317 -24.14 -11.60 8.98
N ARG C 318 -23.48 -12.33 8.06
CA ARG C 318 -22.71 -13.50 8.45
C ARG C 318 -21.59 -13.08 9.40
N SER C 319 -20.88 -12.00 9.03
CA SER C 319 -19.79 -11.45 9.83
C SER C 319 -20.27 -11.19 11.24
N GLU C 320 -21.42 -10.51 11.36
CA GLU C 320 -22.08 -10.27 12.63
C GLU C 320 -22.28 -11.57 13.41
N LEU C 321 -22.91 -12.57 12.78
CA LEU C 321 -23.15 -13.84 13.46
C LEU C 321 -21.87 -14.32 14.13
N MET C 322 -20.73 -14.20 13.42
CA MET C 322 -19.47 -14.70 13.93
C MET C 322 -19.09 -13.94 15.19
N GLU C 323 -19.29 -12.63 15.16
CA GLU C 323 -18.99 -11.77 16.30
C GLU C 323 -19.93 -12.10 17.47
N VAL C 324 -21.17 -12.50 17.18
CA VAL C 324 -22.08 -12.92 18.24
C VAL C 324 -21.50 -14.13 18.97
N VAL C 325 -20.98 -15.08 18.19
CA VAL C 325 -20.39 -16.31 18.66
C VAL C 325 -19.15 -15.97 19.49
N ALA C 326 -18.32 -15.07 18.95
CA ALA C 326 -17.18 -14.57 19.70
C ALA C 326 -17.62 -14.12 21.08
N LEU C 327 -18.67 -13.29 21.13
CA LEU C 327 -19.12 -12.71 22.38
C LEU C 327 -19.52 -13.81 23.34
N ALA C 328 -20.21 -14.84 22.84
CA ALA C 328 -20.70 -15.91 23.71
C ALA C 328 -19.50 -16.71 24.21
N ARG C 329 -18.60 -17.04 23.30
CA ARG C 329 -17.49 -17.85 23.72
C ARG C 329 -16.70 -17.10 24.79
N ALA C 330 -16.83 -15.77 24.83
CA ALA C 330 -16.12 -14.94 25.78
C ALA C 330 -16.93 -14.76 27.06
N GLY C 331 -18.18 -15.24 27.07
CA GLY C 331 -18.98 -15.22 28.27
C GLY C 331 -19.61 -13.84 28.46
N ARG C 332 -19.67 -13.06 27.38
CA ARG C 332 -20.34 -11.78 27.43
C ARG C 332 -21.81 -11.89 27.06
N LEU C 333 -22.32 -13.09 26.74
CA LEU C 333 -23.73 -13.23 26.38
C LEU C 333 -24.36 -14.39 27.12
N ASP C 334 -25.20 -14.07 28.12
CA ASP C 334 -25.77 -15.07 28.99
C ASP C 334 -27.28 -15.07 28.74
N ILE C 335 -27.75 -16.02 27.94
CA ILE C 335 -29.17 -16.08 27.67
C ILE C 335 -29.76 -17.30 28.38
N HIS C 336 -30.86 -17.11 29.12
CA HIS C 336 -31.47 -18.23 29.85
C HIS C 336 -32.29 -19.07 28.89
N THR C 337 -32.21 -20.40 29.06
CA THR C 337 -32.85 -21.32 28.15
C THR C 337 -33.68 -22.32 28.95
N GLU C 338 -34.81 -22.74 28.35
CA GLU C 338 -35.57 -23.90 28.80
C GLU C 338 -35.54 -24.96 27.72
N THR C 339 -35.16 -26.18 28.12
CA THR C 339 -34.95 -27.32 27.25
C THR C 339 -36.24 -28.13 27.09
N PHE C 340 -36.57 -28.43 25.84
CA PHE C 340 -37.63 -29.37 25.52
C PHE C 340 -37.09 -30.52 24.69
N THR C 341 -37.81 -31.64 24.70
CA THR C 341 -37.48 -32.75 23.82
C THR C 341 -38.10 -32.51 22.45
N LEU C 342 -37.67 -33.30 21.45
CA LEU C 342 -38.22 -33.14 20.12
C LEU C 342 -39.71 -33.42 20.18
N ASP C 343 -40.06 -34.41 21.00
CA ASP C 343 -41.46 -34.77 21.19
C ASP C 343 -42.23 -33.58 21.77
N GLU C 344 -41.59 -32.80 22.63
CA GLU C 344 -42.25 -31.70 23.32
C GLU C 344 -42.41 -30.48 22.42
N GLY C 345 -41.90 -30.54 21.19
CA GLY C 345 -41.94 -29.38 20.31
C GLY C 345 -43.30 -28.69 20.34
N PRO C 346 -44.38 -29.41 19.91
CA PRO C 346 -45.73 -28.86 19.88
C PRO C 346 -46.08 -28.23 21.22
N ALA C 347 -45.77 -28.96 22.31
CA ALA C 347 -46.01 -28.49 23.66
C ALA C 347 -45.37 -27.12 23.84
N ALA C 348 -44.07 -27.05 23.53
CA ALA C 348 -43.33 -25.81 23.64
C ALA C 348 -44.09 -24.67 22.96
N TYR C 349 -44.52 -24.90 21.71
CA TYR C 349 -45.24 -23.89 20.97
C TYR C 349 -46.41 -23.31 21.76
N ARG C 350 -47.04 -24.16 22.60
CA ARG C 350 -48.15 -23.71 23.43
C ARG C 350 -47.64 -22.84 24.59
N ARG C 351 -46.53 -23.24 25.21
CA ARG C 351 -45.95 -22.47 26.30
C ARG C 351 -45.53 -21.09 25.82
N LEU C 352 -45.02 -21.01 24.59
CA LEU C 352 -44.56 -19.75 24.03
C LEU C 352 -45.75 -18.84 23.79
N ARG C 353 -46.84 -19.43 23.27
CA ARG C 353 -48.08 -18.76 22.95
C ARG C 353 -48.67 -18.10 24.21
N GLU C 354 -48.48 -18.74 25.37
CA GLU C 354 -48.95 -18.15 26.62
C GLU C 354 -47.81 -17.44 27.36
N GLY C 355 -46.69 -17.17 26.66
CA GLY C 355 -45.54 -16.44 27.19
C GLY C 355 -45.02 -16.98 28.52
N SER C 356 -45.00 -18.31 28.68
CA SER C 356 -44.71 -19.02 29.93
C SER C 356 -43.32 -19.65 29.91
N ILE C 357 -42.45 -19.08 29.07
CA ILE C 357 -41.05 -19.49 29.05
C ILE C 357 -40.23 -18.30 29.52
N ARG C 358 -39.25 -18.55 30.39
CA ARG C 358 -38.28 -17.51 30.72
C ARG C 358 -37.18 -17.51 29.67
N GLY C 359 -37.00 -16.37 28.98
CA GLY C 359 -35.96 -16.27 27.98
C GLY C 359 -36.30 -17.05 26.70
N ARG C 360 -35.41 -17.97 26.30
CA ARG C 360 -35.60 -18.70 25.05
C ARG C 360 -35.89 -20.18 25.32
N GLY C 361 -36.83 -20.73 24.54
CA GLY C 361 -37.12 -22.14 24.58
C GLY C 361 -36.30 -22.87 23.53
N VAL C 362 -35.60 -23.92 23.93
CA VAL C 362 -34.74 -24.60 22.99
C VAL C 362 -35.13 -26.07 22.96
N VAL C 363 -35.26 -26.63 21.74
CA VAL C 363 -35.58 -28.03 21.54
C VAL C 363 -34.29 -28.79 21.29
N VAL C 364 -34.05 -29.86 22.07
CA VAL C 364 -32.89 -30.72 21.93
C VAL C 364 -33.28 -32.09 21.37
N PRO C 365 -33.11 -32.37 20.06
CA PRO C 365 -33.38 -33.70 19.50
C PRO C 365 -32.35 -34.73 19.93
N VAL D 15 -19.20 -24.54 -23.90
CA VAL D 15 -18.39 -25.02 -25.05
C VAL D 15 -17.21 -25.88 -24.54
N PRO D 16 -17.39 -26.96 -23.71
CA PRO D 16 -16.24 -27.77 -23.27
C PRO D 16 -15.46 -28.51 -24.37
N ARG D 17 -16.13 -28.75 -25.52
CA ARG D 17 -15.72 -29.57 -26.68
C ARG D 17 -14.26 -29.34 -27.05
N GLY D 18 -13.47 -30.40 -27.05
CA GLY D 18 -12.06 -30.22 -27.29
C GLY D 18 -11.27 -31.44 -26.84
N SER D 19 -11.37 -31.80 -25.56
CA SER D 19 -10.52 -32.88 -25.05
C SER D 19 -9.08 -32.40 -24.86
N HIS D 20 -8.61 -31.55 -25.79
CA HIS D 20 -7.30 -30.94 -25.70
C HIS D 20 -7.42 -29.47 -26.04
N MET D 21 -6.60 -28.65 -25.36
CA MET D 21 -6.69 -27.20 -25.44
C MET D 21 -5.31 -26.57 -25.51
N LYS D 22 -5.26 -25.36 -26.07
CA LYS D 22 -4.03 -24.57 -26.14
C LYS D 22 -3.90 -23.71 -24.87
N ALA D 23 -2.65 -23.42 -24.44
CA ALA D 23 -2.36 -22.62 -23.25
C ALA D 23 -0.92 -22.11 -23.31
N VAL D 24 -0.62 -21.08 -22.52
CA VAL D 24 0.76 -20.61 -22.39
C VAL D 24 1.21 -20.90 -20.97
N GLN D 25 2.29 -21.67 -20.84
CA GLN D 25 2.74 -22.08 -19.52
C GLN D 25 4.17 -21.61 -19.24
N TYR D 26 4.42 -21.22 -17.99
CA TYR D 26 5.76 -21.09 -17.42
C TYR D 26 6.17 -22.49 -16.97
N THR D 27 7.20 -23.05 -17.63
CA THR D 27 7.53 -24.46 -17.47
C THR D 27 8.85 -24.63 -16.72
N GLU D 28 9.76 -23.66 -16.83
CA GLU D 28 11.07 -23.80 -16.22
C GLU D 28 11.49 -22.45 -15.63
N ILE D 29 12.06 -22.48 -14.41
CA ILE D 29 12.45 -21.24 -13.76
C ILE D 29 13.41 -20.49 -14.68
N GLY D 30 13.22 -19.17 -14.82
CA GLY D 30 14.11 -18.32 -15.58
C GLY D 30 13.97 -18.47 -17.10
N SER D 31 13.16 -19.42 -17.57
CA SER D 31 12.87 -19.66 -18.99
C SER D 31 11.77 -18.71 -19.46
N GLU D 32 11.64 -18.58 -20.78
CA GLU D 32 10.53 -17.83 -21.34
C GLU D 32 9.30 -18.73 -21.36
N PRO D 33 8.08 -18.16 -21.37
CA PRO D 33 6.86 -18.97 -21.36
C PRO D 33 6.70 -19.65 -22.71
N VAL D 34 5.96 -20.74 -22.72
CA VAL D 34 5.83 -21.46 -23.96
C VAL D 34 4.38 -21.93 -24.16
N VAL D 35 3.98 -22.04 -25.44
CA VAL D 35 2.66 -22.57 -25.75
C VAL D 35 2.72 -24.08 -25.53
N VAL D 36 1.58 -24.67 -25.13
CA VAL D 36 1.50 -26.11 -24.93
C VAL D 36 0.12 -26.61 -25.35
N ASP D 37 0.02 -27.93 -25.45
CA ASP D 37 -1.25 -28.60 -25.70
C ASP D 37 -1.49 -29.48 -24.48
N ILE D 38 -2.34 -29.00 -23.55
CA ILE D 38 -2.66 -29.73 -22.32
C ILE D 38 -4.12 -30.19 -22.37
N PRO D 39 -4.54 -31.15 -21.51
CA PRO D 39 -5.93 -31.62 -21.46
C PRO D 39 -6.97 -30.54 -21.14
N THR D 40 -8.16 -30.62 -21.76
CA THR D 40 -9.23 -29.68 -21.45
C THR D 40 -9.81 -30.06 -20.09
N PRO D 41 -9.72 -29.17 -19.07
CA PRO D 41 -10.24 -29.51 -17.73
C PRO D 41 -11.75 -29.77 -17.68
N THR D 42 -12.15 -30.51 -16.64
CA THR D 42 -13.56 -30.82 -16.53
C THR D 42 -14.07 -30.30 -15.16
N PRO D 43 -15.17 -29.50 -15.10
CA PRO D 43 -15.56 -28.82 -13.86
C PRO D 43 -16.09 -29.83 -12.85
N GLY D 44 -15.47 -29.86 -11.68
CA GLY D 44 -15.92 -30.73 -10.61
C GLY D 44 -17.18 -30.17 -9.96
N PRO D 45 -17.56 -30.70 -8.78
CA PRO D 45 -18.71 -30.16 -8.06
C PRO D 45 -18.33 -28.79 -7.52
N GLY D 46 -19.20 -27.80 -7.76
CA GLY D 46 -18.97 -26.46 -7.25
C GLY D 46 -18.14 -25.57 -8.19
N GLU D 47 -17.59 -26.14 -9.28
CA GLU D 47 -16.68 -25.37 -10.11
C GLU D 47 -17.38 -24.98 -11.39
N ILE D 48 -16.79 -24.04 -12.14
CA ILE D 48 -17.34 -23.65 -13.42
C ILE D 48 -16.19 -23.64 -14.41
N LEU D 49 -16.50 -24.07 -15.62
CA LEU D 49 -15.53 -24.13 -16.69
C LEU D 49 -15.87 -23.02 -17.66
N LEU D 50 -14.90 -22.14 -17.89
CA LEU D 50 -15.15 -21.00 -18.74
C LEU D 50 -14.48 -21.21 -20.09
N LYS D 51 -15.11 -20.72 -21.15
CA LYS D 51 -14.40 -20.55 -22.40
C LYS D 51 -13.87 -19.13 -22.39
N VAL D 52 -12.55 -18.97 -22.50
CA VAL D 52 -11.88 -17.70 -22.26
C VAL D 52 -12.08 -16.81 -23.47
N THR D 53 -12.50 -15.56 -23.24
CA THR D 53 -12.66 -14.61 -24.33
C THR D 53 -11.53 -13.58 -24.34
N ALA D 54 -10.94 -13.26 -23.17
CA ALA D 54 -9.76 -12.39 -23.10
C ALA D 54 -8.92 -12.75 -21.89
N ALA D 55 -7.59 -12.63 -22.05
CA ALA D 55 -6.62 -12.90 -21.01
C ALA D 55 -5.58 -11.80 -21.04
N GLY D 56 -5.35 -11.16 -19.89
CA GLY D 56 -4.50 -9.98 -19.84
C GLY D 56 -3.08 -10.33 -19.41
N LEU D 57 -2.09 -9.70 -20.07
CA LEU D 57 -0.73 -9.57 -19.57
C LEU D 57 -0.66 -8.46 -18.54
N CYS D 58 0.44 -8.48 -17.77
CA CYS D 58 0.71 -7.50 -16.74
C CYS D 58 2.18 -7.54 -16.32
N HIS D 59 2.69 -6.38 -15.88
CA HIS D 59 4.07 -6.33 -15.41
C HIS D 59 4.25 -7.28 -14.22
N SER D 60 3.14 -7.68 -13.56
CA SER D 60 3.22 -8.57 -12.42
C SER D 60 3.68 -9.94 -12.90
N ASP D 61 3.38 -10.24 -14.17
CA ASP D 61 3.63 -11.57 -14.68
C ASP D 61 5.13 -11.76 -14.83
N ILE D 62 5.83 -10.69 -15.26
CA ILE D 62 7.27 -10.80 -15.43
C ILE D 62 7.90 -10.93 -14.04
N PHE D 63 7.30 -10.24 -13.06
CA PHE D 63 7.80 -10.25 -11.69
C PHE D 63 7.97 -11.70 -11.24
N VAL D 64 6.92 -12.49 -11.36
CA VAL D 64 6.97 -13.85 -10.84
C VAL D 64 7.92 -14.71 -11.69
N MET D 65 7.99 -14.44 -13.00
CA MET D 65 8.86 -15.25 -13.84
C MET D 65 10.33 -14.87 -13.68
N ASP D 66 10.56 -13.71 -13.04
CA ASP D 66 11.87 -13.20 -12.66
C ASP D 66 12.26 -13.64 -11.25
N MET D 67 11.49 -14.52 -10.62
CA MET D 67 11.84 -15.04 -9.31
C MET D 67 12.95 -16.09 -9.54
N PRO D 68 14.07 -16.04 -8.77
CA PRO D 68 15.20 -16.96 -8.98
C PRO D 68 14.92 -18.41 -8.60
N ALA D 69 15.80 -19.33 -9.05
CA ALA D 69 15.57 -20.74 -8.83
C ALA D 69 15.83 -21.11 -7.36
N ALA D 70 16.74 -20.36 -6.70
CA ALA D 70 17.04 -20.47 -5.28
C ALA D 70 15.74 -20.42 -4.44
N GLN D 71 14.90 -19.40 -4.68
CA GLN D 71 13.74 -19.14 -3.85
C GLN D 71 12.52 -19.91 -4.35
N TYR D 72 12.74 -20.94 -5.18
CA TYR D 72 11.63 -21.66 -5.81
C TYR D 72 11.34 -22.96 -5.05
N ALA D 73 10.05 -23.16 -4.66
CA ALA D 73 9.61 -24.37 -3.97
C ALA D 73 8.78 -25.28 -4.88
N TYR D 74 7.66 -24.78 -5.41
CA TYR D 74 6.70 -25.53 -6.19
C TYR D 74 5.87 -24.57 -7.06
N GLY D 75 5.15 -25.09 -8.06
CA GLY D 75 4.31 -24.24 -8.89
C GLY D 75 4.16 -24.79 -10.31
N LEU D 76 5.29 -25.13 -10.93
CA LEU D 76 5.39 -25.40 -12.37
C LEU D 76 4.85 -26.80 -12.68
N PRO D 77 4.15 -27.01 -13.83
CA PRO D 77 3.86 -25.96 -14.82
C PRO D 77 2.72 -25.01 -14.41
N LEU D 78 2.70 -23.79 -14.98
CA LEU D 78 1.74 -22.76 -14.61
C LEU D 78 1.15 -22.06 -15.85
N THR D 79 -0.15 -22.26 -16.08
CA THR D 79 -0.90 -21.52 -17.09
C THR D 79 -1.02 -20.08 -16.58
N LEU D 80 -0.49 -19.13 -17.36
CA LEU D 80 -0.40 -17.78 -16.86
C LEU D 80 -1.71 -17.02 -17.07
N GLY D 81 -1.85 -15.87 -16.39
CA GLY D 81 -2.84 -14.88 -16.77
C GLY D 81 -3.91 -14.72 -15.70
N HIS D 82 -3.71 -13.72 -14.85
CA HIS D 82 -4.58 -13.46 -13.70
C HIS D 82 -5.77 -12.58 -14.09
N GLU D 83 -5.69 -11.96 -15.29
CA GLU D 83 -6.72 -11.06 -15.75
C GLU D 83 -7.65 -11.81 -16.71
N GLY D 84 -8.67 -12.50 -16.18
CA GLY D 84 -9.46 -13.42 -16.98
C GLY D 84 -10.90 -12.99 -17.23
N VAL D 85 -11.32 -13.12 -18.51
CA VAL D 85 -12.69 -12.90 -18.95
C VAL D 85 -13.09 -14.06 -19.88
N GLY D 86 -14.33 -14.54 -19.69
CA GLY D 86 -14.89 -15.52 -20.59
C GLY D 86 -16.41 -15.64 -20.49
N THR D 87 -16.94 -16.71 -21.10
CA THR D 87 -18.35 -17.05 -21.03
C THR D 87 -18.48 -18.44 -20.39
N VAL D 88 -19.64 -18.71 -19.79
CA VAL D 88 -19.86 -19.98 -19.09
C VAL D 88 -20.01 -21.12 -20.09
N ALA D 89 -19.14 -22.13 -19.92
CA ALA D 89 -19.08 -23.24 -20.88
C ALA D 89 -19.82 -24.45 -20.32
N GLU D 90 -19.48 -24.87 -19.11
CA GLU D 90 -20.17 -25.97 -18.45
C GLU D 90 -20.18 -25.76 -16.93
N LEU D 91 -21.36 -25.97 -16.33
CA LEU D 91 -21.53 -25.79 -14.89
C LEU D 91 -21.19 -27.07 -14.14
N GLY D 92 -20.49 -26.95 -13.01
CA GLY D 92 -20.22 -28.09 -12.16
C GLY D 92 -21.48 -28.58 -11.45
N GLU D 93 -21.36 -29.70 -10.76
CA GLU D 93 -22.47 -30.19 -9.96
C GLU D 93 -22.92 -29.10 -8.97
N GLY D 94 -24.24 -28.91 -8.86
CA GLY D 94 -24.80 -28.13 -7.77
C GLY D 94 -24.67 -26.61 -7.99
N VAL D 95 -23.94 -26.25 -9.05
CA VAL D 95 -23.70 -24.85 -9.39
C VAL D 95 -24.94 -24.28 -10.04
N THR D 96 -25.44 -23.20 -9.45
CA THR D 96 -26.49 -22.38 -10.02
C THR D 96 -26.07 -20.92 -9.86
N GLY D 97 -26.85 -20.02 -10.48
CA GLY D 97 -26.53 -18.62 -10.38
C GLY D 97 -25.80 -18.13 -11.63
N PHE D 98 -25.53 -19.06 -12.57
CA PHE D 98 -25.00 -18.76 -13.90
C PHE D 98 -25.62 -19.68 -14.95
N GLY D 99 -25.76 -19.16 -16.18
CA GLY D 99 -26.25 -19.94 -17.30
C GLY D 99 -25.16 -20.07 -18.36
N VAL D 100 -25.18 -21.18 -19.11
CA VAL D 100 -24.20 -21.38 -20.16
C VAL D 100 -24.30 -20.18 -21.10
N GLY D 101 -23.16 -19.52 -21.37
CA GLY D 101 -23.17 -18.38 -22.28
C GLY D 101 -22.97 -17.02 -21.60
N ASP D 102 -23.36 -16.87 -20.31
CA ASP D 102 -23.14 -15.67 -19.49
C ASP D 102 -21.68 -15.21 -19.52
N ALA D 103 -21.49 -13.93 -19.88
CA ALA D 103 -20.17 -13.31 -19.91
C ALA D 103 -19.74 -12.95 -18.48
N VAL D 104 -18.62 -13.52 -18.00
CA VAL D 104 -18.17 -13.27 -16.63
C VAL D 104 -16.70 -12.81 -16.60
N ALA D 105 -16.34 -12.03 -15.57
CA ALA D 105 -14.95 -11.69 -15.33
C ALA D 105 -14.52 -12.52 -14.14
N VAL D 106 -13.25 -12.95 -14.13
CA VAL D 106 -12.78 -13.83 -13.07
C VAL D 106 -12.12 -12.96 -12.02
N TYR D 107 -12.74 -12.86 -10.84
CA TYR D 107 -12.15 -12.14 -9.72
C TYR D 107 -10.87 -12.85 -9.27
N GLY D 108 -9.76 -12.12 -9.24
CA GLY D 108 -8.44 -12.70 -9.04
C GLY D 108 -8.12 -13.23 -7.64
N PRO D 109 -8.26 -12.42 -6.55
CA PRO D 109 -7.78 -12.80 -5.21
C PRO D 109 -8.59 -13.80 -4.39
N TRP D 110 -8.50 -15.09 -4.75
CA TRP D 110 -9.31 -16.13 -4.15
C TRP D 110 -9.05 -16.22 -2.65
N GLY D 111 -10.11 -16.56 -1.92
CA GLY D 111 -10.06 -16.66 -0.47
C GLY D 111 -10.88 -17.85 0.02
N CYS D 112 -10.73 -18.12 1.31
CA CYS D 112 -11.32 -19.29 1.94
C CYS D 112 -12.84 -19.19 1.95
N GLY D 113 -13.42 -17.99 1.91
CA GLY D 113 -14.87 -17.85 1.95
C GLY D 113 -15.46 -17.95 3.37
N ALA D 114 -14.66 -18.38 4.35
CA ALA D 114 -15.22 -18.71 5.65
C ALA D 114 -14.69 -17.89 6.82
N CYS D 115 -13.59 -17.14 6.66
CA CYS D 115 -13.05 -16.32 7.74
C CYS D 115 -13.79 -14.99 7.79
N HIS D 116 -13.48 -14.16 8.80
CA HIS D 116 -14.19 -12.91 9.04
C HIS D 116 -14.08 -11.97 7.83
N ALA D 117 -12.87 -11.94 7.23
CA ALA D 117 -12.59 -11.02 6.14
C ALA D 117 -13.42 -11.41 4.92
N CYS D 118 -13.40 -12.70 4.57
CA CYS D 118 -14.14 -13.15 3.41
C CYS D 118 -15.63 -12.93 3.62
N ALA D 119 -16.09 -12.93 4.88
CA ALA D 119 -17.51 -12.80 5.14
C ALA D 119 -17.95 -11.34 5.07
N ARG D 120 -16.99 -10.42 4.82
CA ARG D 120 -17.25 -9.00 4.65
C ARG D 120 -16.93 -8.53 3.23
N GLY D 121 -16.63 -9.47 2.32
CA GLY D 121 -16.48 -9.11 0.93
C GLY D 121 -14.99 -8.99 0.58
N ARG D 122 -14.21 -8.68 1.63
CA ARG D 122 -12.79 -8.36 1.57
C ARG D 122 -11.92 -9.62 1.51
N GLU D 123 -12.10 -10.40 0.43
CA GLU D 123 -11.50 -11.73 0.30
C GLU D 123 -10.04 -11.61 -0.14
N ASN D 124 -9.65 -10.41 -0.56
CA ASN D 124 -8.27 -10.16 -0.90
C ASN D 124 -7.46 -10.09 0.37
N TYR D 125 -8.15 -10.05 1.51
CA TYR D 125 -7.46 -9.91 2.79
C TYR D 125 -7.77 -11.09 3.70
N CYS D 126 -8.04 -12.23 3.06
CA CYS D 126 -8.35 -13.51 3.67
C CYS D 126 -7.21 -13.94 4.56
N THR D 127 -7.51 -14.18 5.83
CA THR D 127 -6.49 -14.59 6.76
C THR D 127 -6.21 -16.10 6.68
N ARG D 128 -6.64 -16.78 5.62
CA ARG D 128 -6.55 -18.23 5.59
C ARG D 128 -5.97 -18.71 4.26
N ALA D 129 -6.11 -17.92 3.20
CA ALA D 129 -5.68 -18.33 1.88
C ALA D 129 -4.23 -18.83 1.90
N ALA D 130 -3.39 -18.12 2.66
CA ALA D 130 -1.99 -18.45 2.86
C ALA D 130 -1.86 -19.90 3.36
N ASP D 131 -2.30 -20.17 4.58
CA ASP D 131 -2.15 -21.51 5.13
C ASP D 131 -2.82 -22.57 4.28
N LEU D 132 -3.99 -22.29 3.68
CA LEU D 132 -4.67 -23.31 2.90
C LEU D 132 -4.16 -23.34 1.45
N GLY D 133 -3.10 -22.58 1.16
CA GLY D 133 -2.52 -22.57 -0.16
C GLY D 133 -3.57 -22.29 -1.26
N ILE D 134 -4.49 -21.35 -0.99
CA ILE D 134 -5.38 -20.84 -2.02
C ILE D 134 -4.65 -19.73 -2.74
N THR D 135 -4.37 -19.94 -4.03
CA THR D 135 -3.63 -19.04 -4.89
C THR D 135 -4.58 -18.47 -5.94
N PRO D 136 -4.27 -17.31 -6.55
CA PRO D 136 -5.13 -16.74 -7.59
C PRO D 136 -4.92 -17.39 -8.95
N PRO D 137 -5.86 -17.28 -9.91
CA PRO D 137 -5.66 -17.87 -11.23
C PRO D 137 -4.45 -17.18 -11.87
N GLY D 138 -3.52 -17.98 -12.41
CA GLY D 138 -2.36 -17.49 -13.15
C GLY D 138 -1.21 -17.01 -12.24
N LEU D 139 -1.31 -17.35 -10.94
CA LEU D 139 -0.29 -17.01 -9.95
C LEU D 139 -0.24 -18.13 -8.90
N GLY D 140 -0.43 -19.38 -9.35
CA GLY D 140 -0.37 -20.56 -8.49
C GLY D 140 -1.53 -21.49 -8.78
N SER D 141 -2.61 -20.96 -9.38
CA SER D 141 -3.70 -21.74 -9.93
C SER D 141 -3.61 -21.65 -11.45
N PRO D 142 -4.21 -22.61 -12.21
CA PRO D 142 -4.26 -22.50 -13.66
C PRO D 142 -4.89 -21.15 -14.06
N GLY D 143 -4.25 -20.46 -15.02
CA GLY D 143 -4.60 -19.10 -15.38
C GLY D 143 -5.59 -19.01 -16.55
N SER D 144 -5.76 -17.77 -17.07
CA SER D 144 -6.76 -17.38 -18.06
C SER D 144 -6.22 -17.56 -19.47
N MET D 145 -4.88 -17.68 -19.59
CA MET D 145 -4.22 -17.67 -20.89
C MET D 145 -4.26 -19.09 -21.47
N ALA D 146 -5.44 -19.43 -21.98
CA ALA D 146 -5.74 -20.77 -22.44
C ALA D 146 -7.13 -20.69 -23.05
N GLU D 147 -7.52 -21.74 -23.78
CA GLU D 147 -8.81 -21.76 -24.49
C GLU D 147 -9.93 -21.89 -23.47
N TYR D 148 -9.65 -22.58 -22.35
CA TYR D 148 -10.64 -22.80 -21.32
C TYR D 148 -10.01 -22.65 -19.95
N MET D 149 -10.87 -22.50 -18.93
CA MET D 149 -10.37 -22.20 -17.61
C MET D 149 -11.35 -22.76 -16.60
N ILE D 150 -10.81 -23.11 -15.43
CA ILE D 150 -11.65 -23.50 -14.30
C ILE D 150 -11.69 -22.35 -13.30
N VAL D 151 -12.88 -22.12 -12.74
CA VAL D 151 -12.99 -21.23 -11.60
C VAL D 151 -13.64 -22.02 -10.46
N ASP D 152 -13.04 -21.88 -9.28
CA ASP D 152 -13.30 -22.79 -8.17
C ASP D 152 -14.70 -22.59 -7.62
N SER D 153 -15.24 -21.38 -7.77
CA SER D 153 -16.50 -21.05 -7.15
C SER D 153 -17.23 -19.99 -7.96
N ALA D 154 -18.58 -20.04 -7.93
CA ALA D 154 -19.42 -19.02 -8.57
C ALA D 154 -19.18 -17.68 -7.91
N ARG D 155 -18.76 -17.72 -6.65
CA ARG D 155 -18.34 -16.57 -5.88
C ARG D 155 -17.37 -15.71 -6.69
N HIS D 156 -16.55 -16.34 -7.56
CA HIS D 156 -15.42 -15.65 -8.19
C HIS D 156 -15.73 -15.21 -9.62
N LEU D 157 -17.03 -15.14 -9.95
CA LEU D 157 -17.48 -14.70 -11.26
C LEU D 157 -18.30 -13.42 -11.11
N VAL D 158 -17.94 -12.39 -11.88
CA VAL D 158 -18.72 -11.16 -11.91
C VAL D 158 -19.31 -11.00 -13.31
N PRO D 159 -20.65 -10.88 -13.45
CA PRO D 159 -21.26 -10.73 -14.77
C PRO D 159 -20.80 -9.41 -15.36
N ILE D 160 -20.56 -9.39 -16.69
CA ILE D 160 -20.16 -8.18 -17.41
C ILE D 160 -21.14 -7.87 -18.55
N GLY D 161 -22.20 -8.67 -18.70
CA GLY D 161 -23.19 -8.34 -19.72
C GLY D 161 -22.54 -8.31 -21.10
N ASP D 162 -22.67 -7.20 -21.81
CA ASP D 162 -22.18 -7.22 -23.18
C ASP D 162 -20.92 -6.38 -23.34
N LEU D 163 -20.28 -6.01 -22.22
CA LEU D 163 -19.02 -5.28 -22.28
C LEU D 163 -18.02 -6.09 -23.10
N ASP D 164 -17.25 -5.41 -23.94
CA ASP D 164 -16.23 -6.08 -24.76
C ASP D 164 -15.20 -6.76 -23.85
N PRO D 165 -15.07 -8.11 -23.90
CA PRO D 165 -14.08 -8.80 -23.08
C PRO D 165 -12.69 -8.19 -23.15
N VAL D 166 -12.32 -7.63 -24.30
CA VAL D 166 -10.97 -7.11 -24.41
C VAL D 166 -10.78 -5.91 -23.48
N ALA D 167 -11.89 -5.20 -23.22
CA ALA D 167 -11.94 -3.97 -22.44
C ALA D 167 -12.08 -4.31 -20.96
N ALA D 168 -12.80 -5.41 -20.67
CA ALA D 168 -13.02 -5.96 -19.34
C ALA D 168 -11.73 -6.51 -18.71
N ALA D 169 -10.98 -7.32 -19.48
CA ALA D 169 -9.84 -8.05 -18.94
C ALA D 169 -8.91 -7.13 -18.13
N PRO D 170 -8.42 -6.01 -18.70
CA PRO D 170 -7.48 -5.16 -17.96
C PRO D 170 -8.10 -4.55 -16.70
N LEU D 171 -9.43 -4.58 -16.62
CA LEU D 171 -10.02 -3.93 -15.48
C LEU D 171 -9.96 -4.83 -14.26
N THR D 172 -9.76 -6.14 -14.47
CA THR D 172 -9.74 -7.08 -13.35
C THR D 172 -8.51 -6.87 -12.46
N ASP D 173 -7.64 -5.92 -12.86
CA ASP D 173 -6.41 -5.60 -12.17
C ASP D 173 -6.19 -4.08 -12.29
N ALA D 174 -5.86 -3.63 -13.50
CA ALA D 174 -5.51 -2.24 -13.73
C ALA D 174 -6.66 -1.34 -13.26
N GLY D 175 -7.88 -1.89 -13.23
CA GLY D 175 -9.06 -1.21 -12.72
C GLY D 175 -9.22 -1.40 -11.21
N LEU D 176 -9.34 -2.66 -10.82
CA LEU D 176 -9.64 -3.06 -9.46
C LEU D 176 -8.60 -2.50 -8.51
N THR D 177 -7.32 -2.68 -8.85
CA THR D 177 -6.23 -2.40 -7.91
C THR D 177 -6.33 -0.97 -7.44
N PRO D 178 -6.29 0.03 -8.36
CA PRO D 178 -6.35 1.44 -7.97
C PRO D 178 -7.69 1.74 -7.31
N TYR D 179 -8.77 1.14 -7.81
CA TYR D 179 -10.09 1.41 -7.27
C TYR D 179 -10.09 1.08 -5.78
N HIS D 180 -9.49 -0.06 -5.43
CA HIS D 180 -9.46 -0.43 -4.03
C HIS D 180 -8.64 0.59 -3.24
N ALA D 181 -7.47 0.95 -3.77
CA ALA D 181 -6.59 1.94 -3.15
C ALA D 181 -7.37 3.21 -2.82
N ILE D 182 -8.12 3.69 -3.81
CA ILE D 182 -8.88 4.93 -3.71
C ILE D 182 -10.06 4.73 -2.76
N SER D 183 -10.66 3.55 -2.78
CA SER D 183 -11.90 3.37 -2.01
C SER D 183 -11.59 3.41 -0.52
N ARG D 184 -10.34 3.09 -0.17
CA ARG D 184 -9.95 2.96 1.22
C ARG D 184 -10.15 4.31 1.91
N VAL D 185 -10.11 5.41 1.15
CA VAL D 185 -10.00 6.75 1.72
C VAL D 185 -10.98 7.71 1.03
N LEU D 186 -11.96 7.15 0.29
CA LEU D 186 -12.83 7.96 -0.54
C LEU D 186 -13.65 8.96 0.31
N PRO D 187 -14.02 8.64 1.57
CA PRO D 187 -14.59 9.63 2.48
C PRO D 187 -13.80 10.93 2.68
N LEU D 188 -12.48 10.89 2.51
CA LEU D 188 -11.67 12.09 2.75
C LEU D 188 -11.56 12.93 1.46
N LEU D 189 -12.03 12.38 0.32
CA LEU D 189 -11.85 13.03 -0.97
C LEU D 189 -13.12 13.79 -1.36
N GLY D 190 -13.58 14.65 -0.44
CA GLY D 190 -14.72 15.53 -0.66
C GLY D 190 -14.32 16.77 -1.45
N PRO D 191 -15.28 17.65 -1.83
CA PRO D 191 -14.95 18.84 -2.63
C PRO D 191 -13.88 19.61 -1.87
N GLY D 192 -12.83 20.06 -2.57
CA GLY D 192 -11.77 20.87 -1.97
C GLY D 192 -10.54 20.05 -1.62
N SER D 193 -10.67 18.72 -1.64
CA SER D 193 -9.56 17.83 -1.36
C SER D 193 -8.67 17.74 -2.59
N THR D 194 -7.49 17.15 -2.40
CA THR D 194 -6.54 17.05 -3.49
C THR D 194 -5.92 15.66 -3.47
N ALA D 195 -5.93 14.99 -4.63
CA ALA D 195 -5.35 13.68 -4.82
C ALA D 195 -4.15 13.75 -5.76
N VAL D 196 -2.98 13.27 -5.28
CA VAL D 196 -1.83 13.21 -6.16
C VAL D 196 -1.69 11.78 -6.70
N VAL D 197 -1.63 11.66 -8.02
CA VAL D 197 -1.43 10.37 -8.68
C VAL D 197 0.00 10.34 -9.20
N ILE D 198 0.84 9.49 -8.61
CA ILE D 198 2.21 9.40 -9.10
C ILE D 198 2.32 8.18 -9.99
N GLY D 199 2.72 8.40 -11.24
CA GLY D 199 2.88 7.31 -12.18
C GLY D 199 1.61 7.17 -13.00
N VAL D 200 1.65 7.72 -14.22
CA VAL D 200 0.49 7.66 -15.08
C VAL D 200 0.75 6.58 -16.11
N GLY D 201 1.21 5.41 -15.61
CA GLY D 201 1.30 4.20 -16.41
C GLY D 201 -0.06 3.54 -16.48
N GLY D 202 -0.07 2.20 -16.34
CA GLY D 202 -1.30 1.44 -16.49
C GLY D 202 -2.30 1.80 -15.41
N LEU D 203 -1.85 1.65 -14.16
CA LEU D 203 -2.70 1.77 -12.98
C LEU D 203 -3.10 3.23 -12.75
N GLY D 204 -2.14 4.15 -12.88
CA GLY D 204 -2.40 5.57 -12.62
C GLY D 204 -3.34 6.20 -13.65
N HIS D 205 -3.24 5.71 -14.88
CA HIS D 205 -4.14 6.08 -15.95
C HIS D 205 -5.59 5.87 -15.50
N VAL D 206 -5.88 4.67 -15.01
CA VAL D 206 -7.26 4.33 -14.71
C VAL D 206 -7.66 4.94 -13.37
N GLY D 207 -6.68 5.11 -12.48
CA GLY D 207 -6.86 5.80 -11.21
C GLY D 207 -7.49 7.18 -11.36
N ILE D 208 -6.96 7.98 -12.31
CA ILE D 208 -7.43 9.33 -12.56
C ILE D 208 -8.90 9.28 -12.99
N GLN D 209 -9.16 8.41 -13.97
CA GLN D 209 -10.51 8.26 -14.49
C GLN D 209 -11.45 7.96 -13.33
N ILE D 210 -10.96 7.14 -12.38
CA ILE D 210 -11.76 6.74 -11.23
C ILE D 210 -12.01 7.95 -10.33
N LEU D 211 -10.93 8.66 -9.96
CA LEU D 211 -11.02 9.77 -9.04
C LEU D 211 -12.03 10.78 -9.58
N ARG D 212 -12.15 10.84 -10.90
CA ARG D 212 -13.07 11.75 -11.58
C ARG D 212 -14.53 11.30 -11.49
N ALA D 213 -14.75 9.97 -11.47
CA ALA D 213 -16.10 9.43 -11.45
C ALA D 213 -16.70 9.43 -10.05
N VAL D 214 -15.88 9.10 -9.05
CA VAL D 214 -16.42 8.80 -7.73
C VAL D 214 -16.19 9.94 -6.75
N SER D 215 -15.31 10.89 -7.09
CA SER D 215 -15.03 11.94 -6.13
C SER D 215 -15.13 13.30 -6.78
N ALA D 216 -15.11 14.32 -5.91
CA ALA D 216 -15.00 15.70 -6.37
C ALA D 216 -13.60 16.26 -6.12
N ALA D 217 -12.62 15.40 -5.83
CA ALA D 217 -11.28 15.85 -5.48
C ALA D 217 -10.60 16.40 -6.73
N ARG D 218 -9.58 17.22 -6.53
CA ARG D 218 -8.81 17.78 -7.62
C ARG D 218 -7.61 16.86 -7.84
N VAL D 219 -7.28 16.55 -9.10
CA VAL D 219 -6.25 15.56 -9.38
C VAL D 219 -5.01 16.25 -9.90
N ILE D 220 -3.86 16.00 -9.24
CA ILE D 220 -2.57 16.46 -9.74
C ILE D 220 -1.75 15.23 -10.12
N ALA D 221 -1.26 15.18 -11.37
CA ALA D 221 -0.52 14.02 -11.85
C ALA D 221 0.98 14.29 -11.78
N VAL D 222 1.76 13.23 -11.64
CA VAL D 222 3.22 13.28 -11.59
C VAL D 222 3.73 12.09 -12.40
N ASP D 223 4.63 12.38 -13.34
CA ASP D 223 5.28 11.33 -14.11
C ASP D 223 6.65 11.83 -14.53
N LEU D 224 7.43 10.95 -15.17
CA LEU D 224 8.69 11.33 -15.79
C LEU D 224 8.42 11.94 -17.17
N ASP D 225 7.86 11.12 -18.07
CA ASP D 225 7.78 11.40 -19.49
C ASP D 225 6.94 12.65 -19.72
N ASP D 226 7.38 13.54 -20.63
CA ASP D 226 6.55 14.69 -20.95
C ASP D 226 5.23 14.22 -21.54
N ASP D 227 5.27 13.16 -22.35
CA ASP D 227 4.10 12.68 -23.08
C ASP D 227 3.02 12.30 -22.08
N ARG D 228 3.45 11.66 -20.99
CA ARG D 228 2.57 11.12 -19.96
C ARG D 228 1.84 12.24 -19.23
N LEU D 229 2.51 13.38 -19.07
CA LEU D 229 1.88 14.56 -18.49
C LEU D 229 0.65 15.00 -19.30
N ALA D 230 0.79 15.21 -20.62
CA ALA D 230 -0.34 15.77 -21.35
C ALA D 230 -1.48 14.77 -21.43
N LEU D 231 -1.12 13.47 -21.48
CA LEU D 231 -2.09 12.38 -21.50
C LEU D 231 -2.94 12.48 -20.23
N ALA D 232 -2.26 12.63 -19.09
CA ALA D 232 -2.89 12.75 -17.79
C ALA D 232 -3.95 13.84 -17.81
N ARG D 233 -3.60 14.99 -18.40
CA ARG D 233 -4.51 16.11 -18.43
C ARG D 233 -5.76 15.72 -19.21
N GLU D 234 -5.53 14.96 -20.29
CA GLU D 234 -6.63 14.56 -21.16
C GLU D 234 -7.58 13.63 -20.43
N VAL D 235 -7.05 12.78 -19.53
CA VAL D 235 -7.90 11.78 -18.91
C VAL D 235 -8.62 12.33 -17.68
N GLY D 236 -8.19 13.47 -17.18
CA GLY D 236 -9.05 14.22 -16.27
C GLY D 236 -8.25 14.90 -15.18
N ALA D 237 -6.93 14.75 -15.24
CA ALA D 237 -6.07 15.42 -14.29
C ALA D 237 -6.19 16.93 -14.50
N ASP D 238 -6.29 17.68 -13.39
CA ASP D 238 -6.39 19.12 -13.45
C ASP D 238 -5.01 19.74 -13.49
N ALA D 239 -3.95 18.94 -13.35
CA ALA D 239 -2.61 19.54 -13.31
C ALA D 239 -1.56 18.43 -13.36
N ALA D 240 -0.36 18.75 -13.85
CA ALA D 240 0.65 17.72 -14.05
C ALA D 240 2.03 18.34 -13.90
N VAL D 241 2.90 17.66 -13.15
CA VAL D 241 4.24 18.12 -12.86
C VAL D 241 5.18 16.97 -13.11
N LYS D 242 6.47 17.26 -13.31
CA LYS D 242 7.44 16.22 -13.63
C LYS D 242 7.94 15.59 -12.34
N SER D 243 8.19 14.26 -12.39
CA SER D 243 8.69 13.56 -11.21
C SER D 243 10.20 13.74 -11.05
N GLY D 244 10.57 14.28 -9.90
CA GLY D 244 11.94 14.18 -9.41
C GLY D 244 12.10 14.99 -8.13
N ALA D 245 13.36 15.20 -7.76
CA ALA D 245 13.74 16.03 -6.63
C ALA D 245 12.85 17.27 -6.53
N GLY D 246 12.32 17.73 -7.67
CA GLY D 246 11.59 18.98 -7.68
C GLY D 246 10.08 18.83 -7.60
N ALA D 247 9.60 17.58 -7.63
CA ALA D 247 8.18 17.30 -7.77
C ALA D 247 7.41 17.74 -6.52
N ALA D 248 7.99 17.47 -5.34
CA ALA D 248 7.43 17.88 -4.06
C ALA D 248 7.04 19.36 -4.09
N ASP D 249 8.06 20.20 -4.39
CA ASP D 249 7.93 21.64 -4.43
C ASP D 249 6.87 22.02 -5.47
N ALA D 250 7.04 21.46 -6.68
CA ALA D 250 6.13 21.65 -7.79
C ALA D 250 4.68 21.47 -7.34
N ILE D 251 4.43 20.36 -6.64
CA ILE D 251 3.07 20.07 -6.19
C ILE D 251 2.61 21.10 -5.17
N ARG D 252 3.44 21.35 -4.16
CA ARG D 252 3.10 22.30 -3.11
C ARG D 252 2.72 23.67 -3.69
N GLU D 253 3.52 24.13 -4.68
CA GLU D 253 3.30 25.36 -5.42
C GLU D 253 1.85 25.47 -5.87
N LEU D 254 1.35 24.38 -6.48
CA LEU D 254 0.01 24.30 -7.04
C LEU D 254 -1.08 24.35 -5.95
N THR D 255 -0.85 23.67 -4.81
CA THR D 255 -1.85 23.58 -3.74
C THR D 255 -1.88 24.86 -2.89
N GLY D 256 -1.03 25.83 -3.20
CA GLY D 256 -0.80 27.00 -2.35
C GLY D 256 -0.13 26.63 -1.03
N GLY D 257 0.69 25.57 -1.05
CA GLY D 257 1.45 25.09 0.10
C GLY D 257 0.60 24.38 1.15
N GLN D 258 -0.46 23.67 0.71
CA GLN D 258 -1.42 23.10 1.65
C GLN D 258 -1.27 21.59 1.89
N GLY D 259 -0.41 20.91 1.13
CA GLY D 259 -0.28 19.47 1.30
C GLY D 259 -1.51 18.74 0.78
N ALA D 260 -1.33 17.58 0.14
CA ALA D 260 -2.43 16.93 -0.57
C ALA D 260 -3.07 15.85 0.30
N THR D 261 -4.42 15.81 0.31
CA THR D 261 -5.28 14.90 1.09
C THR D 261 -4.80 13.45 0.99
N ALA D 262 -4.55 13.00 -0.25
CA ALA D 262 -4.17 11.63 -0.55
C ALA D 262 -3.14 11.59 -1.68
N VAL D 263 -2.14 10.73 -1.51
CA VAL D 263 -1.16 10.45 -2.56
C VAL D 263 -1.26 8.98 -2.93
N PHE D 264 -1.53 8.71 -4.21
CA PHE D 264 -1.56 7.33 -4.67
C PHE D 264 -0.33 7.12 -5.54
N ASP D 265 0.61 6.35 -5.00
CA ASP D 265 1.89 6.20 -5.67
C ASP D 265 1.89 4.88 -6.44
N PHE D 266 1.62 4.94 -7.76
CA PHE D 266 1.49 3.75 -8.58
C PHE D 266 2.85 3.36 -9.17
N VAL D 267 3.90 4.04 -8.69
CA VAL D 267 5.25 3.76 -9.11
C VAL D 267 5.87 2.90 -8.02
N GLY D 268 5.92 3.46 -6.79
CA GLY D 268 6.25 2.71 -5.58
C GLY D 268 7.76 2.59 -5.41
N ALA D 269 8.48 3.50 -6.08
CA ALA D 269 9.92 3.67 -5.93
C ALA D 269 10.18 4.39 -4.61
N GLN D 270 11.44 4.36 -4.17
CA GLN D 270 11.81 5.08 -2.95
C GLN D 270 11.61 6.58 -3.14
N SER D 271 12.03 7.09 -4.30
CA SER D 271 11.94 8.52 -4.57
C SER D 271 10.48 8.95 -4.55
N THR D 272 9.61 8.15 -5.17
CA THR D 272 8.20 8.52 -5.30
C THR D 272 7.52 8.50 -3.93
N ILE D 273 7.84 7.49 -3.10
CA ILE D 273 7.37 7.41 -1.72
C ILE D 273 7.86 8.65 -0.96
N ASP D 274 9.13 9.00 -1.17
CA ASP D 274 9.73 10.16 -0.53
C ASP D 274 8.99 11.45 -0.88
N THR D 275 8.59 11.61 -2.14
CA THR D 275 7.82 12.76 -2.55
C THR D 275 6.48 12.74 -1.82
N ALA D 276 5.88 11.55 -1.79
CA ALA D 276 4.55 11.39 -1.21
C ALA D 276 4.57 11.95 0.20
N GLN D 277 5.60 11.59 0.97
CA GLN D 277 5.77 11.99 2.36
C GLN D 277 5.91 13.52 2.44
N GLN D 278 6.66 14.08 1.49
CA GLN D 278 6.87 15.53 1.45
C GLN D 278 5.61 16.30 1.04
N VAL D 279 4.58 15.66 0.47
CA VAL D 279 3.47 16.44 -0.06
C VAL D 279 2.14 16.06 0.60
N VAL D 280 2.13 14.96 1.37
CA VAL D 280 0.91 14.50 2.00
C VAL D 280 0.50 15.48 3.09
N ALA D 281 -0.82 15.68 3.22
CA ALA D 281 -1.41 16.57 4.21
C ALA D 281 -1.41 15.94 5.60
N VAL D 282 -1.52 16.80 6.61
CA VAL D 282 -1.79 16.35 7.97
C VAL D 282 -3.14 15.62 7.95
N ASP D 283 -3.20 14.43 8.58
CA ASP D 283 -4.42 13.62 8.60
C ASP D 283 -4.77 13.08 7.20
N GLY D 284 -3.75 12.98 6.32
CA GLY D 284 -3.92 12.55 4.94
C GLY D 284 -3.66 11.05 4.84
N HIS D 285 -3.20 10.60 3.66
CA HIS D 285 -3.06 9.19 3.36
C HIS D 285 -2.12 8.97 2.19
N ILE D 286 -1.30 7.92 2.26
CA ILE D 286 -0.44 7.52 1.17
C ILE D 286 -0.67 6.04 0.86
N SER D 287 -1.00 5.75 -0.40
CA SER D 287 -1.19 4.38 -0.81
C SER D 287 -0.02 4.02 -1.71
N VAL D 288 0.84 3.10 -1.25
CA VAL D 288 1.96 2.68 -2.06
C VAL D 288 1.49 1.53 -2.96
N VAL D 289 1.11 1.84 -4.21
CA VAL D 289 0.45 0.81 -4.98
C VAL D 289 1.42 0.01 -5.87
N GLY D 290 2.38 0.69 -6.52
CA GLY D 290 3.42 0.02 -7.28
C GLY D 290 4.52 -0.61 -6.42
N ILE D 291 5.29 -1.53 -7.02
CA ILE D 291 6.17 -2.44 -6.33
C ILE D 291 7.59 -2.19 -6.84
N HIS D 292 8.49 -1.79 -5.94
CA HIS D 292 9.92 -1.81 -6.21
C HIS D 292 10.61 -2.39 -4.98
N ALA D 293 11.13 -3.62 -5.11
CA ALA D 293 11.52 -4.40 -3.95
C ALA D 293 12.41 -3.54 -3.04
N GLY D 294 12.01 -3.38 -1.77
CA GLY D 294 12.85 -2.70 -0.80
C GLY D 294 12.35 -1.30 -0.54
N ALA D 295 11.65 -0.71 -1.54
CA ALA D 295 11.12 0.65 -1.42
C ALA D 295 10.11 0.69 -0.29
N HIS D 296 10.28 1.62 0.66
CA HIS D 296 9.31 1.73 1.73
C HIS D 296 9.10 3.17 2.20
N ALA D 297 7.90 3.45 2.72
CA ALA D 297 7.64 4.67 3.47
C ALA D 297 8.29 4.59 4.85
N LYS D 298 8.57 5.74 5.45
CA LYS D 298 9.21 5.74 6.75
C LYS D 298 8.27 6.51 7.66
N VAL D 299 7.44 5.79 8.40
CA VAL D 299 6.37 6.41 9.16
C VAL D 299 6.81 6.53 10.61
N GLY D 300 7.31 7.71 10.99
CA GLY D 300 7.68 7.99 12.38
C GLY D 300 7.54 9.49 12.64
N PHE D 301 7.69 9.90 13.91
CA PHE D 301 7.46 11.28 14.28
C PHE D 301 8.38 12.22 13.48
N PHE D 302 7.78 13.29 12.93
CA PHE D 302 8.51 14.32 12.20
C PHE D 302 9.21 13.75 10.96
N MET D 303 8.74 12.60 10.45
CA MET D 303 9.24 12.06 9.20
C MET D 303 8.07 11.99 8.22
N ILE D 304 6.89 12.41 8.71
CA ILE D 304 5.63 12.36 7.99
C ILE D 304 4.64 13.17 8.83
N PRO D 305 3.75 13.96 8.20
CA PRO D 305 2.71 14.68 8.93
C PRO D 305 1.98 13.79 9.93
N PHE D 306 1.65 14.40 11.09
CA PHE D 306 0.75 13.81 12.07
C PHE D 306 -0.56 13.41 11.42
N GLY D 307 -1.00 12.17 11.73
CA GLY D 307 -2.28 11.68 11.27
C GLY D 307 -2.24 11.15 9.83
N ALA D 308 -1.09 11.25 9.15
CA ALA D 308 -0.98 10.74 7.79
C ALA D 308 -0.71 9.25 7.84
N SER D 309 -1.65 8.48 7.25
CA SER D 309 -1.59 7.04 7.30
C SER D 309 -1.00 6.50 6.00
N VAL D 310 -0.25 5.41 6.11
CA VAL D 310 0.31 4.77 4.94
C VAL D 310 0.00 3.27 4.99
N VAL D 311 -0.26 2.70 3.80
CA VAL D 311 -0.57 1.29 3.64
C VAL D 311 -0.11 0.83 2.27
N THR D 312 0.27 -0.45 2.15
CA THR D 312 0.39 -1.04 0.82
C THR D 312 -0.83 -1.92 0.57
N PRO D 313 -1.84 -1.47 -0.19
CA PRO D 313 -3.06 -2.26 -0.36
C PRO D 313 -2.80 -3.34 -1.40
N TYR D 314 -3.79 -4.22 -1.59
CA TYR D 314 -3.61 -5.43 -2.36
C TYR D 314 -4.90 -5.77 -3.07
N TRP D 315 -4.83 -5.67 -4.41
CA TRP D 315 -5.93 -5.92 -5.33
C TRP D 315 -7.21 -5.26 -4.85
N GLY D 316 -8.30 -6.00 -4.80
CA GLY D 316 -9.57 -5.38 -4.48
C GLY D 316 -10.59 -6.41 -3.99
N THR D 317 -11.76 -5.93 -3.58
CA THR D 317 -12.79 -6.82 -3.10
C THR D 317 -13.70 -7.19 -4.27
N ARG D 318 -14.64 -8.11 -4.02
CA ARG D 318 -15.55 -8.55 -5.05
C ARG D 318 -16.50 -7.41 -5.43
N SER D 319 -17.14 -6.80 -4.44
CA SER D 319 -18.07 -5.71 -4.68
C SER D 319 -17.36 -4.59 -5.46
N GLU D 320 -16.07 -4.41 -5.20
CA GLU D 320 -15.30 -3.36 -5.84
C GLU D 320 -15.13 -3.67 -7.33
N LEU D 321 -14.82 -4.93 -7.63
CA LEU D 321 -14.72 -5.37 -9.01
C LEU D 321 -16.08 -5.23 -9.68
N MET D 322 -17.15 -5.50 -8.92
CA MET D 322 -18.50 -5.29 -9.44
C MET D 322 -18.75 -3.83 -9.81
N GLU D 323 -18.25 -2.91 -8.96
CA GLU D 323 -18.35 -1.47 -9.16
C GLU D 323 -17.49 -1.05 -10.35
N VAL D 324 -16.32 -1.68 -10.49
CA VAL D 324 -15.41 -1.34 -11.58
C VAL D 324 -16.10 -1.53 -12.94
N VAL D 325 -16.63 -2.75 -13.16
CA VAL D 325 -17.45 -3.07 -14.32
C VAL D 325 -18.55 -2.03 -14.57
N ALA D 326 -19.23 -1.53 -13.51
CA ALA D 326 -20.30 -0.54 -13.68
C ALA D 326 -19.74 0.75 -14.26
N LEU D 327 -18.56 1.16 -13.76
CA LEU D 327 -17.89 2.33 -14.29
C LEU D 327 -17.58 2.05 -15.74
N ALA D 328 -17.13 0.83 -16.03
CA ALA D 328 -16.73 0.50 -17.38
C ALA D 328 -17.94 0.60 -18.29
N ARG D 329 -18.99 -0.16 -17.95
CA ARG D 329 -20.21 -0.26 -18.74
C ARG D 329 -20.80 1.12 -18.99
N ALA D 330 -20.61 2.04 -18.04
CA ALA D 330 -21.05 3.41 -18.19
C ALA D 330 -20.05 4.27 -19.00
N GLY D 331 -19.06 3.62 -19.62
CA GLY D 331 -18.05 4.29 -20.41
C GLY D 331 -17.16 5.25 -19.63
N ARG D 332 -17.04 5.06 -18.30
CA ARG D 332 -16.34 6.01 -17.45
C ARG D 332 -14.86 5.64 -17.37
N LEU D 333 -14.50 4.40 -17.74
CA LEU D 333 -13.10 3.97 -17.71
C LEU D 333 -12.73 3.48 -19.10
N ASP D 334 -11.44 3.60 -19.41
CA ASP D 334 -10.96 3.32 -20.75
C ASP D 334 -9.44 3.14 -20.71
N ILE D 335 -9.01 1.90 -20.96
CA ILE D 335 -7.61 1.54 -20.92
C ILE D 335 -7.18 1.17 -22.35
N HIS D 336 -6.01 1.65 -22.74
CA HIS D 336 -5.48 1.51 -24.09
C HIS D 336 -5.05 0.05 -24.29
N THR D 337 -5.77 -0.68 -25.14
CA THR D 337 -5.69 -2.14 -25.18
C THR D 337 -5.15 -2.64 -26.53
N GLU D 338 -4.15 -3.53 -26.50
CA GLU D 338 -3.50 -4.06 -27.70
C GLU D 338 -3.57 -5.59 -27.72
N THR D 339 -4.07 -6.14 -28.84
CA THR D 339 -4.65 -7.47 -28.83
C THR D 339 -3.71 -8.48 -29.50
N PHE D 340 -3.56 -9.63 -28.84
CA PHE D 340 -2.68 -10.71 -29.31
C PHE D 340 -3.43 -12.04 -29.32
N THR D 341 -2.70 -13.09 -29.71
CA THR D 341 -3.22 -14.41 -30.03
C THR D 341 -2.53 -15.45 -29.15
N LEU D 342 -3.25 -16.51 -28.74
CA LEU D 342 -2.63 -17.55 -27.95
C LEU D 342 -1.23 -17.94 -28.46
N ASP D 343 -1.08 -18.14 -29.77
CA ASP D 343 0.23 -18.54 -30.25
C ASP D 343 1.27 -17.43 -30.06
N GLU D 344 0.83 -16.16 -30.01
CA GLU D 344 1.81 -15.08 -29.86
C GLU D 344 2.07 -14.77 -28.39
N GLY D 345 1.47 -15.57 -27.48
CA GLY D 345 1.63 -15.47 -26.05
C GLY D 345 3.06 -15.09 -25.70
N PRO D 346 4.05 -15.96 -25.99
CA PRO D 346 5.43 -15.68 -25.61
C PRO D 346 5.82 -14.34 -26.21
N ALA D 347 5.48 -14.12 -27.49
CA ALA D 347 5.88 -12.89 -28.15
C ALA D 347 5.40 -11.65 -27.38
N ALA D 348 4.12 -11.70 -26.97
CA ALA D 348 3.48 -10.67 -26.17
C ALA D 348 4.27 -10.39 -24.88
N TYR D 349 4.69 -11.46 -24.18
CA TYR D 349 5.42 -11.32 -22.92
C TYR D 349 6.80 -10.72 -23.16
N ARG D 350 7.39 -11.04 -24.32
CA ARG D 350 8.63 -10.41 -24.74
C ARG D 350 8.42 -8.90 -24.87
N ARG D 351 7.34 -8.51 -25.56
CA ARG D 351 7.05 -7.10 -25.79
C ARG D 351 6.87 -6.41 -24.43
N LEU D 352 6.27 -7.15 -23.49
CA LEU D 352 6.02 -6.56 -22.19
C LEU D 352 7.34 -6.20 -21.51
N ARG D 353 8.35 -7.07 -21.69
CA ARG D 353 9.63 -6.88 -21.02
C ARG D 353 10.30 -5.61 -21.52
N GLU D 354 10.14 -5.28 -22.81
CA GLU D 354 10.82 -4.12 -23.37
C GLU D 354 9.97 -2.85 -23.22
N GLY D 355 8.81 -2.96 -22.56
CA GLY D 355 7.93 -1.82 -22.38
C GLY D 355 7.54 -1.24 -23.74
N SER D 356 7.20 -2.15 -24.66
CA SER D 356 6.78 -1.79 -26.00
C SER D 356 5.27 -1.97 -26.16
N ILE D 357 4.52 -1.80 -25.05
CA ILE D 357 3.07 -1.91 -25.05
C ILE D 357 2.48 -0.72 -24.30
N ARG D 358 1.58 0.05 -24.95
CA ARG D 358 0.92 1.16 -24.26
C ARG D 358 -0.36 0.65 -23.59
N GLY D 359 -0.38 0.75 -22.27
CA GLY D 359 -1.47 0.19 -21.46
C GLY D 359 -1.31 -1.31 -21.24
N ARG D 360 -2.01 -2.11 -22.04
CA ARG D 360 -2.33 -3.46 -21.59
C ARG D 360 -2.46 -4.39 -22.78
N GLY D 361 -1.60 -5.42 -22.81
CA GLY D 361 -1.67 -6.54 -23.74
C GLY D 361 -2.78 -7.49 -23.34
N VAL D 362 -3.60 -7.93 -24.31
CA VAL D 362 -4.74 -8.80 -24.03
C VAL D 362 -4.77 -9.93 -25.05
N VAL D 363 -4.71 -11.18 -24.58
CA VAL D 363 -4.68 -12.33 -25.47
C VAL D 363 -6.10 -12.87 -25.64
N VAL D 364 -6.45 -13.17 -26.89
CA VAL D 364 -7.81 -13.54 -27.26
C VAL D 364 -7.75 -14.92 -27.91
N PRO D 365 -8.09 -16.00 -27.19
CA PRO D 365 -8.32 -17.31 -27.81
C PRO D 365 -9.40 -17.23 -28.87
N ARG E 17 -8.22 38.37 44.68
CA ARG E 17 -7.48 38.42 43.38
C ARG E 17 -5.97 38.21 43.58
N GLY E 18 -5.20 39.32 43.56
CA GLY E 18 -3.75 39.26 43.59
C GLY E 18 -3.19 39.54 42.21
N SER E 19 -2.13 40.35 42.14
CA SER E 19 -1.57 40.80 40.87
C SER E 19 -0.30 40.03 40.56
N HIS E 20 0.01 39.05 41.42
CA HIS E 20 1.19 38.22 41.28
C HIS E 20 0.80 36.77 41.47
N MET E 21 1.51 35.87 40.77
CA MET E 21 1.25 34.44 40.94
C MET E 21 2.56 33.66 40.78
N LYS E 22 2.59 32.47 41.40
CA LYS E 22 3.67 31.50 41.27
C LYS E 22 3.48 30.68 40.00
N ALA E 23 4.59 30.45 39.29
CA ALA E 23 4.57 29.69 38.06
C ALA E 23 5.84 28.85 37.94
N VAL E 24 5.76 27.70 37.28
CA VAL E 24 6.95 26.94 36.94
C VAL E 24 7.28 27.25 35.49
N GLN E 25 8.57 27.44 35.17
CA GLN E 25 8.97 27.88 33.84
C GLN E 25 10.24 27.18 33.40
N TYR E 26 10.31 26.92 32.09
CA TYR E 26 11.57 26.59 31.41
C TYR E 26 12.18 27.92 30.98
N THR E 27 13.29 28.32 31.62
CA THR E 27 13.73 29.70 31.51
C THR E 27 14.97 29.81 30.62
N GLU E 28 15.89 28.84 30.72
CA GLU E 28 17.04 28.84 29.83
C GLU E 28 17.26 27.42 29.30
N ILE E 29 17.73 27.33 28.04
CA ILE E 29 17.88 26.05 27.37
C ILE E 29 18.81 25.15 28.19
N GLY E 30 18.47 23.86 28.25
CA GLY E 30 19.30 22.84 28.88
C GLY E 30 19.33 22.96 30.40
N SER E 31 18.56 23.92 30.95
CA SER E 31 18.47 24.09 32.40
C SER E 31 17.23 23.42 32.98
N GLU E 32 17.26 23.25 34.30
CA GLU E 32 16.10 22.74 35.01
C GLU E 32 15.09 23.87 35.20
N PRO E 33 13.77 23.55 35.17
CA PRO E 33 12.72 24.53 35.42
C PRO E 33 12.87 25.05 36.85
N VAL E 34 12.20 26.17 37.11
CA VAL E 34 12.41 26.91 38.35
C VAL E 34 11.11 27.62 38.66
N VAL E 35 10.80 27.77 39.96
CA VAL E 35 9.63 28.51 40.44
C VAL E 35 9.94 29.99 40.29
N VAL E 36 9.07 30.72 39.59
CA VAL E 36 9.30 32.14 39.32
C VAL E 36 8.10 32.94 39.81
N ASP E 37 8.31 34.26 39.91
CA ASP E 37 7.23 35.18 40.21
C ASP E 37 6.93 36.00 38.96
N ILE E 38 5.69 35.88 38.46
CA ILE E 38 5.26 36.73 37.36
C ILE E 38 3.86 37.29 37.65
N PRO E 39 3.42 38.30 36.85
CA PRO E 39 2.11 38.95 37.03
C PRO E 39 0.93 38.03 36.71
N THR E 40 -0.16 38.19 37.48
CA THR E 40 -1.38 37.47 37.20
C THR E 40 -1.97 38.03 35.93
N PRO E 41 -2.26 37.21 34.89
CA PRO E 41 -2.79 37.71 33.63
C PRO E 41 -4.26 38.12 33.75
N THR E 42 -4.71 38.93 32.80
CA THR E 42 -6.05 39.45 32.77
C THR E 42 -6.76 38.98 31.50
N PRO E 43 -8.02 38.48 31.59
CA PRO E 43 -8.68 37.88 30.43
C PRO E 43 -9.13 38.91 29.41
N GLY E 44 -8.48 38.88 28.23
CA GLY E 44 -8.88 39.71 27.10
C GLY E 44 -10.36 39.57 26.75
N PRO E 45 -10.79 40.02 25.55
CA PRO E 45 -12.17 39.80 25.12
C PRO E 45 -12.15 38.48 24.36
N GLY E 46 -13.05 37.57 24.73
CA GLY E 46 -13.05 36.23 24.18
C GLY E 46 -12.39 35.19 25.10
N GLU E 47 -11.37 35.61 25.88
CA GLU E 47 -10.55 34.72 26.69
C GLU E 47 -11.21 34.39 28.03
N ILE E 48 -10.74 33.32 28.68
CA ILE E 48 -11.17 32.96 30.02
C ILE E 48 -9.95 32.80 30.93
N LEU E 49 -10.12 33.25 32.18
CA LEU E 49 -9.12 33.08 33.21
C LEU E 49 -9.59 31.97 34.13
N LEU E 50 -8.65 31.09 34.50
CA LEU E 50 -8.95 30.00 35.42
C LEU E 50 -8.08 30.11 36.67
N LYS E 51 -8.61 29.63 37.79
CA LYS E 51 -7.77 29.23 38.90
C LYS E 51 -7.45 27.75 38.71
N VAL E 52 -6.14 27.44 38.60
CA VAL E 52 -5.71 26.09 38.30
C VAL E 52 -6.00 25.19 39.49
N THR E 53 -6.80 24.13 39.26
CA THR E 53 -7.08 23.15 40.30
C THR E 53 -6.05 22.02 40.25
N ALA E 54 -5.56 21.65 39.05
CA ALA E 54 -4.59 20.57 38.87
C ALA E 54 -3.82 20.72 37.57
N ALA E 55 -2.50 20.49 37.62
CA ALA E 55 -1.62 20.71 36.48
C ALA E 55 -0.62 19.55 36.34
N GLY E 56 -0.80 18.71 35.31
CA GLY E 56 -0.07 17.45 35.24
C GLY E 56 1.33 17.59 34.65
N LEU E 57 2.15 16.58 34.93
CA LEU E 57 3.47 16.38 34.33
C LEU E 57 3.40 15.13 33.46
N CYS E 58 4.20 15.08 32.39
CA CYS E 58 4.48 13.84 31.67
C CYS E 58 5.83 13.95 30.98
N HIS E 59 6.34 12.81 30.50
CA HIS E 59 7.65 12.72 29.88
C HIS E 59 7.72 13.64 28.64
N SER E 60 6.55 14.11 28.19
CA SER E 60 6.49 14.98 27.03
C SER E 60 7.07 16.36 27.37
N ASP E 61 6.82 16.81 28.61
CA ASP E 61 7.42 18.01 29.18
C ASP E 61 8.95 17.84 29.24
N ILE E 62 9.44 16.60 29.25
CA ILE E 62 10.85 16.29 29.33
C ILE E 62 11.47 16.27 27.93
N PHE E 63 10.75 15.67 26.97
CA PHE E 63 11.19 15.62 25.58
C PHE E 63 11.50 17.03 25.03
N VAL E 64 10.66 18.03 25.36
CA VAL E 64 10.81 19.40 24.88
C VAL E 64 12.04 20.05 25.53
N MET E 65 12.19 19.88 26.86
CA MET E 65 13.30 20.48 27.59
C MET E 65 14.65 19.89 27.21
N ASP E 66 14.64 18.72 26.54
CA ASP E 66 15.84 18.06 26.07
C ASP E 66 16.16 18.40 24.62
N MET E 67 15.44 19.38 24.06
CA MET E 67 15.85 19.93 22.77
C MET E 67 17.11 20.77 23.01
N PRO E 68 18.22 20.52 22.27
CA PRO E 68 19.41 21.38 22.33
C PRO E 68 19.24 22.83 21.90
N ALA E 69 20.15 23.71 22.39
CA ALA E 69 20.18 25.14 22.10
C ALA E 69 20.31 25.39 20.60
N ALA E 70 21.05 24.49 19.92
CA ALA E 70 21.28 24.44 18.47
C ALA E 70 19.97 24.56 17.68
N GLN E 71 18.89 23.93 18.19
CA GLN E 71 17.60 23.92 17.51
C GLN E 71 16.64 24.90 18.19
N TYR E 72 17.18 25.91 18.88
CA TYR E 72 16.34 26.86 19.60
C TYR E 72 16.07 28.11 18.76
N ALA E 73 14.77 28.45 18.61
CA ALA E 73 14.34 29.59 17.81
C ALA E 73 13.85 30.76 18.66
N TYR E 74 12.68 30.63 19.31
CA TYR E 74 11.97 31.79 19.85
C TYR E 74 11.03 31.46 21.01
N GLY E 75 11.21 30.29 21.67
CA GLY E 75 10.25 29.80 22.67
C GLY E 75 10.21 30.51 24.03
N LEU E 76 11.35 30.60 24.75
CA LEU E 76 11.43 30.84 26.20
C LEU E 76 11.24 32.33 26.52
N PRO E 77 10.70 32.73 27.71
CA PRO E 77 10.33 31.83 28.81
C PRO E 77 8.93 31.23 28.65
N LEU E 78 8.69 30.07 29.29
CA LEU E 78 7.52 29.23 29.06
C LEU E 78 6.98 28.70 30.38
N THR E 79 5.76 29.14 30.75
CA THR E 79 5.04 28.50 31.83
C THR E 79 4.65 27.07 31.41
N LEU E 80 5.09 26.07 32.17
CA LEU E 80 4.92 24.68 31.76
C LEU E 80 3.50 24.21 32.01
N GLY E 81 3.13 23.09 31.36
CA GLY E 81 1.94 22.32 31.74
C GLY E 81 0.88 22.31 30.64
N HIS E 82 0.78 21.17 29.93
CA HIS E 82 -0.24 21.03 28.92
C HIS E 82 -1.51 20.41 29.50
N GLU E 83 -1.31 19.62 30.57
CA GLU E 83 -2.40 18.98 31.27
C GLU E 83 -3.04 19.99 32.20
N GLY E 84 -4.10 20.67 31.71
CA GLY E 84 -4.71 21.79 32.41
C GLY E 84 -6.12 21.50 32.92
N VAL E 85 -6.32 21.73 34.22
CA VAL E 85 -7.64 21.66 34.83
C VAL E 85 -7.79 22.83 35.79
N GLY E 86 -9.01 23.35 35.87
CA GLY E 86 -9.24 24.50 36.72
C GLY E 86 -10.72 24.86 36.87
N THR E 87 -10.93 25.95 37.58
CA THR E 87 -12.26 26.49 37.79
C THR E 87 -12.30 27.92 37.25
N VAL E 88 -13.41 28.26 36.58
CA VAL E 88 -13.62 29.54 35.90
C VAL E 88 -13.43 30.66 36.92
N ALA E 89 -12.50 31.54 36.62
CA ALA E 89 -12.14 32.61 37.54
C ALA E 89 -12.78 33.92 37.08
N GLU E 90 -12.52 34.32 35.84
CA GLU E 90 -13.09 35.55 35.32
C GLU E 90 -13.27 35.42 33.81
N LEU E 91 -14.52 35.56 33.37
CA LEU E 91 -14.93 35.60 31.97
C LEU E 91 -14.42 36.90 31.33
N GLY E 92 -13.68 36.79 30.23
CA GLY E 92 -13.45 37.95 29.38
C GLY E 92 -14.78 38.47 28.89
N GLU E 93 -14.74 39.36 27.89
CA GLU E 93 -15.96 40.03 27.50
C GLU E 93 -16.63 39.23 26.39
N GLY E 94 -17.96 39.12 26.47
CA GLY E 94 -18.75 38.46 25.44
C GLY E 94 -18.79 36.95 25.61
N VAL E 95 -17.80 36.40 26.32
CA VAL E 95 -17.78 34.98 26.60
C VAL E 95 -19.01 34.63 27.42
N THR E 96 -19.78 33.67 26.93
CA THR E 96 -20.79 33.01 27.75
C THR E 96 -20.65 31.50 27.55
N GLY E 97 -21.46 30.73 28.27
CA GLY E 97 -21.26 29.29 28.21
C GLY E 97 -20.70 28.74 29.50
N PHE E 98 -19.95 29.59 30.26
CA PHE E 98 -19.49 29.20 31.58
C PHE E 98 -19.73 30.31 32.60
N GLY E 99 -20.34 29.95 33.73
CA GLY E 99 -20.40 30.80 34.92
C GLY E 99 -19.12 30.63 35.72
N VAL E 100 -18.68 31.71 36.38
CA VAL E 100 -17.46 31.69 37.18
C VAL E 100 -17.63 30.61 38.25
N GLY E 101 -16.55 29.87 38.55
CA GLY E 101 -16.60 28.77 39.51
C GLY E 101 -16.95 27.41 38.88
N ASP E 102 -17.10 27.35 37.54
CA ASP E 102 -17.28 26.13 36.77
C ASP E 102 -15.99 25.32 36.65
N ALA E 103 -16.08 24.01 36.88
CA ALA E 103 -14.93 23.14 36.70
C ALA E 103 -14.75 22.81 35.21
N VAL E 104 -13.56 23.12 34.68
CA VAL E 104 -13.28 22.90 33.27
C VAL E 104 -11.91 22.23 33.11
N ALA E 105 -11.78 21.40 32.05
CA ALA E 105 -10.49 20.86 31.63
C ALA E 105 -10.05 21.62 30.39
N VAL E 106 -8.74 21.89 30.32
CA VAL E 106 -8.23 22.66 29.21
C VAL E 106 -7.79 21.68 28.13
N TYR E 107 -8.56 21.69 27.02
CA TYR E 107 -8.25 20.99 25.77
C TYR E 107 -6.93 21.53 25.23
N GLY E 108 -6.01 20.60 24.93
CA GLY E 108 -4.62 20.88 24.64
C GLY E 108 -4.38 21.46 23.24
N PRO E 109 -4.54 20.66 22.14
CA PRO E 109 -4.06 21.09 20.83
C PRO E 109 -4.92 22.13 20.13
N TRP E 110 -4.68 23.40 20.44
CA TRP E 110 -5.48 24.52 19.93
C TRP E 110 -5.31 24.66 18.42
N GLY E 111 -6.38 25.14 17.78
CA GLY E 111 -6.41 25.29 16.34
C GLY E 111 -7.10 26.59 15.93
N CYS E 112 -7.09 26.86 14.62
CA CYS E 112 -7.68 28.07 14.08
C CYS E 112 -9.17 28.14 14.36
N GLY E 113 -9.90 27.04 14.09
CA GLY E 113 -11.34 26.99 14.33
C GLY E 113 -12.12 27.26 13.06
N ALA E 114 -11.39 27.57 11.97
CA ALA E 114 -12.01 28.09 10.76
C ALA E 114 -11.64 27.27 9.52
N CYS E 115 -10.67 26.36 9.65
CA CYS E 115 -10.29 25.57 8.49
C CYS E 115 -11.24 24.39 8.34
N HIS E 116 -11.06 23.61 7.26
CA HIS E 116 -11.87 22.42 7.04
C HIS E 116 -11.70 21.45 8.21
N ALA E 117 -10.44 21.22 8.58
CA ALA E 117 -10.14 20.24 9.61
C ALA E 117 -10.81 20.66 10.91
N CYS E 118 -10.76 21.96 11.23
CA CYS E 118 -11.31 22.43 12.50
C CYS E 118 -12.84 22.31 12.50
N ALA E 119 -13.48 22.46 11.33
CA ALA E 119 -14.92 22.49 11.22
C ALA E 119 -15.51 21.07 11.18
N ARG E 120 -14.60 20.09 11.03
CA ARG E 120 -14.92 18.68 11.13
C ARG E 120 -14.87 18.23 12.60
N GLY E 121 -14.31 19.04 13.50
CA GLY E 121 -14.25 18.66 14.90
C GLY E 121 -12.87 18.16 15.32
N ARG E 122 -11.98 18.04 14.32
CA ARG E 122 -10.64 17.52 14.56
C ARG E 122 -9.63 18.66 14.62
N GLU E 123 -9.60 19.38 15.75
CA GLU E 123 -8.82 20.60 15.85
C GLU E 123 -7.34 20.27 15.96
N ASN E 124 -7.04 19.03 16.34
CA ASN E 124 -5.68 18.63 16.63
C ASN E 124 -4.93 18.46 15.32
N TYR E 125 -5.69 18.48 14.21
CA TYR E 125 -5.10 18.33 12.90
C TYR E 125 -5.43 19.54 12.02
N CYS E 126 -5.45 20.72 12.67
CA CYS E 126 -5.64 22.00 12.02
C CYS E 126 -4.51 22.29 11.05
N THR E 127 -4.87 22.77 9.84
CA THR E 127 -3.94 22.94 8.72
C THR E 127 -3.29 24.33 8.76
N ARG E 128 -3.82 25.23 9.57
CA ARG E 128 -3.30 26.59 9.60
C ARG E 128 -2.64 26.89 10.94
N ALA E 129 -2.84 26.02 11.95
CA ALA E 129 -2.44 26.34 13.30
C ALA E 129 -0.93 26.54 13.36
N ALA E 130 -0.21 25.81 12.49
CA ALA E 130 1.24 25.88 12.37
C ALA E 130 1.63 27.26 11.88
N ASP E 131 0.99 27.66 10.77
CA ASP E 131 1.19 28.96 10.12
C ASP E 131 0.87 30.11 11.06
N LEU E 132 -0.26 30.05 11.77
CA LEU E 132 -0.66 31.18 12.58
C LEU E 132 0.10 31.23 13.93
N GLY E 133 1.05 30.31 14.15
CA GLY E 133 1.79 30.26 15.41
C GLY E 133 0.88 30.04 16.61
N ILE E 134 -0.15 29.18 16.43
CA ILE E 134 -1.07 28.73 17.47
C ILE E 134 -0.48 27.50 18.17
N THR E 135 -0.04 27.69 19.41
CA THR E 135 0.64 26.62 20.12
C THR E 135 -0.18 26.23 21.35
N PRO E 136 -0.05 24.98 21.87
CA PRO E 136 -0.85 24.54 23.01
C PRO E 136 -0.29 24.99 24.35
N PRO E 137 -1.15 25.22 25.37
CA PRO E 137 -0.66 25.65 26.69
C PRO E 137 0.42 24.66 27.17
N GLY E 138 1.61 25.17 27.48
CA GLY E 138 2.65 24.38 28.12
C GLY E 138 3.67 23.84 27.11
N LEU E 139 3.46 24.22 25.84
CA LEU E 139 4.30 23.77 24.73
C LEU E 139 4.49 24.91 23.73
N GLY E 140 4.30 26.16 24.16
CA GLY E 140 4.35 27.31 23.26
C GLY E 140 3.49 28.48 23.74
N SER E 141 2.46 28.18 24.55
CA SER E 141 1.57 29.15 25.19
C SER E 141 1.66 29.02 26.71
N PRO E 142 1.31 30.06 27.51
CA PRO E 142 1.30 29.95 28.96
C PRO E 142 0.61 28.64 29.33
N GLY E 143 1.29 27.85 30.19
CA GLY E 143 0.85 26.54 30.63
C GLY E 143 -0.06 26.63 31.87
N SER E 144 -0.35 25.44 32.41
CA SER E 144 -1.33 25.27 33.47
C SER E 144 -0.63 25.25 34.81
N MET E 145 0.70 25.07 34.77
CA MET E 145 1.53 24.95 35.97
C MET E 145 1.83 26.33 36.56
N ALA E 146 0.76 26.96 37.05
CA ALA E 146 0.78 28.28 37.65
C ALA E 146 -0.55 28.48 38.39
N GLU E 147 -0.67 29.58 39.17
CA GLU E 147 -1.84 29.79 40.02
C GLU E 147 -3.08 30.07 39.17
N TYR E 148 -2.85 30.72 38.01
CA TYR E 148 -3.88 31.10 37.05
C TYR E 148 -3.35 30.86 35.63
N MET E 149 -4.29 30.78 34.67
CA MET E 149 -3.89 30.78 33.28
C MET E 149 -5.06 31.26 32.42
N ILE E 150 -4.72 31.69 31.21
CA ILE E 150 -5.72 32.12 30.24
C ILE E 150 -5.91 31.02 29.21
N VAL E 151 -7.18 30.85 28.84
CA VAL E 151 -7.57 30.01 27.73
C VAL E 151 -8.09 30.97 26.66
N ASP E 152 -7.53 30.88 25.46
CA ASP E 152 -7.82 31.78 24.36
C ASP E 152 -9.29 31.77 23.93
N SER E 153 -10.01 30.67 24.18
CA SER E 153 -11.36 30.54 23.63
C SER E 153 -12.18 29.51 24.41
N ALA E 154 -13.46 29.80 24.65
CA ALA E 154 -14.36 28.91 25.37
C ALA E 154 -14.54 27.57 24.64
N ARG E 155 -14.11 27.56 23.37
CA ARG E 155 -14.06 26.36 22.55
C ARG E 155 -13.10 25.34 23.15
N HIS E 156 -12.22 25.76 24.07
CA HIS E 156 -11.16 24.90 24.57
C HIS E 156 -11.39 24.50 26.03
N LEU E 157 -12.64 24.56 26.47
CA LEU E 157 -12.98 24.21 27.83
C LEU E 157 -13.99 23.06 27.86
N VAL E 158 -13.65 22.02 28.61
CA VAL E 158 -14.55 20.89 28.77
C VAL E 158 -15.04 20.86 30.22
N PRO E 159 -16.37 20.98 30.45
CA PRO E 159 -16.91 20.80 31.80
C PRO E 159 -16.54 19.40 32.29
N ILE E 160 -16.18 19.29 33.58
CA ILE E 160 -15.86 18.01 34.19
C ILE E 160 -16.80 17.72 35.37
N GLY E 161 -17.63 18.70 35.76
CA GLY E 161 -18.55 18.59 36.88
C GLY E 161 -17.82 18.41 38.21
N ASP E 162 -18.32 17.44 38.99
CA ASP E 162 -17.75 17.08 40.29
C ASP E 162 -16.56 16.12 40.19
N LEU E 163 -15.99 15.89 38.99
CA LEU E 163 -14.86 14.99 38.83
C LEU E 163 -13.65 15.62 39.53
N ASP E 164 -12.78 14.79 40.14
CA ASP E 164 -11.65 15.26 40.91
C ASP E 164 -10.62 15.87 39.96
N PRO E 165 -10.30 17.17 40.14
CA PRO E 165 -9.31 17.85 39.28
C PRO E 165 -8.00 17.10 39.14
N VAL E 166 -7.54 16.47 40.22
CA VAL E 166 -6.31 15.69 40.20
C VAL E 166 -6.47 14.49 39.27
N ALA E 167 -7.68 13.95 39.21
CA ALA E 167 -7.98 12.80 38.37
C ALA E 167 -8.00 13.22 36.90
N ALA E 168 -8.58 14.40 36.63
CA ALA E 168 -8.90 14.90 35.31
C ALA E 168 -7.65 15.35 34.57
N ALA E 169 -6.65 15.86 35.31
CA ALA E 169 -5.45 16.43 34.68
C ALA E 169 -4.70 15.41 33.81
N PRO E 170 -4.38 14.20 34.31
CA PRO E 170 -3.77 13.17 33.46
C PRO E 170 -4.55 12.86 32.18
N LEU E 171 -5.89 12.88 32.27
CA LEU E 171 -6.76 12.46 31.19
C LEU E 171 -6.70 13.39 29.97
N THR E 172 -6.20 14.61 30.16
CA THR E 172 -6.14 15.59 29.09
C THR E 172 -5.08 15.16 28.08
N ASP E 173 -4.29 14.15 28.47
CA ASP E 173 -3.16 13.68 27.68
C ASP E 173 -3.13 12.15 27.71
N ALA E 174 -2.73 11.59 28.86
CA ALA E 174 -2.66 10.15 29.09
C ALA E 174 -4.01 9.48 28.81
N GLY E 175 -5.08 10.27 28.78
CA GLY E 175 -6.42 9.78 28.46
C GLY E 175 -6.79 10.02 26.99
N LEU E 176 -6.59 11.27 26.54
CA LEU E 176 -7.03 11.75 25.25
C LEU E 176 -6.18 11.16 24.14
N THR E 177 -4.88 11.09 24.35
CA THR E 177 -3.97 10.62 23.32
C THR E 177 -4.35 9.21 22.86
N PRO E 178 -4.40 8.22 23.78
CA PRO E 178 -4.65 6.82 23.43
C PRO E 178 -6.07 6.66 22.91
N TYR E 179 -6.99 7.47 23.45
CA TYR E 179 -8.38 7.38 23.04
C TYR E 179 -8.48 7.69 21.55
N HIS E 180 -7.63 8.63 21.11
CA HIS E 180 -7.68 9.01 19.72
C HIS E 180 -7.09 7.88 18.89
N ALA E 181 -5.96 7.35 19.34
CA ALA E 181 -5.25 6.36 18.57
C ALA E 181 -6.18 5.20 18.27
N ILE E 182 -7.07 4.89 19.23
CA ILE E 182 -7.97 3.76 19.23
C ILE E 182 -9.21 4.08 18.38
N SER E 183 -9.69 5.32 18.54
CA SER E 183 -10.91 5.73 17.86
C SER E 183 -10.69 5.67 16.36
N ARG E 184 -9.45 5.95 15.95
CA ARG E 184 -9.14 5.99 14.53
C ARG E 184 -9.54 4.68 13.85
N VAL E 185 -9.51 3.55 14.58
CA VAL E 185 -9.72 2.23 13.98
C VAL E 185 -10.72 1.39 14.78
N LEU E 186 -11.54 2.06 15.60
CA LEU E 186 -12.44 1.39 16.53
C LEU E 186 -13.46 0.50 15.80
N PRO E 187 -13.93 0.83 14.58
CA PRO E 187 -14.73 -0.11 13.78
C PRO E 187 -14.03 -1.45 13.55
N LEU E 188 -12.72 -1.51 13.66
CA LEU E 188 -12.05 -2.75 13.34
C LEU E 188 -12.07 -3.71 14.53
N LEU E 189 -12.26 -3.16 15.75
CA LEU E 189 -12.02 -3.84 17.00
C LEU E 189 -13.31 -4.45 17.56
N GLY E 190 -13.97 -5.29 16.75
CA GLY E 190 -15.22 -5.90 17.14
C GLY E 190 -14.94 -7.20 17.87
N PRO E 191 -15.95 -7.96 18.33
CA PRO E 191 -15.69 -9.20 19.06
C PRO E 191 -14.86 -10.11 18.15
N GLY E 192 -13.93 -10.87 18.75
CA GLY E 192 -13.08 -11.77 17.98
C GLY E 192 -11.78 -11.10 17.52
N SER E 193 -11.66 -9.78 17.71
CA SER E 193 -10.45 -9.08 17.33
C SER E 193 -9.46 -9.04 18.49
N THR E 194 -8.17 -8.90 18.14
CA THR E 194 -7.07 -8.84 19.08
C THR E 194 -6.39 -7.48 18.91
N ALA E 195 -6.26 -6.74 20.01
CA ALA E 195 -5.48 -5.52 20.00
C ALA E 195 -4.29 -5.69 20.92
N VAL E 196 -3.10 -5.32 20.42
CA VAL E 196 -1.86 -5.43 21.19
C VAL E 196 -1.44 -4.03 21.62
N VAL E 197 -1.22 -3.87 22.92
CA VAL E 197 -0.71 -2.61 23.48
C VAL E 197 0.74 -2.78 23.91
N ILE E 198 1.67 -2.07 23.27
CA ILE E 198 3.06 -2.09 23.68
C ILE E 198 3.37 -0.85 24.52
N GLY E 199 3.87 -1.07 25.73
CA GLY E 199 4.24 0.01 26.61
C GLY E 199 3.09 0.29 27.55
N VAL E 200 3.01 -0.52 28.62
CA VAL E 200 1.94 -0.32 29.58
C VAL E 200 2.37 0.73 30.60
N GLY E 201 3.11 1.75 30.15
CA GLY E 201 3.36 2.91 30.98
C GLY E 201 2.09 3.76 31.12
N GLY E 202 2.27 5.08 31.14
CA GLY E 202 1.15 5.93 31.49
C GLY E 202 0.00 5.71 30.51
N LEU E 203 0.37 5.85 29.22
CA LEU E 203 -0.57 5.86 28.12
C LEU E 203 -1.17 4.46 27.97
N GLY E 204 -0.30 3.45 27.85
CA GLY E 204 -0.73 2.07 27.67
C GLY E 204 -1.75 1.67 28.74
N HIS E 205 -1.43 2.02 30.00
CA HIS E 205 -2.27 1.81 31.18
C HIS E 205 -3.72 2.22 30.89
N VAL E 206 -3.89 3.42 30.36
CA VAL E 206 -5.23 3.95 30.15
C VAL E 206 -5.77 3.45 28.82
N GLY E 207 -4.86 3.21 27.86
CA GLY E 207 -5.21 2.54 26.62
C GLY E 207 -6.01 1.27 26.87
N ILE E 208 -5.48 0.41 27.73
CA ILE E 208 -6.14 -0.86 28.05
C ILE E 208 -7.54 -0.59 28.59
N GLN E 209 -7.65 0.39 29.47
CA GLN E 209 -8.93 0.63 30.12
C GLN E 209 -9.94 1.02 29.06
N ILE E 210 -9.51 1.88 28.12
CA ILE E 210 -10.36 2.41 27.06
C ILE E 210 -10.82 1.26 26.19
N LEU E 211 -9.85 0.47 25.72
CA LEU E 211 -10.11 -0.68 24.88
C LEU E 211 -11.22 -1.56 25.47
N ARG E 212 -11.23 -1.70 26.79
CA ARG E 212 -12.18 -2.56 27.48
C ARG E 212 -13.56 -1.89 27.50
N ALA E 213 -13.58 -0.57 27.71
CA ALA E 213 -14.81 0.19 27.92
C ALA E 213 -15.57 0.37 26.61
N VAL E 214 -14.82 0.55 25.50
CA VAL E 214 -15.35 0.95 24.21
C VAL E 214 -15.35 -0.20 23.18
N SER E 215 -14.73 -1.34 23.50
CA SER E 215 -14.76 -2.46 22.56
C SER E 215 -14.75 -3.80 23.29
N ALA E 216 -15.09 -4.84 22.54
CA ALA E 216 -15.05 -6.20 23.05
C ALA E 216 -13.80 -6.90 22.53
N ALA E 217 -12.77 -6.13 22.16
CA ALA E 217 -11.60 -6.73 21.56
C ALA E 217 -10.78 -7.45 22.63
N ARG E 218 -9.98 -8.44 22.23
CA ARG E 218 -9.07 -9.07 23.17
C ARG E 218 -7.81 -8.20 23.31
N VAL E 219 -7.34 -8.03 24.54
CA VAL E 219 -6.16 -7.18 24.71
C VAL E 219 -4.97 -8.00 25.20
N ILE E 220 -3.87 -7.94 24.45
CA ILE E 220 -2.61 -8.52 24.86
C ILE E 220 -1.66 -7.36 25.11
N ALA E 221 -1.08 -7.28 26.31
CA ALA E 221 -0.13 -6.23 26.63
C ALA E 221 1.31 -6.73 26.42
N VAL E 222 2.20 -5.78 26.10
CA VAL E 222 3.62 -6.06 25.97
C VAL E 222 4.38 -4.99 26.74
N ASP E 223 5.37 -5.37 27.55
CA ASP E 223 6.16 -4.37 28.26
C ASP E 223 7.53 -4.97 28.62
N LEU E 224 8.44 -4.12 29.09
CA LEU E 224 9.71 -4.59 29.64
C LEU E 224 9.53 -5.13 31.06
N ASP E 225 8.69 -4.47 31.84
CA ASP E 225 8.70 -4.62 33.28
C ASP E 225 7.76 -5.74 33.73
N ASP E 226 8.28 -6.66 34.54
CA ASP E 226 7.42 -7.70 35.08
C ASP E 226 6.19 -7.01 35.65
N ASP E 227 6.42 -5.99 36.49
CA ASP E 227 5.40 -5.44 37.37
C ASP E 227 4.37 -4.71 36.53
N ARG E 228 4.85 -4.07 35.45
CA ARG E 228 3.96 -3.41 34.52
C ARG E 228 2.99 -4.45 33.93
N LEU E 229 3.52 -5.63 33.56
CA LEU E 229 2.74 -6.70 32.94
C LEU E 229 1.65 -7.17 33.89
N ALA E 230 1.98 -7.25 35.19
CA ALA E 230 1.08 -7.74 36.20
C ALA E 230 -0.09 -6.77 36.36
N LEU E 231 0.20 -5.46 36.21
CA LEU E 231 -0.77 -4.40 36.43
C LEU E 231 -1.61 -4.24 35.17
N ALA E 232 -1.01 -4.57 34.02
CA ALA E 232 -1.73 -4.67 32.76
C ALA E 232 -2.87 -5.69 32.85
N ARG E 233 -2.60 -6.82 33.51
CA ARG E 233 -3.63 -7.83 33.69
C ARG E 233 -4.75 -7.25 34.54
N GLU E 234 -4.39 -6.50 35.59
CA GLU E 234 -5.36 -6.06 36.58
C GLU E 234 -6.38 -5.12 35.96
N VAL E 235 -5.92 -4.30 35.00
CA VAL E 235 -6.74 -3.28 34.38
C VAL E 235 -7.47 -3.87 33.18
N GLY E 236 -7.10 -5.09 32.75
CA GLY E 236 -8.01 -5.85 31.92
C GLY E 236 -7.42 -6.46 30.65
N ALA E 237 -6.09 -6.50 30.53
CA ALA E 237 -5.45 -7.26 29.46
C ALA E 237 -5.75 -8.73 29.68
N ASP E 238 -6.09 -9.46 28.62
CA ASP E 238 -6.26 -10.89 28.79
C ASP E 238 -4.90 -11.54 29.03
N ALA E 239 -3.91 -11.18 28.25
CA ALA E 239 -2.61 -11.79 28.45
C ALA E 239 -1.53 -10.73 28.38
N ALA E 240 -0.34 -11.07 28.87
CA ALA E 240 0.75 -10.12 28.81
C ALA E 240 2.05 -10.85 28.53
N VAL E 241 2.90 -10.28 27.69
CA VAL E 241 4.13 -10.95 27.32
C VAL E 241 5.24 -9.91 27.41
N LYS E 242 6.49 -10.38 27.44
CA LYS E 242 7.61 -9.48 27.63
C LYS E 242 8.05 -8.93 26.29
N SER E 243 8.30 -7.62 26.26
CA SER E 243 8.87 -6.96 25.12
C SER E 243 10.29 -7.49 24.89
N GLY E 244 10.66 -7.66 23.61
CA GLY E 244 12.00 -8.09 23.29
C GLY E 244 12.02 -8.79 21.94
N ALA E 245 13.17 -9.39 21.62
CA ALA E 245 13.37 -10.19 20.44
C ALA E 245 12.20 -11.16 20.24
N GLY E 246 11.81 -11.86 21.31
CA GLY E 246 10.91 -12.99 21.18
C GLY E 246 9.43 -12.66 21.41
N ALA E 247 9.10 -11.36 21.52
CA ALA E 247 7.76 -10.87 21.82
C ALA E 247 6.78 -11.16 20.67
N ALA E 248 7.25 -10.99 19.43
CA ALA E 248 6.46 -11.30 18.24
C ALA E 248 5.92 -12.72 18.29
N ASP E 249 6.81 -13.70 18.43
CA ASP E 249 6.46 -15.11 18.58
C ASP E 249 5.47 -15.32 19.73
N ALA E 250 5.81 -14.79 20.90
CA ALA E 250 5.01 -14.91 22.11
C ALA E 250 3.57 -14.56 21.80
N ILE E 251 3.38 -13.48 21.03
CA ILE E 251 2.06 -12.95 20.74
C ILE E 251 1.32 -13.94 19.84
N ARG E 252 2.02 -14.40 18.80
CA ARG E 252 1.43 -15.29 17.81
C ARG E 252 0.96 -16.61 18.44
N GLU E 253 1.78 -17.18 19.32
CA GLU E 253 1.42 -18.34 20.13
C GLU E 253 0.11 -18.07 20.87
N LEU E 254 -0.04 -16.84 21.37
CA LEU E 254 -1.22 -16.56 22.14
C LEU E 254 -2.42 -16.46 21.20
N THR E 255 -2.19 -16.10 19.93
CA THR E 255 -3.30 -15.81 19.05
C THR E 255 -3.53 -16.95 18.06
N GLY E 256 -2.93 -18.10 18.37
CA GLY E 256 -2.91 -19.28 17.51
C GLY E 256 -2.26 -18.99 16.17
N GLY E 257 -1.39 -17.97 16.12
CA GLY E 257 -0.67 -17.58 14.92
C GLY E 257 -1.51 -16.71 13.99
N GLN E 258 -2.52 -16.03 14.51
CA GLN E 258 -3.41 -15.35 13.59
C GLN E 258 -2.95 -13.91 13.39
N GLY E 259 -2.33 -13.33 14.40
CA GLY E 259 -1.93 -11.97 14.14
C GLY E 259 -3.02 -10.97 14.48
N ALA E 260 -2.60 -9.81 14.98
CA ALA E 260 -3.47 -8.90 15.70
C ALA E 260 -4.09 -7.86 14.76
N THR E 261 -5.35 -7.51 14.99
CA THR E 261 -6.07 -6.55 14.16
C THR E 261 -5.42 -5.18 14.29
N ALA E 262 -5.07 -4.80 15.54
CA ALA E 262 -4.49 -3.48 15.80
C ALA E 262 -3.30 -3.59 16.74
N VAL E 263 -2.26 -2.81 16.48
CA VAL E 263 -1.16 -2.68 17.43
C VAL E 263 -0.97 -1.21 17.80
N PHE E 264 -0.96 -0.94 19.11
CA PHE E 264 -0.83 0.42 19.65
C PHE E 264 0.50 0.56 20.38
N ASP E 265 1.52 1.04 19.65
CA ASP E 265 2.85 1.15 20.21
C ASP E 265 2.94 2.44 21.02
N PHE E 266 2.96 2.31 22.34
CA PHE E 266 3.10 3.47 23.21
C PHE E 266 4.55 3.69 23.60
N VAL E 267 5.42 2.76 23.20
CA VAL E 267 6.85 2.92 23.42
C VAL E 267 7.41 3.71 22.25
N GLY E 268 7.21 3.19 21.04
CA GLY E 268 7.61 3.86 19.82
C GLY E 268 9.10 3.69 19.52
N ALA E 269 9.70 2.62 20.05
CA ALA E 269 11.11 2.37 19.73
C ALA E 269 11.20 1.64 18.40
N GLN E 270 12.37 1.65 17.78
CA GLN E 270 12.55 0.81 16.60
C GLN E 270 12.21 -0.65 16.89
N SER E 271 12.56 -1.17 18.09
CA SER E 271 12.32 -2.57 18.47
C SER E 271 10.82 -2.85 18.45
N THR E 272 10.08 -1.97 19.12
CA THR E 272 8.65 -2.15 19.32
C THR E 272 7.96 -2.06 17.96
N ILE E 273 8.21 -0.97 17.21
CA ILE E 273 7.71 -0.81 15.86
C ILE E 273 8.03 -2.06 15.03
N ASP E 274 9.22 -2.64 15.23
CA ASP E 274 9.56 -3.88 14.54
C ASP E 274 8.63 -5.00 14.99
N THR E 275 8.50 -5.18 16.30
CA THR E 275 7.63 -6.21 16.85
C THR E 275 6.25 -6.08 16.22
N ALA E 276 5.75 -4.84 16.18
CA ALA E 276 4.40 -4.53 15.73
C ALA E 276 4.21 -4.96 14.28
N GLN E 277 5.26 -4.85 13.48
CA GLN E 277 5.14 -5.21 12.08
C GLN E 277 5.14 -6.73 11.94
N GLN E 278 5.68 -7.46 12.93
CA GLN E 278 5.76 -8.91 12.82
C GLN E 278 4.47 -9.57 13.28
N VAL E 279 3.59 -8.79 13.94
CA VAL E 279 2.46 -9.38 14.61
C VAL E 279 1.17 -8.81 14.04
N VAL E 280 1.25 -7.72 13.26
CA VAL E 280 0.03 -7.14 12.72
C VAL E 280 -0.57 -8.11 11.69
N ALA E 281 -1.90 -8.15 11.68
CA ALA E 281 -2.65 -9.01 10.77
C ALA E 281 -2.82 -8.30 9.45
N VAL E 282 -3.13 -9.07 8.40
CA VAL E 282 -3.37 -8.49 7.10
C VAL E 282 -4.59 -7.59 7.28
N ASP E 283 -4.57 -6.42 6.63
CA ASP E 283 -5.64 -5.43 6.68
C ASP E 283 -5.82 -4.86 8.09
N GLY E 284 -4.87 -5.10 9.00
CA GLY E 284 -4.93 -4.51 10.33
C GLY E 284 -4.34 -3.10 10.38
N HIS E 285 -3.71 -2.76 11.51
CA HIS E 285 -3.34 -1.39 11.77
C HIS E 285 -2.25 -1.30 12.85
N ILE E 286 -1.24 -0.44 12.60
CA ILE E 286 -0.27 -0.08 13.63
C ILE E 286 -0.38 1.42 13.92
N SER E 287 -0.34 1.79 15.20
CA SER E 287 -0.44 3.18 15.63
C SER E 287 0.79 3.54 16.47
N VAL E 288 1.72 4.32 15.90
CA VAL E 288 2.95 4.68 16.59
C VAL E 288 2.67 5.90 17.45
N VAL E 289 2.37 5.67 18.74
CA VAL E 289 1.99 6.75 19.64
C VAL E 289 3.19 7.32 20.40
N GLY E 290 4.16 6.47 20.79
CA GLY E 290 5.35 6.90 21.50
C GLY E 290 6.40 7.50 20.56
N ILE E 291 7.08 8.56 21.05
CA ILE E 291 8.13 9.28 20.34
C ILE E 291 9.48 8.67 20.73
N HIS E 292 10.21 8.16 19.75
CA HIS E 292 11.65 7.97 19.85
C HIS E 292 12.29 8.55 18.60
N ALA E 293 12.93 9.71 18.75
CA ALA E 293 13.61 10.36 17.65
C ALA E 293 14.23 9.31 16.73
N GLY E 294 13.73 9.19 15.48
CA GLY E 294 14.41 8.43 14.45
C GLY E 294 13.79 7.05 14.19
N ALA E 295 12.99 6.57 15.14
CA ALA E 295 12.29 5.29 15.04
C ALA E 295 11.12 5.47 14.08
N HIS E 296 11.01 4.56 13.11
CA HIS E 296 9.93 4.63 12.13
C HIS E 296 9.53 3.21 11.74
N ALA E 297 8.33 3.07 11.19
CA ALA E 297 7.84 1.83 10.62
C ALA E 297 8.16 1.87 9.14
N LYS E 298 8.51 0.71 8.59
CA LYS E 298 8.88 0.66 7.19
C LYS E 298 7.72 0.03 6.44
N VAL E 299 6.96 0.86 5.73
CA VAL E 299 5.75 0.39 5.07
C VAL E 299 6.04 0.17 3.59
N GLY E 300 6.24 -1.09 3.19
CA GLY E 300 6.47 -1.42 1.79
C GLY E 300 6.08 -2.86 1.51
N PHE E 301 6.05 -3.23 0.22
CA PHE E 301 5.63 -4.55 -0.21
C PHE E 301 6.55 -5.60 0.40
N PHE E 302 5.94 -6.53 1.15
CA PHE E 302 6.59 -7.72 1.71
C PHE E 302 7.39 -7.37 2.94
N MET E 303 7.29 -6.13 3.40
CA MET E 303 7.93 -5.71 4.63
C MET E 303 6.91 -5.49 5.74
N ILE E 304 5.63 -5.67 5.36
CA ILE E 304 4.46 -5.51 6.21
C ILE E 304 3.32 -6.16 5.45
N PRO E 305 2.37 -6.79 6.17
CA PRO E 305 1.15 -7.33 5.56
C PRO E 305 0.38 -6.32 4.68
N PHE E 306 -0.20 -6.83 3.58
CA PHE E 306 -1.05 -6.03 2.75
C PHE E 306 -2.12 -5.43 3.64
N GLY E 307 -2.45 -4.16 3.41
CA GLY E 307 -3.64 -3.56 3.99
C GLY E 307 -3.39 -3.08 5.42
N ALA E 308 -2.31 -3.55 6.06
CA ALA E 308 -1.99 -3.04 7.37
C ALA E 308 -1.59 -1.57 7.23
N SER E 309 -2.31 -0.68 7.92
CA SER E 309 -2.00 0.72 7.75
C SER E 309 -1.23 1.22 8.97
N VAL E 310 -0.28 2.12 8.75
CA VAL E 310 0.43 2.69 9.88
C VAL E 310 0.20 4.21 9.97
N VAL E 311 0.24 4.76 11.19
CA VAL E 311 0.06 6.19 11.36
C VAL E 311 0.68 6.59 12.69
N THR E 312 1.21 7.83 12.75
CA THR E 312 1.55 8.49 14.00
C THR E 312 0.46 9.51 14.30
N PRO E 313 -0.52 9.21 15.18
CA PRO E 313 -1.57 10.17 15.51
C PRO E 313 -1.06 11.20 16.53
N TYR E 314 -1.84 12.28 16.66
CA TYR E 314 -1.41 13.44 17.43
C TYR E 314 -2.54 13.84 18.37
N TRP E 315 -2.31 13.56 19.66
CA TRP E 315 -3.25 13.95 20.70
C TRP E 315 -4.65 13.44 20.38
N GLY E 316 -5.66 14.32 20.43
CA GLY E 316 -7.04 13.93 20.21
C GLY E 316 -7.96 15.12 19.89
N THR E 317 -9.21 14.82 19.51
CA THR E 317 -10.19 15.82 19.16
C THR E 317 -10.94 16.27 20.41
N ARG E 318 -11.66 17.38 20.27
CA ARG E 318 -12.37 17.97 21.40
C ARG E 318 -13.52 17.06 21.82
N SER E 319 -14.27 16.54 20.84
CA SER E 319 -15.35 15.60 21.15
C SER E 319 -14.77 14.40 21.89
N GLU E 320 -13.61 13.95 21.43
CA GLU E 320 -12.91 12.82 22.03
C GLU E 320 -12.69 13.12 23.50
N LEU E 321 -12.06 14.27 23.79
CA LEU E 321 -11.84 14.72 25.15
C LEU E 321 -13.12 14.61 25.98
N MET E 322 -14.28 14.97 25.40
CA MET E 322 -15.52 14.98 26.15
C MET E 322 -15.89 13.55 26.54
N GLU E 323 -15.70 12.62 25.60
CA GLU E 323 -15.95 11.21 25.83
C GLU E 323 -15.02 10.65 26.89
N VAL E 324 -13.75 11.03 26.86
CA VAL E 324 -12.81 10.59 27.89
C VAL E 324 -13.28 11.01 29.28
N VAL E 325 -13.76 12.25 29.38
CA VAL E 325 -14.28 12.78 30.64
C VAL E 325 -15.45 11.92 31.06
N ALA E 326 -16.27 11.50 30.10
CA ALA E 326 -17.46 10.71 30.40
C ALA E 326 -17.06 9.33 30.93
N LEU E 327 -16.09 8.70 30.29
CA LEU E 327 -15.59 7.43 30.78
C LEU E 327 -15.15 7.63 32.23
N ALA E 328 -14.33 8.67 32.46
CA ALA E 328 -13.78 8.94 33.79
C ALA E 328 -14.89 9.08 34.82
N ARG E 329 -15.89 9.91 34.52
CA ARG E 329 -16.96 10.19 35.48
C ARG E 329 -17.79 8.94 35.77
N ALA E 330 -17.86 8.01 34.81
CA ALA E 330 -18.55 6.75 35.02
C ALA E 330 -17.64 5.75 35.75
N GLY E 331 -16.40 6.16 36.04
CA GLY E 331 -15.48 5.38 36.84
C GLY E 331 -14.71 4.34 36.02
N ARG E 332 -14.69 4.50 34.69
CA ARG E 332 -14.16 3.48 33.79
C ARG E 332 -12.67 3.70 33.55
N LEU E 333 -12.14 4.88 33.86
CA LEU E 333 -10.70 5.12 33.68
C LEU E 333 -10.07 5.49 35.01
N ASP E 334 -8.79 5.19 35.16
CA ASP E 334 -8.14 5.28 36.45
C ASP E 334 -6.63 5.25 36.23
N ILE E 335 -5.94 6.27 36.72
CA ILE E 335 -4.49 6.34 36.66
C ILE E 335 -4.01 6.70 38.07
N HIS E 336 -2.89 6.14 38.50
CA HIS E 336 -2.32 6.51 39.80
C HIS E 336 -1.67 7.89 39.70
N THR E 337 -2.03 8.78 40.64
CA THR E 337 -1.55 10.14 40.66
C THR E 337 -0.62 10.31 41.87
N GLU E 338 0.34 11.23 41.74
CA GLU E 338 1.18 11.68 42.83
C GLU E 338 1.08 13.20 42.87
N THR E 339 0.68 13.73 44.03
CA THR E 339 0.26 15.13 44.15
C THR E 339 1.40 15.98 44.71
N PHE E 340 1.77 17.07 44.01
CA PHE E 340 2.81 17.98 44.46
C PHE E 340 2.23 19.39 44.60
N THR E 341 3.05 20.33 45.12
CA THR E 341 2.66 21.73 45.22
C THR E 341 3.38 22.49 44.12
N LEU E 342 2.99 23.76 43.95
CA LEU E 342 3.65 24.59 42.95
C LEU E 342 5.17 24.59 43.13
N ASP E 343 5.62 24.66 44.41
CA ASP E 343 7.03 24.85 44.71
C ASP E 343 7.81 23.58 44.45
N GLU E 344 7.07 22.51 44.16
CA GLU E 344 7.75 21.25 43.94
C GLU E 344 7.83 20.93 42.45
N GLY E 345 7.38 21.88 41.61
CA GLY E 345 7.58 21.74 40.18
C GLY E 345 8.95 21.13 39.90
N PRO E 346 10.04 21.86 40.22
CA PRO E 346 11.39 21.38 39.91
C PRO E 346 11.62 19.98 40.49
N ALA E 347 11.23 19.82 41.76
CA ALA E 347 11.40 18.55 42.46
C ALA E 347 10.77 17.40 41.68
N ALA E 348 9.52 17.62 41.24
CA ALA E 348 8.68 16.64 40.58
C ALA E 348 9.25 16.27 39.21
N TYR E 349 9.78 17.27 38.48
CA TYR E 349 10.37 17.04 37.17
C TYR E 349 11.58 16.12 37.31
N ARG E 350 12.38 16.35 38.36
CA ARG E 350 13.55 15.51 38.61
C ARG E 350 13.12 14.08 38.92
N ARG E 351 12.09 13.93 39.77
CA ARG E 351 11.53 12.62 40.05
C ARG E 351 11.03 11.96 38.77
N LEU E 352 10.40 12.76 37.89
CA LEU E 352 9.90 12.29 36.60
C LEU E 352 11.05 11.76 35.73
N ARG E 353 12.17 12.50 35.68
CA ARG E 353 13.38 12.16 34.94
C ARG E 353 13.99 10.82 35.34
N GLU E 354 13.96 10.44 36.64
CA GLU E 354 14.47 9.16 37.10
C GLU E 354 13.40 8.07 37.02
N GLY E 355 12.18 8.43 36.61
CA GLY E 355 11.09 7.49 36.34
C GLY E 355 10.59 6.83 37.62
N SER E 356 10.75 7.58 38.72
CA SER E 356 10.33 7.14 40.04
C SER E 356 8.88 7.55 40.28
N ILE E 357 8.13 7.87 39.21
CA ILE E 357 6.72 8.17 39.35
C ILE E 357 5.93 7.00 38.77
N ARG E 358 4.97 6.48 39.55
CA ARG E 358 4.05 5.48 39.03
C ARG E 358 2.79 6.22 38.58
N GLY E 359 2.42 6.06 37.31
CA GLY E 359 1.29 6.77 36.76
C GLY E 359 1.70 8.17 36.31
N ARG E 360 1.15 9.21 36.96
CA ARG E 360 1.31 10.59 36.51
C ARG E 360 1.48 11.51 37.71
N GLY E 361 2.44 12.45 37.60
CA GLY E 361 2.60 13.56 38.55
C GLY E 361 1.60 14.69 38.28
N VAL E 362 1.03 15.24 39.35
CA VAL E 362 0.06 16.32 39.26
C VAL E 362 0.43 17.38 40.30
N VAL E 363 0.64 18.62 39.84
CA VAL E 363 0.82 19.76 40.72
C VAL E 363 -0.54 20.36 41.05
N VAL E 364 -0.74 20.70 42.33
CA VAL E 364 -1.98 21.28 42.84
C VAL E 364 -1.60 22.57 43.57
N PRO E 365 -1.91 23.77 43.03
CA PRO E 365 -1.84 25.03 43.78
C PRO E 365 -3.19 25.51 44.29
N GLY F 18 -8.06 31.41 -14.48
CA GLY F 18 -7.57 30.12 -13.96
C GLY F 18 -6.32 30.29 -13.09
N SER F 19 -6.24 29.53 -11.98
CA SER F 19 -5.20 29.80 -11.00
C SER F 19 -3.92 29.02 -11.29
N HIS F 20 -3.91 28.26 -12.39
CA HIS F 20 -2.69 27.61 -12.88
C HIS F 20 -2.59 27.72 -14.40
N MET F 21 -1.39 27.45 -14.90
CA MET F 21 -1.09 27.63 -16.32
C MET F 21 0.07 26.71 -16.68
N LYS F 22 0.06 26.26 -17.95
CA LYS F 22 1.14 25.50 -18.55
C LYS F 22 2.38 26.39 -18.67
N ALA F 23 3.56 25.77 -18.66
CA ALA F 23 4.80 26.52 -18.69
C ALA F 23 5.88 25.57 -19.16
N VAL F 24 6.75 26.02 -20.07
CA VAL F 24 7.84 25.20 -20.53
C VAL F 24 9.06 25.48 -19.65
N GLN F 25 9.38 24.54 -18.74
CA GLN F 25 10.42 24.72 -17.73
C GLN F 25 11.60 23.75 -17.88
N TYR F 26 12.77 24.21 -17.47
CA TYR F 26 13.94 23.38 -17.29
C TYR F 26 14.03 23.01 -15.83
N THR F 27 13.83 21.71 -15.55
CA THR F 27 13.58 21.25 -14.20
C THR F 27 14.82 20.65 -13.55
N GLU F 28 15.72 20.04 -14.33
CA GLU F 28 16.93 19.45 -13.75
C GLU F 28 18.03 19.40 -14.80
N ILE F 29 19.27 19.67 -14.37
CA ILE F 29 20.40 19.81 -15.28
C ILE F 29 20.53 18.57 -16.17
N GLY F 30 20.85 18.78 -17.45
CA GLY F 30 21.14 17.71 -18.38
C GLY F 30 19.89 17.06 -18.96
N SER F 31 18.71 17.57 -18.61
CA SER F 31 17.47 16.96 -19.09
C SER F 31 16.82 17.86 -20.15
N GLU F 32 15.77 17.33 -20.79
CA GLU F 32 14.97 18.10 -21.71
C GLU F 32 13.99 18.99 -20.95
N PRO F 33 13.54 20.10 -21.59
CA PRO F 33 12.43 20.88 -21.04
C PRO F 33 11.12 20.09 -21.11
N VAL F 34 10.16 20.45 -20.25
CA VAL F 34 8.87 19.80 -20.15
C VAL F 34 7.81 20.88 -19.92
N VAL F 35 6.62 20.67 -20.47
CA VAL F 35 5.43 21.47 -20.20
C VAL F 35 4.78 20.98 -18.90
N VAL F 36 4.94 21.77 -17.83
CA VAL F 36 4.34 21.49 -16.53
C VAL F 36 3.31 22.58 -16.19
N ASP F 37 2.55 22.36 -15.10
CA ASP F 37 1.53 23.27 -14.61
C ASP F 37 2.03 24.00 -13.38
N ILE F 38 1.92 25.33 -13.39
CA ILE F 38 2.38 26.09 -12.25
C ILE F 38 1.36 27.20 -11.94
N PRO F 39 1.50 27.88 -10.77
CA PRO F 39 0.57 28.92 -10.34
C PRO F 39 0.65 30.06 -11.36
N THR F 40 -0.52 30.53 -11.82
CA THR F 40 -0.61 31.78 -12.57
C THR F 40 -0.18 32.89 -11.62
N PRO F 41 0.98 33.56 -11.85
CA PRO F 41 1.51 34.51 -10.86
C PRO F 41 0.66 35.76 -10.73
N THR F 42 0.85 36.47 -9.64
CA THR F 42 0.02 37.65 -9.42
C THR F 42 0.90 38.90 -9.39
N PRO F 43 0.52 39.99 -10.09
CA PRO F 43 1.39 41.17 -10.20
C PRO F 43 1.40 41.93 -8.87
N GLY F 44 2.56 42.01 -8.25
CA GLY F 44 2.74 42.77 -7.02
C GLY F 44 2.55 44.27 -7.27
N PRO F 45 2.95 45.13 -6.30
CA PRO F 45 2.92 46.57 -6.52
C PRO F 45 4.14 46.90 -7.37
N GLY F 46 3.89 47.43 -8.58
CA GLY F 46 4.95 47.76 -9.51
C GLY F 46 5.10 46.77 -10.66
N GLU F 47 4.63 45.55 -10.48
CA GLU F 47 4.74 44.52 -11.50
C GLU F 47 3.57 44.59 -12.48
N ILE F 48 3.75 43.96 -13.63
CA ILE F 48 2.68 43.84 -14.61
C ILE F 48 2.57 42.38 -15.02
N LEU F 49 1.32 41.92 -15.23
CA LEU F 49 1.04 40.57 -15.67
C LEU F 49 0.67 40.63 -17.14
N LEU F 50 1.43 39.94 -17.99
CA LEU F 50 1.08 39.88 -19.40
C LEU F 50 0.52 38.50 -19.72
N LYS F 51 -0.47 38.49 -20.61
CA LYS F 51 -0.89 37.26 -21.27
C LYS F 51 0.04 37.07 -22.46
N VAL F 52 0.92 36.07 -22.43
CA VAL F 52 1.94 36.03 -23.46
C VAL F 52 1.33 35.67 -24.82
N THR F 53 1.79 36.34 -25.89
CA THR F 53 1.21 36.14 -27.22
C THR F 53 2.24 35.53 -28.17
N ALA F 54 3.54 35.68 -27.86
CA ALA F 54 4.57 34.93 -28.57
C ALA F 54 5.85 34.83 -27.73
N ALA F 55 6.56 33.70 -27.83
CA ALA F 55 7.82 33.53 -27.15
C ALA F 55 8.84 32.90 -28.10
N GLY F 56 9.98 33.57 -28.26
CA GLY F 56 10.99 33.12 -29.19
C GLY F 56 11.90 32.09 -28.51
N LEU F 57 12.33 31.12 -29.33
CA LEU F 57 13.44 30.24 -28.97
C LEU F 57 14.70 30.76 -29.65
N CYS F 58 15.86 30.31 -29.16
CA CYS F 58 17.11 30.82 -29.68
C CYS F 58 18.22 29.91 -29.18
N HIS F 59 19.32 29.85 -29.94
CA HIS F 59 20.44 28.96 -29.65
C HIS F 59 21.03 29.26 -28.28
N SER F 60 20.80 30.48 -27.81
CA SER F 60 21.22 30.91 -26.50
C SER F 60 20.53 30.04 -25.42
N ASP F 61 19.28 29.65 -25.69
CA ASP F 61 18.53 28.78 -24.79
C ASP F 61 19.23 27.41 -24.68
N ILE F 62 19.84 26.94 -25.77
CA ILE F 62 20.54 25.66 -25.75
C ILE F 62 21.81 25.79 -24.90
N PHE F 63 22.53 26.89 -25.06
CA PHE F 63 23.79 27.13 -24.34
C PHE F 63 23.61 26.92 -22.84
N VAL F 64 22.53 27.53 -22.28
CA VAL F 64 22.24 27.53 -20.85
C VAL F 64 21.94 26.11 -20.36
N MET F 65 21.18 25.33 -21.14
CA MET F 65 20.86 23.98 -20.69
C MET F 65 21.98 22.99 -20.96
N ASP F 66 23.01 23.41 -21.72
CA ASP F 66 24.17 22.56 -21.92
C ASP F 66 25.26 22.80 -20.88
N MET F 67 24.99 23.64 -19.87
CA MET F 67 25.97 23.86 -18.83
C MET F 67 25.94 22.66 -17.89
N PRO F 68 27.11 22.02 -17.59
CA PRO F 68 27.16 20.89 -16.64
C PRO F 68 26.81 21.29 -15.20
N ALA F 69 26.18 20.36 -14.47
CA ALA F 69 25.71 20.59 -13.10
C ALA F 69 26.81 21.21 -12.24
N ALA F 70 28.04 20.69 -12.42
CA ALA F 70 29.26 21.25 -11.87
C ALA F 70 29.22 22.79 -11.80
N GLN F 71 28.87 23.45 -12.92
CA GLN F 71 28.88 24.91 -13.03
C GLN F 71 27.52 25.49 -12.62
N TYR F 72 26.68 24.67 -11.98
CA TYR F 72 25.31 25.06 -11.63
C TYR F 72 25.14 25.19 -10.11
N ALA F 73 24.59 26.34 -9.67
CA ALA F 73 24.32 26.64 -8.27
C ALA F 73 22.82 26.77 -7.95
N TYR F 74 22.16 27.86 -8.40
CA TYR F 74 20.89 28.27 -7.81
C TYR F 74 19.89 28.74 -8.86
N GLY F 75 19.57 27.91 -9.88
CA GLY F 75 18.72 28.31 -11.00
C GLY F 75 17.29 27.75 -11.02
N LEU F 76 17.12 26.44 -10.76
CA LEU F 76 15.96 25.66 -11.21
C LEU F 76 14.86 25.56 -10.17
N PRO F 77 13.56 25.45 -10.57
CA PRO F 77 13.14 25.35 -11.97
C PRO F 77 13.13 26.70 -12.69
N LEU F 78 13.04 26.66 -14.02
CA LEU F 78 13.16 27.87 -14.80
C LEU F 78 12.19 27.80 -15.96
N THR F 79 11.19 28.69 -15.99
CA THR F 79 10.45 28.92 -17.22
C THR F 79 11.40 29.60 -18.23
N LEU F 80 11.55 29.01 -19.42
CA LEU F 80 12.40 29.53 -20.48
C LEU F 80 11.69 30.62 -21.28
N GLY F 81 12.48 31.41 -22.02
CA GLY F 81 11.98 32.27 -23.09
C GLY F 81 12.31 33.74 -22.84
N HIS F 82 13.45 34.17 -23.37
CA HIS F 82 13.93 35.52 -23.09
C HIS F 82 13.40 36.48 -24.16
N GLU F 83 12.83 35.94 -25.24
CA GLU F 83 12.25 36.75 -26.30
C GLU F 83 10.73 36.81 -26.12
N GLY F 84 10.23 37.77 -25.33
CA GLY F 84 8.82 37.75 -24.99
C GLY F 84 8.03 38.91 -25.59
N VAL F 85 6.80 38.62 -26.05
CA VAL F 85 5.79 39.63 -26.35
C VAL F 85 4.42 39.11 -25.91
N GLY F 86 3.56 40.02 -25.40
CA GLY F 86 2.23 39.65 -24.94
C GLY F 86 1.30 40.85 -24.86
N THR F 87 0.24 40.71 -24.06
CA THR F 87 -0.77 41.74 -23.85
C THR F 87 -0.91 41.98 -22.36
N VAL F 88 -1.05 43.25 -21.97
CA VAL F 88 -1.16 43.58 -20.55
C VAL F 88 -2.46 42.97 -20.05
N ALA F 89 -2.33 42.06 -19.08
CA ALA F 89 -3.43 41.32 -18.47
C ALA F 89 -3.92 42.00 -17.19
N GLU F 90 -2.99 42.31 -16.28
CA GLU F 90 -3.39 43.01 -15.07
C GLU F 90 -2.24 43.88 -14.57
N LEU F 91 -2.57 45.12 -14.19
CA LEU F 91 -1.58 46.06 -13.70
C LEU F 91 -1.44 45.93 -12.19
N GLY F 92 -0.20 45.74 -11.70
CA GLY F 92 0.08 45.76 -10.27
C GLY F 92 -0.28 47.10 -9.63
N GLU F 93 0.01 47.20 -8.33
CA GLU F 93 -0.30 48.40 -7.56
C GLU F 93 0.56 49.58 -8.04
N GLY F 94 -0.11 50.70 -8.38
CA GLY F 94 0.52 51.99 -8.62
C GLY F 94 1.06 52.14 -10.04
N VAL F 95 1.18 51.01 -10.73
CA VAL F 95 1.72 50.97 -12.07
C VAL F 95 0.77 51.72 -12.99
N THR F 96 1.30 52.81 -13.53
CA THR F 96 0.55 53.67 -14.41
C THR F 96 1.33 53.73 -15.72
N GLY F 97 0.59 53.88 -16.83
CA GLY F 97 1.21 54.16 -18.11
C GLY F 97 1.11 53.01 -19.10
N PHE F 98 0.18 52.08 -18.83
CA PHE F 98 -0.17 50.98 -19.71
C PHE F 98 -1.61 50.56 -19.42
N GLY F 99 -2.29 50.15 -20.49
CA GLY F 99 -3.69 49.76 -20.40
C GLY F 99 -3.86 48.27 -20.64
N VAL F 100 -4.96 47.73 -20.12
CA VAL F 100 -5.27 46.34 -20.40
C VAL F 100 -5.47 46.22 -21.91
N GLY F 101 -4.97 45.11 -22.47
CA GLY F 101 -5.10 44.80 -23.89
C GLY F 101 -3.91 45.29 -24.72
N ASP F 102 -3.11 46.22 -24.17
CA ASP F 102 -1.98 46.83 -24.85
C ASP F 102 -0.91 45.81 -25.20
N ALA F 103 -0.43 45.90 -26.45
CA ALA F 103 0.58 44.99 -26.96
C ALA F 103 1.97 45.54 -26.66
N VAL F 104 2.78 44.72 -25.98
CA VAL F 104 4.10 45.14 -25.54
C VAL F 104 5.10 44.01 -25.80
N ALA F 105 6.33 44.38 -26.15
CA ALA F 105 7.47 43.48 -26.17
C ALA F 105 8.26 43.64 -24.87
N VAL F 106 8.87 42.54 -24.42
CA VAL F 106 9.56 42.50 -23.14
C VAL F 106 11.02 42.84 -23.39
N TYR F 107 11.51 43.83 -22.64
CA TYR F 107 12.92 44.20 -22.69
C TYR F 107 13.71 43.13 -21.94
N GLY F 108 14.69 42.55 -22.62
CA GLY F 108 15.46 41.44 -22.07
C GLY F 108 16.34 41.77 -20.86
N PRO F 109 17.50 42.45 -21.05
CA PRO F 109 18.48 42.63 -19.99
C PRO F 109 18.16 43.69 -18.93
N TRP F 110 17.36 43.27 -17.95
CA TRP F 110 16.95 44.04 -16.78
C TRP F 110 18.16 44.44 -15.96
N GLY F 111 18.13 45.70 -15.47
CA GLY F 111 19.16 46.24 -14.59
C GLY F 111 18.57 46.89 -13.35
N CYS F 112 19.47 47.44 -12.51
CA CYS F 112 19.14 48.11 -11.26
C CYS F 112 18.27 49.34 -11.48
N GLY F 113 18.51 50.09 -12.56
CA GLY F 113 17.72 51.27 -12.89
C GLY F 113 18.24 52.53 -12.20
N ALA F 114 19.26 52.40 -11.32
CA ALA F 114 19.68 53.52 -10.51
C ALA F 114 21.21 53.67 -10.49
N CYS F 115 21.93 52.89 -11.31
CA CYS F 115 23.35 53.11 -11.43
C CYS F 115 23.59 54.03 -12.62
N HIS F 116 24.85 54.43 -12.82
CA HIS F 116 25.17 55.39 -13.87
C HIS F 116 24.73 54.81 -15.21
N ALA F 117 25.18 53.56 -15.47
CA ALA F 117 24.92 52.88 -16.72
C ALA F 117 23.43 52.90 -17.06
N CYS F 118 22.57 52.63 -16.07
CA CYS F 118 21.14 52.56 -16.31
C CYS F 118 20.60 53.95 -16.51
N ALA F 119 21.11 54.92 -15.75
CA ALA F 119 20.62 56.29 -15.77
C ALA F 119 20.90 56.94 -17.14
N ARG F 120 21.95 56.42 -17.77
CA ARG F 120 22.30 56.79 -19.13
C ARG F 120 21.32 56.15 -20.11
N GLY F 121 20.72 55.02 -19.75
CA GLY F 121 19.83 54.35 -20.70
C GLY F 121 20.43 53.05 -21.24
N ARG F 122 21.65 52.74 -20.80
CA ARG F 122 22.35 51.51 -21.13
C ARG F 122 22.14 50.44 -20.06
N GLU F 123 20.89 49.97 -19.92
CA GLU F 123 20.55 49.02 -18.86
C GLU F 123 21.31 47.73 -19.04
N ASN F 124 21.57 47.36 -20.30
CA ASN F 124 22.23 46.09 -20.60
C ASN F 124 23.61 46.08 -19.99
N TYR F 125 24.10 47.26 -19.58
CA TYR F 125 25.45 47.41 -19.06
C TYR F 125 25.45 47.80 -17.58
N CYS F 126 24.37 47.46 -16.87
CA CYS F 126 24.18 47.80 -15.47
C CYS F 126 25.30 47.20 -14.63
N THR F 127 25.80 47.97 -13.66
CA THR F 127 26.99 47.61 -12.90
C THR F 127 26.63 46.97 -11.56
N ARG F 128 25.34 46.85 -11.28
CA ARG F 128 24.90 46.41 -9.96
C ARG F 128 24.16 45.09 -10.10
N ALA F 129 23.81 44.74 -11.34
CA ALA F 129 22.82 43.72 -11.62
C ALA F 129 23.34 42.36 -11.19
N ALA F 130 24.62 42.07 -11.45
CA ALA F 130 25.24 40.85 -10.94
C ALA F 130 24.97 40.77 -9.44
N ASP F 131 25.44 41.78 -8.71
CA ASP F 131 25.44 41.79 -7.26
C ASP F 131 24.02 41.80 -6.71
N LEU F 132 23.02 42.14 -7.54
CA LEU F 132 21.64 42.20 -7.05
C LEU F 132 20.83 40.98 -7.49
N GLY F 133 21.47 40.08 -8.25
CA GLY F 133 20.79 38.93 -8.84
C GLY F 133 19.61 39.39 -9.71
N ILE F 134 19.76 40.57 -10.35
CA ILE F 134 18.83 40.97 -11.39
C ILE F 134 19.21 40.18 -12.64
N THR F 135 18.49 39.06 -12.85
CA THR F 135 18.69 38.22 -14.02
C THR F 135 17.54 38.46 -15.00
N PRO F 136 17.80 38.26 -16.31
CA PRO F 136 16.77 38.46 -17.34
C PRO F 136 15.67 37.39 -17.35
N PRO F 137 14.46 37.72 -17.85
CA PRO F 137 13.42 36.72 -18.00
C PRO F 137 13.81 35.60 -18.96
N GLY F 138 13.84 34.38 -18.42
CA GLY F 138 14.05 33.17 -19.20
C GLY F 138 15.51 32.73 -19.13
N LEU F 139 16.28 33.50 -18.35
CA LEU F 139 17.66 33.18 -17.99
C LEU F 139 17.88 33.55 -16.53
N GLY F 140 17.01 33.06 -15.64
CA GLY F 140 17.17 33.25 -14.22
C GLY F 140 15.90 33.79 -13.57
N SER F 141 15.09 34.50 -14.35
CA SER F 141 13.77 34.94 -13.93
C SER F 141 12.73 34.25 -14.80
N PRO F 142 11.47 34.09 -14.32
CA PRO F 142 10.41 33.48 -15.11
C PRO F 142 10.36 34.01 -16.55
N GLY F 143 10.45 33.10 -17.52
CA GLY F 143 10.54 33.42 -18.93
C GLY F 143 9.17 33.66 -19.56
N SER F 144 9.18 33.75 -20.90
CA SER F 144 7.98 34.10 -21.65
C SER F 144 7.31 32.84 -22.20
N MET F 145 7.87 31.66 -21.94
CA MET F 145 7.31 30.48 -22.58
C MET F 145 6.27 29.81 -21.69
N ALA F 146 5.23 30.59 -21.38
CA ALA F 146 4.12 30.21 -20.50
C ALA F 146 2.90 31.02 -20.93
N GLU F 147 1.73 30.68 -20.38
CA GLU F 147 0.49 31.34 -20.76
C GLU F 147 0.54 32.79 -20.32
N TYR F 148 1.10 33.03 -19.12
CA TYR F 148 1.19 34.38 -18.56
C TYR F 148 2.57 34.65 -17.99
N MET F 149 2.82 35.95 -17.73
CA MET F 149 4.17 36.45 -17.48
C MET F 149 4.10 37.62 -16.49
N ILE F 150 5.14 37.69 -15.64
CA ILE F 150 5.38 38.83 -14.77
C ILE F 150 6.61 39.60 -15.28
N VAL F 151 6.45 40.92 -15.46
CA VAL F 151 7.52 41.83 -15.77
C VAL F 151 7.67 42.79 -14.60
N ASP F 152 8.91 43.00 -14.15
CA ASP F 152 9.17 43.55 -12.83
C ASP F 152 8.83 45.04 -12.73
N SER F 153 8.94 45.79 -13.84
CA SER F 153 8.59 47.21 -13.82
C SER F 153 8.18 47.68 -15.20
N ALA F 154 7.50 48.83 -15.24
CA ALA F 154 6.87 49.28 -16.47
C ALA F 154 7.91 49.67 -17.52
N ARG F 155 9.11 49.99 -17.05
CA ARG F 155 10.12 50.50 -17.96
C ARG F 155 10.68 49.34 -18.81
N HIS F 156 10.22 48.11 -18.56
CA HIS F 156 10.74 46.96 -19.28
C HIS F 156 9.76 46.49 -20.35
N LEU F 157 8.72 47.29 -20.63
CA LEU F 157 7.82 47.01 -21.74
C LEU F 157 7.93 48.10 -22.80
N VAL F 158 8.04 47.70 -24.07
CA VAL F 158 8.04 48.69 -25.15
C VAL F 158 6.83 48.40 -26.02
N PRO F 159 5.95 49.39 -26.30
CA PRO F 159 4.73 49.14 -27.08
C PRO F 159 5.06 48.70 -28.49
N ILE F 160 4.18 47.86 -29.06
CA ILE F 160 4.40 47.39 -30.43
C ILE F 160 3.18 47.69 -31.29
N GLY F 161 2.15 48.29 -30.68
CA GLY F 161 0.91 48.58 -31.36
C GLY F 161 0.38 47.33 -32.06
N ASP F 162 0.13 47.46 -33.36
CA ASP F 162 -0.51 46.39 -34.10
C ASP F 162 0.50 45.54 -34.88
N LEU F 163 1.79 45.58 -34.51
CA LEU F 163 2.77 44.68 -35.12
C LEU F 163 2.37 43.26 -34.76
N ASP F 164 2.47 42.34 -35.73
CA ASP F 164 2.24 40.92 -35.46
C ASP F 164 3.21 40.41 -34.37
N PRO F 165 2.71 39.97 -33.19
CA PRO F 165 3.58 39.47 -32.12
C PRO F 165 4.57 38.39 -32.54
N VAL F 166 4.19 37.63 -33.58
CA VAL F 166 5.04 36.55 -34.06
C VAL F 166 6.27 37.15 -34.73
N ALA F 167 6.05 38.27 -35.44
CA ALA F 167 7.17 38.93 -36.09
C ALA F 167 7.97 39.69 -35.04
N ALA F 168 7.25 40.32 -34.11
CA ALA F 168 7.83 41.03 -32.98
C ALA F 168 8.85 40.16 -32.23
N ALA F 169 8.38 39.00 -31.74
CA ALA F 169 9.09 38.24 -30.71
C ALA F 169 10.60 38.13 -31.01
N PRO F 170 11.02 37.63 -32.21
CA PRO F 170 12.45 37.48 -32.49
C PRO F 170 13.20 38.81 -32.41
N LEU F 171 12.47 39.92 -32.59
CA LEU F 171 13.09 41.23 -32.64
C LEU F 171 13.69 41.60 -31.29
N THR F 172 13.22 40.98 -30.20
CA THR F 172 13.65 41.29 -28.83
C THR F 172 15.06 40.78 -28.55
N ASP F 173 15.63 40.01 -29.48
CA ASP F 173 16.95 39.43 -29.32
C ASP F 173 17.72 39.45 -30.65
N ALA F 174 17.20 38.73 -31.65
CA ALA F 174 17.82 38.72 -32.97
C ALA F 174 17.75 40.07 -33.68
N GLY F 175 16.81 40.96 -33.30
CA GLY F 175 16.81 42.30 -33.82
C GLY F 175 17.69 43.23 -32.98
N LEU F 176 17.39 43.25 -31.67
CA LEU F 176 18.04 44.12 -30.71
C LEU F 176 19.54 43.88 -30.70
N THR F 177 19.99 42.62 -30.72
CA THR F 177 21.38 42.29 -30.48
C THR F 177 22.25 42.85 -31.60
N PRO F 178 21.90 42.58 -32.89
CA PRO F 178 22.66 43.11 -34.02
C PRO F 178 22.58 44.63 -34.11
N TYR F 179 21.39 45.18 -33.80
CA TYR F 179 21.25 46.63 -33.82
C TYR F 179 22.22 47.28 -32.82
N HIS F 180 22.30 46.76 -31.61
CA HIS F 180 23.25 47.34 -30.67
C HIS F 180 24.65 47.23 -31.25
N ALA F 181 24.99 46.06 -31.78
CA ALA F 181 26.33 45.81 -32.30
C ALA F 181 26.71 46.90 -33.30
N ILE F 182 25.78 47.19 -34.22
CA ILE F 182 25.96 48.17 -35.29
C ILE F 182 25.88 49.58 -34.72
N SER F 183 24.88 49.84 -33.87
CA SER F 183 24.70 51.14 -33.24
C SER F 183 26.00 51.65 -32.64
N ARG F 184 26.83 50.75 -32.10
CA ARG F 184 28.02 51.14 -31.37
C ARG F 184 29.00 51.88 -32.29
N VAL F 185 28.98 51.62 -33.61
CA VAL F 185 30.02 52.12 -34.50
C VAL F 185 29.42 52.77 -35.75
N LEU F 186 28.16 53.19 -35.66
CA LEU F 186 27.38 53.64 -36.81
C LEU F 186 28.01 54.89 -37.42
N PRO F 187 28.55 55.85 -36.61
CA PRO F 187 29.32 56.97 -37.14
C PRO F 187 30.37 56.64 -38.20
N LEU F 188 30.90 55.42 -38.18
CA LEU F 188 31.96 55.05 -39.09
C LEU F 188 31.38 54.49 -40.40
N LEU F 189 30.07 54.26 -40.44
CA LEU F 189 29.53 53.56 -41.60
C LEU F 189 28.88 54.55 -42.56
N GLY F 190 29.65 55.60 -42.91
CA GLY F 190 29.27 56.56 -43.93
C GLY F 190 29.34 55.93 -45.32
N PRO F 191 28.84 56.61 -46.37
CA PRO F 191 28.88 56.04 -47.73
C PRO F 191 30.37 55.91 -48.08
N GLY F 192 30.73 54.80 -48.72
CA GLY F 192 32.15 54.51 -48.89
C GLY F 192 32.68 53.52 -47.85
N SER F 193 32.04 53.39 -46.69
CA SER F 193 32.48 52.40 -45.73
C SER F 193 32.06 50.99 -46.16
N THR F 194 32.70 49.97 -45.57
CA THR F 194 32.35 48.57 -45.84
C THR F 194 32.18 47.80 -44.52
N ALA F 195 31.03 47.11 -44.42
CA ALA F 195 30.67 46.24 -43.31
C ALA F 195 30.69 44.78 -43.77
N VAL F 196 31.46 43.95 -43.06
CA VAL F 196 31.43 42.52 -43.32
C VAL F 196 30.59 41.87 -42.23
N VAL F 197 29.70 40.98 -42.67
CA VAL F 197 28.83 40.20 -41.79
C VAL F 197 29.22 38.73 -41.92
N ILE F 198 29.73 38.15 -40.82
CA ILE F 198 30.03 36.72 -40.83
C ILE F 198 28.92 35.97 -40.10
N GLY F 199 28.28 35.04 -40.80
CA GLY F 199 27.13 34.29 -40.29
C GLY F 199 25.82 34.97 -40.66
N VAL F 200 25.24 34.57 -41.80
CA VAL F 200 24.09 35.22 -42.39
C VAL F 200 22.79 34.73 -41.75
N GLY F 201 22.54 33.43 -41.75
CA GLY F 201 21.40 32.94 -40.99
C GLY F 201 21.36 33.55 -39.58
N GLY F 202 20.15 33.78 -39.07
CA GLY F 202 20.03 34.09 -37.67
C GLY F 202 20.18 35.59 -37.47
N LEU F 203 21.13 35.98 -36.59
CA LEU F 203 21.30 37.37 -36.21
C LEU F 203 21.72 38.21 -37.42
N GLY F 204 22.72 37.69 -38.17
CA GLY F 204 23.30 38.39 -39.30
C GLY F 204 22.33 38.70 -40.45
N HIS F 205 21.17 38.06 -40.44
CA HIS F 205 20.18 38.25 -41.49
C HIS F 205 19.44 39.54 -41.17
N VAL F 206 19.23 39.76 -39.87
CA VAL F 206 18.58 40.98 -39.40
C VAL F 206 19.63 42.10 -39.38
N GLY F 207 20.91 41.71 -39.33
CA GLY F 207 22.03 42.63 -39.38
C GLY F 207 22.06 43.36 -40.72
N ILE F 208 22.11 42.59 -41.80
CA ILE F 208 22.15 43.14 -43.15
C ILE F 208 20.98 44.09 -43.34
N GLN F 209 19.78 43.68 -42.93
CA GLN F 209 18.61 44.53 -43.08
C GLN F 209 18.82 45.86 -42.34
N ILE F 210 19.45 45.80 -41.16
CA ILE F 210 19.65 46.97 -40.32
C ILE F 210 20.67 47.89 -41.00
N LEU F 211 21.75 47.28 -41.52
CA LEU F 211 22.78 48.07 -42.18
C LEU F 211 22.19 48.87 -43.33
N ARG F 212 21.30 48.23 -44.10
CA ARG F 212 20.72 48.88 -45.27
C ARG F 212 19.79 50.02 -44.86
N ALA F 213 19.26 49.97 -43.63
CA ALA F 213 18.25 50.94 -43.24
C ALA F 213 18.87 52.15 -42.55
N VAL F 214 19.87 51.89 -41.69
CA VAL F 214 20.41 52.92 -40.83
C VAL F 214 21.74 53.45 -41.38
N SER F 215 22.22 52.86 -42.49
CA SER F 215 23.49 53.27 -43.05
C SER F 215 23.49 53.10 -44.57
N ALA F 216 24.58 53.52 -45.20
CA ALA F 216 24.68 53.36 -46.63
C ALA F 216 25.99 52.66 -46.96
N ALA F 217 26.47 51.87 -46.00
CA ALA F 217 27.71 51.13 -46.19
C ALA F 217 27.55 49.99 -47.21
N ARG F 218 28.67 49.48 -47.73
CA ARG F 218 28.65 48.32 -48.59
C ARG F 218 28.58 47.09 -47.67
N VAL F 219 27.80 46.07 -48.04
CA VAL F 219 27.61 44.94 -47.16
C VAL F 219 28.13 43.67 -47.81
N ILE F 220 29.00 42.93 -47.11
CA ILE F 220 29.59 41.76 -47.71
C ILE F 220 29.24 40.56 -46.84
N ALA F 221 28.42 39.65 -47.38
CA ALA F 221 27.94 38.50 -46.65
C ALA F 221 28.99 37.40 -46.67
N VAL F 222 29.18 36.73 -45.53
CA VAL F 222 30.10 35.62 -45.41
C VAL F 222 29.37 34.50 -44.68
N ASP F 223 29.32 33.32 -45.31
CA ASP F 223 28.73 32.14 -44.70
C ASP F 223 29.39 30.88 -45.26
N LEU F 224 28.98 29.74 -44.70
CA LEU F 224 29.31 28.43 -45.23
C LEU F 224 28.24 27.98 -46.22
N ASP F 225 26.95 28.22 -45.90
CA ASP F 225 25.86 27.68 -46.70
C ASP F 225 25.51 28.64 -47.85
N ASP F 226 25.64 28.14 -49.10
CA ASP F 226 25.40 28.90 -50.31
C ASP F 226 23.95 29.38 -50.42
N ASP F 227 23.04 28.62 -49.79
CA ASP F 227 21.62 28.94 -49.81
C ASP F 227 21.37 30.18 -48.97
N ARG F 228 22.07 30.30 -47.83
CA ARG F 228 21.87 31.42 -46.92
C ARG F 228 22.49 32.67 -47.53
N LEU F 229 23.57 32.46 -48.31
CA LEU F 229 24.36 33.47 -49.01
C LEU F 229 23.55 34.13 -50.12
N ALA F 230 22.83 33.30 -50.90
CA ALA F 230 21.99 33.78 -51.99
C ALA F 230 20.84 34.62 -51.43
N LEU F 231 20.27 34.22 -50.29
CA LEU F 231 19.17 34.95 -49.69
C LEU F 231 19.66 36.15 -48.87
N ALA F 232 20.98 36.23 -48.66
CA ALA F 232 21.59 37.43 -48.08
C ALA F 232 21.70 38.52 -49.14
N ARG F 233 21.93 38.10 -50.40
CA ARG F 233 21.91 39.03 -51.53
C ARG F 233 20.54 39.71 -51.64
N GLU F 234 19.47 38.90 -51.58
CA GLU F 234 18.12 39.37 -51.79
C GLU F 234 17.68 40.32 -50.69
N VAL F 235 18.39 40.35 -49.55
CA VAL F 235 18.01 41.20 -48.42
C VAL F 235 18.90 42.44 -48.37
N GLY F 236 19.95 42.48 -49.21
CA GLY F 236 20.71 43.70 -49.42
C GLY F 236 22.22 43.55 -49.19
N ALA F 237 22.72 42.33 -49.34
CA ALA F 237 24.16 42.16 -49.36
C ALA F 237 24.66 42.41 -50.79
N ASP F 238 25.63 43.33 -50.91
CA ASP F 238 26.15 43.80 -52.17
C ASP F 238 27.22 42.84 -52.71
N ALA F 239 27.57 41.80 -51.94
CA ALA F 239 28.54 40.77 -52.33
C ALA F 239 28.52 39.64 -51.31
N ALA F 240 28.97 38.45 -51.74
CA ALA F 240 28.91 37.24 -50.94
C ALA F 240 30.25 36.53 -50.99
N VAL F 241 30.64 35.88 -49.89
CA VAL F 241 31.90 35.16 -49.83
C VAL F 241 31.70 33.95 -48.93
N LYS F 242 32.29 32.81 -49.32
CA LYS F 242 32.16 31.56 -48.57
C LYS F 242 33.26 31.49 -47.50
N SER F 243 32.85 31.38 -46.22
CA SER F 243 33.82 31.42 -45.13
C SER F 243 34.75 30.22 -45.24
N GLY F 244 36.04 30.45 -44.95
CA GLY F 244 37.05 29.41 -45.00
C GLY F 244 38.41 30.10 -44.98
N ALA F 245 39.49 29.34 -45.18
CA ALA F 245 40.81 29.96 -45.20
C ALA F 245 40.98 30.88 -46.43
N GLY F 246 40.06 30.81 -47.40
CA GLY F 246 40.12 31.66 -48.58
C GLY F 246 39.26 32.91 -48.44
N ALA F 247 38.62 33.08 -47.26
CA ALA F 247 37.66 34.15 -46.98
C ALA F 247 38.32 35.53 -46.94
N ALA F 248 39.38 35.66 -46.14
CA ALA F 248 40.18 36.88 -46.09
C ALA F 248 40.49 37.37 -47.51
N ASP F 249 41.23 36.56 -48.28
CA ASP F 249 41.68 36.96 -49.61
C ASP F 249 40.54 37.41 -50.50
N ALA F 250 39.46 36.62 -50.51
CA ALA F 250 38.24 36.94 -51.23
C ALA F 250 37.75 38.34 -50.89
N ILE F 251 37.67 38.67 -49.59
CA ILE F 251 37.08 39.94 -49.16
C ILE F 251 38.00 41.12 -49.52
N ARG F 252 39.32 40.96 -49.27
CA ARG F 252 40.31 41.94 -49.70
C ARG F 252 40.09 42.26 -51.18
N GLU F 253 40.06 41.22 -52.03
CA GLU F 253 39.79 41.29 -53.46
C GLU F 253 38.63 42.22 -53.77
N LEU F 254 37.57 42.18 -52.94
CA LEU F 254 36.33 42.92 -53.18
C LEU F 254 36.45 44.37 -52.74
N THR F 255 37.39 44.68 -51.83
CA THR F 255 37.52 46.04 -51.35
C THR F 255 38.73 46.73 -51.99
N GLY F 256 39.40 46.00 -52.91
CA GLY F 256 40.69 46.41 -53.46
C GLY F 256 41.79 46.51 -52.40
N GLY F 257 41.75 45.62 -51.40
CA GLY F 257 42.81 45.48 -50.41
C GLY F 257 42.69 46.49 -49.26
N GLN F 258 41.72 47.40 -49.33
CA GLN F 258 41.60 48.50 -48.37
C GLN F 258 41.03 48.01 -47.03
N GLY F 259 40.44 46.80 -47.02
CA GLY F 259 39.83 46.25 -45.82
C GLY F 259 38.44 46.84 -45.55
N ALA F 260 37.81 46.37 -44.48
CA ALA F 260 36.45 46.74 -44.15
C ALA F 260 36.42 47.55 -42.86
N THR F 261 35.69 48.66 -42.90
CA THR F 261 35.48 49.57 -41.79
C THR F 261 35.09 48.78 -40.54
N ALA F 262 34.17 47.83 -40.73
CA ALA F 262 33.58 47.11 -39.61
C ALA F 262 33.34 45.65 -39.97
N VAL F 263 33.75 44.74 -39.08
CA VAL F 263 33.43 43.33 -39.23
C VAL F 263 32.50 42.92 -38.08
N PHE F 264 31.27 42.52 -38.44
CA PHE F 264 30.32 42.03 -37.44
C PHE F 264 30.21 40.51 -37.55
N ASP F 265 30.90 39.83 -36.62
CA ASP F 265 30.99 38.38 -36.63
C ASP F 265 29.92 37.77 -35.75
N PHE F 266 28.91 37.20 -36.40
CA PHE F 266 27.79 36.64 -35.67
C PHE F 266 28.04 35.17 -35.45
N VAL F 267 29.13 34.66 -36.02
CA VAL F 267 29.44 33.25 -35.90
C VAL F 267 30.14 33.06 -34.55
N GLY F 268 31.28 33.74 -34.39
CA GLY F 268 31.92 33.87 -33.10
C GLY F 268 32.97 32.79 -32.83
N ALA F 269 33.27 31.99 -33.86
CA ALA F 269 34.31 30.98 -33.84
C ALA F 269 35.68 31.65 -33.93
N GLN F 270 36.73 30.87 -33.59
CA GLN F 270 38.11 31.34 -33.70
C GLN F 270 38.46 31.57 -35.17
N SER F 271 37.92 30.70 -36.02
CA SER F 271 38.01 30.76 -37.46
C SER F 271 37.52 32.12 -37.98
N THR F 272 36.29 32.49 -37.61
CA THR F 272 35.68 33.70 -38.11
C THR F 272 36.42 34.92 -37.55
N ILE F 273 36.81 34.85 -36.26
CA ILE F 273 37.51 35.95 -35.61
C ILE F 273 38.88 36.14 -36.28
N ASP F 274 39.48 35.02 -36.71
CA ASP F 274 40.75 35.07 -37.40
C ASP F 274 40.56 35.75 -38.77
N THR F 275 39.53 35.31 -39.52
CA THR F 275 39.24 35.94 -40.81
C THR F 275 39.19 37.44 -40.57
N ALA F 276 38.42 37.83 -39.55
CA ALA F 276 38.03 39.21 -39.27
C ALA F 276 39.26 40.05 -39.05
N GLN F 277 40.13 39.57 -38.16
CA GLN F 277 41.34 40.28 -37.78
C GLN F 277 42.21 40.53 -39.00
N GLN F 278 41.98 39.77 -40.08
CA GLN F 278 42.83 39.88 -41.26
C GLN F 278 42.19 40.73 -42.36
N VAL F 279 40.97 41.21 -42.13
CA VAL F 279 40.23 41.86 -43.20
C VAL F 279 39.81 43.26 -42.74
N VAL F 280 39.80 43.49 -41.42
CA VAL F 280 39.39 44.77 -40.88
C VAL F 280 40.37 45.82 -41.37
N ALA F 281 39.88 47.05 -41.57
CA ALA F 281 40.69 48.20 -41.96
C ALA F 281 41.29 48.86 -40.71
N VAL F 282 42.36 49.64 -40.95
CA VAL F 282 43.01 50.46 -39.93
C VAL F 282 41.94 51.37 -39.34
N ASP F 283 42.00 51.65 -38.03
CA ASP F 283 41.01 52.52 -37.41
C ASP F 283 39.59 51.99 -37.68
N GLY F 284 39.45 50.66 -37.79
CA GLY F 284 38.19 49.98 -38.00
C GLY F 284 37.66 49.39 -36.70
N HIS F 285 36.91 48.28 -36.78
CA HIS F 285 36.23 47.76 -35.60
C HIS F 285 35.81 46.30 -35.80
N ILE F 286 36.00 45.46 -34.79
CA ILE F 286 35.48 44.10 -34.86
C ILE F 286 34.48 43.86 -33.73
N SER F 287 33.23 43.56 -34.11
CA SER F 287 32.19 43.21 -33.15
C SER F 287 31.93 41.69 -33.18
N VAL F 288 32.31 41.03 -32.07
CA VAL F 288 32.15 39.60 -31.89
C VAL F 288 30.84 39.35 -31.17
N VAL F 289 29.84 38.88 -31.92
CA VAL F 289 28.49 38.75 -31.40
C VAL F 289 28.21 37.29 -31.08
N GLY F 290 28.86 36.37 -31.82
CA GLY F 290 28.65 34.95 -31.66
C GLY F 290 29.46 34.33 -30.51
N ILE F 291 28.78 33.47 -29.74
CA ILE F 291 29.39 32.87 -28.58
C ILE F 291 29.89 31.48 -28.96
N HIS F 292 31.22 31.30 -28.98
CA HIS F 292 31.88 30.01 -29.02
C HIS F 292 32.92 29.95 -27.90
N ALA F 293 32.58 29.23 -26.82
CA ALA F 293 33.37 29.20 -25.60
C ALA F 293 34.83 29.05 -25.96
N GLY F 294 35.66 30.00 -25.50
CA GLY F 294 37.10 29.93 -25.71
C GLY F 294 37.58 30.88 -26.81
N ALA F 295 36.83 30.91 -27.92
CA ALA F 295 37.06 31.78 -29.07
C ALA F 295 37.27 33.22 -28.62
N HIS F 296 38.27 33.89 -29.19
CA HIS F 296 38.64 35.20 -28.71
C HIS F 296 39.48 35.92 -29.76
N ALA F 297 39.32 37.24 -29.85
CA ALA F 297 40.24 38.03 -30.65
C ALA F 297 41.53 38.26 -29.86
N LYS F 298 42.62 38.54 -30.60
CA LYS F 298 43.95 38.74 -30.05
C LYS F 298 44.45 40.10 -30.50
N VAL F 299 44.20 41.10 -29.64
CA VAL F 299 44.47 42.51 -29.88
C VAL F 299 45.80 42.88 -29.23
N GLY F 300 46.84 42.98 -30.07
CA GLY F 300 48.19 43.36 -29.71
C GLY F 300 48.89 43.90 -30.96
N PHE F 301 50.04 44.56 -30.78
CA PHE F 301 50.74 45.25 -31.87
C PHE F 301 51.08 44.28 -32.98
N PHE F 302 50.71 44.64 -34.22
CA PHE F 302 51.04 43.89 -35.42
C PHE F 302 50.21 42.61 -35.56
N MET F 303 49.37 42.30 -34.59
CA MET F 303 48.51 41.13 -34.70
C MET F 303 47.11 41.56 -35.10
N ILE F 304 46.98 42.84 -35.48
CA ILE F 304 45.74 43.48 -35.85
C ILE F 304 46.11 44.87 -36.33
N PRO F 305 45.35 45.49 -37.26
CA PRO F 305 45.61 46.87 -37.67
C PRO F 305 45.55 47.86 -36.51
N PHE F 306 46.36 48.91 -36.61
CA PHE F 306 46.28 50.03 -35.69
C PHE F 306 44.89 50.63 -35.73
N GLY F 307 44.38 51.04 -34.56
CA GLY F 307 43.11 51.74 -34.51
C GLY F 307 41.89 50.84 -34.68
N ALA F 308 42.11 49.56 -35.02
CA ALA F 308 41.05 48.55 -35.03
C ALA F 308 40.71 48.18 -33.58
N SER F 309 39.43 48.39 -33.23
CA SER F 309 38.95 48.10 -31.90
C SER F 309 38.08 46.85 -31.92
N VAL F 310 38.19 46.03 -30.85
CA VAL F 310 37.37 44.84 -30.70
C VAL F 310 36.50 44.99 -29.45
N VAL F 311 35.33 44.32 -29.48
CA VAL F 311 34.37 44.36 -28.38
C VAL F 311 33.44 43.14 -28.48
N THR F 312 33.01 42.65 -27.32
CA THR F 312 31.92 41.70 -27.30
C THR F 312 30.69 42.45 -26.79
N PRO F 313 29.70 42.74 -27.64
CA PRO F 313 28.53 43.51 -27.23
C PRO F 313 27.50 42.58 -26.61
N TYR F 314 26.65 43.16 -25.75
CA TYR F 314 25.69 42.40 -24.97
C TYR F 314 24.30 42.99 -25.17
N TRP F 315 23.48 42.24 -25.92
CA TRP F 315 22.08 42.55 -26.15
C TRP F 315 21.94 43.98 -26.68
N GLY F 316 21.12 44.80 -26.02
CA GLY F 316 20.85 46.17 -26.43
C GLY F 316 20.20 47.03 -25.35
N THR F 317 19.91 48.29 -25.68
CA THR F 317 19.34 49.29 -24.78
C THR F 317 17.85 49.35 -25.02
N ARG F 318 17.12 49.99 -24.10
CA ARG F 318 15.68 50.13 -24.25
C ARG F 318 15.34 51.01 -25.46
N SER F 319 16.02 52.16 -25.57
CA SER F 319 15.89 53.05 -26.72
C SER F 319 16.09 52.24 -28.01
N GLU F 320 17.19 51.48 -28.09
CA GLU F 320 17.50 50.65 -29.25
C GLU F 320 16.35 49.71 -29.60
N LEU F 321 15.75 49.09 -28.58
CA LEU F 321 14.64 48.19 -28.84
C LEU F 321 13.52 48.95 -29.52
N MET F 322 13.19 50.14 -28.98
CA MET F 322 12.08 50.89 -29.56
C MET F 322 12.41 51.25 -31.00
N GLU F 323 13.68 51.52 -31.25
CA GLU F 323 14.10 51.75 -32.62
C GLU F 323 13.87 50.50 -33.47
N VAL F 324 14.24 49.33 -32.95
CA VAL F 324 14.11 48.11 -33.72
C VAL F 324 12.62 47.85 -34.00
N VAL F 325 11.77 48.08 -33.01
CA VAL F 325 10.35 48.03 -33.29
C VAL F 325 9.98 48.97 -34.43
N ALA F 326 10.46 50.23 -34.40
CA ALA F 326 10.07 51.19 -35.41
C ALA F 326 10.41 50.73 -36.82
N LEU F 327 11.61 50.15 -37.00
CA LEU F 327 12.04 49.59 -38.27
C LEU F 327 11.01 48.56 -38.76
N ALA F 328 10.65 47.60 -37.89
CA ALA F 328 9.79 46.48 -38.27
C ALA F 328 8.40 46.97 -38.58
N ARG F 329 7.91 47.96 -37.83
CA ARG F 329 6.61 48.56 -38.08
C ARG F 329 6.63 49.34 -39.39
N ALA F 330 7.84 49.69 -39.85
CA ALA F 330 7.97 50.41 -41.09
C ALA F 330 8.37 49.44 -42.21
N GLY F 331 8.32 48.13 -41.89
CA GLY F 331 8.51 47.03 -42.82
C GLY F 331 9.95 46.95 -43.34
N ARG F 332 10.90 47.41 -42.52
CA ARG F 332 12.29 47.48 -42.92
C ARG F 332 13.02 46.22 -42.44
N LEU F 333 12.38 45.46 -41.56
CA LEU F 333 12.92 44.23 -40.97
C LEU F 333 11.92 43.10 -41.21
N ASP F 334 12.39 41.99 -41.79
CA ASP F 334 11.56 40.80 -41.99
C ASP F 334 12.42 39.59 -41.67
N ILE F 335 11.98 38.81 -40.70
CA ILE F 335 12.67 37.59 -40.33
C ILE F 335 11.71 36.40 -40.40
N HIS F 336 12.18 35.26 -40.96
CA HIS F 336 11.30 34.12 -41.19
C HIS F 336 11.03 33.41 -39.87
N THR F 337 9.74 33.35 -39.48
CA THR F 337 9.28 32.75 -38.23
C THR F 337 8.65 31.41 -38.56
N GLU F 338 8.88 30.40 -37.70
CA GLU F 338 8.17 29.14 -37.75
C GLU F 338 7.45 28.91 -36.41
N THR F 339 6.13 28.77 -36.47
CA THR F 339 5.24 28.79 -35.32
C THR F 339 5.17 27.42 -34.66
N PHE F 340 5.29 27.38 -33.34
CA PHE F 340 4.99 26.19 -32.56
C PHE F 340 3.96 26.52 -31.48
N THR F 341 3.36 25.47 -30.88
CA THR F 341 2.41 25.68 -29.80
C THR F 341 3.14 25.51 -28.47
N LEU F 342 2.47 25.92 -27.38
CA LEU F 342 3.09 25.85 -26.08
C LEU F 342 3.34 24.38 -25.75
N ASP F 343 2.35 23.52 -26.08
CA ASP F 343 2.45 22.09 -25.84
C ASP F 343 3.64 21.51 -26.59
N GLU F 344 4.08 22.22 -27.63
CA GLU F 344 5.14 21.77 -28.52
C GLU F 344 6.48 22.40 -28.12
N GLY F 345 6.48 23.08 -26.98
CA GLY F 345 7.68 23.71 -26.43
C GLY F 345 8.87 22.76 -26.53
N PRO F 346 8.82 21.61 -25.81
CA PRO F 346 9.99 20.72 -25.73
C PRO F 346 10.39 20.16 -27.10
N ALA F 347 9.37 19.91 -27.93
CA ALA F 347 9.51 19.44 -29.30
C ALA F 347 10.35 20.41 -30.12
N ALA F 348 9.98 21.70 -30.08
CA ALA F 348 10.67 22.74 -30.82
C ALA F 348 12.14 22.84 -30.40
N TYR F 349 12.39 22.72 -29.09
CA TYR F 349 13.75 22.78 -28.57
C TYR F 349 14.63 21.68 -29.18
N ARG F 350 14.00 20.54 -29.48
CA ARG F 350 14.66 19.41 -30.11
C ARG F 350 15.10 19.78 -31.53
N ARG F 351 14.16 20.38 -32.26
CA ARG F 351 14.36 20.80 -33.63
C ARG F 351 15.47 21.83 -33.71
N LEU F 352 15.42 22.83 -32.81
CA LEU F 352 16.48 23.82 -32.77
C LEU F 352 17.82 23.12 -32.57
N ARG F 353 17.87 22.20 -31.60
CA ARG F 353 19.08 21.45 -31.31
C ARG F 353 19.71 20.86 -32.57
N GLU F 354 18.88 20.45 -33.54
CA GLU F 354 19.40 19.80 -34.73
C GLU F 354 19.42 20.78 -35.91
N GLY F 355 19.48 22.08 -35.60
CA GLY F 355 19.60 23.16 -36.57
C GLY F 355 18.64 23.03 -37.75
N SER F 356 17.47 22.44 -37.50
CA SER F 356 16.50 22.19 -38.55
C SER F 356 15.34 23.18 -38.40
N ILE F 357 15.65 24.41 -38.00
CA ILE F 357 14.65 25.46 -37.95
C ILE F 357 15.02 26.52 -38.98
N ARG F 358 14.05 26.87 -39.86
CA ARG F 358 14.24 27.95 -40.81
C ARG F 358 14.07 29.29 -40.10
N GLY F 359 15.22 29.90 -39.77
CA GLY F 359 15.27 31.23 -39.17
C GLY F 359 15.08 31.16 -37.66
N ARG F 360 13.96 31.72 -37.20
CA ARG F 360 13.72 31.88 -35.77
C ARG F 360 12.36 31.25 -35.45
N GLY F 361 12.37 30.36 -34.46
CA GLY F 361 11.15 29.72 -33.96
C GLY F 361 10.45 30.51 -32.84
N VAL F 362 9.12 30.49 -32.88
CA VAL F 362 8.29 31.25 -31.95
C VAL F 362 7.14 30.36 -31.50
N VAL F 363 6.96 30.30 -30.17
CA VAL F 363 5.89 29.55 -29.52
C VAL F 363 4.70 30.49 -29.31
N VAL F 364 3.49 30.04 -29.65
CA VAL F 364 2.27 30.82 -29.45
C VAL F 364 1.35 30.08 -28.49
N PRO F 365 1.23 30.50 -27.21
CA PRO F 365 0.28 29.86 -26.28
C PRO F 365 -1.12 29.64 -26.83
N PRO G 16 -9.03 -50.33 -15.69
CA PRO G 16 -7.81 -51.14 -15.58
C PRO G 16 -7.86 -52.29 -14.57
N ARG G 17 -7.92 -53.55 -15.04
CA ARG G 17 -8.11 -54.69 -14.13
C ARG G 17 -6.88 -55.61 -14.06
N GLY G 18 -6.17 -55.80 -15.19
CA GLY G 18 -5.06 -56.73 -15.26
C GLY G 18 -5.48 -58.06 -15.88
N SER G 19 -4.55 -58.75 -16.53
CA SER G 19 -4.99 -59.86 -17.35
C SER G 19 -5.43 -61.01 -16.47
N HIS G 20 -4.95 -61.00 -15.24
CA HIS G 20 -5.20 -62.16 -14.41
C HIS G 20 -5.62 -61.67 -13.03
N MET G 21 -6.12 -62.59 -12.23
CA MET G 21 -6.59 -62.28 -10.90
C MET G 21 -6.43 -63.51 -10.03
N LYS G 22 -6.47 -63.29 -8.72
CA LYS G 22 -6.38 -64.38 -7.77
C LYS G 22 -7.75 -64.98 -7.57
N ALA G 23 -7.79 -66.29 -7.29
CA ALA G 23 -9.01 -67.01 -7.07
C ALA G 23 -8.72 -68.17 -6.13
N VAL G 24 -9.66 -68.47 -5.22
CA VAL G 24 -9.52 -69.64 -4.36
C VAL G 24 -10.19 -70.83 -5.07
N GLN G 25 -9.43 -71.88 -5.38
CA GLN G 25 -9.99 -72.92 -6.23
C GLN G 25 -9.77 -74.30 -5.62
N TYR G 26 -10.69 -75.21 -5.96
CA TYR G 26 -10.59 -76.61 -5.64
C TYR G 26 -10.03 -77.24 -6.91
N THR G 27 -8.75 -77.65 -6.88
CA THR G 27 -8.03 -78.03 -8.09
C THR G 27 -7.95 -79.54 -8.27
N GLU G 28 -8.02 -80.31 -7.18
CA GLU G 28 -7.89 -81.76 -7.23
C GLU G 28 -8.68 -82.40 -6.10
N ILE G 29 -9.23 -83.60 -6.36
CA ILE G 29 -10.13 -84.26 -5.40
C ILE G 29 -9.35 -84.61 -4.13
N GLY G 30 -9.91 -84.24 -2.97
CA GLY G 30 -9.29 -84.54 -1.69
C GLY G 30 -8.27 -83.50 -1.25
N SER G 31 -7.93 -82.55 -2.13
CA SER G 31 -6.93 -81.52 -1.86
C SER G 31 -7.55 -80.39 -1.03
N GLU G 32 -6.73 -79.46 -0.56
CA GLU G 32 -7.25 -78.25 0.07
C GLU G 32 -7.40 -77.11 -0.94
N PRO G 33 -8.26 -76.10 -0.67
CA PRO G 33 -8.30 -74.90 -1.50
C PRO G 33 -6.99 -74.13 -1.57
N VAL G 34 -6.68 -73.63 -2.77
CA VAL G 34 -5.42 -72.96 -3.11
C VAL G 34 -5.76 -71.63 -3.77
N VAL G 35 -4.98 -70.59 -3.45
CA VAL G 35 -5.07 -69.33 -4.15
C VAL G 35 -4.20 -69.42 -5.40
N VAL G 36 -4.81 -69.20 -6.57
CA VAL G 36 -4.25 -69.51 -7.87
C VAL G 36 -4.50 -68.30 -8.75
N ASP G 37 -3.71 -68.14 -9.82
CA ASP G 37 -3.88 -67.03 -10.76
C ASP G 37 -4.62 -67.52 -11.99
N ILE G 38 -5.62 -66.74 -12.40
CA ILE G 38 -6.43 -67.15 -13.52
C ILE G 38 -6.80 -65.89 -14.28
N PRO G 39 -7.21 -66.02 -15.56
CA PRO G 39 -7.56 -64.84 -16.35
C PRO G 39 -8.71 -64.09 -15.68
N THR G 40 -8.63 -62.75 -15.58
CA THR G 40 -9.80 -61.95 -15.27
C THR G 40 -10.79 -62.10 -16.42
N PRO G 41 -12.04 -62.54 -16.17
CA PRO G 41 -13.01 -62.73 -17.25
C PRO G 41 -13.58 -61.41 -17.77
N THR G 42 -14.13 -61.43 -18.99
CA THR G 42 -14.88 -60.28 -19.50
C THR G 42 -16.31 -60.68 -19.81
N PRO G 43 -17.30 -59.82 -19.54
CA PRO G 43 -18.68 -60.22 -19.69
C PRO G 43 -19.07 -60.30 -21.16
N GLY G 44 -19.61 -61.45 -21.56
CA GLY G 44 -20.22 -61.59 -22.86
C GLY G 44 -21.57 -60.85 -22.93
N PRO G 45 -22.35 -61.00 -24.03
CA PRO G 45 -23.62 -60.29 -24.17
C PRO G 45 -24.54 -60.88 -23.10
N GLY G 46 -25.20 -60.00 -22.35
CA GLY G 46 -26.09 -60.46 -21.31
C GLY G 46 -25.43 -60.68 -19.93
N GLU G 47 -24.10 -60.86 -19.87
CA GLU G 47 -23.44 -61.15 -18.60
C GLU G 47 -23.10 -59.86 -17.83
N ILE G 48 -22.85 -59.96 -16.52
CA ILE G 48 -22.36 -58.80 -15.77
C ILE G 48 -21.07 -59.18 -15.05
N LEU G 49 -20.10 -58.26 -15.00
CA LEU G 49 -18.91 -58.53 -14.23
C LEU G 49 -19.05 -57.78 -12.91
N LEU G 50 -18.78 -58.46 -11.80
CA LEU G 50 -18.70 -57.79 -10.51
C LEU G 50 -17.26 -57.77 -10.00
N LYS G 51 -16.90 -56.66 -9.32
CA LYS G 51 -15.77 -56.66 -8.43
C LYS G 51 -16.26 -57.15 -7.07
N VAL G 52 -15.82 -58.34 -6.69
CA VAL G 52 -16.31 -58.96 -5.47
C VAL G 52 -15.95 -58.12 -4.25
N THR G 53 -16.96 -57.90 -3.39
CA THR G 53 -16.83 -57.10 -2.18
C THR G 53 -16.85 -57.98 -0.93
N ALA G 54 -17.48 -59.15 -1.02
CA ALA G 54 -17.49 -60.11 0.08
C ALA G 54 -17.86 -61.46 -0.48
N ALA G 55 -17.34 -62.54 0.12
CA ALA G 55 -17.71 -63.90 -0.27
C ALA G 55 -17.73 -64.79 0.96
N GLY G 56 -18.91 -65.34 1.28
CA GLY G 56 -19.05 -66.19 2.44
C GLY G 56 -18.59 -67.60 2.11
N LEU G 57 -18.15 -68.32 3.16
CA LEU G 57 -17.94 -69.75 3.17
C LEU G 57 -19.06 -70.35 4.01
N CYS G 58 -19.29 -71.65 3.84
CA CYS G 58 -20.15 -72.40 4.73
C CYS G 58 -19.82 -73.88 4.62
N HIS G 59 -20.43 -74.69 5.49
CA HIS G 59 -20.07 -76.09 5.58
C HIS G 59 -20.32 -76.78 4.25
N SER G 60 -21.20 -76.22 3.42
CA SER G 60 -21.57 -76.85 2.16
C SER G 60 -20.36 -77.04 1.27
N ASP G 61 -19.52 -75.99 1.25
CA ASP G 61 -18.23 -75.94 0.59
C ASP G 61 -17.43 -77.16 1.04
N ILE G 62 -17.46 -77.40 2.36
CA ILE G 62 -16.75 -78.53 2.91
C ILE G 62 -17.34 -79.84 2.40
N PHE G 63 -18.67 -79.88 2.29
CA PHE G 63 -19.35 -81.12 1.94
C PHE G 63 -18.94 -81.57 0.53
N VAL G 64 -19.00 -80.61 -0.42
CA VAL G 64 -18.73 -80.89 -1.83
C VAL G 64 -17.26 -81.23 -1.98
N MET G 65 -16.43 -80.55 -1.19
CA MET G 65 -15.00 -80.82 -1.18
C MET G 65 -14.70 -82.21 -0.63
N ASP G 66 -15.69 -82.83 0.04
CA ASP G 66 -15.52 -84.16 0.60
C ASP G 66 -16.13 -85.22 -0.30
N MET G 67 -16.63 -84.87 -1.48
CA MET G 67 -17.10 -85.92 -2.37
C MET G 67 -15.88 -86.79 -2.72
N PRO G 68 -15.97 -88.14 -2.77
CA PRO G 68 -14.82 -88.96 -3.12
C PRO G 68 -14.56 -89.03 -4.63
N ALA G 69 -13.37 -89.54 -4.97
CA ALA G 69 -12.86 -89.58 -6.33
C ALA G 69 -13.79 -90.43 -7.20
N ALA G 70 -14.17 -91.58 -6.66
CA ALA G 70 -15.14 -92.50 -7.24
C ALA G 70 -16.25 -91.73 -7.95
N GLN G 71 -16.71 -90.64 -7.31
CA GLN G 71 -17.94 -89.98 -7.70
C GLN G 71 -17.63 -88.86 -8.69
N TYR G 72 -16.37 -88.45 -8.79
CA TYR G 72 -16.05 -87.31 -9.66
C TYR G 72 -16.23 -87.65 -11.14
N ALA G 73 -16.80 -86.71 -11.91
CA ALA G 73 -16.93 -86.82 -13.37
C ALA G 73 -16.38 -85.57 -14.05
N TYR G 74 -16.88 -84.38 -13.67
CA TYR G 74 -16.43 -83.09 -14.20
C TYR G 74 -16.66 -82.02 -13.14
N GLY G 75 -16.12 -80.80 -13.37
CA GLY G 75 -16.25 -79.68 -12.44
C GLY G 75 -14.93 -78.94 -12.18
N LEU G 76 -13.81 -79.68 -12.08
CA LEU G 76 -12.52 -79.15 -11.66
C LEU G 76 -11.86 -78.44 -12.83
N PRO G 77 -11.22 -77.26 -12.67
CA PRO G 77 -11.06 -76.58 -11.38
C PRO G 77 -12.31 -75.75 -11.09
N LEU G 78 -12.52 -75.43 -9.82
CA LEU G 78 -13.73 -74.75 -9.38
C LEU G 78 -13.35 -73.58 -8.46
N THR G 79 -13.67 -72.35 -8.87
CA THR G 79 -13.59 -71.18 -8.02
C THR G 79 -14.71 -71.29 -6.99
N LEU G 80 -14.39 -71.43 -5.70
CA LEU G 80 -15.35 -71.61 -4.62
C LEU G 80 -16.13 -70.33 -4.35
N GLY G 81 -17.33 -70.47 -3.76
CA GLY G 81 -18.05 -69.38 -3.10
C GLY G 81 -19.41 -69.13 -3.74
N HIS G 82 -20.45 -69.71 -3.12
CA HIS G 82 -21.82 -69.54 -3.58
C HIS G 82 -22.56 -68.44 -2.83
N GLU G 83 -21.84 -67.74 -1.93
CA GLU G 83 -22.42 -66.68 -1.13
C GLU G 83 -21.71 -65.39 -1.51
N GLY G 84 -22.07 -64.81 -2.66
CA GLY G 84 -21.32 -63.70 -3.22
C GLY G 84 -22.00 -62.33 -3.14
N VAL G 85 -21.22 -61.27 -2.87
CA VAL G 85 -21.65 -59.89 -2.95
C VAL G 85 -20.54 -59.14 -3.68
N GLY G 86 -20.92 -58.20 -4.57
CA GLY G 86 -19.94 -57.40 -5.30
C GLY G 86 -20.51 -56.03 -5.69
N THR G 87 -19.75 -55.31 -6.51
CA THR G 87 -20.29 -54.14 -7.17
C THR G 87 -20.13 -54.34 -8.67
N VAL G 88 -21.04 -53.74 -9.45
CA VAL G 88 -21.03 -53.92 -10.89
C VAL G 88 -19.75 -53.31 -11.45
N ALA G 89 -18.94 -54.15 -12.11
CA ALA G 89 -17.65 -53.71 -12.67
C ALA G 89 -17.78 -53.36 -14.14
N GLU G 90 -18.31 -54.27 -14.95
CA GLU G 90 -18.60 -53.97 -16.35
C GLU G 90 -19.82 -54.75 -16.82
N LEU G 91 -20.71 -54.08 -17.56
CA LEU G 91 -21.97 -54.67 -18.01
C LEU G 91 -21.73 -55.31 -19.37
N GLY G 92 -22.27 -56.51 -19.58
CA GLY G 92 -22.15 -57.12 -20.90
C GLY G 92 -22.98 -56.36 -21.93
N GLU G 93 -22.85 -56.74 -23.21
CA GLU G 93 -23.66 -56.15 -24.26
C GLU G 93 -25.14 -56.41 -23.96
N GLY G 94 -25.94 -55.34 -23.98
CA GLY G 94 -27.39 -55.45 -23.99
C GLY G 94 -28.00 -55.41 -22.59
N VAL G 95 -27.17 -55.31 -21.55
CA VAL G 95 -27.68 -55.34 -20.20
C VAL G 95 -28.03 -53.93 -19.76
N THR G 96 -29.28 -53.73 -19.38
CA THR G 96 -29.63 -52.50 -18.69
C THR G 96 -30.15 -52.89 -17.32
N GLY G 97 -30.41 -51.86 -16.50
CA GLY G 97 -31.09 -52.08 -15.24
C GLY G 97 -30.10 -52.18 -14.09
N PHE G 98 -28.82 -51.98 -14.40
CA PHE G 98 -27.79 -51.87 -13.39
C PHE G 98 -26.71 -50.91 -13.87
N GLY G 99 -26.27 -50.03 -12.99
CA GLY G 99 -25.19 -49.14 -13.34
C GLY G 99 -23.88 -49.58 -12.70
N VAL G 100 -22.76 -49.12 -13.27
CA VAL G 100 -21.49 -49.36 -12.63
C VAL G 100 -21.53 -48.79 -11.21
N GLY G 101 -20.94 -49.52 -10.27
CA GLY G 101 -20.92 -49.09 -8.88
C GLY G 101 -22.04 -49.71 -8.03
N ASP G 102 -23.12 -50.19 -8.67
CA ASP G 102 -24.26 -50.74 -7.95
C ASP G 102 -23.84 -51.93 -7.09
N ALA G 103 -24.11 -51.87 -5.78
CA ALA G 103 -23.85 -52.99 -4.88
C ALA G 103 -24.97 -54.05 -4.97
N VAL G 104 -24.63 -55.27 -5.42
CA VAL G 104 -25.61 -56.32 -5.66
C VAL G 104 -25.18 -57.62 -4.99
N ALA G 105 -26.14 -58.38 -4.44
CA ALA G 105 -25.90 -59.74 -3.96
C ALA G 105 -26.25 -60.70 -5.08
N VAL G 106 -25.62 -61.87 -5.11
CA VAL G 106 -25.79 -62.74 -6.24
C VAL G 106 -26.78 -63.83 -5.84
N TYR G 107 -27.78 -64.04 -6.68
CA TYR G 107 -28.74 -65.12 -6.44
C TYR G 107 -28.08 -66.46 -6.82
N GLY G 108 -28.05 -67.39 -5.86
CA GLY G 108 -27.27 -68.61 -5.97
C GLY G 108 -27.85 -69.60 -6.99
N PRO G 109 -29.05 -70.17 -6.72
CA PRO G 109 -29.52 -71.32 -7.50
C PRO G 109 -30.07 -70.99 -8.88
N TRP G 110 -29.15 -70.81 -9.85
CA TRP G 110 -29.51 -70.27 -11.15
C TRP G 110 -30.39 -71.27 -11.90
N GLY G 111 -31.30 -70.74 -12.73
CA GLY G 111 -32.27 -71.56 -13.44
C GLY G 111 -32.40 -71.13 -14.89
N CYS G 112 -33.21 -71.86 -15.67
CA CYS G 112 -33.32 -71.62 -17.12
C CYS G 112 -34.03 -70.30 -17.43
N GLY G 113 -34.95 -69.85 -16.58
CA GLY G 113 -35.69 -68.62 -16.83
C GLY G 113 -36.99 -68.83 -17.62
N ALA G 114 -37.19 -70.02 -18.23
CA ALA G 114 -38.27 -70.16 -19.21
C ALA G 114 -39.21 -71.32 -18.90
N CYS G 115 -38.94 -72.13 -17.87
CA CYS G 115 -39.87 -73.22 -17.53
C CYS G 115 -40.95 -72.69 -16.61
N HIS G 116 -41.87 -73.57 -16.22
CA HIS G 116 -43.00 -73.09 -15.46
C HIS G 116 -42.52 -72.56 -14.11
N ALA G 117 -41.61 -73.32 -13.46
CA ALA G 117 -41.16 -73.02 -12.12
C ALA G 117 -40.40 -71.70 -12.12
N CYS G 118 -39.63 -71.47 -13.19
CA CYS G 118 -38.86 -70.24 -13.31
C CYS G 118 -39.82 -69.06 -13.45
N ALA G 119 -40.86 -69.29 -14.25
CA ALA G 119 -41.76 -68.22 -14.63
C ALA G 119 -42.59 -67.85 -13.39
N ARG G 120 -42.70 -68.82 -12.47
CA ARG G 120 -43.45 -68.59 -11.26
C ARG G 120 -42.58 -67.92 -10.21
N GLY G 121 -41.30 -67.68 -10.53
CA GLY G 121 -40.42 -67.04 -9.57
C GLY G 121 -39.96 -68.04 -8.52
N ARG G 122 -39.71 -69.26 -8.99
CA ARG G 122 -39.10 -70.28 -8.17
C ARG G 122 -37.93 -70.94 -8.90
N GLU G 123 -36.91 -70.13 -9.24
CA GLU G 123 -35.82 -70.64 -10.08
C GLU G 123 -35.16 -71.81 -9.38
N ASN G 124 -35.13 -71.78 -8.05
CA ASN G 124 -34.41 -72.82 -7.34
C ASN G 124 -35.07 -74.17 -7.57
N TYR G 125 -36.26 -74.19 -8.18
CA TYR G 125 -36.95 -75.43 -8.45
C TYR G 125 -37.12 -75.61 -9.96
N CYS G 126 -36.29 -74.93 -10.75
CA CYS G 126 -36.26 -75.03 -12.18
C CYS G 126 -36.18 -76.49 -12.59
N THR G 127 -36.97 -76.89 -13.60
CA THR G 127 -37.10 -78.28 -14.01
C THR G 127 -36.16 -78.61 -15.17
N ARG G 128 -35.43 -77.61 -15.67
CA ARG G 128 -34.60 -77.86 -16.84
C ARG G 128 -33.14 -77.56 -16.54
N ALA G 129 -32.86 -77.07 -15.33
CA ALA G 129 -31.56 -76.54 -14.91
C ALA G 129 -30.50 -77.63 -15.02
N ALA G 130 -30.90 -78.85 -14.61
CA ALA G 130 -29.99 -79.98 -14.61
C ALA G 130 -29.75 -80.48 -16.04
N ASP G 131 -30.82 -80.53 -16.84
CA ASP G 131 -30.69 -81.01 -18.20
C ASP G 131 -29.83 -80.05 -19.00
N LEU G 132 -29.80 -78.78 -18.63
CA LEU G 132 -29.07 -77.81 -19.43
C LEU G 132 -27.70 -77.52 -18.80
N GLY G 133 -27.39 -78.12 -17.64
CA GLY G 133 -26.13 -77.91 -16.95
C GLY G 133 -25.97 -76.48 -16.40
N ILE G 134 -27.11 -75.85 -16.04
CA ILE G 134 -27.10 -74.61 -15.29
C ILE G 134 -26.84 -74.92 -13.80
N THR G 135 -25.59 -74.67 -13.38
CA THR G 135 -25.11 -74.90 -12.02
C THR G 135 -24.92 -73.53 -11.37
N PRO G 136 -25.00 -73.46 -10.03
CA PRO G 136 -24.78 -72.21 -9.31
C PRO G 136 -23.31 -71.82 -9.12
N PRO G 137 -23.00 -70.52 -8.91
CA PRO G 137 -21.63 -70.05 -8.67
C PRO G 137 -21.09 -70.64 -7.39
N GLY G 138 -19.91 -71.25 -7.47
CA GLY G 138 -19.30 -71.89 -6.32
C GLY G 138 -19.60 -73.38 -6.25
N LEU G 139 -20.56 -73.85 -7.08
CA LEU G 139 -20.91 -75.26 -7.08
C LEU G 139 -21.16 -75.70 -8.53
N GLY G 140 -20.17 -75.53 -9.39
CA GLY G 140 -20.36 -75.91 -10.76
C GLY G 140 -19.93 -74.76 -11.68
N SER G 141 -20.34 -73.53 -11.34
CA SER G 141 -19.95 -72.34 -12.08
C SER G 141 -18.85 -71.59 -11.33
N PRO G 142 -18.11 -70.66 -11.95
CA PRO G 142 -17.08 -69.93 -11.20
C PRO G 142 -17.80 -69.20 -10.06
N GLY G 143 -17.27 -69.36 -8.83
CA GLY G 143 -17.85 -68.77 -7.64
C GLY G 143 -17.37 -67.35 -7.36
N SER G 144 -17.66 -66.85 -6.16
CA SER G 144 -17.41 -65.44 -5.86
C SER G 144 -16.12 -65.26 -5.07
N MET G 145 -15.37 -66.35 -4.88
CA MET G 145 -14.19 -66.25 -4.03
C MET G 145 -12.96 -65.92 -4.89
N ALA G 146 -13.05 -64.76 -5.55
CA ALA G 146 -12.06 -64.23 -6.46
C ALA G 146 -12.15 -62.70 -6.46
N GLU G 147 -11.24 -62.03 -7.19
CA GLU G 147 -11.28 -60.58 -7.26
C GLU G 147 -12.49 -60.14 -8.10
N TYR G 148 -12.71 -60.78 -9.25
CA TYR G 148 -13.85 -60.50 -10.11
C TYR G 148 -14.65 -61.78 -10.30
N MET G 149 -15.92 -61.65 -10.70
CA MET G 149 -16.74 -62.82 -11.01
C MET G 149 -17.82 -62.43 -12.01
N ILE G 150 -18.27 -63.43 -12.77
CA ILE G 150 -19.26 -63.27 -13.81
C ILE G 150 -20.63 -63.73 -13.32
N VAL G 151 -21.65 -62.90 -13.51
CA VAL G 151 -23.02 -63.35 -13.30
C VAL G 151 -23.72 -63.37 -14.65
N ASP G 152 -24.48 -64.45 -14.89
CA ASP G 152 -24.94 -64.85 -16.22
C ASP G 152 -26.03 -63.92 -16.72
N SER G 153 -27.01 -63.59 -15.86
CA SER G 153 -28.11 -62.68 -16.22
C SER G 153 -28.24 -61.60 -15.16
N ALA G 154 -28.80 -60.46 -15.57
CA ALA G 154 -29.12 -59.40 -14.62
C ALA G 154 -30.16 -59.90 -13.63
N ARG G 155 -30.84 -61.00 -13.97
CA ARG G 155 -31.91 -61.46 -13.10
C ARG G 155 -31.36 -62.19 -11.87
N HIS G 156 -30.04 -62.38 -11.80
CA HIS G 156 -29.42 -63.04 -10.66
C HIS G 156 -28.74 -62.02 -9.73
N LEU G 157 -28.96 -60.72 -9.98
CA LEU G 157 -28.42 -59.68 -9.13
C LEU G 157 -29.56 -59.05 -8.33
N VAL G 158 -29.31 -58.79 -7.05
CA VAL G 158 -30.33 -58.28 -6.17
C VAL G 158 -29.72 -57.09 -5.45
N PRO G 159 -30.24 -55.86 -5.65
CA PRO G 159 -29.68 -54.67 -5.00
C PRO G 159 -29.69 -54.76 -3.47
N ILE G 160 -28.60 -54.25 -2.85
CA ILE G 160 -28.44 -54.29 -1.41
C ILE G 160 -28.18 -52.90 -0.86
N GLY G 161 -28.20 -51.88 -1.74
CA GLY G 161 -27.97 -50.50 -1.32
C GLY G 161 -26.71 -50.37 -0.47
N ASP G 162 -26.84 -49.69 0.67
CA ASP G 162 -25.68 -49.37 1.46
C ASP G 162 -25.45 -50.44 2.53
N LEU G 163 -26.12 -51.58 2.42
CA LEU G 163 -25.85 -52.65 3.36
C LEU G 163 -24.38 -53.04 3.23
N ASP G 164 -23.71 -53.26 4.36
CA ASP G 164 -22.31 -53.71 4.32
C ASP G 164 -22.24 -55.06 3.63
N PRO G 165 -21.42 -55.19 2.55
CA PRO G 165 -21.22 -56.48 1.89
C PRO G 165 -20.91 -57.64 2.81
N VAL G 166 -20.16 -57.38 3.88
CA VAL G 166 -19.80 -58.45 4.80
C VAL G 166 -21.04 -59.01 5.52
N ALA G 167 -22.03 -58.14 5.79
CA ALA G 167 -23.26 -58.51 6.45
C ALA G 167 -24.15 -59.25 5.46
N ALA G 168 -24.09 -58.83 4.18
CA ALA G 168 -24.94 -59.33 3.12
C ALA G 168 -24.54 -60.74 2.69
N ALA G 169 -23.24 -61.01 2.60
CA ALA G 169 -22.77 -62.29 2.10
C ALA G 169 -23.50 -63.48 2.74
N PRO G 170 -23.44 -63.71 4.08
CA PRO G 170 -24.08 -64.90 4.65
C PRO G 170 -25.59 -64.99 4.38
N LEU G 171 -26.26 -63.84 4.24
CA LEU G 171 -27.68 -63.82 3.94
C LEU G 171 -28.05 -64.55 2.66
N THR G 172 -27.17 -64.55 1.64
CA THR G 172 -27.48 -65.23 0.38
C THR G 172 -27.57 -66.74 0.55
N ASP G 173 -27.24 -67.21 1.76
CA ASP G 173 -27.43 -68.62 2.07
C ASP G 173 -28.00 -68.78 3.47
N ALA G 174 -27.19 -68.46 4.50
CA ALA G 174 -27.59 -68.63 5.90
C ALA G 174 -28.90 -67.94 6.17
N GLY G 175 -29.21 -66.89 5.38
CA GLY G 175 -30.46 -66.15 5.48
C GLY G 175 -31.54 -66.73 4.56
N LEU G 176 -31.21 -66.90 3.27
CA LEU G 176 -32.19 -67.26 2.26
C LEU G 176 -32.74 -68.65 2.53
N THR G 177 -31.85 -69.59 2.87
CA THR G 177 -32.20 -71.00 2.95
C THR G 177 -33.25 -71.24 4.02
N PRO G 178 -33.00 -70.86 5.30
CA PRO G 178 -34.01 -71.00 6.36
C PRO G 178 -35.26 -70.14 6.13
N TYR G 179 -35.11 -69.01 5.41
CA TYR G 179 -36.26 -68.21 5.04
C TYR G 179 -37.20 -69.01 4.13
N HIS G 180 -36.65 -69.59 3.07
CA HIS G 180 -37.51 -70.32 2.18
C HIS G 180 -38.15 -71.51 2.91
N ALA G 181 -37.42 -72.15 3.82
CA ALA G 181 -37.95 -73.32 4.52
C ALA G 181 -39.10 -72.89 5.44
N ILE G 182 -38.97 -71.74 6.07
CA ILE G 182 -40.02 -71.25 6.93
C ILE G 182 -41.16 -70.74 6.05
N SER G 183 -40.82 -70.08 4.96
CA SER G 183 -41.82 -69.48 4.07
C SER G 183 -42.79 -70.54 3.55
N ARG G 184 -42.28 -71.76 3.36
CA ARG G 184 -43.10 -72.83 2.80
C ARG G 184 -44.31 -73.09 3.70
N VAL G 185 -44.19 -72.84 5.02
CA VAL G 185 -45.24 -73.23 5.94
C VAL G 185 -45.61 -72.06 6.85
N LEU G 186 -45.37 -70.83 6.37
CA LEU G 186 -45.53 -69.63 7.17
C LEU G 186 -46.98 -69.44 7.66
N PRO G 187 -48.01 -69.68 6.80
CA PRO G 187 -49.41 -69.65 7.23
C PRO G 187 -49.73 -70.51 8.45
N LEU G 188 -49.03 -71.63 8.68
CA LEU G 188 -49.31 -72.40 9.87
C LEU G 188 -48.78 -71.72 11.14
N LEU G 189 -47.91 -70.72 11.00
CA LEU G 189 -47.18 -70.27 12.17
C LEU G 189 -47.82 -69.01 12.74
N GLY G 190 -49.13 -69.07 12.97
CA GLY G 190 -49.85 -67.95 13.56
C GLY G 190 -49.71 -67.98 15.09
N PRO G 191 -50.31 -67.01 15.81
CA PRO G 191 -50.21 -66.96 17.27
C PRO G 191 -50.66 -68.27 17.90
N GLY G 192 -49.94 -68.76 18.89
CA GLY G 192 -50.31 -70.05 19.45
C GLY G 192 -49.54 -71.23 18.83
N SER G 193 -48.92 -71.06 17.65
CA SER G 193 -48.08 -72.10 17.05
C SER G 193 -46.72 -72.20 17.73
N THR G 194 -46.05 -73.32 17.50
CA THR G 194 -44.75 -73.57 18.08
C THR G 194 -43.85 -74.02 16.93
N ALA G 195 -42.68 -73.38 16.80
CA ALA G 195 -41.67 -73.85 15.87
C ALA G 195 -40.48 -74.36 16.67
N VAL G 196 -40.03 -75.57 16.31
CA VAL G 196 -38.85 -76.16 16.90
C VAL G 196 -37.74 -76.02 15.88
N VAL G 197 -36.61 -75.41 16.31
CA VAL G 197 -35.44 -75.23 15.47
C VAL G 197 -34.33 -76.17 15.97
N ILE G 198 -34.01 -77.19 15.17
CA ILE G 198 -32.91 -78.08 15.56
C ILE G 198 -31.64 -77.68 14.84
N GLY G 199 -30.61 -77.32 15.62
CA GLY G 199 -29.35 -76.81 15.12
C GLY G 199 -29.27 -75.28 15.19
N VAL G 200 -28.71 -74.75 16.27
CA VAL G 200 -28.58 -73.31 16.44
C VAL G 200 -27.20 -72.85 15.97
N GLY G 201 -26.63 -73.60 15.01
CA GLY G 201 -25.44 -73.15 14.30
C GLY G 201 -25.75 -72.04 13.31
N GLY G 202 -25.24 -72.18 12.08
CA GLY G 202 -25.33 -71.06 11.15
C GLY G 202 -26.79 -70.72 10.88
N LEU G 203 -27.45 -71.67 10.19
CA LEU G 203 -28.75 -71.46 9.56
C LEU G 203 -29.81 -71.23 10.63
N GLY G 204 -29.75 -72.07 11.69
CA GLY G 204 -30.65 -72.03 12.83
C GLY G 204 -30.65 -70.71 13.60
N HIS G 205 -29.46 -70.15 13.81
CA HIS G 205 -29.30 -68.82 14.36
C HIS G 205 -30.09 -67.82 13.52
N VAL G 206 -29.96 -67.87 12.19
CA VAL G 206 -30.67 -66.86 11.41
C VAL G 206 -32.17 -67.19 11.38
N GLY G 207 -32.49 -68.49 11.39
CA GLY G 207 -33.86 -68.97 11.31
C GLY G 207 -34.69 -68.53 12.52
N ILE G 208 -34.09 -68.63 13.69
CA ILE G 208 -34.72 -68.14 14.90
C ILE G 208 -35.07 -66.67 14.76
N GLN G 209 -34.21 -65.91 14.07
CA GLN G 209 -34.44 -64.48 13.94
C GLN G 209 -35.64 -64.26 13.01
N ILE G 210 -35.69 -65.04 11.93
CA ILE G 210 -36.71 -64.95 10.90
C ILE G 210 -38.10 -65.22 11.49
N LEU G 211 -38.15 -66.25 12.35
CA LEU G 211 -39.41 -66.64 12.95
C LEU G 211 -39.94 -65.51 13.83
N ARG G 212 -39.05 -64.76 14.49
CA ARG G 212 -39.53 -63.71 15.37
C ARG G 212 -40.06 -62.52 14.57
N ALA G 213 -39.52 -62.35 13.38
CA ALA G 213 -39.82 -61.15 12.61
C ALA G 213 -41.09 -61.33 11.78
N VAL G 214 -41.22 -62.52 11.15
CA VAL G 214 -42.25 -62.80 10.14
C VAL G 214 -43.46 -63.58 10.72
N SER G 215 -43.35 -64.04 11.96
CA SER G 215 -44.42 -64.79 12.63
C SER G 215 -44.52 -64.44 14.12
N ALA G 216 -45.52 -65.06 14.76
CA ALA G 216 -45.64 -64.94 16.19
C ALA G 216 -45.58 -66.32 16.83
N ALA G 217 -44.93 -67.26 16.17
CA ALA G 217 -44.78 -68.58 16.76
C ALA G 217 -43.87 -68.55 17.99
N ARG G 218 -44.00 -69.55 18.86
CA ARG G 218 -43.08 -69.73 19.97
C ARG G 218 -41.90 -70.55 19.47
N VAL G 219 -40.69 -70.05 19.70
CA VAL G 219 -39.55 -70.73 19.14
C VAL G 219 -38.87 -71.53 20.23
N ILE G 220 -38.62 -72.82 19.97
CA ILE G 220 -37.83 -73.68 20.85
C ILE G 220 -36.53 -74.09 20.15
N ALA G 221 -35.40 -73.70 20.74
CA ALA G 221 -34.10 -74.06 20.21
C ALA G 221 -33.66 -75.42 20.75
N VAL G 222 -33.05 -76.24 19.88
CA VAL G 222 -32.47 -77.52 20.24
C VAL G 222 -31.07 -77.64 19.66
N ASP G 223 -30.10 -77.98 20.51
CA ASP G 223 -28.69 -78.04 20.11
C ASP G 223 -27.90 -78.87 21.11
N LEU G 224 -26.70 -79.32 20.69
CA LEU G 224 -25.80 -80.05 21.58
C LEU G 224 -25.12 -79.10 22.55
N ASP G 225 -24.48 -78.05 22.02
CA ASP G 225 -23.67 -77.14 22.81
C ASP G 225 -24.54 -76.10 23.52
N ASP G 226 -24.30 -75.96 24.85
CA ASP G 226 -25.10 -75.09 25.71
C ASP G 226 -24.79 -73.63 25.42
N ASP G 227 -23.58 -73.36 24.91
CA ASP G 227 -23.15 -72.00 24.59
C ASP G 227 -24.00 -71.43 23.45
N ARG G 228 -24.41 -72.32 22.53
CA ARG G 228 -25.27 -71.97 21.41
C ARG G 228 -26.70 -71.79 21.89
N LEU G 229 -27.06 -72.53 22.96
CA LEU G 229 -28.41 -72.50 23.51
C LEU G 229 -28.68 -71.14 24.14
N ALA G 230 -27.66 -70.58 24.80
CA ALA G 230 -27.80 -69.24 25.35
C ALA G 230 -27.86 -68.21 24.23
N LEU G 231 -27.01 -68.41 23.20
CA LEU G 231 -26.94 -67.50 22.06
C LEU G 231 -28.31 -67.45 21.40
N ALA G 232 -28.93 -68.63 21.28
CA ALA G 232 -30.26 -68.79 20.72
C ALA G 232 -31.26 -67.89 21.45
N ARG G 233 -31.24 -67.92 22.79
CA ARG G 233 -32.17 -67.16 23.60
C ARG G 233 -32.02 -65.68 23.28
N GLU G 234 -30.77 -65.19 23.20
CA GLU G 234 -30.58 -63.77 23.04
C GLU G 234 -31.14 -63.27 21.70
N VAL G 235 -31.44 -64.19 20.76
CA VAL G 235 -31.86 -63.81 19.42
C VAL G 235 -33.36 -64.07 19.19
N GLY G 236 -34.01 -64.72 20.17
CA GLY G 236 -35.47 -64.72 20.22
C GLY G 236 -36.06 -66.08 20.57
N ALA G 237 -35.20 -67.01 21.04
CA ALA G 237 -35.65 -68.34 21.40
C ALA G 237 -36.39 -68.33 22.73
N ASP G 238 -37.64 -68.81 22.70
CA ASP G 238 -38.48 -68.70 23.86
C ASP G 238 -38.04 -69.72 24.90
N ALA G 239 -37.39 -70.79 24.43
CA ALA G 239 -36.98 -71.89 25.28
C ALA G 239 -35.94 -72.74 24.56
N ALA G 240 -35.16 -73.51 25.34
CA ALA G 240 -33.99 -74.16 24.78
C ALA G 240 -33.89 -75.57 25.36
N VAL G 241 -33.63 -76.57 24.51
CA VAL G 241 -33.48 -77.92 25.02
C VAL G 241 -32.29 -78.61 24.36
N LYS G 242 -31.60 -79.47 25.14
CA LYS G 242 -30.39 -80.12 24.68
C LYS G 242 -30.77 -81.27 23.75
N SER G 243 -30.04 -81.39 22.63
CA SER G 243 -30.26 -82.44 21.64
C SER G 243 -30.09 -83.80 22.30
N GLY G 244 -30.59 -84.87 21.65
CA GLY G 244 -30.41 -86.23 22.13
C GLY G 244 -31.72 -86.89 22.56
N ALA G 245 -31.59 -88.09 23.16
CA ALA G 245 -32.76 -88.92 23.44
C ALA G 245 -33.74 -88.19 24.34
N GLY G 246 -33.22 -87.30 25.21
CA GLY G 246 -34.04 -86.61 26.20
C GLY G 246 -34.89 -85.49 25.59
N ALA G 247 -34.52 -85.08 24.37
CA ALA G 247 -35.05 -83.90 23.71
C ALA G 247 -36.54 -84.08 23.36
N ALA G 248 -36.90 -85.25 22.82
CA ALA G 248 -38.29 -85.48 22.45
C ALA G 248 -39.21 -85.21 23.65
N ASP G 249 -39.04 -86.00 24.73
CA ASP G 249 -39.83 -85.85 25.94
C ASP G 249 -39.80 -84.41 26.44
N ALA G 250 -38.61 -83.81 26.45
CA ALA G 250 -38.37 -82.48 26.96
C ALA G 250 -39.19 -81.43 26.19
N ILE G 251 -39.28 -81.56 24.86
CA ILE G 251 -40.04 -80.64 24.01
C ILE G 251 -41.53 -80.77 24.34
N ARG G 252 -42.03 -82.01 24.26
CA ARG G 252 -43.41 -82.35 24.59
C ARG G 252 -43.82 -81.67 25.90
N GLU G 253 -42.92 -81.68 26.89
CA GLU G 253 -43.15 -81.01 28.16
C GLU G 253 -43.46 -79.55 27.92
N LEU G 254 -42.65 -78.89 27.10
CA LEU G 254 -42.80 -77.46 26.91
C LEU G 254 -44.05 -77.11 26.11
N THR G 255 -44.67 -78.09 25.43
CA THR G 255 -45.81 -77.72 24.61
C THR G 255 -47.12 -78.22 25.23
N GLY G 256 -47.05 -78.70 26.48
CA GLY G 256 -48.18 -79.34 27.15
C GLY G 256 -48.67 -80.57 26.39
N GLY G 257 -47.75 -81.29 25.71
CA GLY G 257 -48.06 -82.56 25.08
C GLY G 257 -48.59 -82.40 23.66
N GLN G 258 -48.81 -81.16 23.18
CA GLN G 258 -49.60 -80.91 21.98
C GLN G 258 -48.75 -80.97 20.69
N GLY G 259 -47.45 -81.29 20.84
CA GLY G 259 -46.56 -81.32 19.70
C GLY G 259 -46.24 -79.89 19.24
N ALA G 260 -45.56 -79.79 18.10
CA ALA G 260 -45.10 -78.52 17.57
C ALA G 260 -45.60 -78.38 16.13
N THR G 261 -46.07 -77.17 15.78
CA THR G 261 -46.64 -76.97 14.47
C THR G 261 -45.63 -77.36 13.40
N ALA G 262 -44.37 -76.93 13.58
CA ALA G 262 -43.37 -77.05 12.52
C ALA G 262 -42.02 -77.30 13.17
N VAL G 263 -41.23 -78.21 12.58
CA VAL G 263 -39.90 -78.59 13.07
C VAL G 263 -38.93 -78.38 11.91
N PHE G 264 -38.06 -77.38 12.05
CA PHE G 264 -37.05 -77.03 11.04
C PHE G 264 -35.72 -77.67 11.42
N ASP G 265 -35.42 -78.83 10.81
CA ASP G 265 -34.22 -79.54 11.19
C ASP G 265 -33.03 -79.01 10.40
N PHE G 266 -32.17 -78.26 11.09
CA PHE G 266 -31.05 -77.61 10.41
C PHE G 266 -29.86 -78.56 10.38
N VAL G 267 -29.93 -79.63 11.17
CA VAL G 267 -28.81 -80.54 11.32
C VAL G 267 -28.91 -81.62 10.25
N GLY G 268 -30.06 -82.29 10.20
CA GLY G 268 -30.34 -83.19 9.09
C GLY G 268 -29.83 -84.59 9.38
N ALA G 269 -29.51 -84.81 10.65
CA ALA G 269 -29.00 -86.10 11.05
C ALA G 269 -30.18 -87.03 11.32
N GLN G 270 -29.98 -88.34 11.13
CA GLN G 270 -30.99 -89.35 11.42
C GLN G 270 -31.55 -89.16 12.84
N SER G 271 -30.65 -88.99 13.80
CA SER G 271 -31.09 -88.83 15.17
C SER G 271 -32.04 -87.63 15.28
N THR G 272 -31.72 -86.52 14.58
CA THR G 272 -32.45 -85.26 14.72
C THR G 272 -33.81 -85.37 14.01
N ILE G 273 -33.81 -85.87 12.77
CA ILE G 273 -35.04 -86.12 12.04
C ILE G 273 -35.94 -87.03 12.87
N ASP G 274 -35.32 -87.96 13.62
CA ASP G 274 -36.06 -88.89 14.46
C ASP G 274 -36.79 -88.11 15.58
N THR G 275 -36.10 -87.18 16.23
CA THR G 275 -36.69 -86.36 17.28
C THR G 275 -37.88 -85.57 16.71
N ALA G 276 -37.67 -85.07 15.48
CA ALA G 276 -38.65 -84.27 14.78
C ALA G 276 -39.95 -85.05 14.67
N GLN G 277 -39.84 -86.30 14.17
CA GLN G 277 -41.02 -87.12 13.94
C GLN G 277 -41.76 -87.39 15.24
N GLN G 278 -41.07 -87.33 16.38
CA GLN G 278 -41.74 -87.63 17.64
C GLN G 278 -42.39 -86.38 18.23
N VAL G 279 -42.04 -85.20 17.72
CA VAL G 279 -42.49 -83.98 18.38
C VAL G 279 -43.44 -83.18 17.50
N VAL G 280 -43.56 -83.52 16.20
CA VAL G 280 -44.39 -82.72 15.31
C VAL G 280 -45.85 -82.98 15.66
N ALA G 281 -46.68 -81.94 15.50
CA ALA G 281 -48.10 -82.00 15.79
C ALA G 281 -48.84 -82.68 14.64
N VAL G 282 -50.11 -82.98 14.84
CA VAL G 282 -50.92 -83.45 13.73
C VAL G 282 -51.11 -82.28 12.79
N ASP G 283 -51.12 -82.58 11.49
CA ASP G 283 -51.28 -81.60 10.42
C ASP G 283 -50.15 -80.58 10.46
N GLY G 284 -49.03 -80.99 11.06
CA GLY G 284 -47.85 -80.13 11.14
C GLY G 284 -46.92 -80.26 9.92
N HIS G 285 -45.63 -80.06 10.18
CA HIS G 285 -44.65 -79.98 9.10
C HIS G 285 -43.26 -80.23 9.67
N ILE G 286 -42.43 -80.94 8.90
CA ILE G 286 -41.02 -81.10 9.19
C ILE G 286 -40.20 -80.69 7.96
N SER G 287 -39.27 -79.72 8.16
CA SER G 287 -38.34 -79.27 7.12
C SER G 287 -36.93 -79.78 7.41
N VAL G 288 -36.50 -80.78 6.64
CA VAL G 288 -35.16 -81.34 6.74
C VAL G 288 -34.24 -80.44 5.93
N VAL G 289 -33.51 -79.54 6.63
CA VAL G 289 -32.77 -78.49 5.97
C VAL G 289 -31.26 -78.82 5.88
N GLY G 290 -30.67 -79.39 6.94
CA GLY G 290 -29.32 -79.91 6.91
C GLY G 290 -29.18 -81.28 6.21
N ILE G 291 -27.98 -81.54 5.67
CA ILE G 291 -27.68 -82.77 4.95
C ILE G 291 -26.73 -83.68 5.74
N HIS G 292 -27.18 -84.91 5.98
CA HIS G 292 -26.33 -86.01 6.44
C HIS G 292 -26.65 -87.21 5.55
N ALA G 293 -25.73 -87.53 4.63
CA ALA G 293 -25.98 -88.54 3.61
C ALA G 293 -26.68 -89.76 4.21
N GLY G 294 -27.87 -90.05 3.68
CA GLY G 294 -28.56 -91.24 4.11
C GLY G 294 -29.62 -90.94 5.16
N ALA G 295 -29.41 -89.91 5.99
CA ALA G 295 -30.44 -89.50 6.94
C ALA G 295 -31.74 -89.21 6.20
N HIS G 296 -32.85 -89.76 6.70
CA HIS G 296 -34.13 -89.49 6.08
C HIS G 296 -35.24 -89.59 7.12
N ALA G 297 -36.39 -89.00 6.77
CA ALA G 297 -37.63 -89.18 7.51
C ALA G 297 -38.33 -90.44 7.02
N LYS G 298 -39.25 -90.96 7.83
CA LYS G 298 -40.07 -92.11 7.43
C LYS G 298 -41.56 -91.74 7.49
N VAL G 299 -42.13 -91.40 6.32
CA VAL G 299 -43.47 -90.86 6.28
C VAL G 299 -44.40 -92.03 5.93
N GLY G 300 -45.05 -92.58 6.94
CA GLY G 300 -45.95 -93.72 6.76
C GLY G 300 -46.95 -93.79 7.91
N PHE G 301 -47.97 -94.63 7.75
CA PHE G 301 -49.02 -94.67 8.76
C PHE G 301 -48.43 -95.04 10.12
N PHE G 302 -48.79 -94.25 11.14
CA PHE G 302 -48.53 -94.60 12.53
C PHE G 302 -47.04 -94.54 12.80
N MET G 303 -46.29 -93.96 11.86
CA MET G 303 -44.87 -93.72 12.06
C MET G 303 -44.62 -92.23 11.96
N ILE G 304 -45.69 -91.46 11.73
CA ILE G 304 -45.65 -90.01 11.77
C ILE G 304 -47.08 -89.53 11.89
N PRO G 305 -47.34 -88.43 12.63
CA PRO G 305 -48.69 -87.90 12.77
C PRO G 305 -49.42 -87.75 11.43
N PHE G 306 -50.76 -87.88 11.47
CA PHE G 306 -51.58 -87.62 10.30
C PHE G 306 -51.38 -86.18 9.86
N GLY G 307 -51.29 -85.96 8.56
CA GLY G 307 -51.25 -84.60 8.06
C GLY G 307 -49.90 -83.91 8.25
N ALA G 308 -48.92 -84.60 8.86
CA ALA G 308 -47.59 -84.01 9.03
C ALA G 308 -46.79 -84.22 7.75
N SER G 309 -46.39 -83.10 7.13
CA SER G 309 -45.75 -83.12 5.82
C SER G 309 -44.23 -82.94 5.94
N VAL G 310 -43.48 -83.70 5.16
CA VAL G 310 -42.04 -83.58 5.25
C VAL G 310 -41.51 -83.18 3.87
N VAL G 311 -40.41 -82.42 3.86
CA VAL G 311 -39.80 -81.94 2.63
C VAL G 311 -38.31 -81.65 2.87
N THR G 312 -37.52 -81.82 1.80
CA THR G 312 -36.21 -81.20 1.80
C THR G 312 -36.26 -79.98 0.88
N PRO G 313 -36.35 -78.75 1.44
CA PRO G 313 -36.38 -77.52 0.64
C PRO G 313 -34.97 -77.35 0.07
N TYR G 314 -34.89 -76.53 -0.99
CA TYR G 314 -33.63 -76.21 -1.66
C TYR G 314 -33.47 -74.69 -1.74
N TRP G 315 -32.48 -74.18 -1.00
CA TRP G 315 -32.08 -72.79 -1.03
C TRP G 315 -33.31 -71.89 -0.91
N GLY G 316 -33.57 -71.07 -1.95
CA GLY G 316 -34.63 -70.07 -1.91
C GLY G 316 -34.87 -69.46 -3.29
N THR G 317 -35.88 -68.57 -3.36
CA THR G 317 -36.30 -67.92 -4.59
C THR G 317 -35.73 -66.50 -4.62
N ARG G 318 -35.75 -65.84 -5.80
CA ARG G 318 -35.26 -64.47 -5.87
C ARG G 318 -36.10 -63.57 -4.95
N SER G 319 -37.45 -63.62 -5.08
CA SER G 319 -38.38 -62.86 -4.24
C SER G 319 -38.00 -62.98 -2.76
N GLU G 320 -37.81 -64.21 -2.31
CA GLU G 320 -37.42 -64.44 -0.94
C GLU G 320 -36.10 -63.74 -0.63
N LEU G 321 -35.18 -63.70 -1.60
CA LEU G 321 -33.86 -63.16 -1.31
C LEU G 321 -33.97 -61.66 -1.08
N MET G 322 -34.76 -60.98 -1.93
CA MET G 322 -35.03 -59.57 -1.73
C MET G 322 -35.59 -59.35 -0.33
N GLU G 323 -36.46 -60.28 0.10
CA GLU G 323 -37.09 -60.15 1.41
C GLU G 323 -36.05 -60.34 2.50
N VAL G 324 -35.08 -61.22 2.26
CA VAL G 324 -34.05 -61.43 3.26
C VAL G 324 -33.20 -60.17 3.41
N VAL G 325 -32.93 -59.52 2.28
CA VAL G 325 -32.17 -58.28 2.28
C VAL G 325 -32.92 -57.21 3.05
N ALA G 326 -34.24 -57.14 2.86
CA ALA G 326 -35.03 -56.09 3.49
C ALA G 326 -35.04 -56.30 4.99
N LEU G 327 -35.10 -57.58 5.40
CA LEU G 327 -35.03 -57.86 6.82
C LEU G 327 -33.73 -57.30 7.34
N ALA G 328 -32.63 -57.72 6.69
CA ALA G 328 -31.29 -57.29 7.08
C ALA G 328 -31.24 -55.77 7.12
N ARG G 329 -31.59 -55.10 6.02
CA ARG G 329 -31.47 -53.67 5.98
C ARG G 329 -32.31 -53.00 7.06
N ALA G 330 -33.32 -53.69 7.59
CA ALA G 330 -34.18 -53.06 8.60
C ALA G 330 -33.66 -53.35 10.00
N GLY G 331 -32.60 -54.16 10.10
CA GLY G 331 -31.96 -54.34 11.38
C GLY G 331 -32.48 -55.58 12.05
N ARG G 332 -33.17 -56.44 11.30
CA ARG G 332 -33.89 -57.55 11.89
C ARG G 332 -33.14 -58.87 11.73
N LEU G 333 -31.94 -58.85 11.12
CA LEU G 333 -31.06 -60.01 10.97
C LEU G 333 -29.61 -59.64 11.31
N ASP G 334 -29.02 -60.32 12.33
CA ASP G 334 -27.74 -59.99 12.96
C ASP G 334 -26.97 -61.29 13.15
N ILE G 335 -26.25 -61.68 12.08
CA ILE G 335 -25.39 -62.85 11.97
C ILE G 335 -23.93 -62.43 12.21
N HIS G 336 -23.18 -63.19 13.04
CA HIS G 336 -21.81 -62.78 13.32
C HIS G 336 -20.82 -63.26 12.25
N THR G 337 -20.02 -62.31 11.74
CA THR G 337 -19.06 -62.55 10.67
C THR G 337 -17.63 -62.26 11.17
N GLU G 338 -16.68 -63.10 10.72
CA GLU G 338 -15.25 -62.88 10.85
C GLU G 338 -14.63 -62.78 9.45
N THR G 339 -14.00 -61.63 9.18
CA THR G 339 -13.48 -61.28 7.85
C THR G 339 -12.11 -61.92 7.61
N PHE G 340 -11.92 -62.46 6.40
CA PHE G 340 -10.63 -62.96 5.93
C PHE G 340 -10.30 -62.30 4.58
N THR G 341 -9.00 -62.22 4.23
CA THR G 341 -8.61 -61.66 2.94
C THR G 341 -8.50 -62.79 1.91
N LEU G 342 -8.50 -62.40 0.62
CA LEU G 342 -8.56 -63.38 -0.45
C LEU G 342 -7.36 -64.31 -0.36
N ASP G 343 -6.20 -63.77 0.02
CA ASP G 343 -4.98 -64.57 0.13
C ASP G 343 -5.10 -65.57 1.27
N GLU G 344 -6.04 -65.31 2.19
CA GLU G 344 -6.21 -66.16 3.34
C GLU G 344 -7.36 -67.13 3.15
N GLY G 345 -8.04 -67.06 2.00
CA GLY G 345 -9.09 -68.00 1.63
C GLY G 345 -8.87 -69.37 2.28
N PRO G 346 -7.83 -70.13 1.89
CA PRO G 346 -7.62 -71.47 2.45
C PRO G 346 -7.50 -71.51 3.97
N ALA G 347 -6.89 -70.45 4.54
CA ALA G 347 -6.83 -70.29 5.99
C ALA G 347 -8.23 -70.41 6.56
N ALA G 348 -9.16 -69.60 6.02
CA ALA G 348 -10.55 -69.56 6.47
C ALA G 348 -11.23 -70.94 6.33
N TYR G 349 -10.86 -71.70 5.29
CA TYR G 349 -11.44 -73.00 5.09
C TYR G 349 -10.98 -73.99 6.17
N ARG G 350 -9.74 -73.84 6.65
CA ARG G 350 -9.32 -74.82 7.64
C ARG G 350 -9.99 -74.51 8.98
N ARG G 351 -10.17 -73.22 9.30
CA ARG G 351 -10.89 -72.79 10.49
C ARG G 351 -12.32 -73.31 10.44
N LEU G 352 -12.92 -73.29 9.24
CA LEU G 352 -14.26 -73.80 9.04
C LEU G 352 -14.24 -75.30 9.30
N ARG G 353 -13.22 -75.98 8.74
CA ARG G 353 -13.17 -77.43 8.79
C ARG G 353 -12.97 -77.96 10.20
N GLU G 354 -12.25 -77.23 11.06
CA GLU G 354 -12.05 -77.64 12.43
C GLU G 354 -13.07 -76.92 13.33
N GLY G 355 -14.09 -76.32 12.68
CA GLY G 355 -15.29 -75.74 13.26
C GLY G 355 -15.01 -74.75 14.38
N SER G 356 -14.19 -73.75 14.08
CA SER G 356 -13.84 -72.76 15.09
C SER G 356 -14.11 -71.36 14.54
N ILE G 357 -15.14 -71.26 13.69
CA ILE G 357 -15.58 -69.95 13.23
C ILE G 357 -16.87 -69.60 13.97
N ARG G 358 -16.83 -68.54 14.77
CA ARG G 358 -18.03 -68.08 15.46
C ARG G 358 -18.90 -67.42 14.38
N GLY G 359 -19.94 -68.14 13.95
CA GLY G 359 -20.88 -67.58 12.98
C GLY G 359 -20.48 -67.94 11.56
N ARG G 360 -20.38 -66.92 10.69
CA ARG G 360 -19.98 -67.17 9.32
C ARG G 360 -18.70 -66.41 8.98
N GLY G 361 -17.73 -67.11 8.39
CA GLY G 361 -16.53 -66.50 7.81
C GLY G 361 -16.78 -65.88 6.43
N VAL G 362 -16.18 -64.71 6.17
CA VAL G 362 -16.40 -63.99 4.93
C VAL G 362 -15.07 -63.45 4.42
N VAL G 363 -14.87 -63.53 3.11
CA VAL G 363 -13.59 -63.26 2.49
C VAL G 363 -13.72 -61.96 1.69
N VAL G 364 -12.79 -61.02 1.93
CA VAL G 364 -12.88 -59.69 1.32
C VAL G 364 -11.71 -59.47 0.36
N PRO G 365 -11.94 -59.61 -0.98
CA PRO G 365 -10.97 -59.16 -1.98
C PRO G 365 -10.95 -57.64 -2.02
N PRO H 16 46.90 -75.56 8.15
CA PRO H 16 46.39 -76.92 8.34
C PRO H 16 46.48 -77.58 9.73
N ARG H 17 47.06 -76.86 10.72
CA ARG H 17 47.52 -77.38 12.01
C ARG H 17 46.52 -78.36 12.63
N GLY H 18 47.03 -79.52 13.06
CA GLY H 18 46.22 -80.59 13.62
C GLY H 18 46.29 -81.81 12.72
N SER H 19 46.88 -82.90 13.22
CA SER H 19 47.14 -84.08 12.41
C SER H 19 45.87 -84.86 12.13
N HIS H 20 44.86 -84.70 13.02
CA HIS H 20 43.55 -85.31 12.87
C HIS H 20 42.51 -84.23 12.57
N MET H 21 41.42 -84.62 11.91
CA MET H 21 40.32 -83.70 11.67
C MET H 21 39.00 -84.47 11.71
N LYS H 22 37.91 -83.72 11.95
CA LYS H 22 36.56 -84.25 11.98
C LYS H 22 36.00 -84.18 10.57
N ALA H 23 35.07 -85.10 10.25
CA ALA H 23 34.41 -85.18 8.97
C ALA H 23 33.19 -86.10 9.08
N VAL H 24 32.26 -86.00 8.12
CA VAL H 24 31.17 -86.95 7.99
C VAL H 24 31.44 -87.84 6.79
N GLN H 25 31.10 -89.14 6.87
CA GLN H 25 31.39 -90.05 5.78
C GLN H 25 30.28 -91.07 5.60
N TYR H 26 30.15 -91.57 4.36
CA TYR H 26 29.33 -92.73 4.06
C TYR H 26 30.27 -93.93 4.11
N THR H 27 30.06 -94.79 5.11
CA THR H 27 31.04 -95.80 5.45
C THR H 27 30.56 -97.19 5.07
N GLU H 28 29.25 -97.38 4.87
CA GLU H 28 28.71 -98.71 4.60
C GLU H 28 27.40 -98.57 3.84
N ILE H 29 27.16 -99.49 2.89
CA ILE H 29 26.03 -99.34 1.98
C ILE H 29 24.71 -99.44 2.74
N GLY H 30 23.77 -98.53 2.41
CA GLY H 30 22.44 -98.50 3.00
C GLY H 30 22.39 -97.90 4.41
N SER H 31 23.52 -97.85 5.14
CA SER H 31 23.55 -97.28 6.48
C SER H 31 23.65 -95.76 6.42
N GLU H 32 23.63 -95.11 7.59
CA GLU H 32 23.55 -93.66 7.61
C GLU H 32 24.98 -93.12 7.65
N PRO H 33 25.19 -91.83 7.27
CA PRO H 33 26.51 -91.21 7.41
C PRO H 33 26.87 -91.09 8.90
N VAL H 34 28.17 -91.18 9.19
CA VAL H 34 28.61 -91.15 10.57
C VAL H 34 29.77 -90.17 10.69
N VAL H 35 29.94 -89.58 11.88
CA VAL H 35 31.04 -88.67 12.17
C VAL H 35 32.32 -89.45 12.44
N VAL H 36 33.46 -88.91 11.96
CA VAL H 36 34.70 -89.67 11.96
C VAL H 36 35.90 -88.78 12.29
N ASP H 37 36.99 -89.45 12.67
CA ASP H 37 38.27 -88.84 12.96
C ASP H 37 39.28 -89.47 12.00
N ILE H 38 39.60 -88.70 10.96
CA ILE H 38 40.54 -89.13 9.93
C ILE H 38 41.73 -88.18 9.96
N PRO H 39 42.87 -88.53 9.31
CA PRO H 39 44.04 -87.64 9.22
C PRO H 39 43.74 -86.39 8.38
N THR H 40 44.43 -85.28 8.70
CA THR H 40 44.30 -84.08 7.89
C THR H 40 45.14 -84.29 6.65
N PRO H 41 44.57 -84.06 5.44
CA PRO H 41 45.36 -84.18 4.20
C PRO H 41 46.36 -83.05 4.00
N THR H 42 47.41 -83.36 3.24
CA THR H 42 48.44 -82.39 2.94
C THR H 42 48.49 -82.21 1.43
N PRO H 43 48.43 -80.95 0.94
CA PRO H 43 48.27 -80.71 -0.49
C PRO H 43 49.53 -81.14 -1.25
N GLY H 44 49.32 -82.01 -2.24
CA GLY H 44 50.39 -82.40 -3.15
C GLY H 44 50.80 -81.26 -4.09
N PRO H 45 51.66 -81.57 -5.06
CA PRO H 45 52.08 -80.57 -6.04
C PRO H 45 50.84 -80.25 -6.88
N GLY H 46 50.51 -78.96 -6.93
CA GLY H 46 49.42 -78.50 -7.76
C GLY H 46 48.05 -78.60 -7.09
N GLU H 47 47.98 -79.20 -5.90
CA GLU H 47 46.73 -79.21 -5.13
C GLU H 47 46.62 -77.96 -4.26
N ILE H 48 45.42 -77.67 -3.77
CA ILE H 48 45.27 -76.62 -2.77
C ILE H 48 44.45 -77.20 -1.63
N LEU H 49 44.85 -76.85 -0.40
CA LEU H 49 44.15 -77.28 0.80
C LEU H 49 43.34 -76.09 1.33
N LEU H 50 42.04 -76.35 1.59
CA LEU H 50 41.12 -75.35 2.12
C LEU H 50 40.73 -75.69 3.57
N LYS H 51 40.55 -74.62 4.36
CA LYS H 51 39.86 -74.71 5.64
C LYS H 51 38.38 -74.44 5.36
N VAL H 52 37.53 -75.45 5.57
CA VAL H 52 36.15 -75.34 5.11
C VAL H 52 35.35 -74.33 5.94
N THR H 53 34.77 -73.34 5.25
CA THR H 53 33.92 -72.35 5.89
C THR H 53 32.43 -72.73 5.88
N ALA H 54 32.08 -73.70 5.04
CA ALA H 54 30.68 -74.01 4.79
C ALA H 54 30.58 -75.20 3.84
N ALA H 55 29.67 -76.14 4.14
CA ALA H 55 29.44 -77.29 3.28
C ALA H 55 27.94 -77.55 3.22
N GLY H 56 27.35 -77.34 2.03
CA GLY H 56 25.93 -77.55 1.86
C GLY H 56 25.56 -79.02 1.69
N LEU H 57 24.26 -79.33 1.94
CA LEU H 57 23.60 -80.61 1.70
C LEU H 57 22.57 -80.39 0.61
N CYS H 58 22.12 -81.51 0.03
CA CYS H 58 21.00 -81.49 -0.89
C CYS H 58 20.52 -82.92 -1.11
N HIS H 59 19.39 -83.03 -1.81
CA HIS H 59 18.72 -84.32 -1.94
C HIS H 59 19.61 -85.29 -2.71
N SER H 60 20.50 -84.76 -3.56
CA SER H 60 21.34 -85.60 -4.41
C SER H 60 22.19 -86.51 -3.53
N ASP H 61 22.66 -85.98 -2.39
CA ASP H 61 23.44 -86.76 -1.43
C ASP H 61 22.66 -88.00 -0.98
N ILE H 62 21.33 -87.85 -0.84
CA ILE H 62 20.50 -88.98 -0.42
C ILE H 62 20.52 -90.02 -1.54
N PHE H 63 20.10 -89.61 -2.75
CA PHE H 63 20.09 -90.39 -3.97
C PHE H 63 21.23 -91.41 -4.03
N VAL H 64 22.48 -90.97 -3.78
CA VAL H 64 23.65 -91.85 -3.91
C VAL H 64 23.72 -92.83 -2.73
N MET H 65 23.38 -92.34 -1.54
CA MET H 65 23.41 -93.17 -0.35
C MET H 65 22.33 -94.24 -0.45
N ASP H 66 21.31 -93.97 -1.28
CA ASP H 66 20.14 -94.82 -1.44
C ASP H 66 20.36 -95.89 -2.50
N MET H 67 21.42 -95.79 -3.30
CA MET H 67 21.62 -96.83 -4.29
C MET H 67 21.99 -98.12 -3.52
N PRO H 68 21.50 -99.29 -4.00
CA PRO H 68 21.61 -100.55 -3.26
C PRO H 68 23.00 -101.17 -3.29
N ALA H 69 23.15 -102.29 -2.56
CA ALA H 69 24.39 -103.04 -2.45
C ALA H 69 24.81 -103.55 -3.83
N ALA H 70 23.86 -104.18 -4.54
CA ALA H 70 24.05 -104.77 -5.86
C ALA H 70 24.75 -103.78 -6.79
N GLN H 71 24.27 -102.53 -6.82
CA GLN H 71 24.79 -101.52 -7.74
C GLN H 71 25.97 -100.78 -7.10
N TYR H 72 26.81 -101.52 -6.35
CA TYR H 72 27.98 -100.97 -5.69
C TYR H 72 29.26 -101.62 -6.24
N ALA H 73 30.24 -100.79 -6.61
CA ALA H 73 31.48 -101.29 -7.17
C ALA H 73 32.70 -100.95 -6.31
N TYR H 74 33.02 -99.65 -6.10
CA TYR H 74 34.42 -99.38 -5.79
C TYR H 74 34.72 -98.15 -4.94
N GLY H 75 33.80 -97.52 -4.19
CA GLY H 75 34.19 -96.16 -3.83
C GLY H 75 33.84 -95.59 -2.45
N LEU H 76 34.17 -96.29 -1.34
CA LEU H 76 33.89 -95.74 -0.01
C LEU H 76 34.94 -96.23 1.00
N PRO H 77 35.22 -95.59 2.17
CA PRO H 77 34.46 -94.46 2.75
C PRO H 77 34.50 -93.18 1.93
N LEU H 78 33.47 -92.33 2.07
CA LEU H 78 33.34 -91.16 1.23
C LEU H 78 33.04 -89.92 2.08
N THR H 79 34.02 -89.00 2.18
CA THR H 79 33.72 -87.72 2.80
C THR H 79 32.70 -87.01 1.91
N LEU H 80 31.51 -86.73 2.47
CA LEU H 80 30.45 -86.20 1.64
C LEU H 80 30.66 -84.70 1.44
N GLY H 81 29.92 -84.12 0.47
CA GLY H 81 29.75 -82.68 0.41
C GLY H 81 30.21 -82.09 -0.92
N HIS H 82 29.25 -81.84 -1.80
CA HIS H 82 29.55 -81.42 -3.16
C HIS H 82 29.25 -79.92 -3.30
N GLU H 83 28.84 -79.29 -2.19
CA GLU H 83 28.67 -77.86 -2.18
C GLU H 83 29.65 -77.25 -1.19
N GLY H 84 30.86 -76.88 -1.65
CA GLY H 84 31.95 -76.51 -0.75
C GLY H 84 32.50 -75.09 -0.90
N VAL H 85 32.61 -74.41 0.24
CA VAL H 85 33.27 -73.11 0.34
C VAL H 85 34.33 -73.17 1.44
N GLY H 86 35.38 -72.36 1.26
CA GLY H 86 36.52 -72.36 2.18
C GLY H 86 37.40 -71.13 2.03
N THR H 87 38.44 -71.07 2.88
CA THR H 87 39.61 -70.19 2.75
C THR H 87 40.82 -71.07 2.47
N VAL H 88 41.73 -70.56 1.63
CA VAL H 88 42.93 -71.28 1.28
C VAL H 88 43.82 -71.38 2.51
N ALA H 89 44.17 -72.62 2.85
CA ALA H 89 44.95 -72.92 4.03
C ALA H 89 46.42 -73.01 3.67
N GLU H 90 46.74 -73.86 2.67
CA GLU H 90 48.10 -74.12 2.26
C GLU H 90 48.13 -74.45 0.77
N LEU H 91 49.14 -73.93 0.08
CA LEU H 91 49.22 -74.02 -1.37
C LEU H 91 50.18 -75.12 -1.76
N GLY H 92 49.71 -76.08 -2.56
CA GLY H 92 50.55 -77.17 -3.04
C GLY H 92 51.70 -76.63 -3.89
N GLU H 93 52.67 -77.50 -4.22
CA GLU H 93 53.88 -77.10 -4.92
C GLU H 93 53.54 -76.39 -6.25
N GLY H 94 54.10 -75.20 -6.43
CA GLY H 94 54.06 -74.51 -7.71
C GLY H 94 52.74 -73.78 -7.95
N VAL H 95 51.75 -74.01 -7.07
CA VAL H 95 50.41 -73.44 -7.18
C VAL H 95 50.46 -71.93 -6.93
N THR H 96 50.22 -71.18 -7.99
CA THR H 96 50.06 -69.74 -7.83
C THR H 96 48.65 -69.35 -8.29
N GLY H 97 48.16 -68.21 -7.79
CA GLY H 97 46.89 -67.69 -8.25
C GLY H 97 45.97 -67.31 -7.10
N PHE H 98 46.30 -67.80 -5.89
CA PHE H 98 45.54 -67.46 -4.70
C PHE H 98 46.49 -67.31 -3.51
N GLY H 99 46.16 -66.37 -2.63
CA GLY H 99 46.84 -66.17 -1.36
C GLY H 99 46.22 -67.04 -0.26
N VAL H 100 47.04 -67.47 0.71
CA VAL H 100 46.54 -68.14 1.88
C VAL H 100 45.55 -67.18 2.53
N GLY H 101 44.34 -67.66 2.84
CA GLY H 101 43.32 -66.85 3.47
C GLY H 101 42.17 -66.44 2.54
N ASP H 102 42.30 -66.75 1.23
CA ASP H 102 41.38 -66.32 0.19
C ASP H 102 40.13 -67.20 0.23
N ALA H 103 38.96 -66.52 0.23
CA ALA H 103 37.66 -67.18 0.28
C ALA H 103 37.31 -67.63 -1.13
N VAL H 104 37.12 -68.93 -1.28
CA VAL H 104 36.89 -69.49 -2.60
C VAL H 104 35.75 -70.52 -2.54
N ALA H 105 34.98 -70.63 -3.62
CA ALA H 105 33.99 -71.69 -3.70
C ALA H 105 34.57 -72.79 -4.58
N VAL H 106 34.30 -74.05 -4.22
CA VAL H 106 34.76 -75.20 -4.98
C VAL H 106 33.78 -75.49 -6.12
N TYR H 107 34.25 -75.36 -7.37
CA TYR H 107 33.45 -75.78 -8.50
C TYR H 107 33.35 -77.31 -8.50
N GLY H 108 32.13 -77.85 -8.70
CA GLY H 108 31.87 -79.27 -8.43
C GLY H 108 32.25 -80.25 -9.53
N PRO H 109 31.77 -80.09 -10.78
CA PRO H 109 31.98 -81.11 -11.80
C PRO H 109 33.38 -81.12 -12.40
N TRP H 110 34.35 -81.68 -11.65
CA TRP H 110 35.74 -81.79 -12.07
C TRP H 110 35.85 -82.55 -13.38
N GLY H 111 36.57 -81.97 -14.35
CA GLY H 111 36.81 -82.61 -15.63
C GLY H 111 38.31 -82.73 -15.92
N CYS H 112 38.63 -83.32 -17.06
CA CYS H 112 40.01 -83.68 -17.37
C CYS H 112 40.80 -82.43 -17.79
N GLY H 113 40.11 -81.42 -18.30
CA GLY H 113 40.75 -80.15 -18.56
C GLY H 113 41.45 -80.11 -19.92
N ALA H 114 41.40 -81.23 -20.66
CA ALA H 114 42.15 -81.32 -21.91
C ALA H 114 41.32 -81.77 -23.10
N CYS H 115 40.10 -82.31 -22.86
CA CYS H 115 39.22 -82.69 -23.95
C CYS H 115 38.57 -81.44 -24.55
N HIS H 116 37.96 -81.58 -25.74
CA HIS H 116 37.41 -80.42 -26.43
C HIS H 116 36.39 -79.66 -25.59
N ALA H 117 35.53 -80.40 -24.86
CA ALA H 117 34.52 -79.83 -23.98
C ALA H 117 35.20 -79.00 -22.90
N CYS H 118 36.28 -79.55 -22.34
CA CYS H 118 36.93 -78.91 -21.22
C CYS H 118 37.60 -77.61 -21.66
N ALA H 119 37.94 -77.50 -22.94
CA ALA H 119 38.72 -76.36 -23.43
C ALA H 119 37.79 -75.22 -23.82
N ARG H 120 36.49 -75.49 -23.66
CA ARG H 120 35.39 -74.61 -24.00
C ARG H 120 34.65 -74.18 -22.75
N GLY H 121 35.19 -74.46 -21.56
CA GLY H 121 34.57 -73.94 -20.37
C GLY H 121 33.62 -74.96 -19.76
N ARG H 122 33.23 -75.90 -20.64
CA ARG H 122 32.14 -76.86 -20.45
C ARG H 122 32.62 -78.14 -19.76
N GLU H 123 33.35 -77.97 -18.65
CA GLU H 123 34.01 -79.07 -17.96
C GLU H 123 32.99 -80.05 -17.38
N ASN H 124 31.74 -79.60 -17.30
CA ASN H 124 30.73 -80.41 -16.67
C ASN H 124 30.30 -81.51 -17.62
N TYR H 125 30.64 -81.33 -18.92
CA TYR H 125 30.30 -82.27 -19.97
C TYR H 125 31.56 -82.85 -20.60
N CYS H 126 32.62 -82.98 -19.78
CA CYS H 126 33.91 -83.59 -20.11
C CYS H 126 33.67 -85.01 -20.60
N THR H 127 34.28 -85.37 -21.74
CA THR H 127 34.02 -86.67 -22.35
C THR H 127 34.98 -87.73 -21.82
N ARG H 128 35.91 -87.36 -20.92
CA ARG H 128 36.99 -88.25 -20.53
C ARG H 128 36.97 -88.59 -19.05
N ALA H 129 36.24 -87.80 -18.25
CA ALA H 129 36.32 -87.86 -16.79
C ALA H 129 35.83 -89.19 -16.22
N ALA H 130 34.84 -89.81 -16.88
CA ALA H 130 34.39 -91.10 -16.38
C ALA H 130 35.45 -92.15 -16.71
N ASP H 131 35.98 -92.12 -17.94
CA ASP H 131 37.06 -93.00 -18.33
C ASP H 131 38.29 -92.81 -17.45
N LEU H 132 38.41 -91.66 -16.75
CA LEU H 132 39.61 -91.41 -15.98
C LEU H 132 39.32 -91.38 -14.47
N GLY H 133 38.10 -91.80 -14.06
CA GLY H 133 37.65 -91.78 -12.68
C GLY H 133 37.77 -90.42 -11.98
N ILE H 134 37.73 -89.34 -12.76
CA ILE H 134 37.64 -88.00 -12.20
C ILE H 134 36.21 -87.74 -11.75
N THR H 135 36.00 -87.78 -10.43
CA THR H 135 34.68 -87.72 -9.82
C THR H 135 34.60 -86.45 -8.99
N PRO H 136 33.40 -85.88 -8.75
CA PRO H 136 33.29 -84.60 -8.05
C PRO H 136 33.59 -84.75 -6.56
N PRO H 137 33.98 -83.65 -5.88
CA PRO H 137 34.33 -83.73 -4.46
C PRO H 137 33.05 -84.09 -3.69
N GLY H 138 33.11 -85.19 -2.93
CA GLY H 138 31.96 -85.62 -2.15
C GLY H 138 31.00 -86.50 -2.96
N LEU H 139 31.35 -86.81 -4.21
CA LEU H 139 30.58 -87.74 -5.02
C LEU H 139 31.58 -88.75 -5.61
N GLY H 140 32.59 -89.11 -4.83
CA GLY H 140 33.60 -90.02 -5.32
C GLY H 140 34.98 -89.55 -4.90
N SER H 141 35.16 -88.24 -4.84
CA SER H 141 36.37 -87.68 -4.27
C SER H 141 36.05 -87.14 -2.87
N PRO H 142 37.05 -87.04 -1.97
CA PRO H 142 36.88 -86.38 -0.67
C PRO H 142 36.07 -85.09 -0.72
N GLY H 143 34.94 -85.07 0.01
CA GLY H 143 33.99 -83.97 0.01
C GLY H 143 34.43 -82.80 0.89
N SER H 144 33.52 -81.82 1.02
CA SER H 144 33.80 -80.56 1.69
C SER H 144 33.39 -80.64 3.15
N MET H 145 32.68 -81.71 3.51
CA MET H 145 32.08 -81.78 4.81
C MET H 145 33.09 -82.31 5.82
N ALA H 146 34.08 -81.46 6.10
CA ALA H 146 35.07 -81.69 7.14
C ALA H 146 35.78 -80.38 7.43
N GLU H 147 36.73 -80.40 8.38
CA GLU H 147 37.42 -79.20 8.83
C GLU H 147 38.26 -78.65 7.68
N TYR H 148 38.92 -79.57 6.93
CA TYR H 148 39.69 -79.22 5.75
C TYR H 148 39.39 -80.17 4.59
N MET H 149 39.60 -79.68 3.35
CA MET H 149 39.51 -80.53 2.17
C MET H 149 40.64 -80.20 1.19
N ILE H 150 40.92 -81.18 0.30
CA ILE H 150 41.83 -81.05 -0.83
C ILE H 150 41.03 -80.69 -2.08
N VAL H 151 41.41 -79.61 -2.77
CA VAL H 151 40.97 -79.35 -4.13
C VAL H 151 42.13 -79.70 -5.07
N ASP H 152 41.77 -80.32 -6.20
CA ASP H 152 42.70 -80.99 -7.09
C ASP H 152 43.54 -79.98 -7.89
N SER H 153 42.96 -78.79 -8.14
CA SER H 153 43.55 -77.86 -9.08
C SER H 153 43.02 -76.44 -8.84
N ALA H 154 43.82 -75.40 -9.11
CA ALA H 154 43.37 -74.01 -8.96
C ALA H 154 42.24 -73.65 -9.92
N ARG H 155 42.11 -74.47 -10.97
CA ARG H 155 41.09 -74.30 -11.97
C ARG H 155 39.74 -74.51 -11.30
N HIS H 156 39.72 -75.21 -10.16
CA HIS H 156 38.47 -75.61 -9.53
C HIS H 156 38.15 -74.77 -8.30
N LEU H 157 38.74 -73.56 -8.20
CA LEU H 157 38.42 -72.58 -7.18
C LEU H 157 37.91 -71.29 -7.84
N VAL H 158 36.79 -70.77 -7.32
CA VAL H 158 36.26 -69.50 -7.77
C VAL H 158 36.15 -68.54 -6.58
N PRO H 159 36.83 -67.38 -6.62
CA PRO H 159 36.80 -66.42 -5.51
C PRO H 159 35.42 -65.84 -5.21
N ILE H 160 35.14 -65.64 -3.92
CA ILE H 160 33.86 -65.10 -3.51
C ILE H 160 34.04 -63.80 -2.71
N GLY H 161 35.27 -63.46 -2.36
CA GLY H 161 35.43 -62.19 -1.68
C GLY H 161 34.70 -62.24 -0.34
N ASP H 162 33.96 -61.17 -0.04
CA ASP H 162 33.43 -60.99 1.29
C ASP H 162 32.01 -61.57 1.41
N LEU H 163 31.60 -62.38 0.43
CA LEU H 163 30.31 -63.05 0.48
C LEU H 163 30.29 -64.05 1.62
N ASP H 164 29.27 -63.97 2.50
CA ASP H 164 29.11 -64.94 3.58
C ASP H 164 29.21 -66.36 3.03
N PRO H 165 30.12 -67.20 3.59
CA PRO H 165 30.24 -68.60 3.17
C PRO H 165 28.96 -69.42 3.20
N VAL H 166 28.09 -69.12 4.19
CA VAL H 166 26.92 -69.95 4.42
C VAL H 166 25.99 -69.75 3.23
N ALA H 167 26.05 -68.53 2.67
CA ALA H 167 25.23 -68.12 1.54
C ALA H 167 25.78 -68.67 0.24
N ALA H 168 27.12 -68.65 0.11
CA ALA H 168 27.82 -69.05 -1.10
C ALA H 168 27.70 -70.56 -1.29
N ALA H 169 27.81 -71.31 -0.21
CA ALA H 169 27.85 -72.76 -0.36
C ALA H 169 26.70 -73.29 -1.21
N PRO H 170 25.42 -72.95 -0.94
CA PRO H 170 24.32 -73.49 -1.76
C PRO H 170 24.46 -73.09 -3.23
N LEU H 171 25.05 -71.92 -3.48
CA LEU H 171 25.18 -71.38 -4.82
C LEU H 171 25.88 -72.35 -5.77
N THR H 172 26.70 -73.27 -5.23
CA THR H 172 27.56 -74.12 -6.03
C THR H 172 26.77 -75.27 -6.65
N ASP H 173 25.45 -75.32 -6.41
CA ASP H 173 24.58 -76.37 -6.88
C ASP H 173 23.16 -75.84 -7.10
N ALA H 174 22.53 -75.29 -6.04
CA ALA H 174 21.20 -74.71 -6.16
C ALA H 174 21.23 -73.43 -7.03
N GLY H 175 22.37 -72.74 -7.05
CA GLY H 175 22.55 -71.62 -7.97
C GLY H 175 22.95 -72.12 -9.35
N LEU H 176 24.06 -72.86 -9.39
CA LEU H 176 24.73 -73.21 -10.63
C LEU H 176 23.80 -74.05 -11.50
N THR H 177 23.07 -74.99 -10.88
CA THR H 177 22.34 -75.95 -11.69
C THR H 177 21.24 -75.27 -12.52
N PRO H 178 20.35 -74.50 -11.87
CA PRO H 178 19.32 -73.76 -12.61
C PRO H 178 19.96 -72.83 -13.63
N TYR H 179 21.06 -72.15 -13.19
CA TYR H 179 21.67 -71.09 -13.97
C TYR H 179 22.11 -71.65 -15.31
N HIS H 180 22.77 -72.81 -15.27
CA HIS H 180 23.16 -73.53 -16.48
C HIS H 180 21.92 -73.85 -17.32
N ALA H 181 20.96 -74.59 -16.73
CA ALA H 181 19.70 -74.94 -17.36
C ALA H 181 19.13 -73.76 -18.13
N ILE H 182 18.98 -72.60 -17.45
CA ILE H 182 18.41 -71.39 -18.03
C ILE H 182 19.29 -70.88 -19.17
N SER H 183 20.59 -70.82 -18.92
CA SER H 183 21.54 -70.25 -19.86
C SER H 183 21.51 -70.98 -21.20
N ARG H 184 21.36 -72.31 -21.17
CA ARG H 184 21.28 -73.11 -22.37
C ARG H 184 20.30 -72.49 -23.37
N VAL H 185 19.27 -71.75 -22.91
CA VAL H 185 18.23 -71.31 -23.82
C VAL H 185 17.90 -69.84 -23.57
N LEU H 186 18.82 -69.11 -22.91
CA LEU H 186 18.56 -67.73 -22.51
C LEU H 186 18.26 -66.82 -23.72
N PRO H 187 18.86 -67.07 -24.90
CA PRO H 187 18.52 -66.28 -26.08
C PRO H 187 17.06 -66.39 -26.49
N LEU H 188 16.34 -67.35 -25.94
CA LEU H 188 14.95 -67.45 -26.33
C LEU H 188 14.06 -66.62 -25.40
N LEU H 189 14.59 -66.10 -24.30
CA LEU H 189 13.78 -65.57 -23.23
C LEU H 189 13.73 -64.05 -23.33
N GLY H 190 13.42 -63.59 -24.55
CA GLY H 190 13.34 -62.17 -24.79
C GLY H 190 12.04 -61.60 -24.23
N PRO H 191 11.82 -60.27 -24.35
CA PRO H 191 10.56 -59.66 -23.93
C PRO H 191 9.43 -60.35 -24.68
N GLY H 192 8.42 -60.81 -23.91
CA GLY H 192 7.22 -61.38 -24.50
C GLY H 192 7.27 -62.89 -24.50
N SER H 193 8.29 -63.46 -23.87
CA SER H 193 8.40 -64.91 -23.77
C SER H 193 7.82 -65.34 -22.44
N THR H 194 7.56 -66.63 -22.29
CA THR H 194 7.03 -67.13 -21.02
C THR H 194 7.92 -68.26 -20.55
N ALA H 195 8.26 -68.22 -19.26
CA ALA H 195 9.03 -69.29 -18.65
C ALA H 195 8.20 -69.95 -17.57
N VAL H 196 8.05 -71.27 -17.64
CA VAL H 196 7.30 -71.98 -16.62
C VAL H 196 8.32 -72.69 -15.74
N VAL H 197 8.27 -72.40 -14.43
CA VAL H 197 9.11 -73.07 -13.46
C VAL H 197 8.26 -74.07 -12.69
N ILE H 198 8.51 -75.36 -12.89
CA ILE H 198 7.78 -76.38 -12.15
C ILE H 198 8.56 -76.75 -10.90
N GLY H 199 7.91 -76.64 -9.73
CA GLY H 199 8.57 -76.90 -8.47
C GLY H 199 9.27 -75.63 -8.02
N VAL H 200 8.92 -75.11 -6.85
CA VAL H 200 9.59 -73.94 -6.30
C VAL H 200 10.22 -74.31 -4.97
N GLY H 201 10.96 -75.43 -4.96
CA GLY H 201 11.72 -75.86 -3.80
C GLY H 201 13.07 -75.17 -3.75
N GLY H 202 14.15 -75.95 -3.61
CA GLY H 202 15.48 -75.35 -3.63
C GLY H 202 15.75 -74.66 -4.96
N LEU H 203 15.80 -75.46 -6.03
CA LEU H 203 16.29 -75.04 -7.33
C LEU H 203 15.31 -74.04 -7.96
N GLY H 204 14.01 -74.37 -7.91
CA GLY H 204 12.98 -73.56 -8.53
C GLY H 204 12.94 -72.14 -7.98
N HIS H 205 13.07 -72.04 -6.65
CA HIS H 205 13.12 -70.75 -5.98
C HIS H 205 14.23 -69.91 -6.61
N VAL H 206 15.41 -70.51 -6.79
CA VAL H 206 16.56 -69.75 -7.25
C VAL H 206 16.43 -69.50 -8.76
N GLY H 207 15.85 -70.48 -9.46
CA GLY H 207 15.52 -70.36 -10.88
C GLY H 207 14.69 -69.11 -11.18
N ILE H 208 13.70 -68.82 -10.33
CA ILE H 208 12.86 -67.67 -10.57
C ILE H 208 13.72 -66.40 -10.53
N GLN H 209 14.50 -66.25 -9.46
CA GLN H 209 15.28 -65.05 -9.25
C GLN H 209 16.28 -64.86 -10.38
N ILE H 210 16.87 -65.96 -10.86
CA ILE H 210 17.79 -65.92 -12.00
C ILE H 210 17.07 -65.40 -13.25
N LEU H 211 15.92 -66.01 -13.59
CA LEU H 211 15.11 -65.58 -14.71
C LEU H 211 14.81 -64.09 -14.65
N ARG H 212 14.70 -63.52 -13.44
CA ARG H 212 14.36 -62.12 -13.25
C ARG H 212 15.58 -61.23 -13.50
N ALA H 213 16.74 -61.69 -13.03
CA ALA H 213 17.96 -60.93 -13.19
C ALA H 213 18.40 -60.87 -14.66
N VAL H 214 18.25 -61.98 -15.40
CA VAL H 214 19.00 -62.16 -16.63
C VAL H 214 18.12 -62.07 -17.88
N SER H 215 16.80 -61.94 -17.69
CA SER H 215 15.87 -61.96 -18.80
C SER H 215 14.62 -61.13 -18.49
N ALA H 216 13.88 -60.79 -19.55
CA ALA H 216 12.61 -60.08 -19.36
C ALA H 216 11.42 -61.02 -19.52
N ALA H 217 11.68 -62.32 -19.41
CA ALA H 217 10.63 -63.30 -19.66
C ALA H 217 9.61 -63.18 -18.53
N ARG H 218 8.34 -63.47 -18.85
CA ARG H 218 7.28 -63.63 -17.87
C ARG H 218 7.33 -65.01 -17.21
N VAL H 219 7.25 -65.07 -15.89
CA VAL H 219 7.52 -66.32 -15.21
C VAL H 219 6.21 -66.82 -14.61
N ILE H 220 5.85 -68.07 -14.88
CA ILE H 220 4.72 -68.71 -14.22
C ILE H 220 5.24 -69.93 -13.45
N ALA H 221 4.94 -69.97 -12.15
CA ALA H 221 5.34 -71.04 -11.25
C ALA H 221 4.23 -72.07 -11.16
N VAL H 222 4.61 -73.34 -11.05
CA VAL H 222 3.65 -74.41 -10.81
C VAL H 222 4.10 -75.18 -9.55
N ASP H 223 3.21 -75.39 -8.57
CA ASP H 223 3.63 -76.14 -7.39
C ASP H 223 2.46 -76.80 -6.68
N LEU H 224 2.78 -77.59 -5.65
CA LEU H 224 1.86 -78.50 -5.02
C LEU H 224 1.08 -77.82 -3.89
N ASP H 225 1.64 -76.75 -3.31
CA ASP H 225 1.31 -76.27 -1.97
C ASP H 225 0.92 -74.78 -1.99
N ASP H 226 -0.05 -74.38 -1.17
CA ASP H 226 -0.48 -72.98 -1.18
C ASP H 226 0.63 -72.02 -0.78
N ASP H 227 1.49 -72.44 0.15
CA ASP H 227 2.58 -71.59 0.64
C ASP H 227 3.65 -71.40 -0.42
N ARG H 228 3.93 -72.51 -1.15
CA ARG H 228 4.93 -72.56 -2.21
C ARG H 228 4.53 -71.60 -3.33
N LEU H 229 3.22 -71.49 -3.60
CA LEU H 229 2.74 -70.63 -4.67
C LEU H 229 2.89 -69.16 -4.29
N ALA H 230 2.57 -68.84 -3.03
CA ALA H 230 2.71 -67.47 -2.55
C ALA H 230 4.19 -67.05 -2.53
N LEU H 231 5.08 -68.03 -2.22
CA LEU H 231 6.50 -67.79 -2.18
C LEU H 231 7.03 -67.52 -3.59
N ALA H 232 6.59 -68.34 -4.55
CA ALA H 232 6.87 -68.11 -5.96
C ALA H 232 6.55 -66.65 -6.29
N ARG H 233 5.31 -66.24 -6.01
CA ARG H 233 4.89 -64.89 -6.28
C ARG H 233 5.84 -63.90 -5.62
N GLU H 234 6.21 -64.18 -4.38
CA GLU H 234 7.03 -63.26 -3.61
C GLU H 234 8.38 -63.05 -4.30
N VAL H 235 8.94 -64.08 -4.96
CA VAL H 235 10.32 -64.01 -5.45
C VAL H 235 10.35 -63.62 -6.93
N GLY H 236 9.20 -63.19 -7.46
CA GLY H 236 9.14 -62.57 -8.77
C GLY H 236 8.26 -63.33 -9.76
N ALA H 237 7.51 -64.35 -9.34
CA ALA H 237 6.65 -65.03 -10.30
C ALA H 237 5.51 -64.08 -10.66
N ASP H 238 5.25 -63.91 -11.97
CA ASP H 238 4.10 -63.12 -12.36
C ASP H 238 2.80 -63.88 -12.07
N ALA H 239 2.85 -65.22 -12.06
CA ALA H 239 1.66 -66.01 -11.80
C ALA H 239 2.05 -67.38 -11.24
N ALA H 240 1.12 -68.05 -10.57
CA ALA H 240 1.44 -69.33 -9.95
C ALA H 240 0.17 -70.16 -9.94
N VAL H 241 0.29 -71.44 -10.32
CA VAL H 241 -0.86 -72.33 -10.41
C VAL H 241 -0.46 -73.66 -9.76
N LYS H 242 -1.46 -74.51 -9.48
CA LYS H 242 -1.19 -75.70 -8.71
C LYS H 242 -0.84 -76.83 -9.68
N SER H 243 0.19 -77.61 -9.35
CA SER H 243 0.49 -78.77 -10.17
C SER H 243 -0.63 -79.79 -10.04
N GLY H 244 -0.71 -80.68 -11.02
CA GLY H 244 -1.67 -81.77 -11.00
C GLY H 244 -2.20 -82.00 -12.41
N ALA H 245 -3.28 -82.75 -12.55
CA ALA H 245 -3.81 -82.97 -13.90
C ALA H 245 -4.14 -81.62 -14.55
N GLY H 246 -4.60 -80.64 -13.74
CA GLY H 246 -5.20 -79.42 -14.28
C GLY H 246 -4.20 -78.36 -14.76
N ALA H 247 -2.90 -78.59 -14.46
CA ALA H 247 -1.89 -77.55 -14.41
C ALA H 247 -1.52 -77.08 -15.81
N ALA H 248 -1.62 -78.00 -16.79
CA ALA H 248 -1.40 -77.65 -18.18
C ALA H 248 -2.40 -76.58 -18.65
N ASP H 249 -3.70 -76.83 -18.41
CA ASP H 249 -4.74 -75.91 -18.87
C ASP H 249 -4.65 -74.61 -18.10
N ALA H 250 -4.43 -74.71 -16.78
CA ALA H 250 -4.18 -73.57 -15.90
C ALA H 250 -3.20 -72.58 -16.53
N ILE H 251 -2.07 -73.11 -17.01
CA ILE H 251 -1.02 -72.28 -17.61
C ILE H 251 -1.51 -71.65 -18.91
N ARG H 252 -2.12 -72.48 -19.78
CA ARG H 252 -2.55 -72.07 -21.12
C ARG H 252 -3.59 -70.95 -21.02
N GLU H 253 -4.47 -71.05 -20.00
CA GLU H 253 -5.35 -69.96 -19.61
C GLU H 253 -4.59 -68.66 -19.44
N LEU H 254 -3.47 -68.71 -18.69
CA LEU H 254 -2.68 -67.52 -18.43
C LEU H 254 -1.98 -67.04 -19.69
N THR H 255 -1.71 -67.92 -20.66
CA THR H 255 -0.90 -67.55 -21.82
C THR H 255 -1.75 -67.30 -23.07
N GLY H 256 -3.05 -67.03 -22.91
CA GLY H 256 -3.97 -66.91 -24.03
C GLY H 256 -4.01 -68.15 -24.92
N GLY H 257 -3.66 -69.31 -24.36
CA GLY H 257 -3.61 -70.59 -25.06
C GLY H 257 -2.42 -70.68 -26.01
N GLN H 258 -1.32 -70.00 -25.67
CA GLN H 258 -0.28 -69.87 -26.67
C GLN H 258 0.86 -70.83 -26.32
N GLY H 259 0.98 -71.21 -25.06
CA GLY H 259 2.04 -72.15 -24.71
C GLY H 259 3.35 -71.45 -24.40
N ALA H 260 4.15 -72.04 -23.50
CA ALA H 260 5.26 -71.35 -22.87
C ALA H 260 6.55 -71.61 -23.64
N THR H 261 7.42 -70.60 -23.76
CA THR H 261 8.58 -70.78 -24.65
C THR H 261 9.55 -71.77 -24.01
N ALA H 262 9.64 -71.72 -22.68
CA ALA H 262 10.57 -72.59 -21.99
C ALA H 262 9.89 -73.15 -20.76
N VAL H 263 10.24 -74.38 -20.39
CA VAL H 263 9.72 -75.01 -19.18
C VAL H 263 10.89 -75.64 -18.44
N PHE H 264 11.16 -75.14 -17.23
CA PHE H 264 12.19 -75.72 -16.40
C PHE H 264 11.52 -76.55 -15.31
N ASP H 265 11.58 -77.88 -15.47
CA ASP H 265 10.95 -78.76 -14.52
C ASP H 265 11.96 -79.13 -13.44
N PHE H 266 11.87 -78.48 -12.28
CA PHE H 266 12.84 -78.74 -11.23
C PHE H 266 12.42 -79.91 -10.35
N VAL H 267 11.24 -80.48 -10.64
CA VAL H 267 10.67 -81.57 -9.87
C VAL H 267 11.10 -82.88 -10.54
N GLY H 268 10.58 -83.13 -11.74
CA GLY H 268 11.17 -84.15 -12.59
C GLY H 268 10.40 -85.47 -12.54
N ALA H 269 9.22 -85.42 -11.91
CA ALA H 269 8.21 -86.49 -11.91
C ALA H 269 7.77 -86.72 -13.34
N GLN H 270 7.38 -87.96 -13.67
CA GLN H 270 6.71 -88.18 -14.95
C GLN H 270 5.52 -87.22 -15.13
N SER H 271 4.76 -86.98 -14.05
CA SER H 271 3.58 -86.17 -14.20
C SER H 271 3.95 -84.74 -14.61
N THR H 272 5.01 -84.20 -14.00
CA THR H 272 5.46 -82.84 -14.29
C THR H 272 5.99 -82.74 -15.71
N ILE H 273 6.78 -83.75 -16.14
CA ILE H 273 7.28 -83.77 -17.50
C ILE H 273 6.12 -83.83 -18.48
N ASP H 274 5.11 -84.66 -18.17
CA ASP H 274 3.86 -84.68 -18.92
C ASP H 274 3.22 -83.28 -19.01
N THR H 275 3.06 -82.59 -17.85
CA THR H 275 2.54 -81.22 -17.82
C THR H 275 3.35 -80.40 -18.83
N ALA H 276 4.68 -80.52 -18.72
CA ALA H 276 5.61 -79.75 -19.52
C ALA H 276 5.36 -79.99 -21.00
N GLN H 277 5.22 -81.25 -21.38
CA GLN H 277 4.98 -81.55 -22.79
C GLN H 277 3.68 -80.92 -23.27
N GLN H 278 2.73 -80.62 -22.38
CA GLN H 278 1.48 -80.05 -22.85
C GLN H 278 1.51 -78.52 -22.90
N VAL H 279 2.38 -77.86 -22.12
CA VAL H 279 2.43 -76.39 -22.10
C VAL H 279 3.50 -75.82 -23.05
N VAL H 280 4.56 -76.58 -23.37
CA VAL H 280 5.69 -76.00 -24.10
C VAL H 280 5.28 -75.51 -25.49
N ALA H 281 5.75 -74.32 -25.85
CA ALA H 281 5.44 -73.67 -27.12
C ALA H 281 6.14 -74.40 -28.25
N VAL H 282 5.61 -74.28 -29.47
CA VAL H 282 6.29 -74.73 -30.68
C VAL H 282 7.63 -74.01 -30.73
N ASP H 283 8.66 -74.71 -31.18
CA ASP H 283 10.02 -74.17 -31.23
C ASP H 283 10.52 -73.76 -29.83
N GLY H 284 9.91 -74.27 -28.77
CA GLY H 284 10.35 -73.95 -27.42
C GLY H 284 11.33 -75.00 -26.89
N HIS H 285 11.31 -75.18 -25.56
CA HIS H 285 12.31 -75.97 -24.85
C HIS H 285 11.75 -76.43 -23.49
N ILE H 286 12.05 -77.69 -23.11
CA ILE H 286 11.83 -78.27 -21.80
C ILE H 286 13.17 -78.70 -21.19
N SER H 287 13.47 -78.21 -19.99
CA SER H 287 14.71 -78.55 -19.32
C SER H 287 14.33 -79.40 -18.13
N VAL H 288 14.69 -80.69 -18.14
CA VAL H 288 14.35 -81.60 -17.06
C VAL H 288 15.48 -81.52 -16.05
N VAL H 289 15.24 -80.91 -14.89
CA VAL H 289 16.35 -80.58 -14.00
C VAL H 289 16.28 -81.33 -12.67
N GLY H 290 15.24 -82.13 -12.46
CA GLY H 290 15.10 -82.89 -11.22
C GLY H 290 15.13 -84.39 -11.49
N ILE H 291 15.64 -85.13 -10.51
CA ILE H 291 15.83 -86.56 -10.67
C ILE H 291 14.64 -87.34 -10.11
N HIS H 292 14.05 -88.18 -10.95
CA HIS H 292 13.13 -89.22 -10.53
C HIS H 292 13.38 -90.45 -11.38
N ALA H 293 13.98 -91.47 -10.75
CA ALA H 293 14.41 -92.67 -11.45
C ALA H 293 13.29 -93.14 -12.37
N GLY H 294 13.53 -93.12 -13.67
CA GLY H 294 12.56 -93.69 -14.57
C GLY H 294 11.87 -92.63 -15.41
N ALA H 295 11.63 -91.46 -14.80
CA ALA H 295 10.85 -90.39 -15.42
C ALA H 295 11.56 -89.86 -16.64
N HIS H 296 10.81 -89.65 -17.72
CA HIS H 296 11.48 -89.22 -18.93
C HIS H 296 10.47 -88.56 -19.86
N ALA H 297 10.94 -87.58 -20.61
CA ALA H 297 10.14 -87.04 -21.69
C ALA H 297 9.99 -88.08 -22.82
N LYS H 298 8.95 -87.87 -23.63
CA LYS H 298 8.65 -88.69 -24.78
C LYS H 298 8.65 -87.78 -26.00
N VAL H 299 9.83 -87.71 -26.63
CA VAL H 299 10.04 -86.82 -27.76
C VAL H 299 9.81 -87.59 -29.06
N GLY H 300 8.59 -87.45 -29.59
CA GLY H 300 8.25 -87.99 -30.90
C GLY H 300 7.18 -87.12 -31.51
N PHE H 301 6.87 -87.35 -32.80
CA PHE H 301 5.86 -86.57 -33.47
C PHE H 301 4.54 -86.74 -32.73
N PHE H 302 3.81 -85.63 -32.61
CA PHE H 302 2.43 -85.66 -32.12
C PHE H 302 2.45 -85.90 -30.61
N MET H 303 3.63 -86.07 -30.02
CA MET H 303 3.70 -86.22 -28.57
C MET H 303 4.27 -84.96 -27.93
N ILE H 304 4.64 -83.99 -28.78
CA ILE H 304 5.26 -82.76 -28.31
C ILE H 304 5.27 -81.80 -29.49
N PRO H 305 5.15 -80.47 -29.28
CA PRO H 305 5.09 -79.52 -30.39
C PRO H 305 6.34 -79.62 -31.27
N PHE H 306 6.21 -79.41 -32.58
CA PHE H 306 7.36 -79.31 -33.46
C PHE H 306 8.42 -78.35 -32.90
N GLY H 307 9.69 -78.75 -32.94
CA GLY H 307 10.82 -77.87 -32.67
C GLY H 307 11.03 -77.59 -31.19
N ALA H 308 10.17 -78.12 -30.33
CA ALA H 308 10.39 -77.99 -28.90
C ALA H 308 11.43 -79.03 -28.47
N SER H 309 12.59 -78.56 -27.99
CA SER H 309 13.66 -79.49 -27.65
C SER H 309 13.61 -79.83 -26.16
N VAL H 310 14.10 -81.02 -25.80
CA VAL H 310 14.21 -81.42 -24.40
C VAL H 310 15.65 -81.86 -24.09
N VAL H 311 16.12 -81.59 -22.87
CA VAL H 311 17.44 -82.01 -22.43
C VAL H 311 17.41 -82.25 -20.93
N THR H 312 18.34 -83.09 -20.43
CA THR H 312 18.63 -83.21 -19.00
C THR H 312 19.97 -82.55 -18.72
N PRO H 313 20.05 -81.26 -18.30
CA PRO H 313 21.34 -80.56 -18.19
C PRO H 313 22.04 -81.11 -16.96
N TYR H 314 23.37 -80.95 -16.93
CA TYR H 314 24.15 -81.46 -15.81
C TYR H 314 24.90 -80.31 -15.13
N TRP H 315 24.44 -79.95 -13.94
CA TRP H 315 25.19 -79.02 -13.11
C TRP H 315 25.43 -77.72 -13.91
N GLY H 316 26.68 -77.21 -13.89
CA GLY H 316 27.01 -75.93 -14.50
C GLY H 316 28.48 -75.84 -14.93
N THR H 317 28.80 -74.82 -15.74
CA THR H 317 30.16 -74.53 -16.18
C THR H 317 30.84 -73.58 -15.21
N ARG H 318 32.17 -73.50 -15.33
CA ARG H 318 32.97 -72.72 -14.40
C ARG H 318 32.62 -71.23 -14.54
N SER H 319 32.58 -70.74 -15.79
CA SER H 319 32.26 -69.34 -16.06
C SER H 319 30.85 -69.04 -15.57
N GLU H 320 30.01 -70.09 -15.50
CA GLU H 320 28.66 -70.01 -14.97
C GLU H 320 28.70 -69.76 -13.47
N LEU H 321 29.42 -70.61 -12.75
CA LEU H 321 29.57 -70.42 -11.31
C LEU H 321 30.03 -68.99 -11.01
N MET H 322 30.89 -68.45 -11.86
CA MET H 322 31.42 -67.12 -11.64
C MET H 322 30.29 -66.09 -11.76
N GLU H 323 29.44 -66.28 -12.77
CA GLU H 323 28.31 -65.38 -12.99
C GLU H 323 27.29 -65.55 -11.88
N VAL H 324 27.15 -66.76 -11.36
CA VAL H 324 26.26 -66.96 -10.24
C VAL H 324 26.74 -66.16 -9.04
N VAL H 325 28.06 -66.13 -8.84
CA VAL H 325 28.66 -65.46 -7.70
C VAL H 325 28.45 -63.95 -7.87
N ALA H 326 28.48 -63.46 -9.12
CA ALA H 326 28.33 -62.03 -9.39
C ALA H 326 26.92 -61.55 -9.04
N LEU H 327 25.93 -62.39 -9.34
CA LEU H 327 24.54 -62.15 -8.98
C LEU H 327 24.39 -62.09 -7.46
N ALA H 328 24.92 -63.12 -6.79
CA ALA H 328 24.95 -63.18 -5.34
C ALA H 328 25.60 -61.93 -4.75
N ARG H 329 26.77 -61.54 -5.24
CA ARG H 329 27.45 -60.43 -4.60
C ARG H 329 26.69 -59.10 -4.83
N ALA H 330 25.73 -59.10 -5.75
CA ALA H 330 25.06 -57.85 -6.03
C ALA H 330 23.63 -57.93 -5.51
N GLY H 331 23.43 -58.82 -4.54
CA GLY H 331 22.17 -58.99 -3.83
C GLY H 331 20.99 -59.42 -4.70
N ARG H 332 21.22 -60.19 -5.77
CA ARG H 332 20.15 -60.56 -6.69
C ARG H 332 19.72 -62.01 -6.51
N LEU H 333 20.41 -62.80 -5.66
CA LEU H 333 20.15 -64.22 -5.45
C LEU H 333 19.98 -64.50 -3.95
N ASP H 334 18.76 -64.82 -3.54
CA ASP H 334 18.42 -65.11 -2.16
C ASP H 334 18.29 -66.62 -2.00
N ILE H 335 18.78 -67.12 -0.88
CA ILE H 335 18.67 -68.55 -0.68
C ILE H 335 18.51 -68.83 0.82
N HIS H 336 17.41 -69.49 1.18
CA HIS H 336 17.17 -69.70 2.59
C HIS H 336 18.12 -70.80 3.09
N THR H 337 18.90 -70.49 4.13
CA THR H 337 19.85 -71.46 4.64
C THR H 337 19.55 -71.76 6.11
N GLU H 338 19.83 -73.01 6.52
CA GLU H 338 19.82 -73.39 7.92
C GLU H 338 21.15 -74.06 8.28
N THR H 339 21.84 -73.52 9.30
CA THR H 339 23.18 -73.92 9.72
C THR H 339 23.13 -75.17 10.59
N PHE H 340 24.13 -76.04 10.47
CA PHE H 340 24.33 -77.14 11.39
C PHE H 340 25.80 -77.15 11.81
N THR H 341 26.15 -78.06 12.72
CA THR H 341 27.54 -78.26 13.08
C THR H 341 27.98 -79.59 12.51
N LEU H 342 29.29 -79.84 12.53
CA LEU H 342 29.83 -81.04 11.92
C LEU H 342 29.27 -82.30 12.56
N ASP H 343 28.93 -82.22 13.85
CA ASP H 343 28.45 -83.38 14.59
C ASP H 343 27.00 -83.66 14.23
N GLU H 344 26.27 -82.57 13.91
CA GLU H 344 24.87 -82.70 13.56
C GLU H 344 24.72 -83.08 12.08
N GLY H 345 25.86 -83.32 11.39
CA GLY H 345 25.86 -83.73 10.00
C GLY H 345 24.86 -84.84 9.74
N PRO H 346 25.01 -86.04 10.37
CA PRO H 346 24.06 -87.14 10.22
C PRO H 346 22.62 -86.77 10.56
N ALA H 347 22.47 -85.90 11.58
CA ALA H 347 21.20 -85.35 12.02
C ALA H 347 20.50 -84.57 10.89
N ALA H 348 21.31 -83.78 10.17
CA ALA H 348 20.87 -82.99 9.03
C ALA H 348 20.42 -83.90 7.88
N TYR H 349 21.14 -85.01 7.69
CA TYR H 349 20.83 -85.95 6.63
C TYR H 349 19.52 -86.68 6.90
N ARG H 350 19.23 -86.95 8.18
CA ARG H 350 17.91 -87.45 8.57
C ARG H 350 16.83 -86.44 8.21
N ARG H 351 17.00 -85.19 8.67
CA ARG H 351 16.08 -84.10 8.35
C ARG H 351 15.96 -83.94 6.83
N LEU H 352 17.05 -84.23 6.12
CA LEU H 352 17.03 -84.17 4.68
C LEU H 352 16.01 -85.16 4.14
N ARG H 353 16.02 -86.39 4.69
CA ARG H 353 15.11 -87.44 4.27
C ARG H 353 13.65 -87.08 4.51
N GLU H 354 13.34 -86.54 5.71
CA GLU H 354 11.96 -86.24 6.06
C GLU H 354 11.52 -84.96 5.36
N GLY H 355 12.36 -84.41 4.47
CA GLY H 355 12.10 -83.14 3.80
C GLY H 355 11.61 -82.06 4.76
N SER H 356 12.22 -82.06 5.97
CA SER H 356 11.92 -81.17 7.08
C SER H 356 12.88 -79.99 7.12
N ILE H 357 13.57 -79.72 5.99
CA ILE H 357 14.51 -78.61 5.91
C ILE H 357 14.00 -77.61 4.89
N ARG H 358 13.92 -76.32 5.29
CA ARG H 358 13.57 -75.22 4.41
C ARG H 358 14.80 -74.73 3.64
N GLY H 359 14.66 -74.71 2.31
CA GLY H 359 15.73 -74.28 1.42
C GLY H 359 16.84 -75.31 1.39
N ARG H 360 18.06 -74.86 1.71
CA ARG H 360 19.24 -75.71 1.74
C ARG H 360 19.82 -75.72 3.15
N GLY H 361 20.24 -76.90 3.61
CA GLY H 361 21.02 -77.05 4.83
C GLY H 361 22.51 -76.84 4.56
N VAL H 362 23.21 -76.16 5.48
CA VAL H 362 24.64 -75.89 5.33
C VAL H 362 25.36 -76.32 6.61
N VAL H 363 26.45 -77.08 6.47
CA VAL H 363 27.26 -77.48 7.62
C VAL H 363 28.42 -76.50 7.75
N VAL H 364 28.61 -75.94 8.94
CA VAL H 364 29.69 -74.99 9.19
C VAL H 364 30.61 -75.57 10.25
N PRO H 365 31.84 -76.04 9.90
CA PRO H 365 32.91 -76.26 10.88
C PRO H 365 33.49 -74.91 11.26
N ARG I 17 75.28 78.91 -44.28
CA ARG I 17 74.67 77.60 -43.94
C ARG I 17 75.68 76.45 -44.10
N GLY I 18 76.26 76.30 -45.31
CA GLY I 18 77.19 75.23 -45.68
C GLY I 18 76.53 74.05 -46.39
N SER I 19 77.33 73.09 -46.89
CA SER I 19 76.82 71.90 -47.54
C SER I 19 76.90 70.66 -46.65
N HIS I 20 77.68 70.71 -45.57
CA HIS I 20 77.71 69.58 -44.65
C HIS I 20 76.77 69.87 -43.48
N MET I 21 76.47 68.80 -42.76
CA MET I 21 75.87 68.90 -41.45
C MET I 21 76.07 67.55 -40.81
N LYS I 22 76.25 67.56 -39.49
CA LYS I 22 76.32 66.31 -38.78
C LYS I 22 74.90 65.75 -38.65
N ALA I 23 74.76 64.44 -38.84
CA ALA I 23 73.50 63.74 -38.67
C ALA I 23 73.78 62.47 -37.89
N VAL I 24 72.91 62.15 -36.92
CA VAL I 24 72.99 60.84 -36.28
C VAL I 24 72.31 59.84 -37.22
N GLN I 25 73.08 58.89 -37.76
CA GLN I 25 72.47 57.95 -38.70
C GLN I 25 72.73 56.50 -38.27
N TYR I 26 71.70 55.67 -38.41
CA TYR I 26 71.85 54.23 -38.43
C TYR I 26 72.33 53.89 -39.84
N THR I 27 73.44 53.16 -39.96
CA THR I 27 74.06 52.99 -41.28
C THR I 27 74.18 51.52 -41.68
N GLU I 28 74.09 50.61 -40.70
CA GLU I 28 74.17 49.18 -40.98
C GLU I 28 73.45 48.44 -39.86
N ILE I 29 72.82 47.30 -40.21
CA ILE I 29 71.98 46.57 -39.27
C ILE I 29 72.80 46.07 -38.08
N GLY I 30 72.35 46.39 -36.85
CA GLY I 30 73.09 46.03 -35.66
C GLY I 30 74.17 47.05 -35.27
N SER I 31 74.64 47.87 -36.22
CA SER I 31 75.57 48.95 -35.91
C SER I 31 74.98 49.95 -34.93
N GLU I 32 75.82 50.48 -34.04
CA GLU I 32 75.40 51.58 -33.20
C GLU I 32 75.28 52.85 -34.05
N PRO I 33 74.44 53.85 -33.67
CA PRO I 33 74.34 55.11 -34.42
C PRO I 33 75.61 55.93 -34.37
N VAL I 34 75.94 56.63 -35.47
CA VAL I 34 77.20 57.36 -35.57
C VAL I 34 76.95 58.78 -36.11
N VAL I 35 77.65 59.77 -35.55
CA VAL I 35 77.53 61.14 -36.02
C VAL I 35 78.34 61.34 -37.30
N VAL I 36 77.64 61.41 -38.45
CA VAL I 36 78.25 61.48 -39.78
C VAL I 36 77.92 62.79 -40.51
N ASP I 37 78.75 63.15 -41.50
CA ASP I 37 78.64 64.35 -42.32
C ASP I 37 77.90 64.00 -43.60
N ILE I 38 76.80 64.70 -43.87
CA ILE I 38 76.07 64.44 -45.10
C ILE I 38 75.72 65.79 -45.71
N PRO I 39 75.27 65.79 -47.00
CA PRO I 39 74.73 66.98 -47.67
C PRO I 39 73.62 67.72 -46.93
N THR I 40 73.77 69.03 -46.76
CA THR I 40 72.69 69.88 -46.28
C THR I 40 71.57 69.91 -47.32
N PRO I 41 70.37 69.41 -46.98
CA PRO I 41 69.30 69.24 -47.98
C PRO I 41 68.71 70.58 -48.38
N THR I 42 68.15 70.58 -49.59
CA THR I 42 67.60 71.81 -50.12
C THR I 42 66.09 71.61 -50.31
N PRO I 43 65.24 72.54 -49.84
CA PRO I 43 63.79 72.35 -49.92
C PRO I 43 63.34 72.51 -51.37
N GLY I 44 62.81 71.43 -51.95
CA GLY I 44 62.23 71.50 -53.28
C GLY I 44 60.86 72.16 -53.21
N PRO I 45 60.02 71.97 -54.26
CA PRO I 45 58.73 72.65 -54.31
C PRO I 45 57.72 72.02 -53.34
N GLY I 46 57.33 72.79 -52.31
CA GLY I 46 56.37 72.29 -51.33
C GLY I 46 57.02 71.95 -49.99
N GLU I 47 58.30 71.58 -49.99
CA GLU I 47 58.97 71.17 -48.76
C GLU I 47 59.34 72.39 -47.94
N ILE I 48 59.69 72.17 -46.66
CA ILE I 48 60.23 73.23 -45.83
C ILE I 48 61.53 72.71 -45.25
N LEU I 49 62.59 73.54 -45.27
CA LEU I 49 63.81 73.25 -44.55
C LEU I 49 63.73 73.93 -43.18
N LEU I 50 64.00 73.15 -42.12
CA LEU I 50 64.01 73.63 -40.74
C LEU I 50 65.44 73.59 -40.22
N LYS I 51 65.80 74.58 -39.42
CA LYS I 51 66.96 74.46 -38.57
C LYS I 51 66.48 73.79 -37.29
N VAL I 52 66.96 72.57 -37.04
CA VAL I 52 66.44 71.80 -35.94
C VAL I 52 66.89 72.40 -34.61
N THR I 53 65.94 72.64 -33.71
CA THR I 53 66.31 73.16 -32.40
C THR I 53 66.32 72.08 -31.31
N ALA I 54 65.49 71.04 -31.43
CA ALA I 54 65.55 69.91 -30.49
C ALA I 54 65.09 68.62 -31.16
N ALA I 55 65.71 67.47 -30.80
CA ALA I 55 65.31 66.18 -31.35
C ALA I 55 65.25 65.12 -30.26
N GLY I 56 64.03 64.67 -29.95
CA GLY I 56 63.82 63.69 -28.90
C GLY I 56 64.26 62.31 -29.35
N LEU I 57 64.58 61.46 -28.36
CA LEU I 57 64.86 60.04 -28.54
C LEU I 57 63.97 59.22 -27.61
N CYS I 58 63.60 58.01 -28.07
CA CYS I 58 62.62 57.15 -27.41
C CYS I 58 63.02 55.68 -27.56
N HIS I 59 62.35 54.80 -26.81
CA HIS I 59 62.64 53.36 -26.83
C HIS I 59 62.15 52.77 -28.15
N SER I 60 61.50 53.60 -28.98
CA SER I 60 61.02 53.17 -30.28
C SER I 60 62.21 53.12 -31.23
N ASP I 61 63.08 54.13 -31.12
CA ASP I 61 64.34 54.18 -31.84
C ASP I 61 65.16 52.91 -31.57
N ILE I 62 65.15 52.44 -30.32
CA ILE I 62 65.86 51.22 -29.95
C ILE I 62 65.23 50.03 -30.67
N PHE I 63 63.92 49.87 -30.51
CA PHE I 63 63.18 48.76 -31.09
C PHE I 63 63.58 48.61 -32.57
N VAL I 64 63.53 49.72 -33.33
CA VAL I 64 63.72 49.72 -34.77
C VAL I 64 65.16 49.32 -35.09
N MET I 65 66.10 49.88 -34.35
CA MET I 65 67.49 49.54 -34.61
C MET I 65 67.73 48.08 -34.24
N ASP I 66 66.86 47.53 -33.39
CA ASP I 66 67.03 46.20 -32.83
C ASP I 66 66.46 45.12 -33.74
N MET I 67 65.65 45.52 -34.74
CA MET I 67 65.06 44.53 -35.64
C MET I 67 66.19 43.89 -36.44
N PRO I 68 66.18 42.55 -36.65
CA PRO I 68 67.31 41.85 -37.27
C PRO I 68 67.38 41.98 -38.80
N ALA I 69 68.55 41.68 -39.36
CA ALA I 69 68.86 41.95 -40.75
C ALA I 69 67.76 41.42 -41.67
N ALA I 70 67.34 40.18 -41.37
CA ALA I 70 66.45 39.38 -42.20
C ALA I 70 65.19 40.16 -42.57
N GLN I 71 64.70 41.01 -41.65
CA GLN I 71 63.37 41.60 -41.78
C GLN I 71 63.48 43.00 -42.37
N TYR I 72 64.61 43.27 -43.03
CA TYR I 72 64.88 44.58 -43.61
C TYR I 72 65.07 44.41 -45.11
N ALA I 73 64.77 45.46 -45.89
CA ALA I 73 65.06 45.41 -47.32
C ALA I 73 65.80 46.65 -47.84
N TYR I 74 65.44 47.88 -47.40
CA TYR I 74 65.89 49.05 -48.19
C TYR I 74 66.21 50.33 -47.40
N GLY I 75 65.81 50.44 -46.11
CA GLY I 75 65.68 51.72 -45.42
C GLY I 75 66.96 52.54 -45.14
N LEU I 76 68.16 52.01 -45.45
CA LEU I 76 69.42 52.54 -44.94
C LEU I 76 70.16 53.38 -45.99
N PRO I 77 70.97 54.39 -45.59
CA PRO I 77 71.10 54.82 -44.18
C PRO I 77 69.94 55.69 -43.67
N LEU I 78 69.90 55.98 -42.36
CA LEU I 78 68.75 56.68 -41.81
C LEU I 78 69.21 57.70 -40.79
N THR I 79 68.79 58.95 -40.99
CA THR I 79 68.86 59.94 -39.93
C THR I 79 67.72 59.68 -38.93
N LEU I 80 68.09 59.43 -37.66
CA LEU I 80 67.11 59.15 -36.62
C LEU I 80 66.44 60.46 -36.17
N GLY I 81 65.29 60.33 -35.46
CA GLY I 81 64.63 61.45 -34.78
C GLY I 81 63.18 61.68 -35.23
N HIS I 82 62.23 61.02 -34.56
CA HIS I 82 60.83 61.14 -34.90
C HIS I 82 60.14 62.22 -34.06
N GLU I 83 60.84 62.70 -33.03
CA GLU I 83 60.37 63.82 -32.23
C GLU I 83 61.25 65.01 -32.54
N GLY I 84 60.71 65.97 -33.29
CA GLY I 84 61.51 67.05 -33.84
C GLY I 84 60.84 68.43 -33.79
N VAL I 85 61.60 69.42 -33.32
CA VAL I 85 61.20 70.80 -33.25
C VAL I 85 62.28 71.63 -33.95
N GLY I 86 61.87 72.71 -34.61
CA GLY I 86 62.89 73.54 -35.23
C GLY I 86 62.33 74.91 -35.57
N THR I 87 63.11 75.68 -36.34
CA THR I 87 62.66 76.94 -36.86
C THR I 87 62.73 76.86 -38.38
N VAL I 88 61.85 77.63 -39.05
CA VAL I 88 61.80 77.60 -40.50
C VAL I 88 63.05 78.31 -41.01
N ALA I 89 63.82 77.58 -41.83
CA ALA I 89 65.05 78.10 -42.41
C ALA I 89 64.83 78.56 -43.85
N GLU I 90 64.34 77.67 -44.71
CA GLU I 90 64.03 78.13 -46.06
C GLU I 90 62.72 77.51 -46.49
N LEU I 91 61.86 78.31 -47.14
CA LEU I 91 60.61 77.80 -47.66
C LEU I 91 60.79 77.26 -49.08
N GLY I 92 60.16 76.13 -49.39
CA GLY I 92 60.17 75.63 -50.74
C GLY I 92 59.30 76.51 -51.66
N GLU I 93 59.34 76.21 -52.95
CA GLU I 93 58.57 76.92 -53.95
C GLU I 93 57.08 76.73 -53.67
N GLY I 94 56.35 77.83 -53.50
CA GLY I 94 54.91 77.75 -53.45
C GLY I 94 54.35 77.71 -52.03
N VAL I 95 55.22 77.51 -51.04
CA VAL I 95 54.82 77.24 -49.65
C VAL I 95 54.43 78.55 -48.98
N THR I 96 53.19 78.66 -48.54
CA THR I 96 52.84 79.79 -47.69
C THR I 96 52.50 79.24 -46.32
N GLY I 97 52.36 80.15 -45.36
CA GLY I 97 51.71 79.81 -44.11
C GLY I 97 52.69 79.83 -42.95
N PHE I 98 54.00 79.85 -43.28
CA PHE I 98 55.04 80.03 -42.29
C PHE I 98 56.09 81.01 -42.82
N GLY I 99 56.82 81.64 -41.90
CA GLY I 99 57.89 82.55 -42.24
C GLY I 99 59.20 82.11 -41.61
N VAL I 100 60.32 82.57 -42.18
CA VAL I 100 61.61 82.21 -41.62
C VAL I 100 61.63 82.65 -40.15
N GLY I 101 62.11 81.76 -39.27
CA GLY I 101 62.16 82.02 -37.84
C GLY I 101 61.01 81.36 -37.09
N ASP I 102 59.91 81.09 -37.78
CA ASP I 102 58.72 80.53 -37.12
C ASP I 102 59.09 79.23 -36.41
N ALA I 103 58.84 79.17 -35.09
CA ALA I 103 59.07 77.97 -34.30
C ALA I 103 57.96 76.94 -34.54
N VAL I 104 58.33 75.71 -34.97
CA VAL I 104 57.38 74.69 -35.41
C VAL I 104 57.82 73.33 -34.87
N ALA I 105 56.84 72.54 -34.42
CA ALA I 105 56.98 71.12 -34.07
C ALA I 105 56.54 70.25 -35.26
N VAL I 106 57.22 69.10 -35.42
CA VAL I 106 57.12 68.26 -36.61
C VAL I 106 56.13 67.13 -36.35
N TYR I 107 55.05 67.15 -37.12
CA TYR I 107 54.05 66.12 -36.99
C TYR I 107 54.66 64.84 -37.52
N GLY I 108 54.62 63.78 -36.71
CA GLY I 108 55.37 62.56 -36.97
C GLY I 108 54.74 61.67 -38.05
N PRO I 109 53.53 61.13 -37.79
CA PRO I 109 52.98 60.06 -38.61
C PRO I 109 52.38 60.54 -39.93
N TRP I 110 53.23 60.76 -40.93
CA TRP I 110 52.79 61.31 -42.21
C TRP I 110 51.87 60.33 -42.93
N GLY I 111 50.97 60.91 -43.74
CA GLY I 111 50.01 60.18 -44.57
C GLY I 111 49.76 60.90 -45.90
N CYS I 112 48.94 60.30 -46.77
CA CYS I 112 48.77 60.69 -48.17
C CYS I 112 48.08 62.05 -48.32
N GLY I 113 47.24 62.43 -47.35
CA GLY I 113 46.52 63.70 -47.44
C GLY I 113 45.28 63.58 -48.30
N ALA I 114 45.06 62.44 -48.99
CA ALA I 114 44.01 62.34 -49.99
C ALA I 114 42.98 61.23 -49.74
N CYS I 115 43.25 60.29 -48.81
CA CYS I 115 42.31 59.23 -48.48
C CYS I 115 41.30 59.73 -47.43
N HIS I 116 40.27 58.94 -47.13
CA HIS I 116 39.24 59.36 -46.20
C HIS I 116 39.82 59.77 -44.84
N ALA I 117 40.70 58.92 -44.29
CA ALA I 117 41.26 59.13 -42.97
C ALA I 117 41.97 60.48 -42.89
N CYS I 118 42.81 60.74 -43.90
CA CYS I 118 43.55 62.00 -43.97
C CYS I 118 42.58 63.18 -44.02
N ALA I 119 41.51 63.05 -44.83
CA ALA I 119 40.61 64.17 -45.02
C ALA I 119 39.92 64.54 -43.71
N ARG I 120 40.10 63.74 -42.65
CA ARG I 120 39.42 64.02 -41.40
C ARG I 120 40.41 64.17 -40.24
N GLY I 121 41.66 64.54 -40.53
CA GLY I 121 42.55 64.94 -39.47
C GLY I 121 43.44 63.79 -39.04
N ARG I 122 42.91 62.59 -39.36
CA ARG I 122 43.35 61.28 -38.89
C ARG I 122 44.43 60.66 -39.78
N GLU I 123 45.49 61.43 -40.10
CA GLU I 123 46.57 61.03 -40.99
C GLU I 123 47.30 59.82 -40.43
N ASN I 124 47.20 59.64 -39.10
CA ASN I 124 47.92 58.57 -38.43
C ASN I 124 47.29 57.24 -38.78
N TYR I 125 46.10 57.29 -39.40
CA TYR I 125 45.38 56.10 -39.82
C TYR I 125 45.19 56.16 -41.33
N CYS I 126 46.17 56.72 -42.02
CA CYS I 126 46.13 56.82 -43.46
C CYS I 126 46.08 55.43 -44.07
N THR I 127 45.11 55.19 -44.95
CA THR I 127 44.92 53.85 -45.50
C THR I 127 45.90 53.59 -46.65
N ARG I 128 46.49 54.66 -47.21
CA ARG I 128 47.30 54.59 -48.42
C ARG I 128 48.81 54.69 -48.14
N ALA I 129 49.18 55.10 -46.92
CA ALA I 129 50.54 55.52 -46.63
C ALA I 129 51.52 54.36 -46.78
N ALA I 130 51.11 53.18 -46.32
CA ALA I 130 51.93 51.99 -46.47
C ALA I 130 52.20 51.73 -47.95
N ASP I 131 51.15 51.73 -48.78
CA ASP I 131 51.26 51.36 -50.18
C ASP I 131 52.13 52.36 -50.94
N LEU I 132 52.08 53.65 -50.54
CA LEU I 132 52.77 54.70 -51.25
C LEU I 132 54.18 54.95 -50.67
N GLY I 133 54.50 54.26 -49.56
CA GLY I 133 55.83 54.28 -48.96
C GLY I 133 56.13 55.58 -48.20
N ILE I 134 55.06 56.28 -47.79
CA ILE I 134 55.17 57.50 -47.00
C ILE I 134 55.47 57.12 -45.55
N THR I 135 56.75 57.15 -45.17
CA THR I 135 57.16 56.74 -43.84
C THR I 135 57.37 57.98 -42.97
N PRO I 136 57.24 57.85 -41.64
CA PRO I 136 57.45 58.99 -40.74
C PRO I 136 58.91 59.47 -40.62
N PRO I 137 59.16 60.78 -40.40
CA PRO I 137 60.52 61.29 -40.27
C PRO I 137 61.22 60.59 -39.11
N GLY I 138 62.37 59.97 -39.39
CA GLY I 138 63.18 59.33 -38.36
C GLY I 138 62.90 57.84 -38.24
N LEU I 139 61.94 57.36 -39.05
CA LEU I 139 61.49 55.98 -39.11
C LEU I 139 61.19 55.66 -40.56
N GLY I 140 62.12 56.00 -41.45
CA GLY I 140 61.98 55.70 -42.87
C GLY I 140 62.33 56.90 -43.76
N SER I 141 61.96 58.09 -43.30
CA SER I 141 62.38 59.32 -43.96
C SER I 141 63.45 59.98 -43.08
N PRO I 142 64.23 60.96 -43.59
CA PRO I 142 65.22 61.67 -42.78
C PRO I 142 64.65 62.27 -41.49
N GLY I 143 65.34 62.04 -40.37
CA GLY I 143 64.82 62.41 -39.07
C GLY I 143 65.21 63.83 -38.67
N SER I 144 64.92 64.15 -37.41
CA SER I 144 65.13 65.48 -36.88
C SER I 144 66.51 65.58 -36.27
N MET I 145 67.22 64.44 -36.12
CA MET I 145 68.45 64.42 -35.32
C MET I 145 69.67 64.75 -36.18
N ALA I 146 69.74 66.03 -36.56
CA ALA I 146 70.73 66.66 -37.42
C ALA I 146 70.55 68.17 -37.32
N GLU I 147 71.43 68.92 -37.99
CA GLU I 147 71.39 70.38 -37.91
C GLU I 147 70.21 70.93 -38.72
N TYR I 148 69.90 70.25 -39.82
CA TYR I 148 68.85 70.72 -40.72
C TYR I 148 67.98 69.55 -41.16
N MET I 149 66.71 69.86 -41.45
CA MET I 149 65.70 68.83 -41.67
C MET I 149 64.74 69.28 -42.76
N ILE I 150 64.41 68.36 -43.66
CA ILE I 150 63.35 68.60 -44.63
C ILE I 150 62.02 68.17 -44.04
N VAL I 151 60.95 68.87 -44.41
CA VAL I 151 59.60 68.47 -44.07
C VAL I 151 58.76 68.58 -45.33
N ASP I 152 57.97 67.53 -45.60
CA ASP I 152 57.45 67.22 -46.93
C ASP I 152 56.37 68.21 -47.33
N SER I 153 55.50 68.56 -46.37
CA SER I 153 54.35 69.43 -46.58
C SER I 153 54.14 70.35 -45.38
N ALA I 154 53.70 71.57 -45.66
CA ALA I 154 53.41 72.55 -44.63
C ALA I 154 52.45 71.98 -43.59
N ARG I 155 51.65 70.98 -43.99
CA ARG I 155 50.62 70.46 -43.11
C ARG I 155 51.23 69.61 -41.99
N HIS I 156 52.56 69.39 -42.03
CA HIS I 156 53.18 68.60 -40.99
C HIS I 156 53.92 69.51 -40.02
N LEU I 157 53.60 70.82 -40.02
CA LEU I 157 54.23 71.69 -39.06
C LEU I 157 53.19 72.31 -38.14
N VAL I 158 53.42 72.22 -36.84
CA VAL I 158 52.50 72.81 -35.88
C VAL I 158 53.24 73.95 -35.18
N PRO I 159 52.70 75.19 -35.22
CA PRO I 159 53.27 76.31 -34.46
C PRO I 159 53.37 76.10 -32.94
N ILE I 160 54.51 76.47 -32.33
CA ILE I 160 54.72 76.28 -30.90
C ILE I 160 55.00 77.64 -30.25
N GLY I 161 55.02 78.71 -31.05
CA GLY I 161 55.32 80.03 -30.53
C GLY I 161 56.61 80.01 -29.72
N ASP I 162 56.51 80.34 -28.44
CA ASP I 162 57.72 80.55 -27.67
C ASP I 162 57.92 79.39 -26.70
N LEU I 163 57.18 78.30 -26.90
CA LEU I 163 57.44 77.13 -26.08
C LEU I 163 58.92 76.75 -26.22
N ASP I 164 59.59 76.58 -25.06
CA ASP I 164 60.92 76.02 -25.02
C ASP I 164 61.02 74.74 -25.86
N PRO I 165 61.82 74.72 -26.96
CA PRO I 165 61.83 73.57 -27.87
C PRO I 165 62.24 72.26 -27.21
N VAL I 166 63.07 72.36 -26.16
CA VAL I 166 63.54 71.19 -25.43
C VAL I 166 62.37 70.48 -24.74
N ALA I 167 61.43 71.28 -24.23
CA ALA I 167 60.23 70.73 -23.61
C ALA I 167 59.21 70.32 -24.68
N ALA I 168 59.26 70.94 -25.85
CA ALA I 168 58.33 70.68 -26.94
C ALA I 168 58.61 69.34 -27.60
N ALA I 169 59.87 68.89 -27.58
CA ALA I 169 60.26 67.76 -28.39
C ALA I 169 59.52 66.50 -27.96
N PRO I 170 59.57 66.13 -26.65
CA PRO I 170 58.98 64.86 -26.23
C PRO I 170 57.46 64.87 -26.40
N LEU I 171 56.90 66.04 -26.70
CA LEU I 171 55.45 66.16 -26.79
C LEU I 171 54.96 65.56 -28.10
N THR I 172 55.77 65.65 -29.16
CA THR I 172 55.33 65.15 -30.46
C THR I 172 55.02 63.65 -30.42
N ASP I 173 55.42 63.00 -29.31
CA ASP I 173 55.37 61.56 -29.18
C ASP I 173 54.78 61.17 -27.82
N ALA I 174 55.55 61.42 -26.74
CA ALA I 174 55.17 61.09 -25.37
C ALA I 174 54.04 61.99 -24.87
N GLY I 175 53.70 63.04 -25.62
CA GLY I 175 52.50 63.82 -25.37
C GLY I 175 51.37 63.35 -26.28
N LEU I 176 51.66 63.24 -27.59
CA LEU I 176 50.66 62.97 -28.61
C LEU I 176 50.09 61.57 -28.46
N THR I 177 50.96 60.60 -28.16
CA THR I 177 50.55 59.20 -28.16
C THR I 177 49.53 58.96 -27.05
N PRO I 178 49.81 59.37 -25.78
CA PRO I 178 48.85 59.19 -24.70
C PRO I 178 47.58 60.04 -24.87
N TYR I 179 47.73 61.20 -25.51
CA TYR I 179 46.61 62.12 -25.75
C TYR I 179 45.59 61.50 -26.70
N HIS I 180 46.08 60.86 -27.79
CA HIS I 180 45.19 60.23 -28.75
C HIS I 180 44.43 59.10 -28.07
N ALA I 181 45.18 58.26 -27.34
CA ALA I 181 44.64 57.08 -26.66
C ALA I 181 43.54 57.48 -25.66
N ILE I 182 43.83 58.49 -24.83
CA ILE I 182 42.87 59.06 -23.90
C ILE I 182 41.67 59.62 -24.68
N SER I 183 41.94 60.34 -25.77
CA SER I 183 40.92 61.11 -26.48
C SER I 183 39.92 60.17 -27.11
N ARG I 184 40.41 58.99 -27.51
CA ARG I 184 39.53 58.00 -28.13
C ARG I 184 38.36 57.68 -27.21
N VAL I 185 38.48 57.89 -25.89
CA VAL I 185 37.40 57.46 -25.02
C VAL I 185 37.01 58.54 -24.00
N LEU I 186 37.37 59.79 -24.30
CA LEU I 186 37.24 60.87 -23.35
C LEU I 186 35.79 61.02 -22.88
N PRO I 187 34.75 60.83 -23.72
CA PRO I 187 33.37 60.98 -23.26
C PRO I 187 33.03 60.03 -22.12
N LEU I 188 33.81 58.96 -21.95
CA LEU I 188 33.53 57.98 -20.91
C LEU I 188 34.07 58.40 -19.56
N LEU I 189 34.96 59.40 -19.53
CA LEU I 189 35.75 59.71 -18.34
C LEU I 189 35.17 60.92 -17.63
N GLY I 190 33.84 60.91 -17.43
CA GLY I 190 33.15 61.99 -16.75
C GLY I 190 33.42 61.99 -15.25
N PRO I 191 32.84 62.94 -14.47
CA PRO I 191 32.95 62.92 -13.01
C PRO I 191 32.50 61.57 -12.46
N GLY I 192 33.34 60.95 -11.62
CA GLY I 192 32.98 59.71 -10.96
C GLY I 192 33.27 58.50 -11.83
N SER I 193 34.00 58.68 -12.94
CA SER I 193 34.61 57.57 -13.64
C SER I 193 36.02 57.30 -13.11
N THR I 194 36.57 56.15 -13.44
CA THR I 194 37.90 55.83 -12.99
C THR I 194 38.77 55.50 -14.20
N ALA I 195 39.99 56.05 -14.17
CA ALA I 195 41.00 55.78 -15.16
C ALA I 195 42.20 55.14 -14.46
N VAL I 196 42.61 53.97 -14.98
CA VAL I 196 43.78 53.26 -14.51
C VAL I 196 44.89 53.44 -15.54
N VAL I 197 46.05 53.90 -15.04
CA VAL I 197 47.24 54.05 -15.87
C VAL I 197 48.28 53.01 -15.44
N ILE I 198 48.65 52.10 -16.34
CA ILE I 198 49.64 51.10 -15.99
C ILE I 198 50.94 51.45 -16.70
N GLY I 199 51.95 51.78 -15.91
CA GLY I 199 53.25 52.19 -16.42
C GLY I 199 53.36 53.71 -16.39
N VAL I 200 54.09 54.21 -15.39
CA VAL I 200 54.15 55.64 -15.17
C VAL I 200 55.53 56.15 -15.58
N GLY I 201 56.16 55.45 -16.52
CA GLY I 201 57.42 55.90 -17.08
C GLY I 201 57.23 57.14 -17.95
N GLY I 202 57.79 57.11 -19.15
CA GLY I 202 57.64 58.19 -20.10
C GLY I 202 56.17 58.53 -20.31
N LEU I 203 55.52 57.74 -21.18
CA LEU I 203 54.21 58.07 -21.73
C LEU I 203 53.15 58.08 -20.63
N GLY I 204 53.32 57.23 -19.62
CA GLY I 204 52.38 57.14 -18.53
C GLY I 204 52.33 58.44 -17.72
N HIS I 205 53.52 59.00 -17.46
CA HIS I 205 53.64 60.21 -16.67
C HIS I 205 52.79 61.32 -17.28
N VAL I 206 52.78 61.36 -18.62
CA VAL I 206 52.07 62.43 -19.30
C VAL I 206 50.59 62.09 -19.34
N GLY I 207 50.26 60.79 -19.44
CA GLY I 207 48.89 60.33 -19.39
C GLY I 207 48.14 60.88 -18.17
N ILE I 208 48.83 60.93 -17.01
CA ILE I 208 48.19 61.37 -15.79
C ILE I 208 47.91 62.86 -15.89
N GLN I 209 48.89 63.64 -16.34
CA GLN I 209 48.72 65.07 -16.46
C GLN I 209 47.55 65.37 -17.39
N ILE I 210 47.52 64.67 -18.55
CA ILE I 210 46.47 64.85 -19.55
C ILE I 210 45.09 64.64 -18.92
N LEU I 211 44.96 63.55 -18.16
CA LEU I 211 43.68 63.14 -17.58
C LEU I 211 43.16 64.17 -16.57
N ARG I 212 44.06 64.82 -15.81
CA ARG I 212 43.65 65.81 -14.82
C ARG I 212 43.12 67.08 -15.49
N ALA I 213 43.73 67.41 -16.65
CA ALA I 213 43.45 68.62 -17.40
C ALA I 213 42.20 68.48 -18.27
N VAL I 214 41.97 67.28 -18.86
CA VAL I 214 40.90 67.08 -19.83
C VAL I 214 39.69 66.29 -19.29
N SER I 215 39.78 65.75 -18.06
CA SER I 215 38.67 65.01 -17.47
C SER I 215 38.58 65.23 -15.96
N ALA I 216 37.47 64.73 -15.40
CA ALA I 216 37.22 64.75 -13.96
C ALA I 216 37.32 63.33 -13.42
N ALA I 217 38.04 62.47 -14.15
CA ALA I 217 38.15 61.06 -13.81
C ALA I 217 39.15 60.86 -12.67
N ARG I 218 38.86 59.93 -11.77
CA ARG I 218 39.74 59.60 -10.66
C ARG I 218 40.80 58.66 -11.20
N VAL I 219 42.09 59.06 -11.14
CA VAL I 219 43.18 58.34 -11.78
C VAL I 219 43.84 57.39 -10.79
N ILE I 220 44.22 56.19 -11.25
CA ILE I 220 44.94 55.22 -10.43
C ILE I 220 46.23 54.79 -11.12
N ALA I 221 47.36 54.98 -10.42
CA ALA I 221 48.67 54.69 -10.97
C ALA I 221 49.15 53.31 -10.54
N VAL I 222 49.80 52.60 -11.48
CA VAL I 222 50.24 51.23 -11.29
C VAL I 222 51.62 51.09 -11.92
N ASP I 223 52.65 51.08 -11.09
CA ASP I 223 53.97 50.85 -11.62
C ASP I 223 54.64 49.74 -10.82
N LEU I 224 55.90 49.44 -11.19
CA LEU I 224 56.76 48.52 -10.47
C LEU I 224 57.61 49.29 -9.45
N ASP I 225 58.17 50.44 -9.88
CA ASP I 225 59.10 51.26 -9.12
C ASP I 225 58.35 52.14 -8.11
N ASP I 226 58.88 52.21 -6.88
CA ASP I 226 58.20 52.88 -5.80
C ASP I 226 58.29 54.40 -5.95
N ASP I 227 59.42 54.87 -6.50
CA ASP I 227 59.62 56.30 -6.71
C ASP I 227 58.66 56.77 -7.80
N ARG I 228 58.63 56.02 -8.92
CA ARG I 228 57.75 56.26 -10.04
C ARG I 228 56.33 56.50 -9.54
N LEU I 229 55.96 55.78 -8.46
CA LEU I 229 54.62 55.79 -7.90
C LEU I 229 54.36 57.04 -7.05
N ALA I 230 55.40 57.58 -6.40
CA ALA I 230 55.25 58.80 -5.63
C ALA I 230 55.18 60.03 -6.54
N LEU I 231 56.02 60.05 -7.58
CA LEU I 231 56.05 61.07 -8.61
C LEU I 231 54.74 61.10 -9.38
N ALA I 232 54.06 59.94 -9.43
CA ALA I 232 52.78 59.80 -10.10
C ALA I 232 51.67 60.46 -9.29
N ARG I 233 51.78 60.41 -7.96
CA ARG I 233 50.86 61.15 -7.09
C ARG I 233 51.05 62.64 -7.31
N GLU I 234 52.32 63.09 -7.33
CA GLU I 234 52.68 64.49 -7.45
C GLU I 234 51.96 65.16 -8.62
N VAL I 235 51.87 64.45 -9.76
CA VAL I 235 51.40 65.01 -11.02
C VAL I 235 49.91 64.71 -11.25
N GLY I 236 49.21 64.13 -10.25
CA GLY I 236 47.75 64.11 -10.29
C GLY I 236 47.09 62.77 -9.95
N ALA I 237 47.88 61.72 -9.66
CA ALA I 237 47.31 60.41 -9.37
C ALA I 237 46.62 60.41 -8.00
N ASP I 238 45.40 59.85 -7.95
CA ASP I 238 44.63 59.83 -6.72
C ASP I 238 45.02 58.65 -5.83
N ALA I 239 45.69 57.65 -6.41
CA ALA I 239 46.08 56.43 -5.71
C ALA I 239 47.12 55.68 -6.53
N ALA I 240 47.95 54.91 -5.84
CA ALA I 240 49.01 54.14 -6.46
C ALA I 240 48.92 52.71 -5.97
N VAL I 241 49.43 51.77 -6.78
CA VAL I 241 49.33 50.35 -6.51
C VAL I 241 50.48 49.69 -7.25
N LYS I 242 51.12 48.72 -6.58
CA LYS I 242 52.27 48.06 -7.20
C LYS I 242 51.74 47.06 -8.21
N SER I 243 52.37 47.03 -9.41
CA SER I 243 51.94 46.12 -10.48
C SER I 243 52.35 44.70 -10.14
N GLY I 244 51.71 43.72 -10.79
CA GLY I 244 51.90 42.31 -10.51
C GLY I 244 50.62 41.64 -10.02
N ALA I 245 50.74 40.37 -9.62
CA ALA I 245 49.59 39.53 -9.33
C ALA I 245 48.66 40.20 -8.32
N GLY I 246 49.25 40.92 -7.35
CA GLY I 246 48.45 41.55 -6.30
C GLY I 246 47.65 42.73 -6.85
N ALA I 247 48.09 43.24 -8.00
CA ALA I 247 47.66 44.52 -8.55
C ALA I 247 46.15 44.55 -8.78
N ALA I 248 45.65 43.50 -9.45
CA ALA I 248 44.27 43.43 -9.89
C ALA I 248 43.30 43.65 -8.71
N ASP I 249 43.43 42.83 -7.66
CA ASP I 249 42.49 42.85 -6.56
C ASP I 249 42.60 44.16 -5.80
N ALA I 250 43.84 44.67 -5.74
CA ALA I 250 44.19 45.91 -5.07
C ALA I 250 43.46 47.08 -5.71
N ILE I 251 43.43 47.07 -7.05
CA ILE I 251 42.69 48.06 -7.82
C ILE I 251 41.23 47.94 -7.44
N ARG I 252 40.70 46.73 -7.56
CA ARG I 252 39.33 46.40 -7.19
C ARG I 252 38.97 47.02 -5.84
N GLU I 253 39.89 46.92 -4.86
CA GLU I 253 39.72 47.40 -3.51
C GLU I 253 39.41 48.88 -3.49
N LEU I 254 40.15 49.64 -4.32
CA LEU I 254 40.08 51.08 -4.31
C LEU I 254 38.90 51.57 -5.16
N THR I 255 38.23 50.68 -5.90
CA THR I 255 37.21 51.07 -6.86
C THR I 255 35.82 50.61 -6.43
N GLY I 256 35.70 50.17 -5.17
CA GLY I 256 34.53 49.46 -4.69
C GLY I 256 34.32 48.16 -5.49
N GLY I 257 35.42 47.58 -5.97
CA GLY I 257 35.42 46.32 -6.69
C GLY I 257 34.37 46.27 -7.79
N GLN I 258 34.12 47.39 -8.47
CA GLN I 258 33.17 47.39 -9.57
C GLN I 258 33.82 47.83 -10.88
N GLY I 259 35.16 47.97 -10.86
CA GLY I 259 35.91 48.06 -12.10
C GLY I 259 36.17 49.51 -12.51
N ALA I 260 37.08 49.68 -13.46
CA ALA I 260 37.55 50.99 -13.83
C ALA I 260 37.13 51.26 -15.26
N THR I 261 36.62 52.48 -15.52
CA THR I 261 36.01 52.85 -16.78
C THR I 261 36.98 52.58 -17.93
N ALA I 262 38.22 53.03 -17.75
CA ALA I 262 39.20 52.78 -18.78
C ALA I 262 40.55 52.50 -18.14
N VAL I 263 41.28 51.55 -18.76
CA VAL I 263 42.61 51.14 -18.37
C VAL I 263 43.53 51.56 -19.52
N PHE I 264 44.55 52.36 -19.19
CA PHE I 264 45.54 52.78 -20.17
C PHE I 264 46.85 52.06 -19.87
N ASP I 265 47.18 51.06 -20.69
CA ASP I 265 48.35 50.26 -20.40
C ASP I 265 49.50 50.73 -21.28
N PHE I 266 50.46 51.43 -20.65
CA PHE I 266 51.61 52.01 -21.34
C PHE I 266 52.77 51.03 -21.37
N VAL I 267 52.53 49.85 -20.79
CA VAL I 267 53.59 48.87 -20.65
C VAL I 267 53.42 47.79 -21.73
N GLY I 268 52.21 47.22 -21.81
CA GLY I 268 51.84 46.42 -22.96
C GLY I 268 52.45 45.01 -22.92
N ALA I 269 52.93 44.60 -21.74
CA ALA I 269 53.40 43.24 -21.52
C ALA I 269 52.20 42.38 -21.13
N GLN I 270 52.35 41.06 -21.28
CA GLN I 270 51.21 40.18 -21.16
C GLN I 270 50.58 40.33 -19.77
N SER I 271 51.45 40.41 -18.74
CA SER I 271 51.04 40.51 -17.36
C SER I 271 50.10 41.70 -17.18
N THR I 272 50.53 42.87 -17.71
CA THR I 272 49.84 44.15 -17.59
C THR I 272 48.52 44.11 -18.35
N ILE I 273 48.51 43.59 -19.59
CA ILE I 273 47.30 43.43 -20.38
C ILE I 273 46.32 42.56 -19.59
N ASP I 274 46.82 41.46 -19.02
CA ASP I 274 46.01 40.55 -18.21
C ASP I 274 45.33 41.33 -17.08
N THR I 275 46.15 42.08 -16.30
CA THR I 275 45.70 42.91 -15.18
C THR I 275 44.53 43.81 -15.62
N ALA I 276 44.67 44.40 -16.82
CA ALA I 276 43.73 45.37 -17.35
C ALA I 276 42.37 44.71 -17.49
N GLN I 277 42.41 43.51 -18.09
CA GLN I 277 41.23 42.71 -18.38
C GLN I 277 40.49 42.38 -17.09
N GLN I 278 41.19 42.41 -15.96
CA GLN I 278 40.60 41.95 -14.71
C GLN I 278 40.06 43.13 -13.92
N VAL I 279 40.35 44.36 -14.38
CA VAL I 279 39.84 45.50 -13.63
C VAL I 279 38.93 46.40 -14.47
N VAL I 280 38.89 46.20 -15.79
CA VAL I 280 38.09 47.08 -16.65
C VAL I 280 36.62 46.86 -16.34
N ALA I 281 35.84 47.94 -16.32
CA ALA I 281 34.43 47.82 -16.02
C ALA I 281 33.63 47.33 -17.24
N VAL I 282 32.34 47.12 -17.02
CA VAL I 282 31.42 46.76 -18.09
C VAL I 282 31.20 47.98 -18.95
N ASP I 283 31.27 47.81 -20.27
CA ASP I 283 31.12 48.91 -21.23
C ASP I 283 32.35 49.82 -21.16
N GLY I 284 33.46 49.29 -20.66
CA GLY I 284 34.66 50.08 -20.50
C GLY I 284 35.52 50.11 -21.77
N HIS I 285 36.83 50.12 -21.56
CA HIS I 285 37.80 50.25 -22.63
C HIS I 285 39.17 50.01 -22.03
N ILE I 286 40.04 49.38 -22.84
CA ILE I 286 41.44 49.14 -22.55
C ILE I 286 42.27 49.59 -23.74
N SER I 287 43.28 50.43 -23.49
CA SER I 287 44.17 50.95 -24.52
C SER I 287 45.56 50.35 -24.29
N VAL I 288 46.00 49.54 -25.26
CA VAL I 288 47.30 48.89 -25.19
C VAL I 288 48.32 49.76 -25.91
N VAL I 289 49.00 50.62 -25.14
CA VAL I 289 49.81 51.67 -25.73
C VAL I 289 51.27 51.27 -25.81
N GLY I 290 51.73 50.37 -24.94
CA GLY I 290 53.10 49.88 -24.95
C GLY I 290 53.25 48.63 -25.83
N ILE I 291 54.45 48.44 -26.41
CA ILE I 291 54.72 47.35 -27.36
C ILE I 291 55.53 46.30 -26.62
N HIS I 292 54.99 45.07 -26.58
CA HIS I 292 55.73 43.88 -26.16
C HIS I 292 55.45 42.75 -27.14
N ALA I 293 56.36 42.57 -28.11
CA ALA I 293 56.14 41.67 -29.24
C ALA I 293 55.38 40.43 -28.74
N GLY I 294 54.21 40.15 -29.33
CA GLY I 294 53.49 38.91 -29.08
C GLY I 294 52.37 39.04 -28.03
N ALA I 295 52.55 39.95 -27.05
CA ALA I 295 51.57 40.20 -25.99
C ALA I 295 50.28 40.74 -26.61
N HIS I 296 49.13 40.30 -26.09
CA HIS I 296 47.88 40.78 -26.64
C HIS I 296 46.78 40.71 -25.59
N ALA I 297 45.64 41.36 -25.85
CA ALA I 297 44.45 41.18 -25.06
C ALA I 297 43.67 40.01 -25.66
N LYS I 298 42.92 39.30 -24.81
CA LYS I 298 42.09 38.20 -25.28
C LYS I 298 40.62 38.63 -25.16
N VAL I 299 40.08 39.11 -26.29
CA VAL I 299 38.72 39.62 -26.33
C VAL I 299 37.81 38.53 -26.85
N GLY I 300 36.99 37.99 -25.94
CA GLY I 300 36.04 36.94 -26.23
C GLY I 300 35.10 36.77 -25.04
N PHE I 301 34.06 35.95 -25.20
CA PHE I 301 33.01 35.98 -24.18
C PHE I 301 33.54 35.42 -22.87
N PHE I 302 33.31 36.15 -21.77
CA PHE I 302 33.60 35.64 -20.44
C PHE I 302 35.10 35.69 -20.15
N MET I 303 35.90 36.23 -21.06
CA MET I 303 37.30 36.49 -20.77
C MET I 303 37.52 38.00 -20.63
N ILE I 304 36.46 38.78 -20.86
CA ILE I 304 36.52 40.22 -20.74
C ILE I 304 35.10 40.68 -20.48
N PRO I 305 34.91 41.70 -19.61
CA PRO I 305 33.56 42.16 -19.28
C PRO I 305 32.79 42.52 -20.55
N PHE I 306 31.47 42.52 -20.46
CA PHE I 306 30.67 42.80 -21.65
C PHE I 306 30.84 44.26 -22.02
N GLY I 307 31.09 44.54 -23.31
CA GLY I 307 31.05 45.90 -23.80
C GLY I 307 32.37 46.65 -23.63
N ALA I 308 33.36 46.01 -23.03
CA ALA I 308 34.68 46.61 -22.89
C ALA I 308 35.40 46.46 -24.23
N SER I 309 35.85 47.58 -24.79
CA SER I 309 36.53 47.50 -26.07
C SER I 309 38.04 47.55 -25.84
N VAL I 310 38.79 47.00 -26.79
CA VAL I 310 40.24 47.06 -26.72
C VAL I 310 40.80 47.56 -28.04
N VAL I 311 41.97 48.19 -27.99
CA VAL I 311 42.54 48.76 -29.21
C VAL I 311 44.03 49.03 -28.99
N THR I 312 44.80 48.95 -30.09
CA THR I 312 46.17 49.42 -30.13
C THR I 312 46.20 50.74 -30.91
N PRO I 313 46.18 51.91 -30.22
CA PRO I 313 46.21 53.19 -30.92
C PRO I 313 47.62 53.41 -31.46
N TYR I 314 47.70 54.13 -32.59
CA TYR I 314 48.98 54.49 -33.17
C TYR I 314 49.06 56.02 -33.22
N TRP I 315 49.91 56.56 -32.35
CA TRP I 315 50.32 57.96 -32.37
C TRP I 315 49.12 58.87 -32.17
N GLY I 316 48.95 59.90 -33.01
CA GLY I 316 47.84 60.83 -32.87
C GLY I 316 47.58 61.60 -34.16
N THR I 317 46.59 62.51 -34.14
CA THR I 317 46.22 63.34 -35.27
C THR I 317 46.95 64.68 -35.19
N ARG I 318 46.83 65.50 -36.23
CA ARG I 318 47.46 66.81 -36.17
C ARG I 318 46.69 67.66 -35.17
N SER I 319 45.36 67.69 -35.30
CA SER I 319 44.52 68.44 -34.38
C SER I 319 44.86 68.09 -32.94
N GLU I 320 45.08 66.80 -32.66
CA GLU I 320 45.44 66.43 -31.31
C GLU I 320 46.79 67.03 -30.90
N LEU I 321 47.79 66.90 -31.78
CA LEU I 321 49.10 67.49 -31.50
C LEU I 321 48.97 68.96 -31.12
N MET I 322 48.21 69.73 -31.91
CA MET I 322 47.99 71.13 -31.60
C MET I 322 47.48 71.26 -30.17
N GLU I 323 46.49 70.42 -29.83
CA GLU I 323 45.91 70.46 -28.51
C GLU I 323 46.99 70.20 -27.44
N VAL I 324 47.85 69.22 -27.68
CA VAL I 324 48.95 68.93 -26.76
C VAL I 324 49.80 70.18 -26.57
N VAL I 325 50.12 70.85 -27.68
CA VAL I 325 50.90 72.08 -27.64
C VAL I 325 50.17 73.10 -26.77
N ALA I 326 48.87 73.31 -26.99
CA ALA I 326 48.13 74.22 -26.13
C ALA I 326 48.36 73.92 -24.65
N LEU I 327 48.41 72.62 -24.30
CA LEU I 327 48.45 72.18 -22.91
C LEU I 327 49.78 72.58 -22.32
N ALA I 328 50.86 72.19 -23.02
CA ALA I 328 52.19 72.62 -22.64
C ALA I 328 52.26 74.14 -22.44
N ARG I 329 51.88 74.91 -23.48
CA ARG I 329 51.93 76.36 -23.42
C ARG I 329 51.08 76.87 -22.27
N ALA I 330 50.10 76.10 -21.82
CA ALA I 330 49.27 76.57 -20.73
C ALA I 330 49.79 76.02 -19.40
N GLY I 331 50.89 75.26 -19.43
CA GLY I 331 51.59 74.86 -18.23
C GLY I 331 51.02 73.59 -17.62
N ARG I 332 49.97 73.06 -18.27
CA ARG I 332 49.31 71.84 -17.81
C ARG I 332 50.18 70.58 -18.05
N LEU I 333 51.22 70.67 -18.89
CA LEU I 333 52.11 69.55 -19.15
C LEU I 333 53.50 69.95 -18.71
N ASP I 334 54.31 68.94 -18.35
CA ASP I 334 55.72 69.15 -18.05
C ASP I 334 56.39 67.79 -17.95
N ILE I 335 57.37 67.56 -18.81
CA ILE I 335 58.08 66.29 -18.86
C ILE I 335 59.51 66.53 -18.42
N HIS I 336 60.10 65.50 -17.78
CA HIS I 336 61.46 65.49 -17.30
C HIS I 336 62.38 65.36 -18.51
N THR I 337 63.04 66.46 -18.88
CA THR I 337 63.94 66.50 -20.03
C THR I 337 65.38 66.30 -19.54
N GLU I 338 66.24 65.83 -20.46
CA GLU I 338 67.66 65.81 -20.21
C GLU I 338 68.39 66.01 -21.53
N THR I 339 69.10 67.13 -21.62
CA THR I 339 69.65 67.67 -22.86
C THR I 339 70.89 66.88 -23.24
N PHE I 340 71.12 66.73 -24.55
CA PHE I 340 72.38 66.24 -25.11
C PHE I 340 72.73 67.05 -26.36
N THR I 341 73.98 66.91 -26.82
CA THR I 341 74.44 67.58 -28.04
C THR I 341 74.45 66.61 -29.23
N LEU I 342 74.53 67.15 -30.46
CA LEU I 342 74.55 66.30 -31.64
C LEU I 342 75.61 65.22 -31.49
N ASP I 343 76.83 65.64 -31.11
CA ASP I 343 77.97 64.76 -30.99
C ASP I 343 77.73 63.68 -29.93
N GLU I 344 76.92 64.01 -28.93
CA GLU I 344 76.56 63.04 -27.91
C GLU I 344 75.39 62.18 -28.38
N GLY I 345 74.96 62.33 -29.63
CA GLY I 345 73.86 61.52 -30.16
C GLY I 345 73.97 60.07 -29.73
N PRO I 346 75.03 59.36 -30.18
CA PRO I 346 75.19 57.93 -29.88
C PRO I 346 75.35 57.67 -28.39
N ALA I 347 75.97 58.61 -27.67
CA ALA I 347 76.08 58.53 -26.23
C ALA I 347 74.67 58.47 -25.64
N ALA I 348 73.82 59.41 -26.03
CA ALA I 348 72.45 59.46 -25.54
C ALA I 348 71.75 58.15 -25.85
N TYR I 349 72.05 57.56 -27.02
CA TYR I 349 71.36 56.37 -27.45
C TYR I 349 71.78 55.15 -26.65
N ARG I 350 73.02 55.19 -26.14
CA ARG I 350 73.54 54.15 -25.28
C ARG I 350 72.89 54.22 -23.90
N ARG I 351 72.77 55.43 -23.36
CA ARG I 351 72.29 55.60 -22.00
C ARG I 351 70.82 55.20 -21.89
N LEU I 352 70.11 55.28 -23.03
CA LEU I 352 68.72 54.86 -23.09
C LEU I 352 68.68 53.34 -22.95
N ARG I 353 69.49 52.63 -23.76
CA ARG I 353 69.59 51.17 -23.68
C ARG I 353 69.81 50.73 -22.24
N GLU I 354 70.69 51.44 -21.51
CA GLU I 354 70.99 51.14 -20.12
C GLU I 354 69.90 51.70 -19.22
N GLY I 355 68.77 52.15 -19.79
CA GLY I 355 67.62 52.65 -19.06
C GLY I 355 67.98 53.62 -17.93
N SER I 356 68.92 54.55 -18.20
CA SER I 356 69.46 55.47 -17.21
C SER I 356 69.33 56.90 -17.71
N ILE I 357 68.11 57.27 -18.09
CA ILE I 357 67.82 58.65 -18.45
C ILE I 357 66.65 59.12 -17.58
N ARG I 358 66.89 60.17 -16.77
CA ARG I 358 65.80 60.73 -15.99
C ARG I 358 64.84 61.37 -16.99
N GLY I 359 63.69 60.72 -17.19
CA GLY I 359 62.66 61.20 -18.09
C GLY I 359 63.01 60.95 -19.56
N ARG I 360 62.87 61.99 -20.38
CA ARG I 360 63.11 61.83 -21.80
C ARG I 360 64.35 62.65 -22.18
N GLY I 361 65.16 62.08 -23.07
CA GLY I 361 66.35 62.72 -23.60
C GLY I 361 66.07 63.52 -24.88
N VAL I 362 66.80 64.64 -25.03
CA VAL I 362 66.67 65.54 -26.16
C VAL I 362 68.05 66.02 -26.56
N VAL I 363 68.37 65.86 -27.85
CA VAL I 363 69.57 66.35 -28.51
C VAL I 363 69.32 67.75 -29.06
N VAL I 364 70.20 68.69 -28.72
CA VAL I 364 70.08 70.12 -29.06
C VAL I 364 71.22 70.50 -30.00
N PRO I 365 71.02 70.47 -31.35
CA PRO I 365 71.99 71.01 -32.30
C PRO I 365 72.25 72.50 -32.14
N ARG J 17 -27.60 55.80 -11.98
CA ARG J 17 -28.12 55.24 -10.70
C ARG J 17 -29.28 54.30 -11.00
N GLY J 18 -29.19 53.09 -10.45
CA GLY J 18 -30.25 52.10 -10.57
C GLY J 18 -29.89 51.08 -11.64
N SER J 19 -29.34 49.95 -11.19
CA SER J 19 -28.99 48.83 -12.05
C SER J 19 -30.22 47.92 -12.19
N HIS J 20 -31.14 48.02 -11.23
CA HIS J 20 -32.44 47.40 -11.38
C HIS J 20 -33.45 48.50 -11.74
N MET J 21 -34.59 48.11 -12.29
CA MET J 21 -35.65 49.06 -12.60
C MET J 21 -37.00 48.36 -12.61
N LYS J 22 -38.08 49.14 -12.43
CA LYS J 22 -39.44 48.61 -12.49
C LYS J 22 -39.93 48.69 -13.93
N ALA J 23 -40.82 47.76 -14.31
CA ALA J 23 -41.42 47.79 -15.64
C ALA J 23 -42.74 47.03 -15.61
N VAL J 24 -43.54 47.15 -16.67
CA VAL J 24 -44.73 46.34 -16.85
C VAL J 24 -44.54 45.56 -18.14
N GLN J 25 -44.75 44.24 -18.11
CA GLN J 25 -44.57 43.40 -19.28
C GLN J 25 -45.81 42.58 -19.55
N TYR J 26 -46.03 42.25 -20.82
CA TYR J 26 -46.78 41.05 -21.16
C TYR J 26 -45.73 39.94 -21.15
N THR J 27 -45.97 38.91 -20.33
CA THR J 27 -44.98 37.89 -20.02
C THR J 27 -45.31 36.58 -20.71
N GLU J 28 -46.60 36.19 -20.76
CA GLU J 28 -46.97 35.08 -21.62
C GLU J 28 -48.45 35.14 -22.02
N ILE J 29 -48.77 34.37 -23.08
CA ILE J 29 -50.03 34.45 -23.80
C ILE J 29 -51.18 34.20 -22.82
N GLY J 30 -52.34 34.79 -23.12
CA GLY J 30 -53.56 34.48 -22.40
C GLY J 30 -53.78 35.38 -21.18
N SER J 31 -52.76 35.49 -20.31
CA SER J 31 -52.97 36.17 -19.04
C SER J 31 -52.93 37.69 -19.24
N GLU J 32 -52.79 38.41 -18.11
CA GLU J 32 -52.77 39.85 -18.10
C GLU J 32 -51.36 40.31 -17.71
N PRO J 33 -51.02 41.61 -17.92
CA PRO J 33 -49.66 42.09 -17.62
C PRO J 33 -49.26 41.87 -16.17
N VAL J 34 -48.01 42.22 -15.83
CA VAL J 34 -47.51 42.10 -14.48
C VAL J 34 -46.45 43.17 -14.25
N VAL J 35 -46.12 43.42 -12.98
CA VAL J 35 -45.05 44.34 -12.64
C VAL J 35 -43.73 43.57 -12.47
N VAL J 36 -43.03 43.31 -13.57
CA VAL J 36 -41.70 42.71 -13.52
C VAL J 36 -40.67 43.78 -13.16
N ASP J 37 -39.62 43.38 -12.43
CA ASP J 37 -38.55 44.29 -12.06
C ASP J 37 -37.25 43.81 -12.69
N ILE J 38 -36.98 44.26 -13.93
CA ILE J 38 -35.89 43.75 -14.75
C ILE J 38 -34.74 44.77 -14.80
N PRO J 39 -33.63 44.47 -15.52
CA PRO J 39 -32.45 45.34 -15.50
C PRO J 39 -32.61 46.67 -16.23
N THR J 40 -31.83 47.68 -15.79
CA THR J 40 -31.80 49.03 -16.35
C THR J 40 -30.94 49.07 -17.62
N PRO J 41 -31.55 49.29 -18.81
CA PRO J 41 -30.80 49.19 -20.07
C PRO J 41 -29.73 50.28 -20.14
N THR J 42 -28.80 50.08 -21.06
CA THR J 42 -27.76 51.07 -21.30
C THR J 42 -27.85 51.49 -22.77
N PRO J 43 -27.57 52.79 -23.09
CA PRO J 43 -27.60 53.24 -24.48
C PRO J 43 -26.36 52.79 -25.25
N GLY J 44 -26.55 51.87 -26.20
CA GLY J 44 -25.52 51.52 -27.18
C GLY J 44 -25.15 52.72 -28.05
N PRO J 45 -24.21 52.59 -29.02
CA PRO J 45 -23.93 53.68 -29.95
C PRO J 45 -25.15 54.06 -30.80
N GLY J 46 -25.48 55.37 -30.79
CA GLY J 46 -26.56 55.90 -31.60
C GLY J 46 -27.93 55.81 -30.92
N GLU J 47 -27.99 55.26 -29.69
CA GLU J 47 -29.23 55.12 -28.95
C GLU J 47 -29.32 56.22 -27.90
N ILE J 48 -30.56 56.50 -27.44
CA ILE J 48 -30.82 57.40 -26.32
C ILE J 48 -31.62 56.66 -25.25
N LEU J 49 -31.15 56.78 -24.00
CA LEU J 49 -31.79 56.25 -22.81
C LEU J 49 -32.51 57.41 -22.11
N LEU J 50 -33.85 57.31 -22.02
CA LEU J 50 -34.68 58.34 -21.41
C LEU J 50 -35.13 57.87 -20.03
N LYS J 51 -35.18 58.81 -19.08
CA LYS J 51 -36.06 58.62 -17.94
C LYS J 51 -37.48 58.81 -18.46
N VAL J 52 -38.34 57.78 -18.35
CA VAL J 52 -39.74 57.87 -18.77
C VAL J 52 -40.45 58.93 -17.93
N THR J 53 -41.29 59.75 -18.58
CA THR J 53 -42.09 60.77 -17.90
C THR J 53 -43.58 60.44 -17.98
N ALA J 54 -43.98 59.62 -18.98
CA ALA J 54 -45.36 59.17 -19.05
C ALA J 54 -45.51 58.08 -20.11
N ALA J 55 -46.32 57.06 -19.80
CA ALA J 55 -46.55 55.92 -20.66
C ALA J 55 -48.05 55.70 -20.85
N GLY J 56 -48.48 55.77 -22.10
CA GLY J 56 -49.89 55.76 -22.40
C GLY J 56 -50.41 54.34 -22.53
N LEU J 57 -51.67 54.17 -22.14
CA LEU J 57 -52.43 52.94 -22.30
C LEU J 57 -53.43 53.17 -23.42
N CYS J 58 -53.69 52.12 -24.22
CA CYS J 58 -54.59 52.19 -25.36
C CYS J 58 -55.30 50.85 -25.54
N HIS J 59 -56.43 50.87 -26.23
CA HIS J 59 -57.19 49.69 -26.64
C HIS J 59 -56.38 48.92 -27.69
N SER J 60 -55.23 49.48 -28.10
CA SER J 60 -54.24 48.81 -28.94
C SER J 60 -53.53 47.71 -28.14
N ASP J 61 -53.08 48.05 -26.93
CA ASP J 61 -52.32 47.14 -26.09
C ASP J 61 -53.20 46.03 -25.51
N ILE J 62 -54.49 45.98 -25.85
CA ILE J 62 -55.33 44.87 -25.39
C ILE J 62 -55.79 44.02 -26.58
N PHE J 63 -55.69 44.56 -27.80
CA PHE J 63 -55.97 43.77 -28.99
C PHE J 63 -54.80 42.84 -29.28
N VAL J 64 -53.59 43.27 -28.91
CA VAL J 64 -52.36 42.52 -29.06
C VAL J 64 -52.29 41.42 -27.98
N MET J 65 -52.90 41.69 -26.82
CA MET J 65 -52.92 40.74 -25.72
C MET J 65 -54.00 39.66 -25.93
N ASP J 66 -54.89 39.87 -26.91
CA ASP J 66 -55.93 38.90 -27.23
C ASP J 66 -55.60 38.19 -28.54
N MET J 67 -54.31 38.10 -28.86
CA MET J 67 -53.90 37.33 -30.03
C MET J 67 -53.62 35.91 -29.58
N PRO J 68 -54.22 34.88 -30.26
CA PRO J 68 -54.18 33.50 -29.77
C PRO J 68 -52.96 32.64 -30.14
N ALA J 69 -51.92 32.70 -29.32
CA ALA J 69 -50.73 31.85 -29.43
C ALA J 69 -50.21 31.78 -30.88
N ALA J 70 -51.06 31.29 -31.79
CA ALA J 70 -50.77 31.12 -33.21
C ALA J 70 -50.34 32.44 -33.87
N GLN J 71 -51.29 33.38 -34.02
CA GLN J 71 -51.08 34.59 -34.81
C GLN J 71 -49.92 35.42 -34.23
N TYR J 72 -49.91 35.60 -32.90
CA TYR J 72 -48.97 36.50 -32.23
C TYR J 72 -47.55 36.30 -32.77
N ALA J 73 -46.94 37.40 -33.28
CA ALA J 73 -45.60 37.41 -33.88
C ALA J 73 -44.78 38.60 -33.37
N TYR J 74 -44.47 38.58 -32.06
CA TYR J 74 -43.62 39.57 -31.38
C TYR J 74 -42.49 38.86 -30.62
N GLY J 75 -42.86 38.01 -29.64
CA GLY J 75 -41.91 37.36 -28.74
C GLY J 75 -41.89 38.03 -27.36
N LEU J 76 -41.89 37.20 -26.30
CA LEU J 76 -42.03 37.67 -24.93
C LEU J 76 -40.71 37.48 -24.18
N PRO J 77 -40.36 38.29 -23.15
CA PRO J 77 -41.24 39.32 -22.58
C PRO J 77 -41.37 40.57 -23.44
N LEU J 78 -42.19 41.54 -22.99
CA LEU J 78 -42.54 42.69 -23.82
C LEU J 78 -43.02 43.86 -22.96
N THR J 79 -42.07 44.70 -22.52
CA THR J 79 -42.41 45.99 -21.89
C THR J 79 -43.35 46.72 -22.83
N LEU J 80 -44.55 47.05 -22.34
CA LEU J 80 -45.57 47.71 -23.14
C LEU J 80 -45.34 49.22 -23.27
N GLY J 81 -46.28 49.91 -23.90
CA GLY J 81 -46.38 51.37 -23.79
C GLY J 81 -45.75 52.03 -24.99
N HIS J 82 -46.52 52.12 -26.07
CA HIS J 82 -46.05 52.64 -27.34
C HIS J 82 -46.31 54.14 -27.41
N GLU J 83 -47.09 54.62 -26.45
CA GLU J 83 -47.28 56.03 -26.19
C GLU J 83 -46.30 56.44 -25.11
N GLY J 84 -45.22 57.11 -25.51
CA GLY J 84 -44.10 57.30 -24.59
C GLY J 84 -43.48 58.69 -24.66
N VAL J 85 -43.31 59.32 -23.50
CA VAL J 85 -42.64 60.60 -23.37
C VAL J 85 -41.64 60.48 -22.23
N GLY J 86 -40.55 61.27 -22.28
CA GLY J 86 -39.44 61.08 -21.38
C GLY J 86 -38.48 62.26 -21.33
N THR J 87 -37.44 62.10 -20.50
CA THR J 87 -36.34 63.06 -20.42
C THR J 87 -35.04 62.34 -20.80
N VAL J 88 -34.16 63.06 -21.50
CA VAL J 88 -32.86 62.52 -21.86
C VAL J 88 -32.03 62.34 -20.60
N ALA J 89 -31.86 61.07 -20.21
CA ALA J 89 -30.99 60.66 -19.12
C ALA J 89 -29.54 60.62 -19.62
N GLU J 90 -29.23 59.68 -20.52
CA GLU J 90 -27.88 59.50 -21.01
C GLU J 90 -27.86 59.26 -22.52
N LEU J 91 -26.99 60.01 -23.20
CA LEU J 91 -26.75 59.86 -24.63
C LEU J 91 -25.87 58.65 -24.91
N GLY J 92 -26.17 57.92 -25.98
CA GLY J 92 -25.27 56.92 -26.52
C GLY J 92 -24.10 57.58 -27.25
N GLU J 93 -23.15 56.76 -27.71
CA GLU J 93 -21.93 57.26 -28.34
C GLU J 93 -22.28 57.94 -29.67
N GLY J 94 -21.64 59.09 -29.92
CA GLY J 94 -21.75 59.80 -31.18
C GLY J 94 -23.19 60.22 -31.51
N VAL J 95 -23.98 60.45 -30.46
CA VAL J 95 -25.36 60.90 -30.57
C VAL J 95 -25.43 62.38 -30.18
N THR J 96 -25.27 63.25 -31.16
CA THR J 96 -25.53 64.66 -30.94
C THR J 96 -27.01 64.95 -31.25
N GLY J 97 -27.43 66.20 -31.04
CA GLY J 97 -28.79 66.63 -31.37
C GLY J 97 -29.71 66.66 -30.16
N PHE J 98 -29.22 66.23 -29.00
CA PHE J 98 -29.97 66.27 -27.76
C PHE J 98 -29.05 66.46 -26.55
N GLY J 99 -29.59 67.16 -25.54
CA GLY J 99 -28.91 67.36 -24.27
C GLY J 99 -29.57 66.51 -23.19
N VAL J 100 -28.86 66.34 -22.06
CA VAL J 100 -29.39 65.56 -20.96
C VAL J 100 -30.49 66.39 -20.30
N GLY J 101 -31.64 65.77 -20.07
CA GLY J 101 -32.76 66.42 -19.39
C GLY J 101 -33.77 67.05 -20.36
N ASP J 102 -33.58 66.85 -21.67
CA ASP J 102 -34.52 67.34 -22.68
C ASP J 102 -35.80 66.51 -22.66
N ALA J 103 -36.94 67.22 -22.70
CA ALA J 103 -38.27 66.64 -22.70
C ALA J 103 -38.67 66.25 -24.12
N VAL J 104 -38.99 64.95 -24.33
CA VAL J 104 -39.09 64.38 -25.66
C VAL J 104 -40.20 63.32 -25.73
N ALA J 105 -40.91 63.28 -26.87
CA ALA J 105 -41.92 62.27 -27.16
C ALA J 105 -41.34 61.22 -28.11
N VAL J 106 -41.87 60.00 -28.02
CA VAL J 106 -41.30 58.88 -28.75
C VAL J 106 -42.13 58.59 -30.00
N TYR J 107 -41.45 58.75 -31.14
CA TYR J 107 -42.08 58.44 -32.41
C TYR J 107 -42.19 56.91 -32.54
N GLY J 108 -43.42 56.45 -32.81
CA GLY J 108 -43.77 55.05 -32.64
C GLY J 108 -43.30 54.13 -33.76
N PRO J 109 -43.81 54.28 -35.01
CA PRO J 109 -43.66 53.24 -36.03
C PRO J 109 -42.30 53.29 -36.71
N TRP J 110 -41.28 52.79 -35.98
CA TRP J 110 -39.89 52.83 -36.39
C TRP J 110 -39.72 52.26 -37.80
N GLY J 111 -38.80 52.86 -38.55
CA GLY J 111 -38.51 52.49 -39.92
C GLY J 111 -37.02 52.48 -40.20
N CYS J 112 -36.66 52.03 -41.42
CA CYS J 112 -35.29 51.71 -41.77
C CYS J 112 -34.48 53.00 -41.89
N GLY J 113 -35.06 54.06 -42.45
CA GLY J 113 -34.40 55.36 -42.55
C GLY J 113 -33.78 55.58 -43.94
N ALA J 114 -33.80 54.49 -44.73
CA ALA J 114 -32.99 54.36 -45.93
C ALA J 114 -33.87 54.19 -47.17
N CYS J 115 -35.11 53.69 -47.02
CA CYS J 115 -35.95 53.48 -48.19
C CYS J 115 -36.63 54.77 -48.65
N HIS J 116 -37.19 54.74 -49.87
CA HIS J 116 -37.87 55.90 -50.45
C HIS J 116 -38.88 56.49 -49.46
N ALA J 117 -39.68 55.62 -48.83
CA ALA J 117 -40.76 56.08 -47.98
C ALA J 117 -40.20 56.76 -46.72
N CYS J 118 -39.06 56.25 -46.22
CA CYS J 118 -38.44 56.83 -45.05
C CYS J 118 -37.80 58.16 -45.45
N ALA J 119 -37.36 58.25 -46.72
CA ALA J 119 -36.62 59.38 -47.22
C ALA J 119 -37.54 60.60 -47.38
N ARG J 120 -38.86 60.34 -47.38
CA ARG J 120 -39.87 61.36 -47.53
C ARG J 120 -40.59 61.64 -46.21
N GLY J 121 -40.13 61.06 -45.11
CA GLY J 121 -40.68 61.41 -43.80
C GLY J 121 -41.70 60.38 -43.34
N ARG J 122 -42.11 59.50 -44.27
CA ARG J 122 -43.20 58.56 -44.06
C ARG J 122 -42.68 57.21 -43.57
N GLU J 123 -42.02 57.23 -42.40
CA GLU J 123 -41.38 56.04 -41.84
C GLU J 123 -42.43 54.99 -41.50
N ASN J 124 -43.63 55.50 -41.20
CA ASN J 124 -44.75 54.67 -40.80
C ASN J 124 -45.11 53.76 -41.96
N TYR J 125 -44.59 54.07 -43.16
CA TYR J 125 -44.86 53.26 -44.33
C TYR J 125 -43.58 52.65 -44.88
N CYS J 126 -42.59 52.42 -44.01
CA CYS J 126 -41.30 51.90 -44.41
C CYS J 126 -41.48 50.52 -45.05
N THR J 127 -40.93 50.33 -46.25
CA THR J 127 -41.12 49.10 -47.00
C THR J 127 -40.11 48.04 -46.58
N ARG J 128 -39.10 48.43 -45.80
CA ARG J 128 -38.10 47.46 -45.38
C ARG J 128 -38.36 47.00 -43.94
N ALA J 129 -39.13 47.78 -43.16
CA ALA J 129 -39.10 47.65 -41.70
C ALA J 129 -39.49 46.25 -41.27
N ALA J 130 -40.50 45.71 -41.95
CA ALA J 130 -41.00 44.37 -41.67
C ALA J 130 -39.86 43.36 -41.86
N ASP J 131 -39.25 43.35 -43.07
CA ASP J 131 -38.18 42.44 -43.47
C ASP J 131 -36.95 42.55 -42.57
N LEU J 132 -36.62 43.76 -42.11
CA LEU J 132 -35.42 43.94 -41.31
C LEU J 132 -35.70 43.71 -39.83
N GLY J 133 -36.96 43.39 -39.50
CA GLY J 133 -37.42 43.12 -38.14
C GLY J 133 -37.44 44.35 -37.24
N ILE J 134 -37.75 45.52 -37.81
CA ILE J 134 -37.89 46.76 -37.06
C ILE J 134 -39.35 46.86 -36.60
N THR J 135 -39.55 47.04 -35.28
CA THR J 135 -40.87 46.97 -34.67
C THR J 135 -41.03 48.13 -33.68
N PRO J 136 -42.26 48.63 -33.44
CA PRO J 136 -42.46 49.87 -32.68
C PRO J 136 -42.21 49.62 -31.21
N PRO J 137 -41.80 50.67 -30.43
CA PRO J 137 -41.67 50.55 -28.97
C PRO J 137 -42.95 50.00 -28.32
N GLY J 138 -42.78 48.96 -27.50
CA GLY J 138 -43.89 48.31 -26.82
C GLY J 138 -44.79 47.52 -27.75
N LEU J 139 -44.32 47.30 -28.98
CA LEU J 139 -45.01 46.44 -29.93
C LEU J 139 -43.98 45.63 -30.67
N GLY J 140 -43.04 45.06 -29.91
CA GLY J 140 -42.02 44.22 -30.51
C GLY J 140 -40.65 44.69 -30.03
N SER J 141 -40.58 45.93 -29.59
CA SER J 141 -39.36 46.39 -28.96
C SER J 141 -39.68 46.79 -27.53
N PRO J 142 -38.67 47.06 -26.68
CA PRO J 142 -38.94 47.46 -25.30
C PRO J 142 -39.67 48.80 -25.37
N GLY J 143 -40.83 48.85 -24.70
CA GLY J 143 -41.69 50.02 -24.64
C GLY J 143 -41.38 50.97 -23.48
N SER J 144 -42.41 51.79 -23.17
CA SER J 144 -42.27 53.03 -22.41
C SER J 144 -42.79 52.90 -20.98
N MET J 145 -43.45 51.77 -20.66
CA MET J 145 -44.06 51.51 -19.35
C MET J 145 -43.01 50.97 -18.37
N ALA J 146 -42.01 51.80 -18.09
CA ALA J 146 -40.85 51.43 -17.30
C ALA J 146 -40.23 52.70 -16.72
N GLU J 147 -39.23 52.54 -15.85
CA GLU J 147 -38.53 53.67 -15.26
C GLU J 147 -37.59 54.29 -16.29
N TYR J 148 -37.14 53.44 -17.23
CA TYR J 148 -36.21 53.86 -18.27
C TYR J 148 -36.58 53.23 -19.61
N MET J 149 -36.00 53.80 -20.67
CA MET J 149 -36.27 53.34 -22.02
C MET J 149 -35.14 53.73 -22.97
N ILE J 150 -35.02 52.90 -24.01
CA ILE J 150 -34.07 53.09 -25.09
C ILE J 150 -34.82 53.47 -26.36
N VAL J 151 -34.27 54.45 -27.07
CA VAL J 151 -34.75 54.80 -28.38
C VAL J 151 -33.59 54.56 -29.33
N ASP J 152 -33.88 53.83 -30.43
CA ASP J 152 -32.87 53.23 -31.28
C ASP J 152 -32.04 54.31 -31.99
N SER J 153 -32.65 55.49 -32.20
CA SER J 153 -32.03 56.60 -32.92
C SER J 153 -32.60 57.93 -32.45
N ALA J 154 -31.83 59.01 -32.63
CA ALA J 154 -32.25 60.36 -32.29
C ALA J 154 -33.41 60.83 -33.19
N ARG J 155 -33.59 60.15 -34.33
CA ARG J 155 -34.56 60.62 -35.29
C ARG J 155 -35.95 60.26 -34.78
N HIS J 156 -36.04 59.47 -33.70
CA HIS J 156 -37.33 59.05 -33.19
C HIS J 156 -37.73 59.83 -31.94
N LEU J 157 -37.05 60.95 -31.68
CA LEU J 157 -37.36 61.84 -30.56
C LEU J 157 -37.91 63.17 -31.06
N VAL J 158 -39.10 63.54 -30.61
CA VAL J 158 -39.64 64.84 -30.93
C VAL J 158 -39.68 65.71 -29.67
N PRO J 159 -39.02 66.90 -29.65
CA PRO J 159 -39.06 67.81 -28.50
C PRO J 159 -40.48 68.23 -28.15
N ILE J 160 -40.75 68.39 -26.84
CA ILE J 160 -42.07 68.79 -26.38
C ILE J 160 -42.00 70.04 -25.50
N GLY J 161 -40.79 70.61 -25.35
CA GLY J 161 -40.52 71.80 -24.55
C GLY J 161 -41.05 71.62 -23.12
N ASP J 162 -41.91 72.55 -22.71
CA ASP J 162 -42.49 72.56 -21.38
C ASP J 162 -43.90 71.94 -21.39
N LEU J 163 -44.20 71.04 -22.34
CA LEU J 163 -45.52 70.41 -22.40
C LEU J 163 -45.62 69.35 -21.30
N ASP J 164 -46.75 69.32 -20.59
CA ASP J 164 -46.99 68.36 -19.53
C ASP J 164 -46.90 66.95 -20.10
N PRO J 165 -45.83 66.19 -19.77
CA PRO J 165 -45.70 64.80 -20.20
C PRO J 165 -46.97 63.95 -20.17
N VAL J 166 -47.80 64.15 -19.14
CA VAL J 166 -49.03 63.38 -19.01
C VAL J 166 -49.97 63.71 -20.18
N ALA J 167 -49.94 64.99 -20.61
CA ALA J 167 -50.77 65.52 -21.69
C ALA J 167 -50.26 65.06 -23.05
N ALA J 168 -48.92 64.94 -23.17
CA ALA J 168 -48.21 64.62 -24.41
C ALA J 168 -48.36 63.15 -24.77
N ALA J 169 -48.14 62.27 -23.78
CA ALA J 169 -48.11 60.84 -23.99
C ALA J 169 -49.20 60.40 -24.97
N PRO J 170 -50.50 60.71 -24.74
CA PRO J 170 -51.55 60.19 -25.61
C PRO J 170 -51.47 60.68 -27.06
N LEU J 171 -50.77 61.81 -27.27
CA LEU J 171 -50.70 62.45 -28.59
C LEU J 171 -49.96 61.55 -29.57
N THR J 172 -49.05 60.72 -29.04
CA THR J 172 -48.11 59.95 -29.85
C THR J 172 -48.88 58.87 -30.61
N ASP J 173 -50.20 58.85 -30.41
CA ASP J 173 -51.05 57.85 -31.02
C ASP J 173 -52.48 58.39 -31.06
N ALA J 174 -52.95 58.92 -29.92
CA ALA J 174 -54.33 59.39 -29.87
C ALA J 174 -54.46 60.62 -30.76
N GLY J 175 -53.35 61.36 -30.91
CA GLY J 175 -53.33 62.53 -31.79
C GLY J 175 -52.79 62.20 -33.19
N LEU J 176 -51.62 61.58 -33.22
CA LEU J 176 -50.89 61.36 -34.45
C LEU J 176 -51.72 60.51 -35.40
N THR J 177 -52.49 59.56 -34.87
CA THR J 177 -53.08 58.59 -35.78
C THR J 177 -54.18 59.24 -36.61
N PRO J 178 -55.12 59.99 -35.96
CA PRO J 178 -56.19 60.68 -36.66
C PRO J 178 -55.61 61.83 -37.49
N TYR J 179 -54.62 62.53 -36.90
CA TYR J 179 -53.94 63.57 -37.62
C TYR J 179 -53.49 63.06 -39.00
N HIS J 180 -52.77 61.93 -39.03
CA HIS J 180 -52.34 61.37 -40.30
C HIS J 180 -53.56 61.04 -41.16
N ALA J 181 -54.57 60.43 -40.56
CA ALA J 181 -55.75 59.99 -41.29
C ALA J 181 -56.45 61.17 -41.96
N ILE J 182 -56.38 62.33 -41.28
CA ILE J 182 -57.03 63.56 -41.69
C ILE J 182 -56.13 64.28 -42.71
N SER J 183 -54.85 64.44 -42.37
CA SER J 183 -53.89 65.03 -43.27
C SER J 183 -53.96 64.41 -44.66
N ARG J 184 -54.21 63.10 -44.71
CA ARG J 184 -54.19 62.39 -45.97
C ARG J 184 -55.16 63.01 -46.98
N VAL J 185 -56.21 63.71 -46.53
CA VAL J 185 -57.22 64.23 -47.45
C VAL J 185 -57.51 65.71 -47.21
N LEU J 186 -56.66 66.41 -46.46
CA LEU J 186 -56.95 67.75 -45.93
C LEU J 186 -57.22 68.76 -47.04
N PRO J 187 -56.60 68.64 -48.25
CA PRO J 187 -57.02 69.44 -49.39
C PRO J 187 -58.47 69.27 -49.81
N LEU J 188 -59.15 68.18 -49.42
CA LEU J 188 -60.53 68.03 -49.83
C LEU J 188 -61.46 68.73 -48.83
N LEU J 189 -60.95 69.11 -47.66
CA LEU J 189 -61.83 69.55 -46.59
C LEU J 189 -61.84 71.08 -46.52
N GLY J 190 -62.11 71.72 -47.67
CA GLY J 190 -62.27 73.17 -47.73
C GLY J 190 -63.58 73.63 -47.06
N PRO J 191 -63.87 74.94 -47.04
CA PRO J 191 -65.15 75.44 -46.52
C PRO J 191 -66.26 74.87 -47.39
N GLY J 192 -67.41 74.54 -46.77
CA GLY J 192 -68.53 73.94 -47.47
C GLY J 192 -68.52 72.40 -47.45
N SER J 193 -67.39 71.81 -47.10
CA SER J 193 -67.26 70.36 -47.02
C SER J 193 -67.76 69.87 -45.66
N THR J 194 -68.05 68.57 -45.62
CA THR J 194 -68.54 67.87 -44.43
C THR J 194 -67.59 66.71 -44.11
N ALA J 195 -67.35 66.53 -42.82
CA ALA J 195 -66.55 65.42 -42.39
C ALA J 195 -67.35 64.64 -41.35
N VAL J 196 -67.48 63.33 -41.56
CA VAL J 196 -68.18 62.50 -40.61
C VAL J 196 -67.14 61.73 -39.79
N VAL J 197 -67.23 61.88 -38.46
CA VAL J 197 -66.42 61.14 -37.49
C VAL J 197 -67.26 60.03 -36.87
N ILE J 198 -66.96 58.76 -37.20
CA ILE J 198 -67.64 57.64 -36.55
C ILE J 198 -66.80 57.14 -35.39
N GLY J 199 -67.43 57.02 -34.21
CA GLY J 199 -66.74 56.70 -32.97
C GLY J 199 -66.08 57.92 -32.35
N VAL J 200 -66.61 58.36 -31.21
CA VAL J 200 -66.05 59.51 -30.53
C VAL J 200 -65.39 59.04 -29.25
N GLY J 201 -64.60 57.96 -29.36
CA GLY J 201 -63.84 57.44 -28.23
C GLY J 201 -62.54 58.22 -28.05
N GLY J 202 -61.43 57.47 -27.94
CA GLY J 202 -60.14 58.11 -27.76
C GLY J 202 -59.79 58.91 -29.00
N LEU J 203 -59.76 58.20 -30.12
CA LEU J 203 -59.20 58.75 -31.34
C LEU J 203 -60.17 59.80 -31.89
N GLY J 204 -61.45 59.40 -32.06
CA GLY J 204 -62.51 60.27 -32.54
C GLY J 204 -62.53 61.62 -31.81
N HIS J 205 -62.52 61.55 -30.47
CA HIS J 205 -62.50 62.73 -29.62
C HIS J 205 -61.42 63.71 -30.08
N VAL J 206 -60.27 63.20 -30.51
CA VAL J 206 -59.19 64.08 -30.87
C VAL J 206 -59.29 64.46 -32.34
N GLY J 207 -59.79 63.51 -33.15
CA GLY J 207 -60.07 63.80 -34.55
C GLY J 207 -60.83 65.11 -34.71
N ILE J 208 -61.99 65.18 -34.05
CA ILE J 208 -62.88 66.34 -34.12
C ILE J 208 -62.05 67.61 -33.91
N GLN J 209 -61.33 67.66 -32.78
CA GLN J 209 -60.57 68.86 -32.47
C GLN J 209 -59.62 69.18 -33.63
N ILE J 210 -58.91 68.15 -34.15
CA ILE J 210 -57.97 68.32 -35.24
C ILE J 210 -58.67 68.96 -36.44
N LEU J 211 -59.84 68.41 -36.79
CA LEU J 211 -60.60 68.88 -37.94
C LEU J 211 -60.92 70.37 -37.79
N ARG J 212 -61.22 70.79 -36.56
CA ARG J 212 -61.59 72.16 -36.25
C ARG J 212 -60.39 73.09 -36.40
N ALA J 213 -59.22 72.61 -35.99
CA ALA J 213 -58.02 73.43 -35.93
C ALA J 213 -57.41 73.68 -37.31
N VAL J 214 -57.45 72.65 -38.18
CA VAL J 214 -56.69 72.63 -39.44
C VAL J 214 -57.58 72.78 -40.66
N SER J 215 -58.91 72.58 -40.49
CA SER J 215 -59.84 72.85 -41.58
C SER J 215 -61.05 73.66 -41.14
N ALA J 216 -61.79 74.12 -42.15
CA ALA J 216 -63.04 74.87 -41.98
C ALA J 216 -64.27 73.98 -42.23
N ALA J 217 -64.10 72.65 -42.20
CA ALA J 217 -65.13 71.71 -42.61
C ALA J 217 -66.14 71.52 -41.48
N ARG J 218 -67.35 71.11 -41.83
CA ARG J 218 -68.38 70.85 -40.84
C ARG J 218 -68.21 69.44 -40.29
N VAL J 219 -68.32 69.28 -38.96
CA VAL J 219 -68.08 67.98 -38.36
C VAL J 219 -69.37 67.38 -37.79
N ILE J 220 -69.78 66.22 -38.34
CA ILE J 220 -70.92 65.46 -37.84
C ILE J 220 -70.41 64.15 -37.25
N ALA J 221 -70.66 63.97 -35.95
CA ALA J 221 -70.18 62.83 -35.18
C ALA J 221 -71.21 61.69 -35.24
N VAL J 222 -70.76 60.47 -34.89
CA VAL J 222 -71.60 59.28 -34.73
C VAL J 222 -71.06 58.44 -33.57
N ASP J 223 -71.94 58.05 -32.64
CA ASP J 223 -71.54 57.19 -31.53
C ASP J 223 -72.75 56.44 -30.99
N LEU J 224 -72.49 55.35 -30.27
CA LEU J 224 -73.51 54.51 -29.68
C LEU J 224 -74.11 55.23 -28.48
N ASP J 225 -73.23 55.75 -27.61
CA ASP J 225 -73.60 56.17 -26.26
C ASP J 225 -73.96 57.64 -26.25
N ASP J 226 -75.08 57.96 -25.62
CA ASP J 226 -75.60 59.32 -25.58
C ASP J 226 -74.62 60.26 -24.88
N ASP J 227 -74.02 59.79 -23.78
CA ASP J 227 -72.99 60.46 -23.00
C ASP J 227 -71.84 60.91 -23.91
N ARG J 228 -71.57 60.15 -24.98
CA ARG J 228 -70.49 60.36 -25.93
C ARG J 228 -70.83 61.49 -26.92
N LEU J 229 -72.03 61.41 -27.49
CA LEU J 229 -72.50 62.40 -28.44
C LEU J 229 -72.44 63.78 -27.81
N ALA J 230 -72.62 63.88 -26.49
CA ALA J 230 -72.52 65.16 -25.81
C ALA J 230 -71.10 65.68 -25.94
N LEU J 231 -70.16 64.83 -25.52
CA LEU J 231 -68.75 65.19 -25.43
C LEU J 231 -68.23 65.53 -26.83
N ALA J 232 -68.72 64.80 -27.84
CA ALA J 232 -68.53 65.18 -29.22
C ALA J 232 -68.92 66.65 -29.48
N ARG J 233 -70.06 67.10 -28.96
CA ARG J 233 -70.53 68.44 -29.25
C ARG J 233 -69.61 69.47 -28.62
N GLU J 234 -69.09 69.13 -27.42
CA GLU J 234 -68.38 70.08 -26.59
C GLU J 234 -67.04 70.44 -27.23
N VAL J 235 -66.46 69.47 -27.95
CA VAL J 235 -65.14 69.60 -28.53
C VAL J 235 -65.25 70.20 -29.94
N GLY J 236 -66.49 70.29 -30.44
CA GLY J 236 -66.81 71.13 -31.58
C GLY J 236 -67.28 70.31 -32.75
N ALA J 237 -68.00 69.22 -32.49
CA ALA J 237 -68.77 68.67 -33.60
C ALA J 237 -69.98 69.56 -33.79
N ASP J 238 -70.31 69.82 -35.06
CA ASP J 238 -71.42 70.73 -35.31
C ASP J 238 -72.75 70.00 -35.09
N ALA J 239 -72.74 68.67 -35.13
CA ALA J 239 -73.94 67.86 -35.02
C ALA J 239 -73.56 66.42 -34.65
N ALA J 240 -74.40 65.74 -33.86
CA ALA J 240 -74.15 64.38 -33.43
C ALA J 240 -75.40 63.53 -33.59
N VAL J 241 -75.23 62.36 -34.22
CA VAL J 241 -76.29 61.38 -34.44
C VAL J 241 -75.85 60.08 -33.77
N LYS J 242 -76.76 59.10 -33.69
CA LYS J 242 -76.44 57.83 -33.07
C LYS J 242 -76.04 56.83 -34.14
N SER J 243 -75.15 55.89 -33.79
CA SER J 243 -74.76 54.78 -34.65
C SER J 243 -75.88 53.76 -34.71
N GLY J 244 -75.81 52.87 -35.69
CA GLY J 244 -76.89 51.93 -35.91
C GLY J 244 -77.40 52.06 -37.33
N ALA J 245 -78.41 51.25 -37.69
CA ALA J 245 -78.77 51.13 -39.10
C ALA J 245 -79.37 52.44 -39.61
N GLY J 246 -79.86 53.28 -38.68
CA GLY J 246 -80.53 54.52 -39.05
C GLY J 246 -79.56 55.69 -39.15
N ALA J 247 -78.30 55.45 -38.78
CA ALA J 247 -77.22 56.42 -38.72
C ALA J 247 -76.88 57.02 -40.10
N ALA J 248 -76.95 56.21 -41.17
CA ALA J 248 -76.66 56.71 -42.51
C ALA J 248 -77.68 57.78 -42.89
N ASP J 249 -78.95 57.41 -42.72
CA ASP J 249 -80.11 58.24 -43.00
C ASP J 249 -80.05 59.56 -42.22
N ALA J 250 -79.78 59.46 -40.92
CA ALA J 250 -79.68 60.59 -40.00
C ALA J 250 -78.58 61.56 -40.43
N ILE J 251 -77.55 61.07 -41.12
CA ILE J 251 -76.51 61.97 -41.59
C ILE J 251 -77.05 62.72 -42.81
N ARG J 252 -77.68 61.99 -43.73
CA ARG J 252 -78.20 62.59 -44.95
C ARG J 252 -79.22 63.69 -44.62
N GLU J 253 -79.98 63.49 -43.54
CA GLU J 253 -80.94 64.48 -43.06
C GLU J 253 -80.23 65.80 -42.79
N LEU J 254 -79.13 65.73 -42.04
CA LEU J 254 -78.35 66.88 -41.62
C LEU J 254 -77.69 67.57 -42.82
N THR J 255 -77.29 66.79 -43.83
CA THR J 255 -76.49 67.31 -44.94
C THR J 255 -77.38 67.67 -46.13
N GLY J 256 -78.71 67.55 -45.96
CA GLY J 256 -79.67 67.76 -47.03
C GLY J 256 -79.54 66.74 -48.16
N GLY J 257 -79.00 65.57 -47.85
CA GLY J 257 -78.92 64.42 -48.75
C GLY J 257 -77.74 64.49 -49.71
N GLN J 258 -76.78 65.40 -49.47
CA GLN J 258 -75.73 65.58 -50.46
C GLN J 258 -74.55 64.63 -50.15
N GLY J 259 -74.47 64.19 -48.89
CA GLY J 259 -73.50 63.16 -48.58
C GLY J 259 -72.07 63.71 -48.51
N ALA J 260 -71.35 63.22 -47.48
CA ALA J 260 -70.21 63.84 -46.83
C ALA J 260 -68.91 63.68 -47.63
N THR J 261 -68.01 64.66 -47.47
CA THR J 261 -66.76 64.73 -48.21
C THR J 261 -65.82 63.62 -47.75
N ALA J 262 -65.72 63.39 -46.44
CA ALA J 262 -64.86 62.32 -45.93
C ALA J 262 -65.49 61.72 -44.69
N VAL J 263 -65.28 60.40 -44.52
CA VAL J 263 -65.73 59.69 -43.33
C VAL J 263 -64.51 59.09 -42.62
N PHE J 264 -64.29 59.50 -41.37
CA PHE J 264 -63.20 58.95 -40.57
C PHE J 264 -63.76 57.96 -39.53
N ASP J 265 -63.69 56.67 -39.83
CA ASP J 265 -64.32 55.64 -39.01
C ASP J 265 -63.35 55.09 -37.97
N PHE J 266 -63.42 55.65 -36.76
CA PHE J 266 -62.54 55.30 -35.65
C PHE J 266 -62.99 54.01 -34.95
N VAL J 267 -64.09 53.42 -35.43
CA VAL J 267 -64.61 52.21 -34.80
C VAL J 267 -64.16 51.01 -35.61
N GLY J 268 -64.44 51.02 -36.91
CA GLY J 268 -63.79 50.08 -37.82
C GLY J 268 -64.61 48.81 -38.01
N ALA J 269 -65.74 48.73 -37.30
CA ALA J 269 -66.61 47.57 -37.39
C ALA J 269 -67.30 47.52 -38.75
N GLN J 270 -67.98 46.42 -39.02
CA GLN J 270 -68.60 46.28 -40.33
C GLN J 270 -69.78 47.25 -40.41
N SER J 271 -70.55 47.37 -39.32
CA SER J 271 -71.69 48.27 -39.34
C SER J 271 -71.21 49.69 -39.65
N THR J 272 -70.16 50.12 -38.95
CA THR J 272 -69.65 51.48 -39.14
C THR J 272 -69.14 51.70 -40.56
N ILE J 273 -68.38 50.75 -41.10
CA ILE J 273 -67.86 50.85 -42.46
C ILE J 273 -69.04 50.89 -43.44
N ASP J 274 -70.08 50.12 -43.11
CA ASP J 274 -71.26 50.04 -43.94
C ASP J 274 -71.96 51.40 -43.99
N THR J 275 -72.19 52.00 -42.81
CA THR J 275 -72.71 53.35 -42.70
C THR J 275 -71.89 54.28 -43.60
N ALA J 276 -70.56 54.25 -43.41
CA ALA J 276 -69.63 55.14 -44.09
C ALA J 276 -69.88 55.14 -45.59
N GLN J 277 -70.13 53.96 -46.15
CA GLN J 277 -70.24 53.81 -47.59
C GLN J 277 -71.52 54.46 -48.10
N GLN J 278 -72.50 54.63 -47.19
CA GLN J 278 -73.83 55.13 -47.56
C GLN J 278 -73.88 56.65 -47.53
N VAL J 279 -72.94 57.27 -46.81
CA VAL J 279 -72.92 58.71 -46.59
C VAL J 279 -71.77 59.39 -47.35
N VAL J 280 -70.81 58.62 -47.87
CA VAL J 280 -69.67 59.23 -48.54
C VAL J 280 -70.14 59.81 -49.86
N ALA J 281 -69.54 60.95 -50.22
CA ALA J 281 -69.87 61.72 -51.40
C ALA J 281 -69.12 61.21 -52.64
N VAL J 282 -69.62 61.58 -53.83
CA VAL J 282 -68.92 61.25 -55.05
C VAL J 282 -67.59 61.99 -55.04
N ASP J 283 -66.50 61.23 -55.24
CA ASP J 283 -65.13 61.73 -55.23
C ASP J 283 -64.70 62.01 -53.79
N GLY J 284 -65.33 61.33 -52.83
CA GLY J 284 -65.07 61.51 -51.41
C GLY J 284 -64.03 60.52 -50.92
N HIS J 285 -64.04 60.25 -49.61
CA HIS J 285 -63.02 59.42 -49.02
C HIS J 285 -63.54 58.78 -47.73
N ILE J 286 -63.21 57.50 -47.53
CA ILE J 286 -63.41 56.82 -46.26
C ILE J 286 -62.05 56.37 -45.69
N SER J 287 -61.87 56.66 -44.42
CA SER J 287 -60.67 56.28 -43.70
C SER J 287 -61.13 55.31 -42.60
N VAL J 288 -60.67 54.06 -42.69
CA VAL J 288 -60.94 53.06 -41.69
C VAL J 288 -59.78 53.08 -40.70
N VAL J 289 -60.01 53.64 -39.52
CA VAL J 289 -58.92 53.80 -38.56
C VAL J 289 -59.02 52.76 -37.44
N GLY J 290 -60.22 52.52 -36.92
CA GLY J 290 -60.45 51.46 -35.94
C GLY J 290 -60.28 50.05 -36.54
N ILE J 291 -59.87 49.12 -35.66
CA ILE J 291 -59.62 47.75 -36.06
C ILE J 291 -60.68 46.83 -35.46
N HIS J 292 -61.49 46.22 -36.34
CA HIS J 292 -62.34 45.09 -35.98
C HIS J 292 -62.07 43.95 -36.98
N ALA J 293 -61.55 42.84 -36.43
CA ALA J 293 -61.06 41.71 -37.18
C ALA J 293 -62.05 41.29 -38.26
N GLY J 294 -61.61 41.30 -39.52
CA GLY J 294 -62.39 40.81 -40.65
C GLY J 294 -63.21 41.93 -41.29
N ALA J 295 -63.53 42.97 -40.48
CA ALA J 295 -64.24 44.17 -40.91
C ALA J 295 -63.50 44.79 -42.09
N HIS J 296 -64.21 44.91 -43.22
CA HIS J 296 -63.58 45.45 -44.42
C HIS J 296 -64.61 46.29 -45.18
N ALA J 297 -64.13 47.24 -46.00
CA ALA J 297 -65.00 48.01 -46.85
C ALA J 297 -65.01 47.36 -48.23
N LYS J 298 -66.03 47.63 -49.04
CA LYS J 298 -66.17 46.91 -50.27
C LYS J 298 -66.13 47.90 -51.43
N VAL J 299 -64.96 48.06 -52.04
CA VAL J 299 -64.81 49.09 -53.06
C VAL J 299 -65.07 48.50 -54.45
N GLY J 300 -66.27 48.67 -54.97
CA GLY J 300 -66.57 48.19 -56.30
C GLY J 300 -67.81 48.88 -56.85
N PHE J 301 -67.90 48.94 -58.18
CA PHE J 301 -68.95 49.70 -58.85
C PHE J 301 -70.28 49.46 -58.17
N PHE J 302 -71.05 50.53 -58.02
CA PHE J 302 -72.44 50.50 -57.57
C PHE J 302 -72.53 50.02 -56.12
N MET J 303 -71.39 49.95 -55.41
CA MET J 303 -71.38 49.55 -54.01
C MET J 303 -70.65 50.62 -53.21
N ILE J 304 -70.13 51.59 -53.95
CA ILE J 304 -69.54 52.79 -53.40
C ILE J 304 -69.66 53.88 -54.46
N PRO J 305 -69.92 55.16 -54.06
CA PRO J 305 -69.91 56.26 -55.01
C PRO J 305 -68.62 56.29 -55.83
N PHE J 306 -68.77 56.68 -57.10
CA PHE J 306 -67.66 56.73 -58.03
C PHE J 306 -66.64 57.70 -57.46
N GLY J 307 -65.37 57.30 -57.47
CA GLY J 307 -64.31 58.24 -57.18
C GLY J 307 -64.11 58.39 -55.68
N ALA J 308 -64.92 57.69 -54.89
CA ALA J 308 -64.67 57.64 -53.46
C ALA J 308 -63.57 56.61 -53.17
N SER J 309 -62.47 57.08 -52.56
CA SER J 309 -61.33 56.25 -52.24
C SER J 309 -61.44 55.73 -50.81
N VAL J 310 -60.89 54.55 -50.56
CA VAL J 310 -60.85 54.07 -49.18
C VAL J 310 -59.41 53.71 -48.82
N VAL J 311 -59.09 53.83 -47.53
CA VAL J 311 -57.75 53.51 -47.06
C VAL J 311 -57.83 53.07 -45.60
N THR J 312 -56.88 52.23 -45.20
CA THR J 312 -56.64 51.92 -43.80
C THR J 312 -55.30 52.53 -43.46
N PRO J 313 -55.28 53.72 -42.83
CA PRO J 313 -54.01 54.39 -42.55
C PRO J 313 -53.38 53.73 -41.34
N TYR J 314 -52.03 53.74 -41.31
CA TYR J 314 -51.33 53.25 -40.13
C TYR J 314 -50.54 54.38 -39.50
N TRP J 315 -50.88 54.71 -38.26
CA TRP J 315 -50.19 55.66 -37.41
C TRP J 315 -49.94 56.99 -38.15
N GLY J 316 -48.73 57.54 -38.09
CA GLY J 316 -48.46 58.79 -38.80
C GLY J 316 -46.96 59.05 -38.97
N THR J 317 -46.61 60.15 -39.65
CA THR J 317 -45.22 60.47 -39.97
C THR J 317 -44.67 61.41 -38.92
N ARG J 318 -43.38 61.72 -39.05
CA ARG J 318 -42.69 62.45 -38.00
C ARG J 318 -43.10 63.93 -38.00
N SER J 319 -43.18 64.53 -39.21
CA SER J 319 -43.64 65.90 -39.37
C SER J 319 -45.04 66.06 -38.75
N GLU J 320 -45.91 65.04 -38.91
CA GLU J 320 -47.25 65.06 -38.34
C GLU J 320 -47.16 65.07 -36.82
N LEU J 321 -46.25 64.25 -36.28
CA LEU J 321 -46.10 64.20 -34.83
C LEU J 321 -45.69 65.58 -34.31
N MET J 322 -44.75 66.22 -35.01
CA MET J 322 -44.27 67.52 -34.59
C MET J 322 -45.43 68.51 -34.66
N GLU J 323 -46.29 68.32 -35.66
CA GLU J 323 -47.47 69.16 -35.83
C GLU J 323 -48.41 68.92 -34.65
N VAL J 324 -48.61 67.64 -34.31
CA VAL J 324 -49.54 67.30 -33.24
C VAL J 324 -49.10 67.97 -31.95
N VAL J 325 -47.79 67.85 -31.69
CA VAL J 325 -47.16 68.47 -30.54
C VAL J 325 -47.36 69.97 -30.63
N ALA J 326 -47.25 70.54 -31.85
CA ALA J 326 -47.42 71.97 -31.98
C ALA J 326 -48.83 72.41 -31.58
N LEU J 327 -49.84 71.68 -32.08
CA LEU J 327 -51.21 72.02 -31.77
C LEU J 327 -51.40 71.98 -30.26
N ALA J 328 -50.83 70.95 -29.63
CA ALA J 328 -51.02 70.78 -28.21
C ALA J 328 -50.44 71.98 -27.48
N ARG J 329 -49.28 72.45 -27.91
CA ARG J 329 -48.64 73.53 -27.18
C ARG J 329 -49.46 74.81 -27.36
N ALA J 330 -50.27 74.82 -28.41
CA ALA J 330 -51.05 76.00 -28.72
C ALA J 330 -52.38 75.94 -27.96
N GLY J 331 -52.63 74.83 -27.26
CA GLY J 331 -53.84 74.64 -26.46
C GLY J 331 -55.03 74.25 -27.33
N ARG J 332 -54.75 73.77 -28.56
CA ARG J 332 -55.80 73.48 -29.51
C ARG J 332 -56.29 72.05 -29.35
N LEU J 333 -55.59 71.22 -28.56
CA LEU J 333 -55.97 69.83 -28.36
C LEU J 333 -55.96 69.52 -26.88
N ASP J 334 -57.08 69.01 -26.36
CA ASP J 334 -57.14 68.54 -24.98
C ASP J 334 -57.77 67.16 -24.95
N ILE J 335 -57.18 66.26 -24.16
CA ILE J 335 -57.70 64.91 -24.00
C ILE J 335 -57.84 64.65 -22.51
N HIS J 336 -58.70 63.72 -22.11
CA HIS J 336 -58.77 63.41 -20.69
C HIS J 336 -57.73 62.38 -20.25
N THR J 337 -57.00 62.76 -19.18
CA THR J 337 -55.86 62.02 -18.66
C THR J 337 -56.10 61.62 -17.18
N GLU J 338 -55.89 60.33 -16.91
CA GLU J 338 -56.00 59.76 -15.57
C GLU J 338 -54.69 59.04 -15.26
N THR J 339 -53.93 59.62 -14.32
CA THR J 339 -52.54 59.25 -14.07
C THR J 339 -52.45 58.09 -13.06
N PHE J 340 -51.61 57.09 -13.38
CA PHE J 340 -51.38 55.91 -12.55
C PHE J 340 -49.90 55.83 -12.17
N THR J 341 -49.62 55.04 -11.11
CA THR J 341 -48.27 54.64 -10.74
C THR J 341 -47.92 53.38 -11.54
N LEU J 342 -46.61 53.15 -11.72
CA LEU J 342 -46.11 52.04 -12.53
C LEU J 342 -46.56 50.70 -11.93
N ASP J 343 -46.92 50.73 -10.64
CA ASP J 343 -47.38 49.58 -9.86
C ASP J 343 -48.87 49.31 -10.14
N GLU J 344 -49.57 50.35 -10.61
CA GLU J 344 -50.96 50.22 -11.00
C GLU J 344 -51.05 49.73 -12.43
N GLY J 345 -49.89 49.56 -13.08
CA GLY J 345 -49.83 48.99 -14.40
C GLY J 345 -50.98 48.02 -14.66
N PRO J 346 -50.91 46.79 -14.10
CA PRO J 346 -51.92 45.76 -14.40
C PRO J 346 -53.32 46.26 -14.01
N ALA J 347 -53.33 47.09 -12.96
CA ALA J 347 -54.51 47.71 -12.36
C ALA J 347 -55.16 48.65 -13.36
N ALA J 348 -54.33 49.31 -14.18
CA ALA J 348 -54.84 50.23 -15.18
C ALA J 348 -55.40 49.46 -16.37
N TYR J 349 -54.69 48.37 -16.75
CA TYR J 349 -55.14 47.52 -17.84
C TYR J 349 -56.54 47.01 -17.47
N ARG J 350 -56.65 46.60 -16.19
CA ARG J 350 -57.90 46.24 -15.57
C ARG J 350 -58.95 47.31 -15.84
N ARG J 351 -58.58 48.58 -15.64
CA ARG J 351 -59.53 49.68 -15.80
C ARG J 351 -59.85 49.90 -17.29
N LEU J 352 -58.85 49.69 -18.15
CA LEU J 352 -58.99 49.93 -19.58
C LEU J 352 -59.93 48.89 -20.18
N ARG J 353 -59.68 47.62 -19.83
CA ARG J 353 -60.56 46.51 -20.17
C ARG J 353 -62.00 46.83 -19.78
N GLU J 354 -62.23 47.24 -18.53
CA GLU J 354 -63.56 47.67 -18.07
C GLU J 354 -64.19 48.67 -19.05
N GLY J 355 -63.42 49.66 -19.50
CA GLY J 355 -63.95 50.73 -20.32
C GLY J 355 -64.42 51.90 -19.45
N SER J 356 -63.85 51.96 -18.23
CA SER J 356 -64.21 52.92 -17.19
C SER J 356 -63.22 54.09 -17.11
N ILE J 357 -62.28 54.19 -18.08
CA ILE J 357 -61.40 55.34 -18.21
C ILE J 357 -61.91 56.19 -19.38
N ARG J 358 -61.86 57.52 -19.19
CA ARG J 358 -62.28 58.49 -20.19
C ARG J 358 -61.05 58.99 -20.96
N GLY J 359 -61.02 58.69 -22.26
CA GLY J 359 -59.93 59.07 -23.14
C GLY J 359 -58.76 58.09 -23.03
N ARG J 360 -57.89 58.32 -22.06
CA ARG J 360 -56.60 57.65 -22.08
C ARG J 360 -55.98 57.64 -20.70
N GLY J 361 -55.81 56.43 -20.17
CA GLY J 361 -54.99 56.25 -18.98
C GLY J 361 -53.51 56.43 -19.30
N VAL J 362 -52.73 56.81 -18.28
CA VAL J 362 -51.33 57.16 -18.45
C VAL J 362 -50.57 56.86 -17.16
N VAL J 363 -49.53 56.01 -17.26
CA VAL J 363 -48.73 55.61 -16.11
C VAL J 363 -47.62 56.63 -15.90
N VAL J 364 -47.28 56.92 -14.65
CA VAL J 364 -46.23 57.89 -14.38
C VAL J 364 -45.24 57.30 -13.37
N PRO J 365 -43.96 57.08 -13.77
CA PRO J 365 -42.92 56.73 -12.80
C PRO J 365 -42.73 57.88 -11.82
N ARG K 17 -20.52 55.09 7.90
CA ARG K 17 -21.74 54.28 8.09
C ARG K 17 -22.81 55.06 8.85
N GLY K 18 -24.05 55.05 8.29
CA GLY K 18 -25.21 55.79 8.80
C GLY K 18 -25.88 55.11 9.99
N SER K 19 -26.86 55.80 10.60
CA SER K 19 -27.57 55.34 11.79
C SER K 19 -28.89 54.65 11.40
N HIS K 20 -29.21 54.72 10.12
CA HIS K 20 -30.42 54.12 9.58
C HIS K 20 -30.09 52.88 8.77
N MET K 21 -31.03 51.94 8.74
CA MET K 21 -31.03 51.00 7.63
C MET K 21 -32.46 50.51 7.41
N LYS K 22 -32.72 50.12 6.17
CA LYS K 22 -33.95 49.43 5.82
C LYS K 22 -33.78 47.93 6.10
N ALA K 23 -34.91 47.23 6.27
CA ALA K 23 -34.92 45.79 6.44
C ALA K 23 -36.30 45.27 6.09
N VAL K 24 -36.35 44.13 5.41
CA VAL K 24 -37.64 43.48 5.18
C VAL K 24 -37.98 42.75 6.47
N GLN K 25 -39.22 42.88 6.96
CA GLN K 25 -39.55 42.41 8.29
C GLN K 25 -40.97 41.88 8.37
N TYR K 26 -41.15 40.77 9.09
CA TYR K 26 -42.47 40.26 9.35
C TYR K 26 -42.85 40.82 10.72
N THR K 27 -43.90 41.65 10.72
CA THR K 27 -44.15 42.50 11.87
C THR K 27 -45.43 42.09 12.60
N GLU K 28 -46.30 41.36 11.90
CA GLU K 28 -47.58 40.94 12.48
C GLU K 28 -47.98 39.63 11.82
N ILE K 29 -48.60 38.74 12.62
CA ILE K 29 -48.96 37.39 12.18
C ILE K 29 -50.03 37.46 11.09
N GLY K 30 -49.87 36.68 10.03
CA GLY K 30 -50.81 36.71 8.93
C GLY K 30 -50.50 37.83 7.94
N SER K 31 -49.63 38.77 8.33
CA SER K 31 -49.37 39.95 7.51
C SER K 31 -48.46 39.61 6.34
N GLU K 32 -48.10 40.65 5.58
CA GLU K 32 -47.07 40.53 4.58
C GLU K 32 -45.81 41.21 5.11
N PRO K 33 -44.64 40.92 4.50
CA PRO K 33 -43.40 41.61 4.85
C PRO K 33 -43.47 43.05 4.36
N VAL K 34 -42.65 43.91 4.97
CA VAL K 34 -42.67 45.34 4.71
C VAL K 34 -41.22 45.81 4.80
N VAL K 35 -40.84 46.77 3.94
CA VAL K 35 -39.58 47.50 4.08
C VAL K 35 -39.75 48.56 5.18
N VAL K 36 -38.87 48.47 6.20
CA VAL K 36 -39.03 49.17 7.46
C VAL K 36 -37.69 49.78 7.82
N ASP K 37 -37.77 50.82 8.65
CA ASP K 37 -36.59 51.53 9.13
C ASP K 37 -36.29 51.11 10.57
N ILE K 38 -35.02 50.76 10.79
CA ILE K 38 -34.60 50.30 12.11
C ILE K 38 -33.14 50.68 12.33
N PRO K 39 -32.70 50.72 13.62
CA PRO K 39 -31.34 51.16 13.96
C PRO K 39 -30.32 50.26 13.25
N THR K 40 -29.23 50.83 12.75
CA THR K 40 -28.16 49.99 12.23
C THR K 40 -27.46 49.37 13.42
N PRO K 41 -27.25 48.04 13.48
CA PRO K 41 -26.77 47.40 14.71
C PRO K 41 -25.25 47.56 14.81
N THR K 42 -24.71 47.54 16.04
CA THR K 42 -23.26 47.58 16.22
C THR K 42 -22.73 46.25 16.78
N PRO K 43 -21.55 45.79 16.31
CA PRO K 43 -21.04 44.49 16.75
C PRO K 43 -20.56 44.61 18.20
N GLY K 44 -21.13 43.75 19.06
CA GLY K 44 -20.62 43.54 20.42
C GLY K 44 -19.31 42.75 20.40
N PRO K 45 -18.79 42.36 21.58
CA PRO K 45 -17.57 41.53 21.62
C PRO K 45 -17.89 40.13 21.10
N GLY K 46 -17.08 39.67 20.14
CA GLY K 46 -17.25 38.36 19.52
C GLY K 46 -18.16 38.38 18.31
N GLU K 47 -18.83 39.52 18.03
CA GLU K 47 -19.76 39.61 16.92
C GLU K 47 -19.06 40.19 15.69
N ILE K 48 -19.64 39.95 14.51
CA ILE K 48 -19.18 40.61 13.28
C ILE K 48 -20.35 41.33 12.63
N LEU K 49 -20.05 42.51 12.06
CA LEU K 49 -21.02 43.29 11.31
C LEU K 49 -20.70 43.19 9.82
N LEU K 50 -21.76 42.92 9.03
CA LEU K 50 -21.63 42.65 7.61
C LEU K 50 -22.44 43.68 6.84
N LYS K 51 -21.85 44.15 5.73
CA LYS K 51 -22.60 44.80 4.67
C LYS K 51 -23.12 43.69 3.76
N VAL K 52 -24.44 43.48 3.78
CA VAL K 52 -25.10 42.43 3.02
C VAL K 52 -24.92 42.66 1.51
N THR K 53 -24.32 41.66 0.82
CA THR K 53 -24.16 41.65 -0.65
C THR K 53 -25.27 40.84 -1.33
N ALA K 54 -25.94 39.92 -0.60
CA ALA K 54 -27.08 39.18 -1.14
C ALA K 54 -27.83 38.46 -0.03
N ALA K 55 -29.13 38.22 -0.26
CA ALA K 55 -30.05 37.72 0.76
C ALA K 55 -31.12 36.86 0.10
N GLY K 56 -30.82 35.57 -0.12
CA GLY K 56 -31.74 34.72 -0.86
C GLY K 56 -33.04 34.55 -0.09
N LEU K 57 -34.11 34.25 -0.86
CA LEU K 57 -35.43 33.96 -0.34
C LEU K 57 -35.99 32.65 -0.90
N CYS K 58 -36.45 31.80 0.02
CA CYS K 58 -36.94 30.46 -0.33
C CYS K 58 -38.33 30.26 0.26
N HIS K 59 -38.90 29.10 -0.05
CA HIS K 59 -40.29 28.84 0.24
C HIS K 59 -40.51 28.73 1.75
N SER K 60 -39.48 28.28 2.49
CA SER K 60 -39.62 28.07 3.93
C SER K 60 -39.85 29.39 4.66
N ASP K 61 -39.56 30.51 3.98
CA ASP K 61 -39.90 31.83 4.47
C ASP K 61 -41.43 31.96 4.47
N ILE K 62 -42.04 31.49 3.38
CA ILE K 62 -43.50 31.47 3.28
C ILE K 62 -44.09 30.51 4.32
N PHE K 63 -43.33 29.45 4.67
CA PHE K 63 -43.86 28.49 5.62
C PHE K 63 -44.11 29.11 6.99
N VAL K 64 -43.12 29.91 7.48
CA VAL K 64 -43.16 30.47 8.82
C VAL K 64 -44.20 31.61 8.89
N MET K 65 -44.34 32.33 7.77
CA MET K 65 -45.31 33.40 7.66
C MET K 65 -46.74 32.85 7.63
N ASP K 66 -46.88 31.58 7.24
CA ASP K 66 -48.19 30.94 7.21
C ASP K 66 -48.57 30.32 8.55
N MET K 67 -47.67 30.30 9.53
CA MET K 67 -48.02 29.74 10.83
C MET K 67 -49.06 30.65 11.49
N PRO K 68 -50.17 30.10 12.04
CA PRO K 68 -51.27 30.93 12.55
C PRO K 68 -50.90 31.57 13.87
N ALA K 69 -51.76 32.52 14.29
CA ALA K 69 -51.58 33.26 15.53
C ALA K 69 -51.79 32.32 16.70
N ALA K 70 -52.77 31.42 16.54
CA ALA K 70 -53.16 30.42 17.53
C ALA K 70 -51.92 29.81 18.21
N GLN K 71 -51.03 29.22 17.40
CA GLN K 71 -49.73 28.74 17.86
C GLN K 71 -48.72 29.84 17.58
N TYR K 72 -48.50 30.71 18.57
CA TYR K 72 -47.55 31.80 18.50
C TYR K 72 -47.23 32.31 19.90
N ALA K 73 -45.93 32.44 20.23
CA ALA K 73 -45.51 32.85 21.55
C ALA K 73 -44.84 34.22 21.53
N TYR K 74 -43.78 34.36 20.72
CA TYR K 74 -42.93 35.54 20.60
C TYR K 74 -42.17 35.44 19.27
N GLY K 75 -41.38 36.48 18.94
CA GLY K 75 -40.57 36.42 17.73
C GLY K 75 -40.65 37.68 16.88
N LEU K 76 -41.74 38.45 17.02
CA LEU K 76 -41.96 39.62 16.19
C LEU K 76 -41.29 40.85 16.79
N PRO K 77 -40.70 41.78 15.99
CA PRO K 77 -40.62 41.65 14.52
C PRO K 77 -39.41 40.82 14.09
N LEU K 78 -39.34 40.45 12.80
CA LEU K 78 -38.25 39.60 12.32
C LEU K 78 -37.76 40.08 10.95
N THR K 79 -36.49 40.56 10.91
CA THR K 79 -35.78 40.70 9.65
C THR K 79 -35.68 39.32 9.01
N LEU K 80 -36.25 39.18 7.80
CA LEU K 80 -36.23 37.94 7.04
C LEU K 80 -34.85 37.68 6.43
N GLY K 81 -34.59 36.39 6.13
CA GLY K 81 -33.48 35.97 5.27
C GLY K 81 -32.47 35.09 6.00
N HIS K 82 -32.55 33.79 5.72
CA HIS K 82 -31.65 32.80 6.32
C HIS K 82 -30.54 32.39 5.36
N GLU K 83 -30.61 32.87 4.10
CA GLU K 83 -29.56 32.68 3.11
C GLU K 83 -28.87 34.02 2.88
N GLY K 84 -27.69 34.20 3.49
CA GLY K 84 -27.07 35.50 3.37
C GLY K 84 -25.58 35.44 3.05
N VAL K 85 -25.13 36.38 2.21
CA VAL K 85 -23.73 36.63 1.88
C VAL K 85 -23.49 38.11 2.19
N GLY K 86 -22.23 38.48 2.43
CA GLY K 86 -21.89 39.86 2.69
C GLY K 86 -20.38 40.11 2.74
N THR K 87 -20.02 41.34 3.10
CA THR K 87 -18.64 41.72 3.36
C THR K 87 -18.48 42.20 4.81
N VAL K 88 -17.35 41.86 5.42
CA VAL K 88 -17.11 42.27 6.79
C VAL K 88 -17.05 43.79 6.81
N ALA K 89 -17.98 44.39 7.56
CA ALA K 89 -18.08 45.84 7.72
C ALA K 89 -17.31 46.30 8.95
N GLU K 90 -17.62 45.75 10.12
CA GLU K 90 -16.89 46.11 11.32
C GLU K 90 -16.74 44.87 12.20
N LEU K 91 -15.55 44.73 12.78
CA LEU K 91 -15.20 43.62 13.66
C LEU K 91 -15.54 44.02 15.09
N GLY K 92 -16.19 43.11 15.83
CA GLY K 92 -16.38 43.29 17.26
C GLY K 92 -15.04 43.20 17.99
N GLU K 93 -15.06 43.34 19.31
CA GLU K 93 -13.81 43.38 20.03
C GLU K 93 -13.25 41.96 20.11
N GLY K 94 -11.93 41.81 19.95
CA GLY K 94 -11.30 40.52 20.18
C GLY K 94 -11.52 39.51 19.05
N VAL K 95 -12.22 39.94 17.99
CA VAL K 95 -12.50 39.05 16.87
C VAL K 95 -11.36 39.15 15.85
N THR K 96 -10.51 38.11 15.80
CA THR K 96 -9.52 37.98 14.74
C THR K 96 -9.92 36.85 13.78
N GLY K 97 -9.09 36.67 12.75
CA GLY K 97 -9.32 35.64 11.74
C GLY K 97 -10.29 36.09 10.63
N PHE K 98 -10.39 37.41 10.40
CA PHE K 98 -11.15 37.97 9.30
C PHE K 98 -10.77 39.43 9.07
N GLY K 99 -10.44 39.76 7.81
CA GLY K 99 -10.17 41.13 7.38
C GLY K 99 -11.45 41.91 7.10
N VAL K 100 -11.37 43.25 7.17
CA VAL K 100 -12.48 44.10 6.80
C VAL K 100 -12.61 44.04 5.28
N GLY K 101 -13.84 43.86 4.79
CA GLY K 101 -14.15 43.78 3.36
C GLY K 101 -14.07 42.37 2.79
N ASP K 102 -13.82 41.36 3.65
CA ASP K 102 -13.79 39.96 3.26
C ASP K 102 -15.19 39.52 2.81
N ALA K 103 -15.26 38.79 1.70
CA ALA K 103 -16.52 38.23 1.25
C ALA K 103 -16.80 36.91 1.96
N VAL K 104 -17.94 36.86 2.66
CA VAL K 104 -18.26 35.73 3.50
C VAL K 104 -19.75 35.41 3.36
N ALA K 105 -20.05 34.11 3.42
CA ALA K 105 -21.41 33.58 3.50
C ALA K 105 -21.68 33.17 4.94
N VAL K 106 -22.95 33.25 5.32
CA VAL K 106 -23.34 33.12 6.71
C VAL K 106 -23.92 31.73 6.91
N TYR K 107 -23.25 30.96 7.79
CA TYR K 107 -23.72 29.67 8.24
C TYR K 107 -25.06 29.82 8.96
N GLY K 108 -26.08 29.16 8.38
CA GLY K 108 -27.46 29.30 8.80
C GLY K 108 -27.70 28.77 10.22
N PRO K 109 -27.65 27.44 10.45
CA PRO K 109 -28.18 26.87 11.69
C PRO K 109 -27.28 26.99 12.91
N TRP K 110 -27.35 28.12 13.63
CA TRP K 110 -26.42 28.38 14.71
C TRP K 110 -26.64 27.40 15.85
N GLY K 111 -25.56 27.07 16.55
CA GLY K 111 -25.67 26.27 17.77
C GLY K 111 -24.80 26.78 18.93
N CYS K 112 -24.81 26.02 20.04
CA CYS K 112 -24.08 26.36 21.25
C CYS K 112 -22.56 26.41 21.06
N GLY K 113 -21.96 25.44 20.35
CA GLY K 113 -20.50 25.42 20.21
C GLY K 113 -19.81 24.56 21.27
N ALA K 114 -20.53 24.14 22.32
CA ALA K 114 -19.93 23.44 23.46
C ALA K 114 -20.49 22.02 23.64
N CYS K 115 -21.66 21.69 23.06
CA CYS K 115 -22.25 20.36 23.22
C CYS K 115 -21.52 19.37 22.33
N HIS K 116 -21.65 18.06 22.65
CA HIS K 116 -21.03 16.99 21.86
C HIS K 116 -21.29 17.20 20.36
N ALA K 117 -22.55 17.50 20.00
CA ALA K 117 -22.96 17.69 18.62
C ALA K 117 -22.13 18.77 17.92
N CYS K 118 -21.97 19.93 18.57
CA CYS K 118 -21.21 21.04 18.02
C CYS K 118 -19.71 20.73 18.00
N ALA K 119 -19.22 20.06 19.03
CA ALA K 119 -17.81 19.70 19.09
C ALA K 119 -17.45 18.70 18.00
N ARG K 120 -18.44 18.29 17.18
CA ARG K 120 -18.19 17.27 16.18
C ARG K 120 -18.23 17.85 14.76
N GLY K 121 -18.92 18.98 14.55
CA GLY K 121 -19.06 19.54 13.21
C GLY K 121 -20.52 19.87 12.95
N ARG K 122 -21.35 18.98 13.54
CA ARG K 122 -22.80 18.87 13.41
C ARG K 122 -23.54 19.89 14.28
N GLU K 123 -23.22 21.18 14.07
CA GLU K 123 -23.86 22.27 14.79
C GLU K 123 -25.36 22.31 14.48
N ASN K 124 -25.74 21.89 13.27
CA ASN K 124 -27.13 21.92 12.85
C ASN K 124 -27.95 20.97 13.70
N TYR K 125 -27.25 20.12 14.46
CA TYR K 125 -27.93 19.17 15.31
C TYR K 125 -27.56 19.40 16.76
N CYS K 126 -27.30 20.66 17.12
CA CYS K 126 -26.88 21.06 18.46
C CYS K 126 -27.99 20.72 19.44
N THR K 127 -27.62 20.20 20.61
CA THR K 127 -28.58 19.61 21.54
C THR K 127 -29.14 20.68 22.49
N ARG K 128 -28.60 21.90 22.41
CA ARG K 128 -28.83 22.91 23.43
C ARG K 128 -29.53 24.15 22.83
N ALA K 129 -29.48 24.30 21.50
CA ALA K 129 -29.83 25.56 20.87
C ALA K 129 -31.23 26.02 21.29
N ALA K 130 -32.18 25.06 21.32
CA ALA K 130 -33.59 25.32 21.63
C ALA K 130 -33.68 25.91 23.04
N ASP K 131 -32.96 25.32 23.99
CA ASP K 131 -32.95 25.72 25.40
C ASP K 131 -32.35 27.11 25.61
N LEU K 132 -31.32 27.48 24.83
CA LEU K 132 -30.67 28.76 25.03
C LEU K 132 -31.25 29.79 24.05
N GLY K 133 -32.31 29.40 23.32
CA GLY K 133 -32.99 30.27 22.36
C GLY K 133 -32.05 30.76 21.27
N ILE K 134 -31.11 29.90 20.87
CA ILE K 134 -30.28 30.19 19.71
C ILE K 134 -31.02 29.78 18.43
N THR K 135 -31.47 30.81 17.72
CA THR K 135 -32.23 30.69 16.48
C THR K 135 -31.36 31.10 15.30
N PRO K 136 -31.68 30.61 14.10
CA PRO K 136 -30.94 30.99 12.89
C PRO K 136 -31.34 32.39 12.43
N PRO K 137 -30.41 33.16 11.79
CA PRO K 137 -30.76 34.43 11.18
C PRO K 137 -31.93 34.20 10.22
N GLY K 138 -32.93 35.07 10.28
CA GLY K 138 -34.03 34.98 9.34
C GLY K 138 -35.14 34.07 9.85
N LEU K 139 -34.87 33.40 10.98
CA LEU K 139 -35.78 32.45 11.60
C LEU K 139 -35.71 32.57 13.12
N GLY K 140 -35.85 33.80 13.64
CA GLY K 140 -35.83 34.03 15.08
C GLY K 140 -34.75 35.01 15.47
N SER K 141 -33.76 35.22 14.59
CA SER K 141 -32.71 36.22 14.77
C SER K 141 -32.67 37.20 13.60
N PRO K 142 -32.19 38.45 13.80
CA PRO K 142 -31.98 39.38 12.69
C PRO K 142 -31.40 38.67 11.46
N GLY K 143 -32.14 38.71 10.33
CA GLY K 143 -31.78 38.07 9.08
C GLY K 143 -30.92 38.92 8.13
N SER K 144 -30.83 38.45 6.89
CA SER K 144 -29.85 38.96 5.94
C SER K 144 -30.51 39.98 5.01
N MET K 145 -31.84 40.03 4.99
CA MET K 145 -32.54 40.89 4.06
C MET K 145 -32.63 42.32 4.62
N ALA K 146 -31.47 42.99 4.60
CA ALA K 146 -31.24 44.26 5.25
C ALA K 146 -29.88 44.79 4.81
N GLU K 147 -29.62 46.10 5.02
CA GLU K 147 -28.37 46.70 4.58
C GLU K 147 -27.23 46.07 5.37
N TYR K 148 -27.47 45.87 6.67
CA TYR K 148 -26.45 45.43 7.60
C TYR K 148 -26.93 44.22 8.40
N MET K 149 -25.96 43.39 8.79
CA MET K 149 -26.29 42.15 9.46
C MET K 149 -25.28 41.91 10.56
N ILE K 150 -25.79 41.44 11.69
CA ILE K 150 -24.94 40.99 12.78
C ILE K 150 -24.87 39.47 12.71
N VAL K 151 -23.64 38.94 12.82
CA VAL K 151 -23.42 37.52 13.02
C VAL K 151 -22.74 37.30 14.37
N ASP K 152 -23.24 36.31 15.11
CA ASP K 152 -22.94 36.11 16.52
C ASP K 152 -21.48 35.70 16.72
N SER K 153 -20.97 34.87 15.82
CA SER K 153 -19.63 34.37 16.06
C SER K 153 -18.90 34.27 14.73
N ALA K 154 -17.56 34.31 14.81
CA ALA K 154 -16.68 34.14 13.67
C ALA K 154 -16.94 32.79 13.00
N ARG K 155 -17.15 31.79 13.86
CA ARG K 155 -17.27 30.42 13.40
C ARG K 155 -18.53 30.28 12.56
N HIS K 156 -19.31 31.35 12.42
CA HIS K 156 -20.50 31.31 11.58
C HIS K 156 -20.28 32.02 10.24
N LEU K 157 -19.03 32.29 9.85
CA LEU K 157 -18.75 32.92 8.57
C LEU K 157 -17.84 32.03 7.74
N VAL K 158 -18.18 31.81 6.46
CA VAL K 158 -17.35 31.00 5.59
C VAL K 158 -16.84 31.86 4.43
N PRO K 159 -15.51 32.02 4.27
CA PRO K 159 -14.92 32.76 3.14
C PRO K 159 -15.42 32.26 1.79
N ILE K 160 -15.77 33.17 0.86
CA ILE K 160 -16.22 32.79 -0.48
C ILE K 160 -15.28 33.32 -1.57
N GLY K 161 -14.14 33.91 -1.16
CA GLY K 161 -13.25 34.55 -2.10
C GLY K 161 -14.02 35.49 -3.02
N ASP K 162 -13.88 35.25 -4.33
CA ASP K 162 -14.46 36.14 -5.31
C ASP K 162 -15.66 35.48 -5.96
N LEU K 163 -16.24 34.48 -5.31
CA LEU K 163 -17.48 33.94 -5.86
C LEU K 163 -18.55 35.04 -5.88
N ASP K 164 -19.38 35.03 -6.93
CA ASP K 164 -20.41 36.05 -7.07
C ASP K 164 -21.38 35.91 -5.89
N PRO K 165 -21.51 36.95 -5.03
CA PRO K 165 -22.44 36.89 -3.91
C PRO K 165 -23.87 36.51 -4.27
N VAL K 166 -24.28 36.77 -5.51
CA VAL K 166 -25.64 36.43 -5.92
C VAL K 166 -25.71 34.93 -6.21
N ALA K 167 -24.58 34.35 -6.63
CA ALA K 167 -24.48 32.93 -6.86
C ALA K 167 -24.46 32.22 -5.50
N ALA K 168 -23.54 32.73 -4.63
CA ALA K 168 -23.29 32.24 -3.29
C ALA K 168 -24.60 32.10 -2.51
N ALA K 169 -25.52 33.05 -2.67
CA ALA K 169 -26.56 33.15 -1.65
C ALA K 169 -27.40 31.88 -1.56
N PRO K 170 -27.96 31.33 -2.66
CA PRO K 170 -28.80 30.12 -2.54
C PRO K 170 -28.02 28.88 -2.10
N LEU K 171 -26.69 28.99 -2.14
CA LEU K 171 -25.83 27.88 -1.74
C LEU K 171 -25.87 27.68 -0.23
N THR K 172 -26.33 28.66 0.53
CA THR K 172 -26.27 28.56 1.98
C THR K 172 -27.42 27.69 2.47
N ASP K 173 -28.30 27.30 1.55
CA ASP K 173 -29.48 26.51 1.88
C ASP K 173 -29.83 25.59 0.72
N ALA K 174 -30.01 26.17 -0.47
CA ALA K 174 -30.38 25.37 -1.62
C ALA K 174 -29.20 24.52 -2.05
N GLY K 175 -28.00 24.89 -1.57
CA GLY K 175 -26.80 24.09 -1.73
C GLY K 175 -26.56 23.19 -0.51
N LEU K 176 -26.44 23.80 0.67
CA LEU K 176 -26.12 23.12 1.91
C LEU K 176 -27.09 22.00 2.22
N THR K 177 -28.40 22.28 2.13
CA THR K 177 -29.45 21.36 2.56
C THR K 177 -29.42 20.03 1.82
N PRO K 178 -29.42 19.99 0.45
CA PRO K 178 -29.27 18.74 -0.29
C PRO K 178 -27.92 18.07 -0.05
N TYR K 179 -26.85 18.86 -0.06
CA TYR K 179 -25.50 18.32 0.10
C TYR K 179 -25.39 17.49 1.38
N HIS K 180 -25.99 17.97 2.47
CA HIS K 180 -26.04 17.27 3.75
C HIS K 180 -26.89 16.01 3.60
N ALA K 181 -28.05 16.14 2.96
CA ALA K 181 -28.96 15.02 2.86
C ALA K 181 -28.32 13.85 2.11
N ILE K 182 -27.40 14.18 1.19
CA ILE K 182 -26.74 13.23 0.31
C ILE K 182 -25.52 12.67 1.06
N SER K 183 -24.74 13.59 1.65
CA SER K 183 -23.58 13.27 2.47
C SER K 183 -23.88 12.21 3.52
N ARG K 184 -25.08 12.28 4.13
CA ARG K 184 -25.52 11.31 5.13
C ARG K 184 -25.46 9.88 4.61
N VAL K 185 -25.61 9.64 3.30
CA VAL K 185 -25.62 8.28 2.79
C VAL K 185 -24.73 8.16 1.55
N LEU K 186 -23.72 9.02 1.44
CA LEU K 186 -22.86 9.05 0.26
C LEU K 186 -22.13 7.71 0.02
N PRO K 187 -21.66 6.97 1.06
CA PRO K 187 -21.06 5.66 0.86
C PRO K 187 -21.95 4.62 0.18
N LEU K 188 -23.28 4.79 0.22
CA LEU K 188 -24.16 3.87 -0.49
C LEU K 188 -24.23 4.19 -1.97
N LEU K 189 -23.69 5.32 -2.41
CA LEU K 189 -23.99 5.80 -3.75
C LEU K 189 -22.78 5.62 -4.67
N GLY K 190 -22.18 4.42 -4.60
CA GLY K 190 -21.07 4.05 -5.47
C GLY K 190 -21.56 3.68 -6.87
N PRO K 191 -20.64 3.31 -7.78
CA PRO K 191 -21.01 2.89 -9.14
C PRO K 191 -22.11 1.83 -9.15
N GLY K 192 -23.13 2.04 -9.98
CA GLY K 192 -24.21 1.09 -10.06
C GLY K 192 -25.38 1.41 -9.12
N SER K 193 -25.27 2.47 -8.29
CA SER K 193 -26.36 2.87 -7.41
C SER K 193 -27.33 3.66 -8.24
N THR K 194 -28.58 3.78 -7.74
CA THR K 194 -29.51 4.74 -8.33
C THR K 194 -30.00 5.67 -7.23
N ALA K 195 -29.93 6.97 -7.53
CA ALA K 195 -30.47 7.99 -6.65
C ALA K 195 -31.62 8.68 -7.37
N VAL K 196 -32.75 8.75 -6.66
CA VAL K 196 -33.96 9.34 -7.19
C VAL K 196 -34.14 10.70 -6.55
N VAL K 197 -34.40 11.70 -7.39
CA VAL K 197 -34.64 13.05 -6.91
C VAL K 197 -36.08 13.42 -7.26
N ILE K 198 -36.95 13.51 -6.24
CA ILE K 198 -38.32 13.99 -6.42
C ILE K 198 -38.36 15.48 -6.08
N GLY K 199 -38.78 16.27 -7.07
CA GLY K 199 -38.69 17.72 -6.99
C GLY K 199 -37.41 18.18 -7.66
N VAL K 200 -37.55 18.91 -8.77
CA VAL K 200 -36.40 19.45 -9.45
C VAL K 200 -36.46 20.97 -9.35
N GLY K 201 -37.38 21.47 -8.52
CA GLY K 201 -37.66 22.89 -8.36
C GLY K 201 -36.39 23.70 -8.09
N GLY K 202 -36.03 23.83 -6.82
CA GLY K 202 -34.89 24.65 -6.45
C GLY K 202 -33.80 23.80 -5.81
N LEU K 203 -34.15 23.21 -4.66
CA LEU K 203 -33.24 22.35 -3.92
C LEU K 203 -32.86 21.16 -4.80
N GLY K 204 -33.89 20.46 -5.32
CA GLY K 204 -33.73 19.27 -6.16
C GLY K 204 -32.76 19.49 -7.33
N HIS K 205 -32.82 20.68 -7.94
CA HIS K 205 -31.93 21.05 -9.02
C HIS K 205 -30.47 20.90 -8.59
N VAL K 206 -30.14 21.44 -7.41
CA VAL K 206 -28.75 21.49 -6.98
C VAL K 206 -28.35 20.10 -6.51
N GLY K 207 -29.32 19.32 -6.01
CA GLY K 207 -29.10 17.93 -5.64
C GLY K 207 -28.54 17.09 -6.79
N ILE K 208 -29.26 17.06 -7.90
CA ILE K 208 -28.77 16.40 -9.11
C ILE K 208 -27.31 16.81 -9.34
N GLN K 209 -27.03 18.11 -9.31
CA GLN K 209 -25.70 18.54 -9.69
C GLN K 209 -24.68 17.99 -8.73
N ILE K 210 -25.03 18.00 -7.43
CA ILE K 210 -24.20 17.51 -6.34
C ILE K 210 -23.88 16.03 -6.54
N LEU K 211 -24.94 15.24 -6.78
CA LEU K 211 -24.85 13.81 -7.02
C LEU K 211 -23.90 13.54 -8.18
N ARG K 212 -24.00 14.33 -9.25
CA ARG K 212 -23.11 14.16 -10.38
C ARG K 212 -21.65 14.39 -9.98
N ALA K 213 -21.44 15.22 -8.96
CA ALA K 213 -20.10 15.73 -8.70
C ALA K 213 -19.38 14.89 -7.63
N VAL K 214 -20.14 14.41 -6.63
CA VAL K 214 -19.52 13.75 -5.49
C VAL K 214 -19.73 12.23 -5.53
N SER K 215 -20.52 11.73 -6.50
CA SER K 215 -20.82 10.31 -6.62
C SER K 215 -20.79 9.85 -8.08
N ALA K 216 -21.01 8.54 -8.29
CA ALA K 216 -21.07 8.03 -9.65
C ALA K 216 -22.41 7.36 -9.91
N ALA K 217 -23.36 7.53 -8.98
CA ALA K 217 -24.64 6.86 -9.06
C ALA K 217 -25.43 7.35 -10.27
N ARG K 218 -26.45 6.61 -10.67
CA ARG K 218 -27.37 7.03 -11.73
C ARG K 218 -28.46 7.90 -11.11
N VAL K 219 -28.85 8.98 -11.81
CA VAL K 219 -29.77 9.97 -11.26
C VAL K 219 -31.10 9.93 -12.00
N ILE K 220 -32.20 9.65 -11.29
CA ILE K 220 -33.50 9.64 -11.92
C ILE K 220 -34.32 10.82 -11.37
N ALA K 221 -34.70 11.74 -12.27
CA ALA K 221 -35.45 12.93 -11.88
C ALA K 221 -36.96 12.64 -11.89
N VAL K 222 -37.67 13.22 -10.91
CA VAL K 222 -39.12 13.14 -10.87
C VAL K 222 -39.66 14.53 -10.58
N ASP K 223 -40.70 14.95 -11.31
CA ASP K 223 -41.36 16.24 -11.09
C ASP K 223 -42.76 16.24 -11.68
N LEU K 224 -43.51 17.33 -11.45
CA LEU K 224 -44.82 17.51 -12.04
C LEU K 224 -44.72 18.23 -13.38
N ASP K 225 -43.69 19.06 -13.55
CA ASP K 225 -43.59 19.93 -14.71
C ASP K 225 -42.56 19.36 -15.69
N ASP K 226 -42.92 19.28 -16.98
CA ASP K 226 -42.09 18.61 -17.98
C ASP K 226 -40.90 19.47 -18.40
N ASP K 227 -40.98 20.78 -18.16
CA ASP K 227 -39.92 21.70 -18.56
C ASP K 227 -38.79 21.68 -17.54
N ARG K 228 -39.19 21.53 -16.27
CA ARG K 228 -38.25 21.31 -15.18
C ARG K 228 -37.51 19.98 -15.36
N LEU K 229 -38.22 18.97 -15.90
CA LEU K 229 -37.65 17.64 -16.14
C LEU K 229 -36.54 17.71 -17.19
N ALA K 230 -36.77 18.51 -18.23
CA ALA K 230 -35.86 18.58 -19.37
C ALA K 230 -34.58 19.30 -18.95
N LEU K 231 -34.69 20.17 -17.93
CA LEU K 231 -33.54 20.91 -17.41
C LEU K 231 -32.83 20.08 -16.35
N ALA K 232 -33.57 19.16 -15.71
CA ALA K 232 -32.97 18.18 -14.84
C ALA K 232 -32.03 17.26 -15.63
N ARG K 233 -32.40 16.98 -16.89
CA ARG K 233 -31.58 16.21 -17.82
C ARG K 233 -30.31 17.00 -18.17
N GLU K 234 -30.44 18.33 -18.25
CA GLU K 234 -29.35 19.17 -18.71
C GLU K 234 -28.22 19.17 -17.69
N VAL K 235 -28.59 19.08 -16.40
CA VAL K 235 -27.68 19.28 -15.27
C VAL K 235 -27.14 17.93 -14.80
N GLY K 236 -27.78 16.83 -15.24
CA GLY K 236 -27.11 15.55 -15.23
C GLY K 236 -28.01 14.35 -14.93
N ALA K 237 -29.32 14.54 -14.88
CA ALA K 237 -30.21 13.41 -14.65
C ALA K 237 -30.26 12.47 -15.87
N ASP K 238 -30.20 11.16 -15.58
CA ASP K 238 -29.99 10.13 -16.60
C ASP K 238 -31.35 9.65 -17.09
N ALA K 239 -32.42 10.17 -16.49
CA ALA K 239 -33.80 9.79 -16.76
C ALA K 239 -34.75 10.77 -16.09
N ALA K 240 -35.95 10.91 -16.69
CA ALA K 240 -37.02 11.76 -16.17
C ALA K 240 -38.28 10.92 -15.99
N VAL K 241 -38.95 11.06 -14.84
CA VAL K 241 -40.26 10.46 -14.65
C VAL K 241 -41.25 11.54 -14.21
N LYS K 242 -42.52 11.34 -14.58
CA LYS K 242 -43.53 12.32 -14.21
C LYS K 242 -44.08 11.90 -12.85
N SER K 243 -44.12 12.85 -11.92
CA SER K 243 -44.64 12.63 -10.58
C SER K 243 -46.13 12.32 -10.65
N GLY K 244 -46.58 11.32 -9.88
CA GLY K 244 -47.98 10.95 -9.88
C GLY K 244 -48.19 9.53 -9.35
N ALA K 245 -49.39 8.99 -9.55
CA ALA K 245 -49.69 7.60 -9.23
C ALA K 245 -48.95 6.64 -10.16
N GLY K 246 -48.47 7.15 -11.31
CA GLY K 246 -47.75 6.35 -12.31
C GLY K 246 -46.23 6.35 -12.08
N ALA K 247 -45.75 7.19 -11.16
CA ALA K 247 -44.34 7.45 -10.97
C ALA K 247 -43.63 6.19 -10.46
N ALA K 248 -44.24 5.50 -9.50
CA ALA K 248 -43.56 4.39 -8.86
C ALA K 248 -43.20 3.29 -9.88
N ASP K 249 -44.18 2.84 -10.67
CA ASP K 249 -43.98 1.69 -11.55
C ASP K 249 -42.99 2.07 -12.65
N ALA K 250 -43.06 3.32 -13.08
CA ALA K 250 -42.16 3.86 -14.09
C ALA K 250 -40.72 3.87 -13.58
N ILE K 251 -40.53 4.14 -12.28
CA ILE K 251 -39.19 4.17 -11.69
C ILE K 251 -38.66 2.75 -11.65
N ARG K 252 -39.52 1.81 -11.23
CA ARG K 252 -39.19 0.39 -11.21
C ARG K 252 -38.84 -0.12 -12.60
N GLU K 253 -39.61 0.28 -13.61
CA GLU K 253 -39.29 -0.02 -15.00
C GLU K 253 -37.86 0.43 -15.32
N LEU K 254 -37.48 1.63 -14.88
CA LEU K 254 -36.16 2.16 -15.18
C LEU K 254 -35.07 1.33 -14.52
N THR K 255 -35.37 0.74 -13.36
CA THR K 255 -34.33 0.11 -12.53
C THR K 255 -34.38 -1.40 -12.66
N GLY K 256 -35.03 -1.90 -13.73
CA GLY K 256 -35.26 -3.32 -13.94
C GLY K 256 -35.89 -3.99 -12.71
N GLY K 257 -36.57 -3.20 -11.86
CA GLY K 257 -37.29 -3.68 -10.69
C GLY K 257 -36.35 -4.01 -9.54
N GLN K 258 -35.16 -3.39 -9.51
CA GLN K 258 -34.19 -3.60 -8.45
C GLN K 258 -34.46 -2.62 -7.30
N GLY K 259 -35.04 -1.45 -7.60
CA GLY K 259 -35.24 -0.46 -6.57
C GLY K 259 -34.11 0.58 -6.52
N ALA K 260 -34.38 1.70 -5.85
CA ALA K 260 -33.43 2.80 -5.86
C ALA K 260 -32.66 2.77 -4.54
N THR K 261 -31.33 2.94 -4.62
CA THR K 261 -30.50 2.93 -3.43
C THR K 261 -31.01 3.99 -2.45
N ALA K 262 -31.17 5.22 -2.94
CA ALA K 262 -31.70 6.29 -2.11
C ALA K 262 -32.74 7.11 -2.89
N VAL K 263 -33.73 7.63 -2.16
CA VAL K 263 -34.74 8.52 -2.70
C VAL K 263 -34.69 9.84 -1.95
N PHE K 264 -34.39 10.92 -2.68
CA PHE K 264 -34.33 12.23 -2.05
C PHE K 264 -35.61 13.02 -2.37
N ASP K 265 -36.52 13.08 -1.41
CA ASP K 265 -37.81 13.67 -1.67
C ASP K 265 -37.76 15.13 -1.24
N PHE K 266 -37.60 16.02 -2.22
CA PHE K 266 -37.45 17.45 -1.94
C PHE K 266 -38.82 18.11 -1.93
N VAL K 267 -39.85 17.34 -2.28
CA VAL K 267 -41.21 17.84 -2.23
C VAL K 267 -41.77 17.67 -0.82
N GLY K 268 -41.71 16.45 -0.27
CA GLY K 268 -42.09 16.25 1.12
C GLY K 268 -43.59 16.05 1.31
N ALA K 269 -44.31 15.90 0.19
CA ALA K 269 -45.75 15.66 0.21
C ALA K 269 -46.04 14.17 0.39
N GLN K 270 -47.22 13.86 0.95
CA GLN K 270 -47.58 12.50 1.29
C GLN K 270 -47.52 11.61 0.06
N SER K 271 -47.91 12.14 -1.10
CA SER K 271 -47.89 11.34 -2.32
C SER K 271 -46.44 11.06 -2.74
N THR K 272 -45.55 12.04 -2.53
CA THR K 272 -44.15 11.88 -2.89
C THR K 272 -43.48 10.84 -1.98
N ILE K 273 -43.70 10.95 -0.65
CA ILE K 273 -43.21 9.99 0.33
C ILE K 273 -43.74 8.58 -0.02
N ASP K 274 -45.05 8.47 -0.27
CA ASP K 274 -45.64 7.20 -0.67
C ASP K 274 -44.92 6.63 -1.90
N THR K 275 -44.71 7.46 -2.94
CA THR K 275 -43.92 7.09 -4.11
C THR K 275 -42.56 6.53 -3.66
N ALA K 276 -41.95 7.19 -2.66
CA ALA K 276 -40.59 6.85 -2.26
C ALA K 276 -40.54 5.49 -1.58
N GLN K 277 -41.55 5.20 -0.75
CA GLN K 277 -41.59 3.94 -0.04
C GLN K 277 -41.72 2.78 -1.02
N GLN K 278 -42.23 3.03 -2.23
CA GLN K 278 -42.43 1.95 -3.17
C GLN K 278 -41.15 1.65 -3.95
N VAL K 279 -40.39 2.70 -4.32
CA VAL K 279 -39.26 2.54 -5.23
C VAL K 279 -37.95 2.32 -4.48
N VAL K 280 -37.95 2.49 -3.15
CA VAL K 280 -36.72 2.43 -2.37
C VAL K 280 -36.31 0.96 -2.26
N ALA K 281 -34.98 0.73 -2.30
CA ALA K 281 -34.38 -0.60 -2.34
C ALA K 281 -34.18 -1.11 -0.93
N VAL K 282 -34.01 -2.43 -0.80
CA VAL K 282 -33.69 -3.03 0.48
C VAL K 282 -32.34 -2.47 0.94
N ASP K 283 -32.30 -2.07 2.20
CA ASP K 283 -31.11 -1.45 2.76
C ASP K 283 -30.89 -0.09 2.12
N GLY K 284 -31.95 0.49 1.56
CA GLY K 284 -31.88 1.80 0.95
C GLY K 284 -32.05 2.90 1.99
N HIS K 285 -32.35 4.12 1.51
CA HIS K 285 -32.48 5.31 2.34
C HIS K 285 -33.49 6.26 1.71
N ILE K 286 -34.37 6.83 2.55
CA ILE K 286 -35.23 7.92 2.10
C ILE K 286 -34.91 9.19 2.90
N SER K 287 -34.63 10.29 2.16
CA SER K 287 -34.45 11.61 2.75
C SER K 287 -35.67 12.50 2.44
N VAL K 288 -36.55 12.69 3.43
CA VAL K 288 -37.68 13.60 3.33
C VAL K 288 -37.17 15.02 3.59
N VAL K 289 -36.93 15.80 2.54
CA VAL K 289 -36.23 17.06 2.71
C VAL K 289 -37.21 18.23 2.66
N GLY K 290 -38.26 18.11 1.85
CA GLY K 290 -39.28 19.15 1.78
C GLY K 290 -40.34 19.00 2.87
N ILE K 291 -40.98 20.13 3.20
CA ILE K 291 -41.97 20.16 4.26
C ILE K 291 -43.37 20.37 3.69
N HIS K 292 -44.29 19.49 4.09
CA HIS K 292 -45.72 19.66 3.89
C HIS K 292 -46.43 19.26 5.18
N ALA K 293 -46.85 20.27 5.96
CA ALA K 293 -47.30 20.04 7.32
C ALA K 293 -48.07 18.72 7.43
N GLY K 294 -47.48 17.72 8.09
CA GLY K 294 -48.26 16.52 8.35
C GLY K 294 -47.75 15.30 7.58
N ALA K 295 -47.32 15.50 6.33
CA ALA K 295 -46.74 14.41 5.54
C ALA K 295 -45.64 13.71 6.33
N HIS K 296 -45.69 12.37 6.32
CA HIS K 296 -44.77 11.54 7.09
C HIS K 296 -44.69 10.16 6.43
N ALA K 297 -43.47 9.62 6.35
CA ALA K 297 -43.26 8.22 6.00
C ALA K 297 -43.82 7.34 7.12
N LYS K 298 -44.24 6.13 6.72
CA LYS K 298 -44.73 5.12 7.64
C LYS K 298 -43.71 3.99 7.65
N VAL K 299 -42.76 4.07 8.61
CA VAL K 299 -41.68 3.11 8.75
C VAL K 299 -42.11 2.00 9.70
N GLY K 300 -42.54 0.88 9.13
CA GLY K 300 -42.91 -0.29 9.90
C GLY K 300 -42.93 -1.52 9.00
N PHE K 301 -43.03 -2.70 9.63
CA PHE K 301 -42.78 -3.94 8.90
C PHE K 301 -43.74 -4.08 7.72
N PHE K 302 -43.18 -4.42 6.56
CA PHE K 302 -43.97 -4.67 5.37
C PHE K 302 -44.59 -3.39 4.81
N MET K 303 -44.33 -2.23 5.40
CA MET K 303 -44.78 -0.98 4.78
C MET K 303 -43.62 -0.29 4.06
N ILE K 304 -42.43 -0.89 4.15
CA ILE K 304 -41.19 -0.35 3.62
C ILE K 304 -40.18 -1.49 3.62
N PRO K 305 -39.33 -1.62 2.58
CA PRO K 305 -38.28 -2.64 2.56
C PRO K 305 -37.43 -2.71 3.82
N PHE K 306 -36.96 -3.93 4.13
CA PHE K 306 -36.14 -4.17 5.31
C PHE K 306 -34.84 -3.38 5.13
N GLY K 307 -34.41 -2.69 6.17
CA GLY K 307 -33.12 -2.01 6.14
C GLY K 307 -33.20 -0.64 5.48
N ALA K 308 -34.36 -0.28 4.91
CA ALA K 308 -34.56 1.06 4.37
C ALA K 308 -34.82 2.05 5.51
N SER K 309 -33.90 3.01 5.65
CA SER K 309 -33.98 3.94 6.76
C SER K 309 -34.48 5.30 6.28
N VAL K 310 -35.27 5.98 7.13
CA VAL K 310 -35.82 7.27 6.77
C VAL K 310 -35.38 8.33 7.80
N VAL K 311 -35.17 9.56 7.32
CA VAL K 311 -34.74 10.68 8.12
C VAL K 311 -35.33 11.96 7.55
N THR K 312 -35.53 12.96 8.41
CA THR K 312 -35.81 14.31 7.95
C THR K 312 -34.57 15.12 8.26
N PRO K 313 -33.63 15.32 7.31
CA PRO K 313 -32.38 16.05 7.61
C PRO K 313 -32.69 17.50 7.96
N TYR K 314 -31.83 18.12 8.76
CA TYR K 314 -32.01 19.54 8.97
C TYR K 314 -30.78 20.28 8.46
N TRP K 315 -30.93 21.00 7.35
CA TRP K 315 -29.92 21.94 6.85
C TRP K 315 -28.59 21.21 6.68
N GLY K 316 -27.50 21.76 7.24
CA GLY K 316 -26.18 21.16 7.03
C GLY K 316 -25.12 21.65 8.01
N THR K 317 -23.90 21.13 7.87
CA THR K 317 -22.80 21.42 8.80
C THR K 317 -21.86 22.46 8.21
N ARG K 318 -20.99 23.04 9.05
CA ARG K 318 -20.07 24.07 8.59
C ARG K 318 -19.15 23.48 7.53
N SER K 319 -18.67 22.25 7.77
CA SER K 319 -17.72 21.60 6.89
C SER K 319 -18.37 21.37 5.53
N GLU K 320 -19.63 20.92 5.55
CA GLU K 320 -20.42 20.73 4.35
C GLU K 320 -20.53 22.04 3.57
N LEU K 321 -21.00 23.12 4.22
CA LEU K 321 -21.06 24.41 3.58
C LEU K 321 -19.72 24.80 2.94
N MET K 322 -18.61 24.48 3.59
CA MET K 322 -17.33 24.82 3.00
C MET K 322 -17.17 24.07 1.69
N GLU K 323 -17.65 22.82 1.69
CA GLU K 323 -17.51 21.92 0.55
C GLU K 323 -18.42 22.42 -0.56
N VAL K 324 -19.65 22.81 -0.20
CA VAL K 324 -20.62 23.37 -1.13
C VAL K 324 -20.02 24.58 -1.83
N VAL K 325 -19.24 25.38 -1.09
CA VAL K 325 -18.54 26.53 -1.64
C VAL K 325 -17.50 26.07 -2.67
N ALA K 326 -16.69 25.09 -2.28
CA ALA K 326 -15.66 24.58 -3.16
C ALA K 326 -16.27 24.15 -4.50
N LEU K 327 -17.41 23.45 -4.44
CA LEU K 327 -18.01 22.97 -5.67
C LEU K 327 -18.24 24.16 -6.61
N ALA K 328 -18.99 25.17 -6.12
CA ALA K 328 -19.31 26.35 -6.92
C ALA K 328 -18.04 27.02 -7.44
N ARG K 329 -17.02 27.17 -6.59
CA ARG K 329 -15.79 27.84 -7.01
C ARG K 329 -15.10 27.05 -8.11
N ALA K 330 -15.43 25.76 -8.21
CA ALA K 330 -14.77 24.89 -9.18
C ALA K 330 -15.67 24.67 -10.39
N GLY K 331 -16.85 25.32 -10.38
CA GLY K 331 -17.68 25.40 -11.57
C GLY K 331 -18.78 24.34 -11.61
N ARG K 332 -18.93 23.56 -10.52
CA ARG K 332 -19.77 22.36 -10.54
C ARG K 332 -21.19 22.62 -10.02
N LEU K 333 -21.49 23.85 -9.61
CA LEU K 333 -22.83 24.17 -9.15
C LEU K 333 -23.25 25.48 -9.82
N ASP K 334 -24.40 25.45 -10.51
CA ASP K 334 -24.90 26.60 -11.25
C ASP K 334 -26.40 26.65 -11.05
N ILE K 335 -26.83 27.46 -10.08
CA ILE K 335 -28.25 27.69 -9.86
C ILE K 335 -28.66 29.00 -10.53
N HIS K 336 -29.86 29.01 -11.14
CA HIS K 336 -30.30 30.21 -11.84
C HIS K 336 -30.81 31.25 -10.83
N THR K 337 -30.23 32.45 -10.91
CA THR K 337 -30.58 33.56 -10.02
C THR K 337 -31.60 34.46 -10.73
N GLU K 338 -32.47 35.07 -9.93
CA GLU K 338 -33.21 36.26 -10.32
C GLU K 338 -33.15 37.28 -9.18
N THR K 339 -32.40 38.37 -9.41
CA THR K 339 -32.11 39.37 -8.40
C THR K 339 -33.26 40.40 -8.34
N PHE K 340 -33.58 40.83 -7.11
CA PHE K 340 -34.48 41.94 -6.83
C PHE K 340 -33.71 42.97 -6.02
N THR K 341 -34.42 44.00 -5.57
CA THR K 341 -33.81 45.07 -4.81
C THR K 341 -34.46 45.11 -3.43
N LEU K 342 -33.74 45.73 -2.47
CA LEU K 342 -34.11 45.69 -1.06
C LEU K 342 -35.53 46.20 -0.87
N ASP K 343 -35.88 47.29 -1.57
CA ASP K 343 -37.24 47.81 -1.60
C ASP K 343 -38.22 46.78 -2.16
N GLU K 344 -37.74 45.91 -3.05
CA GLU K 344 -38.60 44.97 -3.76
C GLU K 344 -38.82 43.71 -2.93
N GLY K 345 -38.28 43.68 -1.71
CA GLY K 345 -38.39 42.50 -0.87
C GLY K 345 -39.81 41.95 -0.88
N PRO K 346 -40.79 42.71 -0.35
CA PRO K 346 -42.16 42.23 -0.26
C PRO K 346 -42.70 41.82 -1.63
N ALA K 347 -42.23 42.50 -2.68
CA ALA K 347 -42.71 42.23 -4.03
C ALA K 347 -42.33 40.79 -4.41
N ALA K 348 -41.05 40.46 -4.14
CA ALA K 348 -40.48 39.15 -4.43
C ALA K 348 -41.22 38.04 -3.67
N TYR K 349 -41.51 38.29 -2.38
CA TYR K 349 -42.22 37.31 -1.57
C TYR K 349 -43.61 37.03 -2.13
N ARG K 350 -44.21 38.03 -2.79
CA ARG K 350 -45.49 37.85 -3.46
C ARG K 350 -45.28 37.02 -4.72
N ARG K 351 -44.20 37.29 -5.44
CA ARG K 351 -43.82 36.58 -6.66
C ARG K 351 -43.45 35.13 -6.34
N LEU K 352 -42.77 34.93 -5.20
CA LEU K 352 -42.42 33.59 -4.73
C LEU K 352 -43.68 32.77 -4.44
N ARG K 353 -44.74 33.42 -3.93
CA ARG K 353 -45.97 32.71 -3.60
C ARG K 353 -46.59 32.05 -4.83
N GLU K 354 -46.56 32.74 -5.99
CA GLU K 354 -47.30 32.30 -7.17
C GLU K 354 -46.39 31.47 -8.09
N GLY K 355 -45.38 30.82 -7.49
CA GLY K 355 -44.43 29.95 -8.17
C GLY K 355 -43.76 30.66 -9.34
N SER K 356 -43.67 31.99 -9.20
CA SER K 356 -43.58 32.93 -10.31
C SER K 356 -42.13 33.41 -10.46
N ILE K 357 -41.19 32.69 -9.83
CA ILE K 357 -39.78 33.05 -9.91
C ILE K 357 -39.02 31.85 -10.46
N ARG K 358 -38.14 32.08 -11.45
CA ARG K 358 -37.28 31.03 -11.97
C ARG K 358 -36.08 30.82 -11.05
N GLY K 359 -35.97 29.60 -10.52
CA GLY K 359 -34.90 29.24 -9.60
C GLY K 359 -35.06 29.92 -8.25
N ARG K 360 -33.97 30.54 -7.80
CA ARG K 360 -33.91 31.19 -6.49
C ARG K 360 -33.87 32.70 -6.67
N GLY K 361 -34.77 33.40 -5.96
CA GLY K 361 -34.74 34.83 -5.83
C GLY K 361 -33.68 35.31 -4.81
N VAL K 362 -32.91 36.31 -5.22
CA VAL K 362 -31.95 36.93 -4.33
C VAL K 362 -32.29 38.42 -4.26
N VAL K 363 -32.32 38.98 -3.05
CA VAL K 363 -32.40 40.42 -2.84
C VAL K 363 -30.97 40.95 -2.72
N VAL K 364 -30.75 42.20 -3.12
CA VAL K 364 -29.41 42.77 -3.16
C VAL K 364 -29.53 44.25 -2.83
N PRO K 365 -29.20 44.66 -1.58
CA PRO K 365 -29.00 46.08 -1.27
C PRO K 365 -27.81 46.64 -2.03
N ARG L 17 6.67 60.72 13.86
CA ARG L 17 5.52 60.35 12.97
C ARG L 17 4.92 61.62 12.39
N GLY L 18 3.94 62.22 13.09
CA GLY L 18 3.42 63.55 12.78
C GLY L 18 2.36 63.52 11.68
N SER L 19 1.22 64.17 11.93
CA SER L 19 0.09 64.16 11.02
C SER L 19 -0.10 65.52 10.37
N HIS L 20 0.71 66.49 10.83
CA HIS L 20 0.66 67.85 10.35
C HIS L 20 2.09 68.28 10.04
N MET L 21 2.26 69.13 9.02
CA MET L 21 3.57 69.67 8.71
C MET L 21 3.46 71.11 8.20
N LYS L 22 4.55 71.87 8.42
CA LYS L 22 4.64 73.22 7.88
C LYS L 22 5.16 73.17 6.43
N ALA L 23 4.63 74.07 5.60
CA ALA L 23 5.03 74.15 4.20
C ALA L 23 4.75 75.55 3.65
N VAL L 24 5.74 76.12 2.97
CA VAL L 24 5.57 77.41 2.31
C VAL L 24 4.86 77.19 0.96
N GLN L 25 3.80 77.95 0.71
CA GLN L 25 2.96 77.69 -0.44
C GLN L 25 2.60 79.00 -1.12
N TYR L 26 2.69 79.02 -2.45
CA TYR L 26 2.12 80.10 -3.23
C TYR L 26 0.62 79.84 -3.31
N THR L 27 -0.18 80.73 -2.70
CA THR L 27 -1.58 80.45 -2.42
C THR L 27 -2.51 81.31 -3.28
N GLU L 28 -2.07 82.53 -3.65
CA GLU L 28 -2.90 83.46 -4.39
C GLU L 28 -2.04 84.13 -5.46
N ILE L 29 -2.60 84.32 -6.67
CA ILE L 29 -1.87 84.98 -7.73
C ILE L 29 -1.56 86.42 -7.34
N GLY L 30 -0.35 86.89 -7.68
CA GLY L 30 0.09 88.26 -7.47
C GLY L 30 0.44 88.57 -6.00
N SER L 31 0.38 87.55 -5.14
CA SER L 31 0.61 87.73 -3.71
C SER L 31 1.93 87.08 -3.31
N GLU L 32 2.46 87.48 -2.15
CA GLU L 32 3.65 86.86 -1.58
C GLU L 32 3.29 85.46 -1.10
N PRO L 33 4.31 84.57 -0.89
CA PRO L 33 4.06 83.23 -0.36
C PRO L 33 3.83 83.27 1.14
N VAL L 34 3.03 82.30 1.63
CA VAL L 34 2.55 82.23 3.01
C VAL L 34 3.01 80.89 3.60
N VAL L 35 3.27 80.85 4.92
CA VAL L 35 3.50 79.62 5.68
C VAL L 35 2.15 79.04 6.10
N VAL L 36 1.98 77.71 5.99
CA VAL L 36 0.72 77.04 6.24
C VAL L 36 0.99 75.74 7.00
N ASP L 37 -0.03 75.23 7.70
CA ASP L 37 0.04 73.91 8.30
C ASP L 37 -0.90 72.99 7.52
N ILE L 38 -0.34 71.87 7.02
CA ILE L 38 -1.07 70.94 6.17
C ILE L 38 -0.70 69.49 6.54
N PRO L 39 -1.51 68.52 6.03
CA PRO L 39 -1.34 67.10 6.35
C PRO L 39 -0.01 66.55 5.83
N THR L 40 0.73 65.81 6.67
CA THR L 40 1.83 65.02 6.17
C THR L 40 1.24 64.03 5.16
N PRO L 41 1.81 63.88 3.94
CA PRO L 41 1.23 62.93 2.98
C PRO L 41 1.83 61.55 3.21
N THR L 42 1.19 60.54 2.60
CA THR L 42 1.61 59.16 2.79
C THR L 42 2.07 58.57 1.46
N PRO L 43 3.17 57.77 1.41
CA PRO L 43 3.69 57.28 0.13
C PRO L 43 2.70 56.34 -0.54
N GLY L 44 2.23 56.70 -1.74
CA GLY L 44 1.43 55.80 -2.57
C GLY L 44 2.17 54.50 -2.90
N PRO L 45 1.66 53.67 -3.85
CA PRO L 45 2.39 52.47 -4.24
C PRO L 45 3.37 52.92 -5.31
N GLY L 46 4.65 52.63 -5.08
CA GLY L 46 5.73 53.04 -5.97
C GLY L 46 6.09 54.51 -5.76
N GLU L 47 6.12 54.96 -4.50
CA GLU L 47 6.43 56.33 -4.16
C GLU L 47 7.51 56.32 -3.08
N ILE L 48 8.01 57.50 -2.72
CA ILE L 48 8.87 57.66 -1.56
C ILE L 48 8.54 58.96 -0.82
N LEU L 49 8.50 58.85 0.52
CA LEU L 49 8.37 59.98 1.41
C LEU L 49 9.73 60.29 2.02
N LEU L 50 10.18 61.53 1.78
CA LEU L 50 11.43 62.02 2.34
C LEU L 50 11.13 63.03 3.43
N LYS L 51 11.95 62.99 4.49
CA LYS L 51 12.11 64.11 5.41
C LYS L 51 13.08 65.09 4.76
N VAL L 52 12.59 66.28 4.41
CA VAL L 52 13.44 67.26 3.76
C VAL L 52 14.60 67.64 4.69
N THR L 53 15.78 67.84 4.09
CA THR L 53 16.94 68.34 4.80
C THR L 53 17.36 69.73 4.30
N ALA L 54 16.94 70.11 3.08
CA ALA L 54 17.43 71.32 2.45
C ALA L 54 16.60 71.59 1.20
N ALA L 55 16.00 72.78 1.13
CA ALA L 55 15.12 73.12 0.02
C ALA L 55 15.46 74.53 -0.49
N GLY L 56 16.15 74.58 -1.62
CA GLY L 56 16.76 75.80 -2.11
C GLY L 56 15.73 76.76 -2.72
N LEU L 57 16.10 78.06 -2.66
CA LEU L 57 15.44 79.17 -3.34
C LEU L 57 16.19 79.55 -4.62
N CYS L 58 15.43 80.09 -5.58
CA CYS L 58 15.98 80.44 -6.87
C CYS L 58 15.16 81.56 -7.49
N HIS L 59 15.82 82.36 -8.32
CA HIS L 59 15.16 83.46 -8.99
C HIS L 59 14.03 82.94 -9.87
N SER L 60 14.11 81.67 -10.28
CA SER L 60 13.10 81.09 -11.16
C SER L 60 11.79 80.83 -10.41
N ASP L 61 11.87 80.68 -9.07
CA ASP L 61 10.69 80.67 -8.22
C ASP L 61 9.95 82.00 -8.34
N ILE L 62 10.71 83.11 -8.38
CA ILE L 62 10.18 84.45 -8.53
C ILE L 62 9.40 84.56 -9.84
N PHE L 63 9.98 84.03 -10.93
CA PHE L 63 9.42 84.21 -12.28
C PHE L 63 7.99 83.67 -12.34
N VAL L 64 7.76 82.50 -11.73
CA VAL L 64 6.46 81.85 -11.76
C VAL L 64 5.45 82.71 -10.98
N MET L 65 5.83 83.10 -9.76
CA MET L 65 5.03 83.92 -8.87
C MET L 65 4.77 85.31 -9.47
N ASP L 66 5.44 85.62 -10.59
CA ASP L 66 5.40 86.93 -11.21
C ASP L 66 4.46 86.96 -12.41
N MET L 67 3.79 85.84 -12.67
CA MET L 67 2.96 85.79 -13.86
C MET L 67 1.55 86.26 -13.49
N PRO L 68 0.88 87.07 -14.34
CA PRO L 68 -0.43 87.65 -13.99
C PRO L 68 -1.56 86.63 -13.84
N ALA L 69 -2.74 87.12 -13.42
CA ALA L 69 -3.91 86.28 -13.31
C ALA L 69 -4.42 85.87 -14.71
N ALA L 70 -4.10 86.69 -15.73
CA ALA L 70 -4.51 86.50 -17.11
C ALA L 70 -3.93 85.21 -17.70
N GLN L 71 -2.72 84.82 -17.26
CA GLN L 71 -2.02 83.67 -17.79
C GLN L 71 -2.08 82.50 -16.80
N TYR L 72 -3.18 82.42 -16.03
CA TYR L 72 -3.30 81.41 -14.99
C TYR L 72 -4.58 80.59 -15.15
N ALA L 73 -4.48 79.28 -14.89
CA ALA L 73 -5.63 78.38 -14.98
C ALA L 73 -5.81 77.49 -13.74
N TYR L 74 -4.78 76.78 -13.27
CA TYR L 74 -5.04 75.68 -12.33
C TYR L 74 -4.00 75.51 -11.22
N GLY L 75 -2.98 76.38 -11.15
CA GLY L 75 -1.78 76.09 -10.38
C GLY L 75 -2.03 75.86 -8.88
N LEU L 76 -2.86 76.71 -8.27
CA LEU L 76 -2.85 76.90 -6.82
C LEU L 76 -3.74 75.87 -6.12
N PRO L 77 -3.38 75.42 -4.89
CA PRO L 77 -2.16 75.85 -4.19
C PRO L 77 -0.94 75.05 -4.62
N LEU L 78 0.26 75.52 -4.25
CA LEU L 78 1.55 75.02 -4.72
C LEU L 78 2.59 75.17 -3.60
N THR L 79 3.03 74.05 -3.03
CA THR L 79 4.20 74.05 -2.18
C THR L 79 5.43 74.31 -3.06
N LEU L 80 6.24 75.32 -2.68
CA LEU L 80 7.40 75.73 -3.47
C LEU L 80 8.56 74.78 -3.21
N GLY L 81 9.62 74.92 -4.00
CA GLY L 81 10.88 74.27 -3.69
C GLY L 81 11.20 73.23 -4.76
N HIS L 82 12.06 73.62 -5.70
CA HIS L 82 12.34 72.74 -6.82
C HIS L 82 13.71 72.14 -6.59
N GLU L 83 14.33 72.54 -5.48
CA GLU L 83 15.66 72.07 -5.20
C GLU L 83 15.70 71.41 -3.84
N GLY L 84 15.35 70.11 -3.83
CA GLY L 84 15.15 69.38 -2.60
C GLY L 84 16.20 68.32 -2.34
N VAL L 85 16.63 68.25 -1.09
CA VAL L 85 17.41 67.15 -0.57
C VAL L 85 16.71 66.69 0.70
N GLY L 86 17.01 65.45 1.12
CA GLY L 86 16.35 64.86 2.27
C GLY L 86 16.86 63.45 2.54
N THR L 87 16.26 62.82 3.55
CA THR L 87 16.46 61.41 3.86
C THR L 87 15.15 60.66 3.64
N VAL L 88 15.26 59.35 3.38
CA VAL L 88 14.10 58.51 3.14
C VAL L 88 13.40 58.27 4.48
N ALA L 89 12.12 58.66 4.55
CA ALA L 89 11.30 58.39 5.72
C ALA L 89 10.62 57.04 5.56
N GLU L 90 9.67 57.00 4.60
CA GLU L 90 8.97 55.75 4.34
C GLU L 90 9.00 55.42 2.85
N LEU L 91 9.15 54.12 2.56
CA LEU L 91 9.07 53.57 1.21
C LEU L 91 7.64 53.18 0.91
N GLY L 92 7.08 53.64 -0.20
CA GLY L 92 5.80 53.12 -0.67
C GLY L 92 5.91 51.65 -1.12
N GLU L 93 4.76 51.05 -1.45
CA GLU L 93 4.70 49.63 -1.66
C GLU L 93 5.51 49.30 -2.91
N GLY L 94 6.34 48.25 -2.84
CA GLY L 94 6.97 47.70 -4.03
C GLY L 94 8.27 48.41 -4.41
N VAL L 95 8.82 49.21 -3.50
CA VAL L 95 9.98 50.04 -3.78
C VAL L 95 11.22 49.42 -3.13
N THR L 96 12.21 49.07 -3.95
CA THR L 96 13.48 48.62 -3.38
C THR L 96 14.61 49.50 -3.87
N GLY L 97 15.85 49.11 -3.51
CA GLY L 97 17.06 49.82 -3.90
C GLY L 97 17.32 51.08 -3.08
N PHE L 98 16.51 51.31 -2.03
CA PHE L 98 16.66 52.46 -1.14
C PHE L 98 16.27 52.06 0.28
N GLY L 99 17.25 52.14 1.20
CA GLY L 99 17.06 51.98 2.63
C GLY L 99 16.42 53.21 3.26
N VAL L 100 16.09 53.12 4.55
CA VAL L 100 15.55 54.26 5.25
C VAL L 100 16.73 55.07 5.77
N GLY L 101 16.56 56.40 5.85
CA GLY L 101 17.56 57.34 6.33
C GLY L 101 18.76 57.44 5.39
N ASP L 102 18.51 57.17 4.10
CA ASP L 102 19.47 57.36 3.03
C ASP L 102 19.35 58.80 2.53
N ALA L 103 20.51 59.47 2.39
CA ALA L 103 20.59 60.83 1.85
C ALA L 103 20.35 60.81 0.34
N VAL L 104 19.44 61.68 -0.12
CA VAL L 104 18.98 61.65 -1.50
C VAL L 104 18.71 63.07 -1.99
N ALA L 105 19.19 63.38 -3.20
CA ALA L 105 18.86 64.63 -3.85
C ALA L 105 17.67 64.38 -4.77
N VAL L 106 16.80 65.38 -4.90
CA VAL L 106 15.61 65.15 -5.68
C VAL L 106 15.86 65.61 -7.11
N TYR L 107 15.82 64.65 -8.04
CA TYR L 107 15.90 65.01 -9.44
C TYR L 107 14.65 65.79 -9.79
N GLY L 108 14.84 66.96 -10.39
CA GLY L 108 13.77 67.92 -10.61
C GLY L 108 12.84 67.55 -11.77
N PRO L 109 13.34 67.53 -13.03
CA PRO L 109 12.43 67.54 -14.18
C PRO L 109 11.85 66.18 -14.56
N TRP L 110 10.79 65.80 -13.84
CA TRP L 110 10.14 64.51 -13.99
C TRP L 110 9.53 64.35 -15.38
N GLY L 111 9.79 63.19 -16.00
CA GLY L 111 9.23 62.84 -17.30
C GLY L 111 8.39 61.56 -17.23
N CYS L 112 7.96 61.09 -18.42
CA CYS L 112 7.01 59.99 -18.52
C CYS L 112 7.69 58.66 -18.28
N GLY L 113 9.03 58.62 -18.44
CA GLY L 113 9.79 57.44 -18.10
C GLY L 113 9.70 56.36 -19.17
N ALA L 114 8.90 56.62 -20.23
CA ALA L 114 8.50 55.60 -21.18
C ALA L 114 8.73 55.99 -22.65
N CYS L 115 8.99 57.29 -22.93
CA CYS L 115 9.18 57.75 -24.31
C CYS L 115 10.61 57.48 -24.76
N HIS L 116 10.89 57.76 -26.04
CA HIS L 116 12.23 57.53 -26.59
C HIS L 116 13.27 58.38 -25.86
N ALA L 117 12.88 59.62 -25.49
CA ALA L 117 13.75 60.56 -24.80
C ALA L 117 14.09 60.06 -23.41
N CYS L 118 13.08 59.59 -22.67
CA CYS L 118 13.27 59.18 -21.28
C CYS L 118 14.20 57.97 -21.23
N ALA L 119 14.04 57.07 -22.21
CA ALA L 119 14.74 55.81 -22.30
C ALA L 119 16.22 56.04 -22.55
N ARG L 120 16.53 57.23 -23.07
CA ARG L 120 17.90 57.61 -23.40
C ARG L 120 18.51 58.38 -22.25
N GLY L 121 17.76 58.62 -21.17
CA GLY L 121 18.30 59.28 -19.99
C GLY L 121 17.99 60.78 -19.91
N ARG L 122 17.52 61.30 -21.06
CA ARG L 122 17.21 62.71 -21.20
C ARG L 122 15.74 62.96 -20.86
N GLU L 123 15.38 62.81 -19.58
CA GLU L 123 13.99 62.94 -19.15
C GLU L 123 13.54 64.39 -19.11
N ASN L 124 14.51 65.29 -19.04
CA ASN L 124 14.21 66.71 -19.08
C ASN L 124 13.67 67.04 -20.46
N TYR L 125 13.95 66.17 -21.45
CA TYR L 125 13.46 66.42 -22.81
C TYR L 125 12.36 65.43 -23.20
N CYS L 126 11.57 65.02 -22.20
CA CYS L 126 10.45 64.10 -22.34
C CYS L 126 9.37 64.75 -23.19
N THR L 127 8.87 64.03 -24.21
CA THR L 127 7.95 64.59 -25.18
C THR L 127 6.48 64.37 -24.78
N ARG L 128 6.25 63.70 -23.64
CA ARG L 128 4.88 63.37 -23.22
C ARG L 128 4.53 64.09 -21.92
N ALA L 129 5.55 64.57 -21.20
CA ALA L 129 5.41 65.09 -19.85
C ALA L 129 4.30 66.14 -19.77
N ALA L 130 4.34 67.10 -20.72
CA ALA L 130 3.32 68.13 -20.83
C ALA L 130 1.96 67.44 -20.94
N ASP L 131 1.82 66.60 -21.96
CA ASP L 131 0.58 65.91 -22.31
C ASP L 131 -0.03 65.20 -21.10
N LEU L 132 0.81 64.54 -20.30
CA LEU L 132 0.28 63.80 -19.18
C LEU L 132 0.30 64.66 -17.92
N GLY L 133 0.70 65.93 -18.05
CA GLY L 133 0.78 66.87 -16.95
C GLY L 133 1.68 66.40 -15.81
N ILE L 134 2.90 65.92 -16.16
CA ILE L 134 3.92 65.58 -15.18
C ILE L 134 4.80 66.81 -14.92
N THR L 135 4.53 67.54 -13.84
CA THR L 135 5.23 68.78 -13.55
C THR L 135 6.20 68.53 -12.40
N PRO L 136 7.33 69.28 -12.31
CA PRO L 136 8.41 68.95 -11.38
C PRO L 136 7.95 69.36 -9.98
N PRO L 137 8.60 68.86 -8.91
CA PRO L 137 8.36 69.36 -7.55
C PRO L 137 8.66 70.86 -7.42
N GLY L 138 7.72 71.61 -6.85
CA GLY L 138 7.94 73.03 -6.62
C GLY L 138 7.49 73.89 -7.80
N LEU L 139 7.10 73.24 -8.90
CA LEU L 139 6.59 73.91 -10.09
C LEU L 139 5.42 73.13 -10.71
N GLY L 140 4.43 72.74 -9.89
CA GLY L 140 3.22 72.11 -10.39
C GLY L 140 2.81 70.91 -9.54
N SER L 141 3.83 70.28 -8.94
CA SER L 141 3.70 69.19 -7.99
C SER L 141 4.23 69.71 -6.67
N PRO L 142 3.81 69.13 -5.53
CA PRO L 142 4.40 69.47 -4.22
C PRO L 142 5.91 69.69 -4.19
N GLY L 143 6.32 70.73 -3.45
CA GLY L 143 7.71 71.17 -3.46
C GLY L 143 8.48 70.64 -2.25
N SER L 144 9.79 70.90 -2.28
CA SER L 144 10.76 70.39 -1.32
C SER L 144 10.67 71.20 -0.05
N MET L 145 10.05 72.39 -0.15
CA MET L 145 10.05 73.36 0.93
C MET L 145 8.94 73.01 1.92
N ALA L 146 9.21 71.97 2.72
CA ALA L 146 8.29 71.47 3.73
C ALA L 146 9.07 70.50 4.62
N GLU L 147 8.37 69.86 5.56
CA GLU L 147 9.06 68.98 6.50
C GLU L 147 9.28 67.66 5.80
N TYR L 148 8.30 67.31 4.96
CA TYR L 148 8.23 66.05 4.23
C TYR L 148 7.77 66.31 2.80
N MET L 149 8.31 65.53 1.86
CA MET L 149 7.73 65.59 0.52
C MET L 149 7.59 64.17 -0.04
N ILE L 150 6.74 64.08 -1.07
CA ILE L 150 6.50 62.88 -1.84
C ILE L 150 7.39 62.98 -3.07
N VAL L 151 8.06 61.88 -3.41
CA VAL L 151 8.69 61.77 -4.71
C VAL L 151 8.01 60.62 -5.47
N ASP L 152 7.62 60.90 -6.72
CA ASP L 152 6.68 60.05 -7.42
C ASP L 152 7.32 58.70 -7.76
N SER L 153 8.67 58.64 -7.83
CA SER L 153 9.36 57.43 -8.27
C SER L 153 10.78 57.36 -7.71
N ALA L 154 11.29 56.14 -7.47
CA ALA L 154 12.64 55.98 -6.98
C ALA L 154 13.66 56.31 -8.08
N ARG L 155 13.17 56.50 -9.31
CA ARG L 155 13.97 56.90 -10.45
C ARG L 155 14.51 58.31 -10.22
N HIS L 156 13.68 59.16 -9.65
CA HIS L 156 14.01 60.57 -9.52
C HIS L 156 14.77 60.85 -8.22
N LEU L 157 15.48 59.84 -7.68
CA LEU L 157 16.27 60.06 -6.48
C LEU L 157 17.72 59.72 -6.76
N VAL L 158 18.63 60.60 -6.34
CA VAL L 158 20.04 60.31 -6.48
C VAL L 158 20.65 60.33 -5.08
N PRO L 159 21.40 59.28 -4.68
CA PRO L 159 22.06 59.25 -3.37
C PRO L 159 23.19 60.28 -3.34
N ILE L 160 23.43 60.85 -2.14
CA ILE L 160 24.44 61.88 -1.91
C ILE L 160 25.46 61.45 -0.83
N GLY L 161 25.13 60.42 -0.03
CA GLY L 161 26.00 60.00 1.04
C GLY L 161 26.11 61.12 2.09
N ASP L 162 27.32 61.32 2.61
CA ASP L 162 27.58 62.26 3.69
C ASP L 162 27.78 63.70 3.20
N LEU L 163 27.64 63.96 1.89
CA LEU L 163 27.61 65.34 1.40
C LEU L 163 26.58 66.14 2.20
N ASP L 164 26.98 67.35 2.61
CA ASP L 164 26.10 68.27 3.31
C ASP L 164 24.84 68.56 2.47
N PRO L 165 23.63 68.33 3.01
CA PRO L 165 22.39 68.67 2.29
C PRO L 165 22.22 70.14 1.89
N VAL L 166 22.85 71.05 2.62
CA VAL L 166 22.68 72.48 2.38
C VAL L 166 23.48 72.86 1.12
N ALA L 167 24.66 72.22 0.98
CA ALA L 167 25.50 72.33 -0.21
C ALA L 167 24.77 71.73 -1.41
N ALA L 168 24.18 70.54 -1.18
CA ALA L 168 23.63 69.75 -2.26
C ALA L 168 22.44 70.48 -2.86
N ALA L 169 21.65 71.16 -2.02
CA ALA L 169 20.36 71.64 -2.48
C ALA L 169 20.50 72.44 -3.77
N PRO L 170 21.36 73.49 -3.84
CA PRO L 170 21.47 74.33 -5.03
C PRO L 170 22.05 73.63 -6.25
N LEU L 171 22.84 72.56 -6.01
CA LEU L 171 23.40 71.78 -7.10
C LEU L 171 22.29 71.19 -7.97
N THR L 172 21.11 70.99 -7.39
CA THR L 172 20.04 70.32 -8.12
C THR L 172 19.44 71.24 -9.20
N ASP L 173 19.96 72.48 -9.25
CA ASP L 173 19.50 73.48 -10.21
C ASP L 173 20.71 74.29 -10.68
N ALA L 174 21.32 75.01 -9.74
CA ALA L 174 22.46 75.85 -10.04
C ALA L 174 23.66 75.02 -10.49
N GLY L 175 23.64 73.70 -10.21
CA GLY L 175 24.75 72.87 -10.65
C GLY L 175 24.43 72.10 -11.94
N LEU L 176 23.23 71.52 -11.98
CA LEU L 176 22.83 70.63 -13.05
C LEU L 176 22.49 71.44 -14.31
N THR L 177 21.89 72.63 -14.14
CA THR L 177 21.44 73.43 -15.28
C THR L 177 22.64 73.85 -16.13
N PRO L 178 23.70 74.43 -15.53
CA PRO L 178 24.94 74.76 -16.23
C PRO L 178 25.61 73.51 -16.80
N TYR L 179 25.72 72.47 -15.94
CA TYR L 179 26.39 71.23 -16.25
C TYR L 179 25.79 70.65 -17.53
N HIS L 180 24.46 70.67 -17.62
CA HIS L 180 23.81 70.17 -18.80
C HIS L 180 24.28 70.96 -20.01
N ALA L 181 24.17 72.30 -19.91
CA ALA L 181 24.47 73.20 -21.02
C ALA L 181 25.87 72.94 -21.58
N ILE L 182 26.82 72.79 -20.66
CA ILE L 182 28.23 72.59 -20.99
C ILE L 182 28.39 71.24 -21.68
N SER L 183 27.73 70.22 -21.15
CA SER L 183 27.89 68.88 -21.66
C SER L 183 27.48 68.78 -23.13
N ARG L 184 26.48 69.57 -23.55
CA ARG L 184 25.98 69.44 -24.90
C ARG L 184 27.08 69.76 -25.90
N VAL L 185 28.14 70.47 -25.45
CA VAL L 185 29.14 70.94 -26.40
C VAL L 185 30.56 70.63 -25.90
N LEU L 186 30.66 69.77 -24.87
CA LEU L 186 31.93 69.52 -24.18
C LEU L 186 32.97 68.95 -25.15
N PRO L 187 32.58 68.15 -26.15
CA PRO L 187 33.55 67.63 -27.10
C PRO L 187 34.30 68.71 -27.86
N LEU L 188 33.80 69.96 -27.81
CA LEU L 188 34.40 71.06 -28.56
C LEU L 188 35.33 71.91 -27.68
N LEU L 189 35.27 71.73 -26.36
CA LEU L 189 36.01 72.55 -25.43
C LEU L 189 37.32 71.86 -25.11
N GLY L 190 38.08 71.57 -26.17
CA GLY L 190 39.41 70.98 -26.05
C GLY L 190 40.43 71.99 -25.54
N PRO L 191 41.68 71.56 -25.27
CA PRO L 191 42.72 72.52 -24.93
C PRO L 191 42.88 73.45 -26.13
N GLY L 192 42.95 74.75 -25.84
CA GLY L 192 43.16 75.74 -26.87
C GLY L 192 41.84 76.31 -27.35
N SER L 193 40.75 75.92 -26.69
CA SER L 193 39.43 76.49 -26.95
C SER L 193 39.14 77.56 -25.90
N THR L 194 38.12 78.35 -26.18
CA THR L 194 37.73 79.39 -25.25
C THR L 194 36.24 79.24 -24.96
N ALA L 195 35.92 79.37 -23.68
CA ALA L 195 34.54 79.40 -23.24
C ALA L 195 34.27 80.75 -22.56
N VAL L 196 33.24 81.46 -23.02
CA VAL L 196 32.81 82.70 -22.39
C VAL L 196 31.57 82.41 -21.53
N VAL L 197 31.59 82.93 -20.29
CA VAL L 197 30.50 82.85 -19.33
C VAL L 197 29.95 84.25 -19.04
N ILE L 198 28.74 84.57 -19.49
CA ILE L 198 28.10 85.85 -19.20
C ILE L 198 27.19 85.71 -17.97
N GLY L 199 27.45 86.50 -16.92
CA GLY L 199 26.79 86.33 -15.64
C GLY L 199 27.66 85.48 -14.74
N VAL L 200 28.06 86.02 -13.59
CA VAL L 200 28.84 85.22 -12.65
C VAL L 200 28.10 85.21 -11.31
N GLY L 201 26.78 84.97 -11.40
CA GLY L 201 25.90 85.02 -10.24
C GLY L 201 25.84 83.69 -9.50
N GLY L 202 24.80 82.91 -9.78
CA GLY L 202 24.67 81.60 -9.20
C GLY L 202 25.17 80.57 -10.20
N LEU L 203 24.56 80.60 -11.39
CA LEU L 203 24.75 79.60 -12.42
C LEU L 203 26.12 79.79 -13.05
N GLY L 204 26.45 81.04 -13.36
CA GLY L 204 27.79 81.34 -13.84
C GLY L 204 28.84 80.88 -12.84
N HIS L 205 28.60 81.19 -11.56
CA HIS L 205 29.54 80.89 -10.49
C HIS L 205 29.96 79.42 -10.56
N VAL L 206 28.96 78.52 -10.59
CA VAL L 206 29.20 77.08 -10.66
C VAL L 206 29.74 76.70 -12.04
N GLY L 207 29.20 77.37 -13.08
CA GLY L 207 29.57 77.17 -14.48
C GLY L 207 31.08 77.11 -14.67
N ILE L 208 31.78 78.16 -14.22
CA ILE L 208 33.22 78.26 -14.36
C ILE L 208 33.90 77.05 -13.73
N GLN L 209 33.53 76.74 -12.47
CA GLN L 209 34.09 75.65 -11.72
C GLN L 209 33.93 74.35 -12.52
N ILE L 210 32.71 74.14 -13.05
CA ILE L 210 32.44 72.99 -13.90
C ILE L 210 33.42 72.96 -15.07
N LEU L 211 33.48 74.07 -15.81
CA LEU L 211 34.35 74.15 -16.96
C LEU L 211 35.79 73.76 -16.62
N ARG L 212 36.22 74.01 -15.38
CA ARG L 212 37.62 73.81 -15.03
C ARG L 212 37.89 72.34 -14.74
N ALA L 213 36.89 71.63 -14.21
CA ALA L 213 37.05 70.26 -13.75
C ALA L 213 36.99 69.30 -14.92
N VAL L 214 36.13 69.62 -15.90
CA VAL L 214 35.74 68.70 -16.96
C VAL L 214 36.45 69.03 -18.29
N SER L 215 37.10 70.22 -18.40
CA SER L 215 37.72 70.62 -19.67
C SER L 215 38.95 71.49 -19.46
N ALA L 216 39.82 71.52 -20.49
CA ALA L 216 41.04 72.32 -20.51
C ALA L 216 40.80 73.66 -21.19
N ALA L 217 39.52 73.99 -21.39
CA ALA L 217 39.13 75.16 -22.15
C ALA L 217 39.53 76.39 -21.36
N ARG L 218 39.62 77.56 -22.01
CA ARG L 218 40.03 78.77 -21.33
C ARG L 218 38.77 79.53 -20.98
N VAL L 219 38.69 79.97 -19.72
CA VAL L 219 37.47 80.61 -19.26
C VAL L 219 37.65 82.11 -19.13
N ILE L 220 36.82 82.85 -19.87
CA ILE L 220 36.78 84.30 -19.86
C ILE L 220 35.39 84.72 -19.39
N ALA L 221 35.34 85.34 -18.20
CA ALA L 221 34.10 85.74 -17.55
C ALA L 221 33.64 87.11 -18.09
N VAL L 222 32.34 87.42 -17.93
CA VAL L 222 31.74 88.68 -18.36
C VAL L 222 30.58 89.03 -17.41
N ASP L 223 30.71 90.13 -16.64
CA ASP L 223 29.64 90.58 -15.75
C ASP L 223 29.57 92.10 -15.75
N LEU L 224 28.66 92.64 -14.92
CA LEU L 224 28.41 94.08 -14.80
C LEU L 224 29.02 94.64 -13.52
N ASP L 225 29.06 93.85 -12.45
CA ASP L 225 29.61 94.29 -11.18
C ASP L 225 31.11 93.98 -11.12
N ASP L 226 31.88 94.91 -10.54
CA ASP L 226 33.32 94.79 -10.51
C ASP L 226 33.73 93.65 -9.56
N ASP L 227 33.03 93.55 -8.43
CA ASP L 227 33.33 92.53 -7.44
C ASP L 227 33.10 91.16 -8.05
N ARG L 228 31.99 91.04 -8.77
CA ARG L 228 31.61 89.84 -9.50
C ARG L 228 32.77 89.36 -10.38
N LEU L 229 33.48 90.29 -11.03
CA LEU L 229 34.61 90.00 -11.92
C LEU L 229 35.78 89.40 -11.13
N ALA L 230 35.94 89.78 -9.86
CA ALA L 230 37.04 89.29 -9.05
C ALA L 230 36.79 87.84 -8.60
N LEU L 231 35.55 87.58 -8.15
CA LEU L 231 35.06 86.26 -7.75
C LEU L 231 35.40 85.28 -8.87
N ALA L 232 35.01 85.64 -10.10
CA ALA L 232 35.21 84.81 -11.28
C ALA L 232 36.67 84.39 -11.41
N ARG L 233 37.57 85.38 -11.40
CA ARG L 233 38.99 85.07 -11.46
C ARG L 233 39.36 84.16 -10.28
N GLU L 234 38.66 84.34 -9.15
CA GLU L 234 39.02 83.63 -7.95
C GLU L 234 38.70 82.13 -8.12
N VAL L 235 37.64 81.84 -8.88
CA VAL L 235 37.15 80.47 -8.98
C VAL L 235 37.61 79.82 -10.30
N GLY L 236 38.62 80.40 -10.95
CA GLY L 236 39.28 79.70 -12.04
C GLY L 236 39.15 80.40 -13.39
N ALA L 237 38.44 81.54 -13.46
CA ALA L 237 38.41 82.27 -14.72
C ALA L 237 39.80 82.80 -15.04
N ASP L 238 40.27 82.65 -16.29
CA ASP L 238 41.57 83.15 -16.66
C ASP L 238 41.54 84.66 -16.86
N ALA L 239 40.36 85.22 -17.18
CA ALA L 239 40.21 86.63 -17.48
C ALA L 239 38.76 87.03 -17.27
N ALA L 240 38.53 88.27 -16.84
CA ALA L 240 37.16 88.77 -16.75
C ALA L 240 37.07 90.21 -17.26
N VAL L 241 35.90 90.54 -17.84
CA VAL L 241 35.64 91.81 -18.50
C VAL L 241 34.21 92.25 -18.17
N LYS L 242 33.96 93.55 -18.24
CA LYS L 242 32.67 94.13 -17.89
C LYS L 242 31.73 93.93 -19.07
N SER L 243 30.44 93.75 -18.78
CA SER L 243 29.47 93.55 -19.85
C SER L 243 29.00 94.91 -20.34
N GLY L 244 28.58 94.92 -21.61
CA GLY L 244 27.92 96.04 -22.24
C GLY L 244 28.24 96.05 -23.74
N ALA L 245 28.19 97.25 -24.33
CA ALA L 245 28.47 97.41 -25.75
C ALA L 245 29.93 97.04 -26.03
N GLY L 246 30.81 97.25 -25.05
CA GLY L 246 32.22 97.00 -25.26
C GLY L 246 32.64 95.55 -25.03
N ALA L 247 31.70 94.71 -24.55
CA ALA L 247 31.95 93.35 -24.07
C ALA L 247 32.60 92.51 -25.17
N ALA L 248 31.96 92.51 -26.35
CA ALA L 248 32.45 91.86 -27.56
C ALA L 248 33.95 92.11 -27.78
N ASP L 249 34.29 93.39 -28.02
CA ASP L 249 35.64 93.81 -28.38
C ASP L 249 36.63 93.42 -27.30
N ALA L 250 36.26 93.66 -26.04
CA ALA L 250 37.06 93.30 -24.88
C ALA L 250 37.44 91.82 -24.93
N ILE L 251 36.48 90.99 -25.36
CA ILE L 251 36.68 89.55 -25.41
C ILE L 251 37.68 89.27 -26.52
N ARG L 252 37.38 89.78 -27.73
CA ARG L 252 38.20 89.55 -28.91
C ARG L 252 39.64 90.00 -28.66
N GLU L 253 39.80 91.09 -27.89
CA GLU L 253 41.11 91.60 -27.52
C GLU L 253 41.93 90.52 -26.82
N LEU L 254 41.26 89.77 -25.94
CA LEU L 254 41.89 88.73 -25.13
C LEU L 254 42.16 87.45 -25.92
N THR L 255 41.30 87.15 -26.91
CA THR L 255 41.42 85.94 -27.70
C THR L 255 42.21 86.15 -28.99
N GLY L 256 42.78 87.35 -29.18
CA GLY L 256 43.51 87.71 -30.39
C GLY L 256 42.57 87.86 -31.59
N GLY L 257 41.40 88.47 -31.37
CA GLY L 257 40.32 88.59 -32.35
C GLY L 257 40.01 87.24 -32.98
N GLN L 258 39.66 86.24 -32.17
CA GLN L 258 39.61 84.88 -32.68
C GLN L 258 38.21 84.27 -32.55
N GLY L 259 37.37 84.86 -31.70
CA GLY L 259 36.03 84.31 -31.52
C GLY L 259 36.08 83.12 -30.57
N ALA L 260 35.13 83.06 -29.63
CA ALA L 260 35.17 82.03 -28.59
C ALA L 260 34.42 80.78 -29.03
N THR L 261 34.95 79.60 -28.67
CA THR L 261 34.40 78.32 -29.09
C THR L 261 32.96 78.19 -28.60
N ALA L 262 32.74 78.59 -27.33
CA ALA L 262 31.43 78.46 -26.73
C ALA L 262 31.12 79.64 -25.82
N VAL L 263 29.88 80.13 -25.89
CA VAL L 263 29.40 81.23 -25.08
C VAL L 263 28.18 80.75 -24.27
N PHE L 264 28.31 80.74 -22.94
CA PHE L 264 27.23 80.29 -22.08
C PHE L 264 26.64 81.54 -21.44
N ASP L 265 25.49 81.98 -21.95
CA ASP L 265 24.89 83.18 -21.42
C ASP L 265 23.99 82.82 -20.26
N PHE L 266 24.43 83.09 -19.02
CA PHE L 266 23.61 82.80 -17.86
C PHE L 266 22.70 83.98 -17.47
N VAL L 267 22.79 85.06 -18.25
CA VAL L 267 22.02 86.27 -18.00
C VAL L 267 20.81 86.27 -18.91
N GLY L 268 21.04 86.07 -20.21
CA GLY L 268 19.98 85.78 -21.15
C GLY L 268 19.20 87.02 -21.57
N ALA L 269 19.73 88.20 -21.22
CA ALA L 269 19.15 89.46 -21.66
C ALA L 269 19.47 89.67 -23.14
N GLN L 270 18.68 90.49 -23.82
CA GLN L 270 18.87 90.68 -25.25
C GLN L 270 20.29 91.21 -25.48
N SER L 271 20.71 92.17 -24.65
CA SER L 271 22.03 92.76 -24.76
C SER L 271 23.10 91.68 -24.71
N THR L 272 23.11 90.89 -23.62
CA THR L 272 24.04 89.79 -23.42
C THR L 272 23.96 88.77 -24.56
N ILE L 273 22.76 88.49 -25.09
CA ILE L 273 22.67 87.57 -26.24
C ILE L 273 23.38 88.17 -27.44
N ASP L 274 23.27 89.50 -27.56
CA ASP L 274 23.82 90.28 -28.66
C ASP L 274 25.34 90.17 -28.63
N THR L 275 25.96 90.43 -27.47
CA THR L 275 27.41 90.34 -27.35
C THR L 275 27.83 88.92 -27.75
N ALA L 276 27.04 87.93 -27.28
CA ALA L 276 27.29 86.53 -27.52
C ALA L 276 27.36 86.24 -29.02
N GLN L 277 26.42 86.83 -29.77
CA GLN L 277 26.37 86.61 -31.20
C GLN L 277 27.63 87.19 -31.86
N GLN L 278 28.23 88.21 -31.24
CA GLN L 278 29.40 88.88 -31.81
C GLN L 278 30.70 88.15 -31.44
N VAL L 279 30.76 87.53 -30.26
CA VAL L 279 32.02 86.91 -29.83
C VAL L 279 32.15 85.44 -30.23
N VAL L 280 31.02 84.78 -30.57
CA VAL L 280 30.99 83.35 -30.88
C VAL L 280 31.77 83.08 -32.16
N ALA L 281 32.58 82.03 -32.13
CA ALA L 281 33.42 81.65 -33.26
C ALA L 281 32.57 80.96 -34.32
N VAL L 282 33.19 80.80 -35.48
CA VAL L 282 32.59 80.05 -36.56
C VAL L 282 32.60 78.60 -36.10
N ASP L 283 31.41 77.98 -36.10
CA ASP L 283 31.18 76.57 -35.77
C ASP L 283 31.22 76.38 -34.25
N GLY L 284 30.92 77.46 -33.53
CA GLY L 284 30.86 77.39 -32.08
C GLY L 284 29.42 77.30 -31.61
N HIS L 285 29.18 77.76 -30.38
CA HIS L 285 27.88 77.47 -29.80
C HIS L 285 27.49 78.57 -28.82
N ILE L 286 26.19 78.88 -28.80
CA ILE L 286 25.61 79.82 -27.85
C ILE L 286 24.49 79.13 -27.08
N SER L 287 24.71 78.98 -25.77
CA SER L 287 23.76 78.35 -24.88
C SER L 287 23.11 79.45 -24.06
N VAL L 288 21.87 79.80 -24.41
CA VAL L 288 21.12 80.83 -23.69
C VAL L 288 20.41 80.19 -22.50
N VAL L 289 21.00 80.32 -21.31
CA VAL L 289 20.52 79.62 -20.13
C VAL L 289 19.52 80.47 -19.34
N GLY L 290 19.89 81.71 -19.00
CA GLY L 290 19.03 82.56 -18.17
C GLY L 290 17.81 83.07 -18.95
N ILE L 291 16.74 83.41 -18.19
CA ILE L 291 15.46 83.70 -18.82
C ILE L 291 15.14 85.18 -18.72
N HIS L 292 14.96 85.83 -19.88
CA HIS L 292 14.46 87.19 -19.99
C HIS L 292 13.34 87.22 -21.02
N ALA L 293 12.09 87.20 -20.54
CA ALA L 293 10.92 87.08 -21.39
C ALA L 293 11.15 87.93 -22.63
N GLY L 294 11.11 87.31 -23.82
CA GLY L 294 11.21 88.05 -25.07
C GLY L 294 12.62 88.01 -25.67
N ALA L 295 13.66 88.06 -24.81
CA ALA L 295 15.04 88.06 -25.26
C ALA L 295 15.29 86.82 -26.10
N HIS L 296 16.13 86.95 -27.12
CA HIS L 296 16.40 85.80 -27.97
C HIS L 296 17.47 86.11 -29.01
N ALA L 297 18.08 85.05 -29.55
CA ALA L 297 19.13 85.17 -30.55
C ALA L 297 18.46 85.30 -31.90
N LYS L 298 19.15 85.95 -32.83
CA LYS L 298 18.68 86.00 -34.20
C LYS L 298 19.66 85.18 -35.03
N VAL L 299 19.24 83.97 -35.42
CA VAL L 299 20.10 83.08 -36.18
C VAL L 299 19.74 83.16 -37.66
N GLY L 300 20.44 84.01 -38.41
CA GLY L 300 20.27 84.05 -39.86
C GLY L 300 21.63 84.27 -40.50
N PHE L 301 21.69 84.05 -41.82
CA PHE L 301 22.95 84.26 -42.53
C PHE L 301 23.40 85.69 -42.35
N PHE L 302 24.73 85.85 -42.15
CA PHE L 302 25.37 87.15 -42.05
C PHE L 302 24.81 87.93 -40.86
N MET L 303 24.49 87.22 -39.77
CA MET L 303 24.03 87.83 -38.52
C MET L 303 24.56 87.01 -37.35
N ILE L 304 25.30 85.93 -37.69
CA ILE L 304 25.95 85.03 -36.75
C ILE L 304 26.92 84.20 -37.57
N PRO L 305 28.12 83.86 -37.03
CA PRO L 305 29.07 83.08 -37.81
C PRO L 305 28.42 81.80 -38.32
N PHE L 306 28.91 81.33 -39.48
CA PHE L 306 28.42 80.11 -40.09
C PHE L 306 28.69 78.92 -39.17
N GLY L 307 27.67 78.08 -38.98
CA GLY L 307 27.83 76.86 -38.22
C GLY L 307 27.83 77.08 -36.71
N ALA L 308 27.49 78.28 -36.23
CA ALA L 308 27.40 78.45 -34.79
C ALA L 308 25.96 78.20 -34.35
N SER L 309 25.83 77.22 -33.46
CA SER L 309 24.53 76.71 -33.09
C SER L 309 24.06 77.45 -31.87
N VAL L 310 22.74 77.63 -31.80
CA VAL L 310 22.14 78.28 -30.64
C VAL L 310 21.03 77.39 -30.10
N VAL L 311 20.98 77.25 -28.77
CA VAL L 311 19.98 76.43 -28.15
C VAL L 311 19.56 77.09 -26.85
N THR L 312 18.35 76.77 -26.40
CA THR L 312 17.91 77.06 -25.06
C THR L 312 17.88 75.76 -24.26
N PRO L 313 18.94 75.43 -23.49
CA PRO L 313 18.94 74.23 -22.67
C PRO L 313 17.82 74.26 -21.65
N TYR L 314 17.46 73.09 -21.11
CA TYR L 314 16.47 73.00 -20.05
C TYR L 314 16.98 72.06 -18.97
N TRP L 315 17.31 72.63 -17.81
CA TRP L 315 17.69 71.85 -16.65
C TRP L 315 18.80 70.86 -16.99
N GLY L 316 18.60 69.58 -16.66
CA GLY L 316 19.57 68.54 -16.95
C GLY L 316 18.98 67.13 -16.96
N THR L 317 19.86 66.12 -17.10
CA THR L 317 19.49 64.72 -17.13
C THR L 317 19.85 64.05 -15.80
N ARG L 318 19.37 62.82 -15.61
CA ARG L 318 19.65 62.05 -14.42
C ARG L 318 21.16 61.84 -14.30
N SER L 319 21.78 61.30 -15.37
CA SER L 319 23.20 60.93 -15.29
C SER L 319 24.04 62.18 -15.02
N GLU L 320 23.56 63.33 -15.54
CA GLU L 320 24.20 64.61 -15.29
C GLU L 320 24.19 64.89 -13.79
N LEU L 321 22.99 64.87 -13.19
CA LEU L 321 22.88 65.16 -11.78
C LEU L 321 23.82 64.29 -10.95
N MET L 322 23.97 63.03 -11.35
CA MET L 322 24.86 62.13 -10.63
C MET L 322 26.28 62.63 -10.80
N GLU L 323 26.64 63.00 -12.03
CA GLU L 323 27.97 63.54 -12.29
C GLU L 323 28.16 64.83 -11.47
N VAL L 324 27.12 65.67 -11.39
CA VAL L 324 27.24 66.92 -10.68
C VAL L 324 27.56 66.62 -9.22
N VAL L 325 26.94 65.56 -8.70
CA VAL L 325 27.12 65.23 -7.30
C VAL L 325 28.55 64.73 -7.08
N ALA L 326 29.05 63.95 -8.04
CA ALA L 326 30.41 63.44 -7.96
C ALA L 326 31.38 64.60 -7.78
N LEU L 327 31.27 65.59 -8.66
CA LEU L 327 32.10 66.78 -8.54
C LEU L 327 31.97 67.34 -7.12
N ALA L 328 30.74 67.67 -6.73
CA ALA L 328 30.45 68.18 -5.39
C ALA L 328 31.22 67.36 -4.36
N ARG L 329 31.09 66.03 -4.42
CA ARG L 329 31.66 65.16 -3.40
C ARG L 329 33.19 65.16 -3.44
N ALA L 330 33.79 65.64 -4.54
CA ALA L 330 35.25 65.70 -4.61
C ALA L 330 35.75 67.10 -4.20
N GLY L 331 34.82 67.96 -3.76
CA GLY L 331 35.12 69.32 -3.34
C GLY L 331 35.40 70.22 -4.54
N ARG L 332 34.87 69.85 -5.69
CA ARG L 332 35.14 70.59 -6.91
C ARG L 332 34.10 71.70 -7.09
N LEU L 333 33.05 71.74 -6.28
CA LEU L 333 32.06 72.80 -6.46
C LEU L 333 31.64 73.37 -5.12
N ASP L 334 31.88 74.67 -4.94
CA ASP L 334 31.54 75.39 -3.71
C ASP L 334 30.66 76.58 -4.09
N ILE L 335 29.36 76.42 -3.92
CA ILE L 335 28.46 77.55 -4.11
C ILE L 335 28.28 78.27 -2.78
N HIS L 336 27.91 79.57 -2.86
CA HIS L 336 27.70 80.44 -1.71
C HIS L 336 26.32 80.18 -1.12
N THR L 337 26.28 79.74 0.14
CA THR L 337 25.08 79.16 0.73
C THR L 337 24.64 79.91 2.00
N GLU L 338 23.37 80.29 2.04
CA GLU L 338 22.81 81.07 3.14
C GLU L 338 21.52 80.42 3.67
N THR L 339 21.50 80.13 4.97
CA THR L 339 20.56 79.21 5.59
C THR L 339 19.38 79.95 6.23
N PHE L 340 18.18 79.38 6.11
CA PHE L 340 16.94 79.94 6.65
C PHE L 340 16.18 78.80 7.31
N THR L 341 14.96 79.07 7.79
CA THR L 341 14.06 78.03 8.29
C THR L 341 12.70 78.20 7.61
N LEU L 342 11.79 77.28 7.92
CA LEU L 342 10.53 77.20 7.21
C LEU L 342 9.73 78.48 7.36
N ASP L 343 9.97 79.21 8.45
CA ASP L 343 9.18 80.40 8.73
C ASP L 343 9.70 81.57 7.91
N GLU L 344 11.04 81.68 7.83
CA GLU L 344 11.67 82.76 7.09
C GLU L 344 11.36 82.64 5.60
N GLY L 345 10.84 81.48 5.19
CA GLY L 345 10.54 81.24 3.79
C GLY L 345 10.13 82.53 3.10
N PRO L 346 8.97 83.09 3.48
CA PRO L 346 8.46 84.30 2.83
C PRO L 346 9.41 85.49 2.99
N ALA L 347 10.16 85.51 4.09
CA ALA L 347 11.14 86.55 4.33
C ALA L 347 12.34 86.38 3.39
N ALA L 348 12.64 85.12 3.02
CA ALA L 348 13.77 84.83 2.14
C ALA L 348 13.42 85.12 0.68
N TYR L 349 12.13 84.97 0.34
CA TYR L 349 11.62 85.27 -1.00
C TYR L 349 11.73 86.76 -1.30
N ARG L 350 11.52 87.59 -0.26
CA ARG L 350 11.67 89.04 -0.42
C ARG L 350 13.14 89.42 -0.60
N ARG L 351 14.03 88.74 0.13
CA ARG L 351 15.47 88.93 0.02
C ARG L 351 15.94 88.65 -1.41
N LEU L 352 15.33 87.64 -2.04
CA LEU L 352 15.69 87.21 -3.38
C LEU L 352 15.09 88.17 -4.40
N ARG L 353 14.10 88.96 -3.97
CA ARG L 353 13.45 89.93 -4.85
C ARG L 353 14.14 91.30 -4.79
N GLU L 354 15.19 91.43 -3.97
CA GLU L 354 15.95 92.67 -3.89
C GLU L 354 17.42 92.38 -4.20
N GLY L 355 17.69 91.16 -4.67
CA GLY L 355 19.02 90.74 -5.08
C GLY L 355 20.03 90.91 -3.94
N SER L 356 19.59 90.59 -2.72
CA SER L 356 20.42 90.79 -1.55
C SER L 356 20.96 89.45 -1.04
N ILE L 357 20.69 88.37 -1.78
CA ILE L 357 21.25 87.09 -1.37
C ILE L 357 22.48 86.85 -2.23
N ARG L 358 23.63 86.62 -1.57
CA ARG L 358 24.86 86.24 -2.26
C ARG L 358 24.78 84.72 -2.49
N GLY L 359 24.58 84.34 -3.75
CA GLY L 359 24.48 82.95 -4.15
C GLY L 359 23.05 82.43 -4.01
N ARG L 360 22.88 81.39 -3.20
CA ARG L 360 21.62 80.67 -3.21
C ARG L 360 21.18 80.44 -1.77
N GLY L 361 19.99 80.98 -1.46
CA GLY L 361 19.31 80.70 -0.22
C GLY L 361 18.72 79.29 -0.19
N VAL L 362 18.67 78.71 1.02
CA VAL L 362 18.32 77.32 1.27
C VAL L 362 17.56 77.25 2.59
N VAL L 363 16.26 76.92 2.52
CA VAL L 363 15.44 76.65 3.68
C VAL L 363 15.82 75.30 4.30
N VAL L 364 15.86 75.23 5.63
CA VAL L 364 16.25 74.04 6.37
C VAL L 364 15.25 73.83 7.52
N PRO L 365 14.26 72.92 7.37
CA PRO L 365 13.24 72.70 8.42
C PRO L 365 13.75 72.49 9.84
ZN ZN M . 7.33 -52.82 39.16
ZN ZN N . 12.27 -70.51 28.18
C10 W46 O . 8.21 -69.11 35.05
C11 W46 O . 8.27 -70.51 35.07
C12 W46 O . 7.39 -71.22 36.05
C14 W46 O . 9.13 -71.22 34.38
C15 W46 O . 9.96 -70.58 33.51
C16 W46 O . 12.87 -69.95 31.88
C17 W46 O . 13.73 -71.09 32.52
C18 W46 O . 13.63 -71.24 34.06
C02 W46 O . 14.05 -69.51 36.03
C04 W46 O . 13.28 -69.85 34.77
C05 W46 O . 12.85 -68.65 33.98
C07 W46 O . 10.91 -68.39 32.39
C08 W46 O . 9.92 -69.15 33.39
C09 W46 O . 9.06 -68.49 34.17
N01 W46 O . 14.12 -68.11 36.45
N06 W46 O . 12.24 -68.95 32.76
O03 W46 O . 14.61 -70.34 36.65
O13 W46 O . 8.49 -71.25 36.98
ZN ZN P . 19.69 -43.33 28.31
ZN ZN Q . 17.48 -26.77 42.30
C1 CIT R . 47.94 -25.36 39.56
O1 CIT R . 48.36 -26.13 40.44
O2 CIT R . 48.65 -24.54 38.95
C2 CIT R . 46.47 -25.45 39.16
C3 CIT R . 46.18 -26.15 37.82
O7 CIT R . 45.02 -26.96 37.93
C4 CIT R . 45.95 -25.05 36.78
C5 CIT R . 45.61 -25.54 35.38
O3 CIT R . 44.46 -26.00 35.19
O4 CIT R . 46.49 -25.47 34.51
C6 CIT R . 47.36 -27.08 37.42
O5 CIT R . 47.50 -28.11 38.10
O6 CIT R . 48.06 -26.80 36.43
C10 W46 S . 23.87 -28.89 36.95
C11 W46 S . 23.92 -27.50 36.94
C12 W46 S . 24.95 -26.78 36.12
C14 W46 S . 23.13 -26.75 37.64
C15 W46 S . 22.17 -27.27 38.41
C16 W46 S . 21.79 -28.53 41.68
C17 W46 S . 23.12 -28.40 42.48
C18 W46 S . 24.36 -29.17 41.95
C02 W46 S . 24.97 -31.59 40.97
C04 W46 S . 23.90 -30.53 41.34
C05 W46 S . 22.51 -30.66 40.80
C07 W46 S . 20.91 -29.29 39.39
C08 W46 S . 22.03 -28.68 38.45
C09 W46 S . 22.90 -29.43 37.73
N01 W46 S . 26.24 -31.65 41.77
N06 W46 S . 21.71 -29.52 40.62
O03 W46 S . 24.75 -32.34 40.06
O13 W46 S . 24.96 -25.54 36.83
C1 IPA T . 53.72 -43.01 52.90
C2 IPA T . 54.14 -44.50 52.97
C3 IPA T . 54.88 -44.96 54.25
O2 IPA T . 53.09 -45.40 52.67
ZN ZN U . -27.78 -11.70 -3.07
ZN ZN V . -36.27 -16.73 16.55
C10 W46 W . -39.27 -12.62 9.51
C11 W46 W . -40.20 -12.05 10.41
C12 W46 W . -41.50 -11.47 9.93
C14 W46 W . -40.09 -12.04 11.72
C15 W46 W . -38.99 -12.59 12.23
C16 W46 W . -36.68 -12.92 14.59
C17 W46 W . -37.14 -11.73 15.50
C18 W46 W . -37.23 -10.28 14.91
C02 W46 W . -36.32 -8.83 12.85
C04 W46 W . -36.66 -10.20 13.43
C05 W46 W . -36.04 -11.41 12.78
C07 W46 W . -36.68 -13.78 12.13
C08 W46 W . -37.97 -13.20 11.39
C09 W46 W . -38.14 -13.17 10.05
N01 W46 W . -36.54 -7.61 13.67
N06 W46 W . -36.42 -12.71 13.16
O03 W46 W . -35.87 -8.76 11.75
O13 W46 W . -42.30 -12.40 10.71
ZN ZN X . -10.89 -16.21 4.11
ZN ZN Y . -2.20 -7.82 -14.14
C10 W46 Z . 0.71 -10.14 -7.21
C11 W46 Z . 1.90 -9.35 -7.14
C12 W46 Z . 3.09 -10.00 -6.44
C14 W46 Z . 2.01 -8.11 -7.63
C15 W46 Z . 0.93 -7.59 -8.24
C16 W46 Z . -1.10 -5.46 -10.02
C17 W46 Z . -0.23 -4.23 -9.65
C18 W46 Z . 0.19 -4.00 -8.16
C02 W46 Z . -1.20 -4.20 -5.86
C04 W46 Z . -0.80 -4.76 -7.21
C05 W46 Z . -1.76 -5.76 -7.72
C07 W46 Z . -1.60 -7.81 -9.08
C08 W46 Z . -0.30 -8.38 -8.35
C09 W46 Z . -0.38 -9.61 -7.84
N01 W46 Z . -0.65 -2.93 -5.31
N06 W46 Z . -1.50 -6.34 -8.94
O03 W46 Z . -1.96 -4.87 -5.27
O13 W46 Z . 4.00 -8.91 -6.30
ZN ZN AA . -7.74 25.00 11.87
ZN ZN BA . 1.21 15.15 29.13
C10 W46 CA . 3.57 16.40 21.42
C11 W46 CA . 4.80 15.93 21.97
C12 W46 CA . 6.05 16.00 21.13
C14 W46 CA . 4.89 15.33 23.12
C15 W46 CA . 3.73 15.24 23.83
C16 W46 CA . 1.54 13.02 25.02
C17 W46 CA . 2.32 11.81 24.44
C18 W46 CA . 2.39 11.63 22.90
C02 W46 CA . 0.95 12.10 20.72
C04 W46 CA . 1.15 12.30 22.23
C05 W46 CA . 0.40 13.41 22.95
C07 W46 CA . 1.15 15.53 24.25
C08 W46 CA . 2.46 15.77 23.37
C09 W46 CA . 2.42 16.32 22.16
N01 W46 CA . 1.49 10.90 20.02
N06 W46 CA . 0.99 14.01 24.08
O03 W46 CA . 0.34 12.90 20.09
O13 W46 CA . 5.47 15.01 20.23
ZN ZN DA . 22.01 49.71 -13.14
ZN ZN EA . 17.37 34.50 -28.11
C10 W46 FA . 23.40 35.55 -22.62
C11 W46 FA . 24.45 35.04 -23.42
C12 W46 FA . 25.62 34.41 -22.69
C14 W46 FA . 24.43 34.98 -24.74
C15 W46 FA . 23.33 35.50 -25.33
C16 W46 FA . 21.35 36.24 -27.82
C17 W46 FA . 22.51 36.04 -28.84
C18 W46 FA . 23.92 36.54 -28.45
C02 W46 FA . 24.98 38.75 -27.29
C04 W46 FA . 23.83 37.74 -27.43
C05 W46 FA . 22.50 38.08 -26.78
C07 W46 FA . 20.97 36.71 -25.32
C08 W46 FA . 22.23 36.08 -24.56
C09 W46 FA . 22.31 36.08 -23.23
N01 W46 FA . 26.26 38.67 -28.06
N06 W46 FA . 21.58 37.05 -26.62
O03 W46 FA . 24.81 39.65 -26.55
O13 W46 FA . 25.10 33.09 -22.74
ZN ZN GA . -36.36 -73.11 -15.33
ZN ZN HA . -23.16 -71.35 2.04
ZN ZN IA . 37.59 -83.09 -20.21
ZN ZN JA . 23.71 -80.24 -3.70
C1 CIT KA . 5.58 -96.02 -23.50
O1 CIT KA . 6.15 -96.47 -24.53
O2 CIT KA . 4.74 -95.11 -23.51
C2 CIT KA . 6.00 -96.60 -22.16
C3 CIT KA . 7.46 -96.35 -21.82
O7 CIT KA . 7.58 -96.21 -20.42
C4 CIT KA . 8.31 -97.52 -22.35
C5 CIT KA . 9.61 -97.86 -21.63
O3 CIT KA . 9.52 -98.54 -20.59
O4 CIT KA . 10.70 -97.49 -22.10
C6 CIT KA . 7.90 -95.03 -22.53
O5 CIT KA . 8.56 -95.13 -23.58
O6 CIT KA . 7.50 -93.96 -22.06
C10 W46 LA . 24.72 -86.16 -9.44
C11 W46 LA . 23.36 -86.51 -9.63
C12 W46 LA . 22.98 -87.93 -10.03
C14 W46 LA . 22.38 -85.68 -9.42
C15 W46 LA . 22.70 -84.44 -9.03
C16 W46 LA . 22.15 -81.29 -7.93
C17 W46 LA . 20.72 -81.12 -8.51
C18 W46 LA . 20.40 -81.51 -9.99
C02 W46 LA . 21.57 -81.71 -12.34
C04 W46 LA . 21.71 -81.71 -10.84
C05 W46 LA . 23.04 -81.39 -10.21
C07 W46 LA . 24.40 -82.51 -8.38
C08 W46 LA . 24.07 -84.01 -8.83
C09 W46 LA . 25.05 -84.89 -9.04
N01 W46 LA . 20.23 -81.89 -12.96
N06 W46 LA . 23.22 -81.70 -8.86
O03 W46 LA . 22.53 -81.54 -13.01
O13 W46 LA . 22.45 -88.35 -8.78
ZN ZN MA . 45.83 59.10 -46.34
ZN ZN NA . 59.61 58.64 -29.37
C1 CIT OA . 47.08 31.59 -29.40
O1 CIT OA . 46.78 30.39 -29.18
O2 CIT OA . 47.93 31.96 -30.23
C2 CIT OA . 46.33 32.67 -28.62
C3 CIT OA . 46.46 32.66 -27.09
O7 CIT OA . 45.92 33.90 -26.64
C4 CIT OA . 45.60 31.53 -26.52
C5 CIT OA . 45.90 31.14 -25.09
O3 CIT OA . 45.98 29.91 -24.83
O4 CIT OA . 46.08 32.04 -24.25
C6 CIT OA . 47.96 32.53 -26.67
O5 CIT OA . 48.44 31.39 -26.44
O6 CIT OA . 48.61 33.58 -26.57
C10 W46 PA . 56.73 52.14 -32.04
C11 W46 PA . 56.12 51.85 -33.28
C12 W46 PA . 56.00 50.42 -33.76
C14 W46 PA . 55.71 52.77 -34.14
C15 W46 PA . 55.80 54.08 -33.80
C16 W46 PA . 56.24 56.13 -29.57
C17 W46 PA . 55.65 55.23 -28.44
C18 W46 PA . 54.60 54.16 -28.86
C02 W46 PA . 52.34 54.10 -30.35
C04 W46 PA . 53.79 54.55 -30.17
C05 W46 PA . 54.29 55.70 -30.98
C07 W46 PA . 56.50 55.95 -32.12
C08 W46 PA . 56.40 54.41 -32.54
C09 W46 PA . 56.83 53.45 -31.70
N01 W46 PA . 51.69 53.29 -29.27
N06 W46 PA . 55.66 55.96 -30.90
O03 W46 PA . 51.73 54.38 -31.34
O13 W46 PA . 56.94 50.55 -34.83
ZN ZN QA . -37.69 52.48 -44.56
ZN ZN RA . -52.15 53.76 -27.93
C10 W46 SA . -51.15 49.30 -34.60
C11 W46 SA . -52.35 48.56 -34.32
C12 W46 SA . -52.58 47.25 -35.07
C14 W46 SA . -53.24 48.97 -33.45
C15 W46 SA . -52.96 50.14 -32.82
C16 W46 SA . -53.94 53.26 -32.33
C17 W46 SA . -55.26 52.80 -33.04
C18 W46 SA . -55.21 52.36 -34.54
C02 W46 SA . -53.72 52.77 -36.70
C04 W46 SA . -53.83 52.77 -35.19
C05 W46 SA . -52.67 53.29 -34.37
C07 W46 SA . -51.52 52.31 -32.35
C08 W46 SA . -51.74 50.91 -33.06
C09 W46 SA . -50.88 50.49 -33.97
N01 W46 SA . -54.93 52.69 -37.58
N06 W46 SA . -52.67 53.00 -33.01
O03 W46 SA . -52.63 52.86 -37.14
O13 W46 SA . -51.21 46.93 -35.26
C1 CIT TA . -53.21 8.43 9.60
O1 CIT TA . -53.66 9.17 10.48
O2 CIT TA . -52.59 8.84 8.58
C2 CIT TA . -53.33 6.94 9.81
C3 CIT TA . -52.07 6.34 10.45
O7 CIT TA . -51.88 6.93 11.73
C4 CIT TA . -52.25 4.81 10.56
C5 CIT TA . -52.68 4.24 11.91
O3 CIT TA . -51.90 3.46 12.49
O4 CIT TA . -53.81 4.52 12.36
C6 CIT TA . -50.87 6.69 9.53
O5 CIT TA . -50.75 6.02 8.48
O6 CIT TA . -50.14 7.66 9.85
ZN ZN UA . -24.45 22.74 20.69
ZN ZN VA . -33.84 29.03 1.95
C10 W46 WA . -36.59 25.56 8.73
C11 W46 WA . -37.57 24.71 8.13
C12 W46 WA . -38.78 24.35 8.91
C14 W46 WA . -37.56 24.35 6.89
C15 W46 WA . -36.51 24.79 6.17
C16 W46 WA . -34.95 25.09 3.44
C17 W46 WA . -35.82 23.92 2.88
C18 W46 WA . -35.91 22.63 3.76
C02 W46 WA . -34.54 21.24 5.69
C04 W46 WA . -34.71 22.50 4.80
C05 W46 WA . -33.79 23.67 5.01
C07 W46 WA . -34.22 26.03 5.78
C08 W46 WA . -35.44 25.62 6.72
C09 W46 WA . -35.53 25.97 7.99
N01 W46 WA . -35.14 19.92 5.24
N06 W46 WA . -34.28 24.96 4.75
O03 W46 WA . -33.93 21.29 6.74
O13 W46 WA . -39.37 25.60 8.45
ZN ZN XA . 9.19 60.68 -21.45
ZN ZN YA . 16.37 77.01 -8.71
C1 CIT ZA . 14.94 91.68 -35.83
O1 CIT ZA . 15.97 91.41 -35.19
O2 CIT ZA . 14.82 92.67 -36.58
C2 CIT ZA . 13.73 90.75 -35.69
C3 CIT ZA . 12.77 91.12 -34.56
O7 CIT ZA . 12.55 92.51 -34.60
C4 CIT ZA . 11.43 90.40 -34.76
C5 CIT ZA . 10.42 90.53 -33.64
O3 CIT ZA . 10.02 89.48 -33.09
O4 CIT ZA . 10.01 91.68 -33.31
C6 CIT ZA . 13.41 90.70 -33.20
O5 CIT ZA . 13.60 89.48 -33.02
O6 CIT ZA . 13.69 91.63 -32.39
C10 W46 AB . 11.82 76.66 -15.39
C11 W46 AB . 11.96 78.06 -15.31
C12 W46 AB . 10.96 78.94 -16.04
C14 W46 AB . 12.95 78.67 -14.71
C15 W46 AB . 13.87 77.90 -14.08
C16 W46 AB . 16.93 77.19 -13.26
C17 W46 AB . 17.46 78.32 -14.18
C18 W46 AB . 17.04 78.26 -15.67
C02 W46 AB . 16.96 76.37 -17.52
C04 W46 AB . 17.05 76.75 -16.08
C05 W46 AB . 16.57 75.72 -15.12
C07 W46 AB . 14.86 75.61 -13.34
C08 W46 AB . 13.75 76.47 -14.09
C09 W46 AB . 12.76 75.89 -14.75
N01 W46 AB . 18.09 76.62 -18.45
N06 W46 AB . 16.13 76.14 -13.89
O03 W46 AB . 15.98 75.84 -17.87
O13 W46 AB . 11.65 78.86 -17.28
#